data_8BUQ
#
_entry.id   8BUQ
#
_cell.length_a   250.162
_cell.length_b   250.162
_cell.length_c   218.849
_cell.angle_alpha   90.000
_cell.angle_beta   90.000
_cell.angle_gamma   120.000
#
_symmetry.space_group_name_H-M   'P 31 2 1'
#
loop_
_entity.id
_entity.type
_entity.pdbx_description
1 polymer 'DNA damage-binding protein 1'
2 polymer 'Cyclin-dependent kinase 12'
3 polymer Cyclin-K
4 non-polymer 'CITRIC ACID'
5 non-polymer (2~{R})-2-[[6-[[1-(3-chlorophenyl)pyrazol-3-yl]methylamino]-9-propan-2-yl-purin-2-yl]amino]butan-1-ol
#
loop_
_entity_poly.entity_id
_entity_poly.type
_entity_poly.pdbx_seq_one_letter_code
_entity_poly.pdbx_strand_id
1 'polypeptide(L)'
;GGGRMSYNYVVTAQKPTAVNGCVTGHFTSAEDLNLLIAKNTRLEIYVVTAEGLRPVKEVGMYGKIAVMELFRPKGESKDL
LFILTAKYNACILEYKQSGESIDIITRAHGNVQDRIGRPSETGIIGIIDPECRMIGLRLYDGLFKVIPLDRDNKELKAFN
IRLEELHVIDVKFLYGCQAPTICFVYQDPQGRHVKTYEVSLREKEFNKGPWKQENVEAEASMVIAVPEPFGGAIIIGQES
ITYHNGDKYLAIAPPIIKQSTIVCHNRVDPNGSRYLLGDMEGRLFMLLLEKEEQMDGTVTLKDLRVELLGETSIAECLTY
LDNGVVFVGSRLGDSQLVKLNVDSNEQGSYVVAMETFTNLGPIVDMCVVDLERQGQGQLVTCSGAFKEGSLRIIRNGIGG
NGNSGEIQKLHIRTVPLYESPRKICYQEVSQCFGVLSSRIEVQDTSGGTTALRPSASTQALSSSVSSSKLFSSSTAPHET
SFGEEVEVHNLLIIDQHTFEVLHAHQFLQNEYALSLVSCKLGKDPNTYFIVGTAMVYPEEAEPKQGRIVVFQYSDGKLQT
VAEKEVKGAVYSMVEFNGKLLASINSTVRLYEWTTEKELRTECNHYNNIMALYLKTKGDFILVGDLMRSVLLLAYKPMEG
NFEEIARDFNPNWMSAVEILDDDNFLGAENAFNLFVCQKDSAATTDEERQHLQEVGLFHLGEFVNVFCHGSLVMQNLGET
STPTQGSVLFGTVNGMIGLVTSLSESWYNLLLDMQNRLNKVIKSVGKIEHSFWRSFHTERKTEPATGFIDGDLIESFLDI
SRPKMQEVVANLQYDDGSGMKREATADDLIKVVEELTRIH
;
A,D,G
2 'polypeptide(L)'
;GGGRRQTESDWGKRCVDKFDIIGIIGEGTYGQVYKAKDKDTGELVALKKVRLDNEKEGFPITAIREIKILRQLIHRSVVN
MKEIVTDKQDALDFKKDKGAFYLVFEYMDHDLMGLLESGLVHFSEDHIKSFMKQLMEGLEYCHKKNFLHRDIKCSNILLN
NSGQIKLADFGLARLYNSEESRPY(TPO)NKVITLWYRPPELLLGEERYTPAIDVWSCGCILGELFTKKPIFQANLELAQ
LELISRLCGSPCPAVWPDVIRLPYFNTMKPKKQYRRRLREEFSFIPSAALDLLDHMLTLDPSKRCTAEQTLQSDFLKDVE
LSKMAPPDLPHWQDCHELWSKKRRRQRQ
;
B,E,H
3 'polypeptide(L)'
;GGGRMKENKENSSPSVTSANLDHTKPCWYWDKKDLAHTPSQLEGLDPATEARYRREGARFIFDVGTRLGLHYDTLATGII
YFHRFYMFHSFKQFPRYVTGACCLFLAGKVEETPKKCKDIIKTARSLLNDVQFGQFGDDPKEEVMVLERILLQTIKFDLQ
VEHPYQFLLKYAKQLKGDKNKIQKLVQMAWTFVNDSLCTTLSLQWEPEIIAVAVMYLAGRLCKFEIQEWTSKPMYRRWWE
QFVQDVPVDVLEDICHQILDLYSQGKQQMPH
;
C,F,I
#
# COMPACT_ATOMS: atom_id res chain seq x y z
N MET A 5 -10.05 59.65 10.22
CA MET A 5 -8.90 60.13 9.41
C MET A 5 -7.61 59.97 10.22
N SER A 6 -6.46 59.98 9.53
CA SER A 6 -5.16 59.85 10.17
C SER A 6 -4.26 61.01 9.76
N TYR A 7 -3.34 61.36 10.66
CA TYR A 7 -2.49 62.54 10.49
C TYR A 7 -1.04 62.13 10.70
N ASN A 8 -0.20 62.35 9.69
CA ASN A 8 1.18 61.93 9.74
C ASN A 8 2.08 63.01 9.14
N TYR A 9 3.37 62.92 9.44
CA TYR A 9 4.37 63.92 9.09
C TYR A 9 5.59 63.20 8.52
N VAL A 10 6.07 63.68 7.36
CA VAL A 10 7.19 63.06 6.66
C VAL A 10 8.28 64.10 6.45
N VAL A 11 9.49 63.77 6.88
CA VAL A 11 10.63 64.67 6.75
C VAL A 11 11.78 63.91 6.11
N THR A 12 12.66 64.64 5.42
CA THR A 12 13.82 64.07 4.73
C THR A 12 15.05 64.25 5.64
N ALA A 13 15.54 63.13 6.19
CA ALA A 13 16.73 63.19 7.04
C ALA A 13 18.02 63.32 6.22
N GLN A 14 18.13 62.56 5.14
CA GLN A 14 19.28 62.64 4.24
C GLN A 14 18.76 62.79 2.82
N LYS A 15 19.26 63.81 2.12
CA LYS A 15 18.78 64.07 0.76
C LYS A 15 19.28 63.00 -0.20
N PRO A 16 18.61 62.86 -1.35
CA PRO A 16 19.09 61.90 -2.35
C PRO A 16 20.54 62.14 -2.72
N THR A 17 21.32 61.06 -2.77
CA THR A 17 22.74 61.13 -3.06
C THR A 17 23.12 60.59 -4.43
N ALA A 18 22.28 59.78 -5.04
CA ALA A 18 22.64 59.17 -6.32
C ALA A 18 22.59 60.22 -7.43
N VAL A 19 23.55 60.14 -8.34
CA VAL A 19 23.65 61.08 -9.46
C VAL A 19 22.79 60.55 -10.60
N ASN A 20 21.78 61.31 -10.98
CA ASN A 20 20.85 60.94 -12.04
C ASN A 20 21.18 61.61 -13.37
N GLY A 21 22.02 62.63 -13.37
CA GLY A 21 22.43 63.26 -14.60
C GLY A 21 23.40 64.39 -14.28
N CYS A 22 24.20 64.73 -15.29
CA CYS A 22 25.19 65.78 -15.11
C CYS A 22 25.60 66.36 -16.45
N VAL A 23 25.70 67.69 -16.50
CA VAL A 23 26.05 68.42 -17.72
C VAL A 23 27.04 69.51 -17.38
N THR A 24 27.75 70.00 -18.40
CA THR A 24 28.69 71.09 -18.27
C THR A 24 28.31 72.22 -19.22
N GLY A 25 28.67 73.43 -18.85
CA GLY A 25 28.34 74.58 -19.67
C GLY A 25 28.77 75.86 -19.00
N HIS A 26 28.16 76.96 -19.45
CA HIS A 26 28.44 78.29 -18.94
C HIS A 26 27.13 78.89 -18.45
N PHE A 27 26.63 78.35 -17.34
CA PHE A 27 25.31 78.68 -16.82
C PHE A 27 25.33 79.86 -15.85
N THR A 28 26.26 79.88 -14.90
CA THR A 28 26.28 80.95 -13.92
C THR A 28 26.80 82.25 -14.54
N SER A 29 27.82 82.16 -15.38
CA SER A 29 28.35 83.31 -16.08
C SER A 29 28.89 82.83 -17.43
N ALA A 30 28.82 83.69 -18.43
CA ALA A 30 29.33 83.34 -19.75
C ALA A 30 30.82 83.02 -19.71
N GLU A 31 31.50 83.33 -18.60
CA GLU A 31 32.94 83.12 -18.45
C GLU A 31 33.28 81.84 -17.69
N ASP A 32 32.56 81.54 -16.62
CA ASP A 32 32.85 80.36 -15.81
C ASP A 32 32.49 79.06 -16.53
N LEU A 33 33.18 77.99 -16.14
CA LEU A 33 32.83 76.64 -16.55
C LEU A 33 32.05 75.98 -15.42
N ASN A 34 30.81 75.61 -15.70
CA ASN A 34 29.91 75.09 -14.69
C ASN A 34 29.79 73.57 -14.81
N LEU A 35 29.46 72.94 -13.69
CA LEU A 35 29.06 71.54 -13.65
C LEU A 35 27.72 71.47 -12.91
N LEU A 36 26.66 71.11 -13.61
CA LEU A 36 25.35 70.93 -13.01
C LEU A 36 25.10 69.44 -12.78
N ILE A 37 24.92 69.07 -11.53
CA ILE A 37 24.67 67.68 -11.13
C ILE A 37 23.23 67.58 -10.67
N ALA A 38 22.51 66.59 -11.19
CA ALA A 38 21.09 66.41 -10.90
C ALA A 38 20.92 65.14 -10.07
N LYS A 39 20.59 65.30 -8.80
CA LYS A 39 20.06 64.23 -7.97
C LYS A 39 18.55 64.38 -7.88
N ASN A 40 17.88 63.27 -7.55
CA ASN A 40 16.42 63.25 -7.62
C ASN A 40 15.83 64.46 -6.90
N THR A 41 15.20 65.36 -7.66
CA THR A 41 14.56 66.58 -7.17
C THR A 41 15.56 67.64 -6.71
N ARG A 42 16.86 67.40 -6.81
CA ARG A 42 17.87 68.33 -6.34
C ARG A 42 18.80 68.70 -7.48
N LEU A 43 19.03 70.01 -7.65
CA LEU A 43 19.97 70.52 -8.63
C LEU A 43 21.15 71.17 -7.91
N GLU A 44 22.35 70.70 -8.20
CA GLU A 44 23.57 71.23 -7.61
C GLU A 44 24.39 71.93 -8.69
N ILE A 45 24.78 73.17 -8.41
CA ILE A 45 25.55 73.98 -9.36
C ILE A 45 26.96 74.14 -8.79
N TYR A 46 27.96 73.82 -9.61
CA TYR A 46 29.35 73.95 -9.23
C TYR A 46 30.08 74.81 -10.26
N VAL A 47 31.26 75.30 -9.87
CA VAL A 47 32.16 76.01 -10.76
C VAL A 47 33.49 75.26 -10.78
N VAL A 48 34.01 75.03 -11.98
CA VAL A 48 35.20 74.20 -12.15
C VAL A 48 36.44 75.02 -11.82
N THR A 49 37.31 74.46 -10.99
CA THR A 49 38.59 75.06 -10.61
C THR A 49 39.73 74.12 -11.01
N ALA A 50 40.96 74.54 -10.71
CA ALA A 50 42.12 73.70 -10.99
C ALA A 50 42.34 72.59 -9.97
N GLU A 51 41.67 72.63 -8.82
CA GLU A 51 41.78 71.57 -7.82
C GLU A 51 40.56 70.67 -7.80
N GLY A 52 39.40 71.21 -8.14
CA GLY A 52 38.15 70.48 -8.04
C GLY A 52 36.95 71.36 -8.34
N LEU A 53 35.90 71.23 -7.55
CA LEU A 53 34.66 71.96 -7.77
C LEU A 53 34.39 72.93 -6.63
N ARG A 54 33.97 74.15 -6.98
CA ARG A 54 33.55 75.11 -5.98
C ARG A 54 32.02 75.16 -6.01
N PRO A 55 31.33 74.75 -4.95
CA PRO A 55 29.86 74.87 -4.96
C PRO A 55 29.45 76.34 -4.94
N VAL A 56 28.31 76.61 -5.57
CA VAL A 56 27.81 77.98 -5.68
C VAL A 56 26.35 78.05 -5.27
N LYS A 57 25.55 77.07 -5.69
CA LYS A 57 24.12 77.12 -5.44
C LYS A 57 23.52 75.74 -5.56
N GLU A 58 22.54 75.45 -4.68
CA GLU A 58 21.72 74.26 -4.75
C GLU A 58 20.26 74.65 -4.56
N VAL A 59 19.40 74.21 -5.49
CA VAL A 59 17.98 74.46 -5.40
C VAL A 59 17.26 73.12 -5.41
N GLY A 60 16.09 73.09 -4.78
CA GLY A 60 15.18 71.97 -4.90
C GLY A 60 14.04 72.31 -5.85
N MET A 61 13.53 71.29 -6.53
CA MET A 61 12.40 71.43 -7.43
C MET A 61 11.30 70.49 -6.99
N TYR A 62 10.06 70.90 -7.24
CA TYR A 62 8.89 70.09 -6.88
C TYR A 62 8.56 69.10 -8.00
N GLY A 63 9.53 68.22 -8.26
CA GLY A 63 9.43 67.25 -9.35
C GLY A 63 10.71 66.46 -9.53
N LYS A 64 10.61 65.24 -10.06
CA LYS A 64 11.78 64.44 -10.36
C LYS A 64 12.39 64.94 -11.67
N ILE A 65 13.67 65.31 -11.64
CA ILE A 65 14.33 65.87 -12.81
C ILE A 65 14.55 64.75 -13.82
N ALA A 66 13.84 64.83 -14.94
CA ALA A 66 13.94 63.84 -16.01
C ALA A 66 14.88 64.28 -17.13
N VAL A 67 14.78 65.54 -17.57
CA VAL A 67 15.63 66.08 -18.61
C VAL A 67 16.38 67.27 -18.04
N MET A 68 17.67 67.37 -18.36
CA MET A 68 18.49 68.50 -17.95
C MET A 68 19.54 68.74 -19.02
N GLU A 69 19.42 69.84 -19.75
CA GLU A 69 20.36 70.15 -20.83
C GLU A 69 20.57 71.66 -20.86
N LEU A 70 21.79 72.08 -21.17
CA LEU A 70 22.15 73.49 -21.26
C LEU A 70 22.24 73.93 -22.72
N PHE A 71 21.78 75.14 -23.01
CA PHE A 71 21.80 75.70 -24.35
C PHE A 71 21.92 77.21 -24.27
N ARG A 72 22.35 77.83 -25.37
CA ARG A 72 22.54 79.27 -25.44
C ARG A 72 21.95 79.79 -26.75
N PRO A 73 20.72 80.29 -26.75
CA PRO A 73 20.14 80.81 -27.99
C PRO A 73 20.78 82.13 -28.38
N LYS A 74 20.78 82.40 -29.68
CA LYS A 74 21.33 83.65 -30.19
C LYS A 74 20.72 84.84 -29.47
N GLY A 75 21.58 85.72 -28.96
CA GLY A 75 21.17 86.90 -28.23
C GLY A 75 21.39 86.80 -26.73
N GLU A 76 21.59 85.59 -26.21
CA GLU A 76 21.86 85.41 -24.79
C GLU A 76 23.37 85.47 -24.55
N SER A 77 23.75 86.00 -23.38
CA SER A 77 25.16 86.07 -23.05
C SER A 77 25.68 84.73 -22.52
N LYS A 78 24.85 84.01 -21.76
CA LYS A 78 25.26 82.78 -21.11
C LYS A 78 24.23 81.69 -21.38
N ASP A 79 24.57 80.48 -20.95
CA ASP A 79 23.72 79.32 -21.20
C ASP A 79 22.45 79.38 -20.36
N LEU A 80 21.35 78.92 -20.93
CA LEU A 80 20.10 78.73 -20.20
C LEU A 80 19.90 77.24 -19.92
N LEU A 81 19.11 76.95 -18.89
CA LEU A 81 18.89 75.59 -18.43
C LEU A 81 17.45 75.18 -18.72
N PHE A 82 17.29 74.03 -19.36
CA PHE A 82 15.99 73.41 -19.56
C PHE A 82 15.87 72.21 -18.65
N ILE A 83 14.73 72.09 -17.97
CA ILE A 83 14.45 70.94 -17.10
C ILE A 83 13.01 70.51 -17.35
N LEU A 84 12.80 69.20 -17.42
CA LEU A 84 11.48 68.59 -17.53
C LEU A 84 11.35 67.57 -16.42
N THR A 85 10.26 67.63 -15.67
CA THR A 85 10.09 66.70 -14.56
C THR A 85 9.37 65.44 -15.03
N ALA A 86 9.39 64.41 -14.19
CA ALA A 86 8.76 63.15 -14.53
C ALA A 86 7.24 63.26 -14.63
N LYS A 87 6.65 64.29 -14.04
CA LYS A 87 5.24 64.59 -14.19
C LYS A 87 4.96 65.54 -15.34
N TYR A 88 5.96 65.78 -16.19
CA TYR A 88 5.84 66.56 -17.43
C TYR A 88 5.77 68.06 -17.16
N ASN A 89 6.42 68.52 -16.09
CA ASN A 89 6.57 69.96 -15.84
C ASN A 89 7.83 70.44 -16.55
N ALA A 90 7.67 71.34 -17.52
CA ALA A 90 8.77 71.89 -18.27
C ALA A 90 9.01 73.34 -17.87
N CYS A 91 10.27 73.77 -17.98
CA CYS A 91 10.62 75.14 -17.66
C CYS A 91 12.01 75.45 -18.21
N ILE A 92 12.27 76.75 -18.41
CA ILE A 92 13.58 77.26 -18.78
C ILE A 92 14.06 78.17 -17.67
N LEU A 93 15.27 77.94 -17.19
CA LEU A 93 15.79 78.60 -16.01
C LEU A 93 17.01 79.45 -16.34
N GLU A 94 17.21 80.51 -15.56
CA GLU A 94 18.36 81.40 -15.73
C GLU A 94 18.97 81.71 -14.36
N TYR A 95 20.30 81.67 -14.31
CA TYR A 95 21.05 82.05 -13.11
C TYR A 95 21.26 83.56 -13.09
N LYS A 96 20.91 84.19 -11.97
CA LYS A 96 21.06 85.63 -11.81
C LYS A 96 21.61 85.92 -10.41
N GLN A 97 22.70 86.67 -10.35
CA GLN A 97 23.40 86.96 -9.10
C GLN A 97 23.60 88.47 -8.98
N SER A 98 23.13 89.04 -7.88
CA SER A 98 23.30 90.46 -7.59
C SER A 98 24.15 90.56 -6.31
N GLY A 99 25.46 90.66 -6.48
CA GLY A 99 26.32 90.68 -5.31
C GLY A 99 26.30 89.35 -4.59
N GLU A 100 25.85 89.36 -3.35
CA GLU A 100 25.75 88.17 -2.52
C GLU A 100 24.44 87.40 -2.73
N SER A 101 23.48 87.99 -3.43
CA SER A 101 22.15 87.39 -3.62
C SER A 101 22.14 86.52 -4.87
N ILE A 102 21.98 85.22 -4.68
CA ILE A 102 21.87 84.26 -5.78
C ILE A 102 20.42 83.78 -5.86
N ASP A 103 19.82 83.90 -7.04
CA ASP A 103 18.46 83.45 -7.27
C ASP A 103 18.36 82.82 -8.66
N ILE A 104 17.36 81.94 -8.82
CA ILE A 104 17.11 81.23 -10.07
C ILE A 104 15.82 81.71 -10.69
N ILE A 105 15.89 82.18 -11.95
CA ILE A 105 14.76 82.80 -12.64
C ILE A 105 14.03 81.76 -13.47
N THR A 106 12.70 81.81 -13.44
CA THR A 106 11.85 80.98 -14.28
C THR A 106 11.48 81.80 -15.51
N ARG A 107 12.14 81.52 -16.64
CA ARG A 107 11.89 82.32 -17.84
C ARG A 107 10.66 81.85 -18.61
N ALA A 108 10.42 80.53 -18.64
CA ALA A 108 9.27 79.97 -19.33
C ALA A 108 8.90 78.68 -18.61
N HIS A 109 7.61 78.35 -18.62
CA HIS A 109 7.18 77.15 -17.91
C HIS A 109 5.82 76.68 -18.43
N GLY A 110 5.58 75.38 -18.27
CA GLY A 110 4.32 74.79 -18.66
C GLY A 110 4.39 73.29 -18.51
N ASN A 111 3.22 72.66 -18.59
CA ASN A 111 3.09 71.21 -18.49
C ASN A 111 2.76 70.64 -19.86
N VAL A 112 3.58 69.71 -20.34
CA VAL A 112 3.49 69.23 -21.71
C VAL A 112 2.79 67.87 -21.79
N GLN A 113 2.09 67.47 -20.74
CA GLN A 113 1.44 66.17 -20.73
C GLN A 113 0.30 66.14 -21.74
N ASP A 114 0.19 65.03 -22.46
CA ASP A 114 -0.88 64.82 -23.43
C ASP A 114 -2.01 64.01 -22.80
N ARG A 115 -3.23 64.33 -23.21
CA ARG A 115 -4.40 63.60 -22.72
C ARG A 115 -4.33 62.12 -23.08
N ILE A 116 -3.89 61.81 -24.29
CA ILE A 116 -3.83 60.44 -24.79
C ILE A 116 -2.43 60.17 -25.30
N GLY A 117 -1.80 59.12 -24.77
CA GLY A 117 -0.48 58.71 -25.22
C GLY A 117 0.04 57.51 -24.45
N ARG A 118 0.92 56.70 -25.07
CA ARG A 118 1.51 55.55 -24.39
C ARG A 118 2.93 55.87 -23.97
N PRO A 119 3.24 55.88 -22.67
CA PRO A 119 4.63 56.13 -22.25
C PRO A 119 5.60 55.13 -22.85
N SER A 120 6.71 55.64 -23.36
CA SER A 120 7.68 54.82 -24.08
C SER A 120 8.49 53.94 -23.13
N GLU A 121 9.03 52.85 -23.69
CA GLU A 121 9.77 51.89 -22.89
C GLU A 121 11.08 52.48 -22.39
N THR A 122 11.83 53.15 -23.26
CA THR A 122 13.14 53.68 -22.90
C THR A 122 13.05 55.03 -22.19
N GLY A 123 11.86 55.43 -21.75
CA GLY A 123 11.72 56.61 -20.91
C GLY A 123 11.72 57.91 -21.68
N ILE A 124 11.54 58.99 -20.93
CA ILE A 124 11.52 60.33 -21.51
C ILE A 124 12.91 60.65 -22.06
N ILE A 125 12.94 61.17 -23.28
CA ILE A 125 14.18 61.65 -23.89
C ILE A 125 13.99 63.12 -24.26
N GLY A 126 14.98 63.94 -23.94
CA GLY A 126 14.97 65.34 -24.29
C GLY A 126 16.25 65.76 -24.98
N ILE A 127 16.13 66.43 -26.13
CA ILE A 127 17.27 66.90 -26.89
C ILE A 127 16.96 68.30 -27.40
N ILE A 128 18.02 69.05 -27.71
CA ILE A 128 17.88 70.43 -28.16
C ILE A 128 18.70 70.62 -29.44
N ASP A 129 18.14 71.40 -30.36
CA ASP A 129 18.78 71.64 -31.65
C ASP A 129 20.12 72.34 -31.46
N PRO A 130 21.13 72.01 -32.29
CA PRO A 130 22.41 72.74 -32.17
C PRO A 130 22.29 74.23 -32.40
N GLU A 131 21.36 74.66 -33.25
CA GLU A 131 21.08 76.08 -33.43
C GLU A 131 20.07 76.59 -32.42
N CYS A 132 19.74 75.77 -31.41
CA CYS A 132 18.79 76.13 -30.36
C CYS A 132 17.50 76.69 -30.94
N ARG A 133 16.99 76.04 -31.98
CA ARG A 133 15.73 76.44 -32.58
C ARG A 133 14.53 75.77 -31.92
N MET A 134 14.70 74.56 -31.37
CA MET A 134 13.58 73.83 -30.79
C MET A 134 14.09 72.84 -29.78
N ILE A 135 13.18 72.39 -28.92
CA ILE A 135 13.42 71.30 -27.97
C ILE A 135 12.63 70.09 -28.45
N GLY A 136 13.33 68.97 -28.62
CA GLY A 136 12.69 67.72 -28.98
C GLY A 136 12.41 66.88 -27.76
N LEU A 137 11.19 66.37 -27.67
CA LEU A 137 10.78 65.51 -26.56
C LEU A 137 10.17 64.23 -27.12
N ARG A 138 10.63 63.09 -26.62
CA ARG A 138 10.04 61.79 -26.90
C ARG A 138 9.41 61.29 -25.60
N LEU A 139 8.11 61.56 -25.45
CA LEU A 139 7.36 61.15 -24.27
C LEU A 139 6.52 59.90 -24.50
N TYR A 140 5.93 59.76 -25.68
CA TYR A 140 5.00 58.67 -25.96
C TYR A 140 5.41 57.94 -27.24
N ASP A 141 5.08 56.65 -27.28
CA ASP A 141 5.33 55.86 -28.48
C ASP A 141 4.57 56.43 -29.67
N GLY A 142 5.25 56.55 -30.80
CA GLY A 142 4.63 57.00 -32.02
C GLY A 142 4.44 58.50 -32.12
N LEU A 143 4.92 59.27 -31.15
CA LEU A 143 4.74 60.71 -31.15
C LEU A 143 6.05 61.42 -30.82
N PHE A 144 6.33 62.48 -31.57
CA PHE A 144 7.49 63.35 -31.33
C PHE A 144 6.98 64.75 -31.08
N LYS A 145 7.27 65.29 -29.90
CA LYS A 145 6.78 66.60 -29.49
C LYS A 145 7.88 67.64 -29.67
N VAL A 146 7.51 68.80 -30.22
CA VAL A 146 8.43 69.88 -30.52
C VAL A 146 7.99 71.12 -29.76
N ILE A 147 8.88 71.66 -28.93
CA ILE A 147 8.71 72.98 -28.32
C ILE A 147 9.59 73.93 -29.08
N PRO A 148 9.06 74.81 -29.95
CA PRO A 148 9.91 75.76 -30.67
C PRO A 148 10.42 76.83 -29.72
N LEU A 149 11.72 77.12 -29.80
CA LEU A 149 12.35 78.09 -28.90
C LEU A 149 12.30 79.49 -29.48
N ASP A 150 11.08 80.00 -29.65
CA ASP A 150 10.87 81.39 -30.02
C ASP A 150 10.76 82.25 -28.77
N ARG A 151 11.08 83.53 -28.92
CA ARG A 151 11.05 84.45 -27.78
C ARG A 151 9.67 84.54 -27.16
N ASP A 152 8.61 84.34 -27.94
CA ASP A 152 7.25 84.54 -27.43
C ASP A 152 6.67 83.32 -26.73
N ASN A 153 7.31 82.15 -26.84
CA ASN A 153 6.77 80.93 -26.26
C ASN A 153 7.10 80.84 -24.77
N LYS A 154 6.55 81.77 -24.01
CA LYS A 154 6.81 81.78 -22.57
C LYS A 154 6.03 80.69 -21.84
N GLU A 155 5.01 80.12 -22.49
CA GLU A 155 4.24 79.02 -21.93
C GLU A 155 4.72 77.66 -22.42
N LEU A 156 5.76 77.62 -23.25
CA LEU A 156 6.30 76.38 -23.79
C LEU A 156 5.21 75.54 -24.45
N LYS A 157 4.40 76.20 -25.28
CA LYS A 157 3.41 75.49 -26.09
C LYS A 157 4.11 74.65 -27.14
N ALA A 158 3.51 73.50 -27.45
CA ALA A 158 4.16 72.53 -28.31
C ALA A 158 3.13 71.79 -29.15
N PHE A 159 3.64 71.14 -30.20
CA PHE A 159 2.83 70.33 -31.11
C PHE A 159 3.50 68.97 -31.29
N ASN A 160 2.69 67.99 -31.68
CA ASN A 160 3.16 66.63 -31.92
C ASN A 160 3.22 66.34 -33.41
N ILE A 161 4.25 65.63 -33.83
CA ILE A 161 4.40 65.14 -35.20
C ILE A 161 4.25 63.63 -35.17
N ARG A 162 3.36 63.10 -36.01
CA ARG A 162 3.19 61.65 -36.06
C ARG A 162 4.50 60.98 -36.44
N LEU A 163 4.86 59.93 -35.71
CA LEU A 163 6.09 59.17 -35.94
C LEU A 163 5.70 57.73 -36.27
N GLU A 164 6.09 57.28 -37.46
CA GLU A 164 5.73 55.93 -37.88
C GLU A 164 6.40 54.88 -37.01
N GLU A 165 7.66 55.11 -36.62
CA GLU A 165 8.43 54.13 -35.85
C GLU A 165 7.97 54.20 -34.40
N LEU A 166 7.25 53.16 -33.96
CA LEU A 166 6.61 53.20 -32.65
C LEU A 166 7.60 52.99 -31.51
N HIS A 167 8.56 52.09 -31.69
CA HIS A 167 9.50 51.70 -30.64
C HIS A 167 10.85 52.34 -30.93
N VAL A 168 11.14 53.46 -30.25
CA VAL A 168 12.37 54.21 -30.44
C VAL A 168 13.29 53.93 -29.26
N ILE A 169 14.57 53.73 -29.55
CA ILE A 169 15.56 53.44 -28.51
C ILE A 169 16.25 54.71 -28.04
N ASP A 170 16.75 55.52 -28.96
CA ASP A 170 17.44 56.75 -28.61
C ASP A 170 17.45 57.68 -29.82
N VAL A 171 17.36 58.98 -29.54
CA VAL A 171 17.28 59.99 -30.58
C VAL A 171 18.14 61.18 -30.15
N LYS A 172 18.84 61.77 -31.12
CA LYS A 172 19.65 62.95 -30.89
C LYS A 172 19.50 63.89 -32.08
N PHE A 173 19.80 65.16 -31.84
CA PHE A 173 19.87 66.16 -32.91
C PHE A 173 21.25 66.14 -33.53
N LEU A 174 21.30 66.22 -34.86
CA LEU A 174 22.55 66.10 -35.59
C LEU A 174 23.17 67.46 -35.85
N TYR A 175 24.49 67.46 -36.04
CA TYR A 175 25.24 68.66 -36.42
C TYR A 175 25.44 68.67 -37.93
N GLY A 176 25.59 69.88 -38.48
CA GLY A 176 25.96 70.01 -39.87
C GLY A 176 24.87 69.75 -40.87
N CYS A 177 23.62 70.04 -40.53
CA CYS A 177 22.49 69.81 -41.41
C CYS A 177 21.86 71.12 -41.85
N GLN A 178 21.33 71.11 -43.07
CA GLN A 178 20.71 72.31 -43.63
C GLN A 178 19.43 72.69 -42.89
N ALA A 179 18.73 71.71 -42.36
CA ALA A 179 17.55 71.89 -41.54
C ALA A 179 17.72 71.08 -40.26
N PRO A 180 16.97 71.42 -39.21
CA PRO A 180 17.02 70.60 -37.99
C PRO A 180 16.74 69.14 -38.31
N THR A 181 17.69 68.26 -37.99
CA THR A 181 17.61 66.84 -38.36
C THR A 181 17.78 65.99 -37.11
N ILE A 182 16.93 64.97 -36.97
CA ILE A 182 17.02 64.00 -35.88
C ILE A 182 17.52 62.68 -36.44
N CYS A 183 18.41 62.04 -35.68
CA CYS A 183 18.88 60.70 -35.97
C CYS A 183 18.54 59.81 -34.79
N PHE A 184 17.94 58.64 -35.06
CA PHE A 184 17.45 57.79 -33.98
C PHE A 184 17.56 56.33 -34.38
N VAL A 185 17.65 55.48 -33.36
CA VAL A 185 17.59 54.03 -33.52
C VAL A 185 16.22 53.55 -33.08
N TYR A 186 15.58 52.71 -33.88
CA TYR A 186 14.25 52.19 -33.59
C TYR A 186 14.23 50.69 -33.80
N GLN A 187 13.24 50.05 -33.17
CA GLN A 187 13.08 48.60 -33.23
C GLN A 187 11.72 48.22 -33.81
N ASP A 188 11.73 47.32 -34.79
CA ASP A 188 10.54 46.72 -35.37
C ASP A 188 10.83 45.21 -35.46
N PRO A 189 9.88 44.40 -35.93
CA PRO A 189 10.12 42.95 -35.93
C PRO A 189 11.36 42.50 -36.69
N GLN A 190 11.82 43.28 -37.67
CA GLN A 190 12.96 42.87 -38.49
C GLN A 190 14.31 43.19 -37.84
N GLY A 191 14.32 43.71 -36.62
CA GLY A 191 15.58 44.09 -35.99
C GLY A 191 15.61 45.56 -35.63
N ARG A 192 16.81 46.11 -35.42
CA ARG A 192 16.97 47.52 -35.11
C ARG A 192 17.59 48.25 -36.29
N HIS A 193 17.21 49.51 -36.43
CA HIS A 193 17.59 50.31 -37.59
C HIS A 193 17.94 51.72 -37.14
N VAL A 194 18.71 52.42 -37.96
CA VAL A 194 19.01 53.82 -37.76
C VAL A 194 18.39 54.61 -38.91
N LYS A 195 17.74 55.72 -38.59
CA LYS A 195 16.97 56.47 -39.57
C LYS A 195 17.03 57.95 -39.23
N THR A 196 16.78 58.78 -40.23
CA THR A 196 16.85 60.23 -40.07
C THR A 196 15.57 60.89 -40.57
N TYR A 197 15.23 62.01 -39.94
CA TYR A 197 14.14 62.87 -40.37
C TYR A 197 14.60 64.32 -40.29
N GLU A 198 13.92 65.19 -41.04
CA GLU A 198 14.09 66.63 -40.92
C GLU A 198 12.84 67.22 -40.27
N VAL A 199 13.05 68.18 -39.38
CA VAL A 199 11.98 68.79 -38.61
C VAL A 199 11.71 70.18 -39.17
N SER A 200 10.49 70.39 -39.66
CA SER A 200 10.08 71.66 -40.23
C SER A 200 9.12 72.35 -39.27
N LEU A 201 9.60 73.41 -38.62
CA LEU A 201 8.72 74.21 -37.76
C LEU A 201 7.62 74.88 -38.57
N ARG A 202 7.90 75.21 -39.83
CA ARG A 202 6.92 75.89 -40.67
C ARG A 202 5.79 74.95 -41.06
N GLU A 203 6.14 73.75 -41.55
CA GLU A 203 5.11 72.78 -41.94
C GLU A 203 4.60 71.95 -40.77
N LYS A 204 5.35 71.89 -39.67
CA LYS A 204 4.95 71.11 -38.49
C LYS A 204 4.78 69.64 -38.86
N GLU A 205 5.79 69.08 -39.52
CA GLU A 205 5.81 67.67 -39.86
C GLU A 205 7.24 67.27 -40.19
N PHE A 206 7.45 65.98 -40.40
CA PHE A 206 8.74 65.46 -40.84
C PHE A 206 8.84 65.52 -42.35
N ASN A 207 10.06 65.73 -42.84
CA ASN A 207 10.41 65.58 -44.24
C ASN A 207 11.49 64.50 -44.33
N LYS A 208 11.77 64.05 -45.56
CA LYS A 208 12.75 63.00 -45.75
C LYS A 208 14.10 63.40 -45.17
N GLY A 209 14.76 62.45 -44.53
CA GLY A 209 16.01 62.68 -43.84
C GLY A 209 17.21 62.73 -44.76
N PRO A 210 18.31 63.30 -44.28
CA PRO A 210 19.48 63.47 -45.18
C PRO A 210 20.08 62.17 -45.69
N TRP A 211 20.10 61.10 -44.89
CA TRP A 211 20.66 59.85 -45.38
C TRP A 211 19.76 58.66 -45.03
N LYS A 212 19.97 57.58 -45.78
CA LYS A 212 19.08 56.44 -45.77
C LYS A 212 19.19 55.64 -44.48
N GLN A 213 18.19 54.79 -44.27
CA GLN A 213 18.20 53.88 -43.14
C GLN A 213 19.28 52.83 -43.33
N GLU A 214 19.85 52.37 -42.22
CA GLU A 214 20.79 51.27 -42.19
C GLU A 214 20.41 50.31 -41.08
N ASN A 215 20.53 49.01 -41.36
CA ASN A 215 20.31 48.00 -40.33
C ASN A 215 21.51 47.97 -39.38
N VAL A 216 21.21 47.94 -38.08
CA VAL A 216 22.23 48.07 -37.05
C VAL A 216 22.12 46.91 -36.07
N GLU A 217 23.10 46.86 -35.16
CA GLU A 217 23.18 45.79 -34.16
C GLU A 217 21.86 45.62 -33.42
N ALA A 218 21.54 44.37 -33.08
CA ALA A 218 20.28 44.07 -32.43
C ALA A 218 20.15 44.79 -31.09
N GLU A 219 21.26 45.02 -30.40
CA GLU A 219 21.25 45.70 -29.10
C GLU A 219 21.85 47.10 -29.16
N ALA A 220 21.70 47.78 -30.30
CA ALA A 220 22.11 49.18 -30.40
C ALA A 220 21.44 49.99 -29.30
N SER A 221 22.26 50.63 -28.46
CA SER A 221 21.78 51.27 -27.24
C SER A 221 21.77 52.79 -27.28
N MET A 222 22.82 53.43 -27.80
CA MET A 222 22.99 54.87 -27.66
C MET A 222 23.37 55.50 -28.99
N VAL A 223 22.97 56.76 -29.14
CA VAL A 223 23.24 57.56 -30.34
C VAL A 223 24.08 58.75 -29.94
N ILE A 224 25.30 58.83 -30.48
CA ILE A 224 26.21 59.95 -30.21
C ILE A 224 26.26 60.81 -31.46
N ALA A 225 25.99 62.11 -31.29
CA ALA A 225 26.03 63.06 -32.39
C ALA A 225 27.44 63.62 -32.53
N VAL A 226 28.06 63.43 -33.70
CA VAL A 226 29.44 63.85 -33.92
C VAL A 226 29.44 65.31 -34.36
N PRO A 227 30.41 66.13 -33.88
CA PRO A 227 30.40 67.56 -34.22
C PRO A 227 30.72 67.90 -35.67
N GLU A 228 30.76 69.20 -35.96
CA GLU A 228 30.84 69.66 -37.34
C GLU A 228 32.04 69.12 -38.10
N PRO A 229 33.24 69.02 -37.54
CA PRO A 229 34.39 68.56 -38.34
C PRO A 229 34.15 67.24 -39.05
N PHE A 230 33.51 66.29 -38.40
CA PHE A 230 33.17 65.00 -38.99
C PHE A 230 31.73 64.94 -39.50
N GLY A 231 30.78 65.32 -38.66
CA GLY A 231 29.38 65.15 -38.98
C GLY A 231 28.92 63.73 -38.71
N GLY A 232 27.64 63.47 -38.97
CA GLY A 232 27.11 62.13 -38.80
C GLY A 232 26.85 61.76 -37.35
N ALA A 233 26.84 60.46 -37.10
CA ALA A 233 26.52 59.94 -35.77
C ALA A 233 27.27 58.64 -35.53
N ILE A 234 27.45 58.33 -34.24
CA ILE A 234 28.03 57.06 -33.79
C ILE A 234 26.97 56.30 -33.00
N ILE A 235 26.92 54.98 -33.22
CA ILE A 235 25.95 54.11 -32.58
C ILE A 235 26.71 53.12 -31.71
N ILE A 236 26.44 53.13 -30.41
CA ILE A 236 27.09 52.25 -29.45
C ILE A 236 26.17 51.06 -29.18
N GLY A 237 26.72 49.86 -29.26
CA GLY A 237 25.97 48.65 -28.95
C GLY A 237 26.67 47.81 -27.89
N GLN A 238 26.39 46.51 -27.88
CA GLN A 238 27.05 45.61 -26.95
C GLN A 238 28.38 45.08 -27.49
N GLU A 239 28.41 44.75 -28.78
CA GLU A 239 29.60 44.17 -29.40
C GLU A 239 30.29 45.07 -30.40
N SER A 240 29.61 46.07 -30.94
CA SER A 240 30.17 46.86 -32.04
C SER A 240 29.83 48.34 -31.88
N ILE A 241 30.70 49.18 -32.43
CA ILE A 241 30.50 50.62 -32.51
C ILE A 241 30.55 51.00 -33.98
N THR A 242 29.57 51.77 -34.45
CA THR A 242 29.47 52.11 -35.86
C THR A 242 29.29 53.61 -36.06
N TYR A 243 29.84 54.11 -37.18
CA TYR A 243 29.70 55.50 -37.58
C TYR A 243 28.92 55.57 -38.88
N HIS A 244 27.93 56.46 -38.93
CA HIS A 244 27.06 56.60 -40.10
C HIS A 244 27.02 58.05 -40.54
N ASN A 245 27.21 58.28 -41.86
CA ASN A 245 27.05 59.61 -42.41
C ASN A 245 26.90 59.47 -43.93
N GLY A 246 25.65 59.40 -44.36
CA GLY A 246 25.37 59.28 -45.78
C GLY A 246 25.99 58.02 -46.35
N ASP A 247 26.93 58.21 -47.28
CA ASP A 247 27.61 57.09 -47.92
C ASP A 247 28.67 56.46 -47.02
N LYS A 248 29.18 57.20 -46.05
CA LYS A 248 30.26 56.71 -45.19
C LYS A 248 29.73 55.72 -44.15
N TYR A 249 30.46 54.62 -43.96
CA TYR A 249 30.11 53.65 -42.93
C TYR A 249 31.37 52.95 -42.44
N LEU A 250 31.68 53.14 -41.15
CA LEU A 250 32.80 52.48 -40.48
C LEU A 250 32.26 51.68 -39.31
N ALA A 251 32.91 50.57 -38.98
CA ALA A 251 32.45 49.71 -37.89
C ALA A 251 33.65 49.06 -37.20
N ILE A 252 33.76 49.26 -35.89
CA ILE A 252 34.79 48.62 -35.08
C ILE A 252 34.11 47.73 -34.04
N ALA A 253 34.63 46.52 -33.85
CA ALA A 253 34.05 45.54 -32.93
C ALA A 253 35.15 44.93 -32.06
N PRO A 254 35.71 45.70 -31.13
CA PRO A 254 36.78 45.17 -30.30
C PRO A 254 36.24 44.19 -29.25
N PRO A 255 37.02 43.17 -28.89
CA PRO A 255 36.49 42.18 -27.93
C PRO A 255 36.33 42.70 -26.52
N ILE A 256 36.97 43.81 -26.16
CA ILE A 256 36.95 44.27 -24.78
C ILE A 256 35.55 44.77 -24.42
N ILE A 257 34.86 45.43 -25.35
CA ILE A 257 33.56 46.01 -25.03
C ILE A 257 32.49 44.94 -24.85
N LYS A 258 32.69 43.74 -25.43
CA LYS A 258 31.69 42.69 -25.31
C LYS A 258 31.50 42.23 -23.87
N GLN A 259 32.56 42.31 -23.06
CA GLN A 259 32.52 41.75 -21.72
C GLN A 259 31.49 42.46 -20.84
N SER A 260 31.38 43.78 -20.95
CA SER A 260 30.49 44.56 -20.11
C SER A 260 29.72 45.58 -20.94
N THR A 261 28.44 45.77 -20.59
CA THR A 261 27.57 46.66 -21.34
C THR A 261 27.96 48.12 -21.11
N ILE A 262 28.10 48.87 -22.21
CA ILE A 262 28.44 50.28 -22.15
C ILE A 262 27.16 51.09 -21.93
N VAL A 263 27.20 52.00 -20.94
CA VAL A 263 25.99 52.69 -20.51
C VAL A 263 26.06 54.20 -20.67
N CYS A 264 27.24 54.82 -20.71
CA CYS A 264 27.32 56.28 -20.72
C CYS A 264 28.46 56.74 -21.63
N HIS A 265 28.26 57.91 -22.23
CA HIS A 265 29.25 58.52 -23.13
C HIS A 265 29.33 60.01 -22.90
N ASN A 266 30.50 60.59 -23.22
CA ASN A 266 30.71 62.03 -23.14
C ASN A 266 31.79 62.41 -24.15
N ARG A 267 31.79 63.67 -24.56
CA ARG A 267 32.74 64.18 -25.55
C ARG A 267 33.88 64.92 -24.86
N VAL A 268 35.11 64.52 -25.17
CA VAL A 268 36.29 65.16 -24.58
C VAL A 268 36.75 66.35 -25.42
N ASP A 269 36.90 66.15 -26.72
CA ASP A 269 37.40 67.20 -27.62
C ASP A 269 36.22 67.83 -28.33
N PRO A 270 35.98 69.14 -28.17
CA PRO A 270 34.81 69.75 -28.82
C PRO A 270 34.68 69.45 -30.30
N ASN A 271 35.79 69.15 -30.99
CA ASN A 271 35.75 68.82 -32.41
C ASN A 271 35.32 67.38 -32.67
N GLY A 272 35.11 66.59 -31.63
CA GLY A 272 34.63 65.22 -31.78
C GLY A 272 35.72 64.18 -31.93
N SER A 273 36.99 64.55 -31.78
CA SER A 273 38.06 63.58 -32.00
C SER A 273 38.04 62.48 -30.94
N ARG A 274 37.66 62.81 -29.72
CA ARG A 274 37.73 61.88 -28.60
C ARG A 274 36.44 61.89 -27.80
N TYR A 275 35.91 60.70 -27.54
CA TYR A 275 34.73 60.51 -26.69
C TYR A 275 35.10 59.53 -25.58
N LEU A 276 34.42 59.66 -24.44
CA LEU A 276 34.62 58.78 -23.29
C LEU A 276 33.44 57.82 -23.16
N LEU A 277 33.73 56.56 -22.84
CA LEU A 277 32.73 55.51 -22.72
C LEU A 277 32.90 54.80 -21.38
N GLY A 278 31.79 54.45 -20.75
CA GLY A 278 31.83 53.72 -19.49
C GLY A 278 30.91 52.51 -19.52
N ASP A 279 31.28 51.50 -18.75
CA ASP A 279 30.55 50.24 -18.75
C ASP A 279 30.19 49.83 -17.33
N MET A 280 29.34 48.80 -17.23
CA MET A 280 28.78 48.40 -15.93
C MET A 280 29.82 47.85 -14.98
N GLU A 281 30.94 47.35 -15.47
CA GLU A 281 32.01 46.87 -14.61
C GLU A 281 32.96 47.99 -14.21
N GLY A 282 32.65 49.23 -14.57
CA GLY A 282 33.42 50.39 -14.17
C GLY A 282 34.58 50.74 -15.07
N ARG A 283 34.85 49.95 -16.12
CA ARG A 283 35.97 50.28 -17.00
C ARG A 283 35.66 51.54 -17.79
N LEU A 284 36.68 52.37 -17.97
CA LEU A 284 36.58 53.63 -18.70
C LEU A 284 37.42 53.52 -19.97
N PHE A 285 36.80 53.84 -21.11
CA PHE A 285 37.46 53.71 -22.39
C PHE A 285 37.54 55.08 -23.06
N MET A 286 38.51 55.25 -23.96
CA MET A 286 38.60 56.44 -24.79
C MET A 286 38.31 56.02 -26.23
N LEU A 287 37.28 56.60 -26.82
CA LEU A 287 36.93 56.33 -28.21
C LEU A 287 37.57 57.43 -29.07
N LEU A 288 38.40 57.01 -30.03
CA LEU A 288 39.22 57.92 -30.81
C LEU A 288 38.73 57.97 -32.24
N LEU A 289 38.56 59.18 -32.77
CA LEU A 289 38.20 59.37 -34.18
C LEU A 289 39.46 59.79 -34.94
N GLU A 290 39.98 58.87 -35.75
CA GLU A 290 41.21 59.09 -36.51
C GLU A 290 40.88 59.85 -37.79
N LYS A 291 41.46 61.04 -37.95
CA LYS A 291 41.12 61.92 -39.05
C LYS A 291 41.95 61.62 -40.29
N GLU A 292 41.32 61.79 -41.46
CA GLU A 292 42.02 61.73 -42.75
C GLU A 292 41.56 62.91 -43.59
N GLU A 293 42.50 63.78 -43.96
CA GLU A 293 42.21 64.97 -44.75
C GLU A 293 42.57 64.73 -46.21
N GLN A 294 41.63 64.99 -47.11
CA GLN A 294 41.86 64.83 -48.55
C GLN A 294 42.51 66.10 -49.10
N MET A 295 43.05 66.01 -50.32
CA MET A 295 43.63 67.18 -50.96
C MET A 295 42.58 68.27 -51.19
N ASP A 296 41.31 67.89 -51.26
CA ASP A 296 40.24 68.87 -51.37
C ASP A 296 40.22 69.80 -50.17
N GLY A 297 40.89 69.43 -49.08
CA GLY A 297 40.78 70.16 -47.84
C GLY A 297 39.71 69.69 -46.89
N THR A 298 38.91 68.71 -47.31
CA THR A 298 37.85 68.21 -46.45
C THR A 298 38.42 67.23 -45.45
N VAL A 299 37.75 67.09 -44.32
CA VAL A 299 38.19 66.21 -43.24
C VAL A 299 37.18 65.08 -43.17
N THR A 300 37.67 63.86 -43.31
CA THR A 300 36.85 62.66 -43.25
C THR A 300 37.28 61.82 -42.07
N LEU A 301 36.44 60.84 -41.73
CA LEU A 301 36.72 59.94 -40.63
C LEU A 301 37.42 58.71 -41.21
N LYS A 302 38.64 58.44 -40.76
CA LYS A 302 39.44 57.35 -41.31
C LYS A 302 39.11 56.03 -40.63
N ASP A 303 39.12 56.01 -39.29
CA ASP A 303 38.88 54.77 -38.55
C ASP A 303 38.47 55.13 -37.13
N LEU A 304 37.99 54.11 -36.41
CA LEU A 304 37.60 54.24 -35.02
C LEU A 304 38.47 53.29 -34.19
N ARG A 305 38.83 53.72 -32.99
CA ARG A 305 39.67 52.94 -32.08
C ARG A 305 39.17 53.12 -30.66
N VAL A 306 39.27 52.05 -29.86
CA VAL A 306 38.88 52.08 -28.46
C VAL A 306 40.10 51.70 -27.63
N GLU A 307 40.38 52.48 -26.58
CA GLU A 307 41.52 52.25 -25.71
C GLU A 307 41.09 52.30 -24.26
N LEU A 308 41.37 51.24 -23.51
CA LEU A 308 41.05 51.19 -22.09
C LEU A 308 41.97 52.13 -21.29
N LEU A 309 41.37 52.93 -20.43
CA LEU A 309 42.09 53.87 -19.58
C LEU A 309 42.27 53.37 -18.15
N GLY A 310 41.21 52.82 -17.55
CA GLY A 310 41.28 52.37 -16.18
C GLY A 310 39.89 52.02 -15.65
N GLU A 311 39.75 52.09 -14.33
CA GLU A 311 38.51 51.70 -13.65
C GLU A 311 37.97 52.86 -12.82
N THR A 312 36.67 53.12 -12.95
CA THR A 312 35.96 54.09 -12.13
C THR A 312 34.76 53.42 -11.49
N SER A 313 33.97 54.18 -10.74
CA SER A 313 32.70 53.69 -10.25
C SER A 313 31.72 53.50 -11.41
N ILE A 314 30.80 52.54 -11.25
CA ILE A 314 29.78 52.32 -12.27
C ILE A 314 29.03 53.64 -12.42
N ALA A 315 29.15 54.25 -13.60
CA ALA A 315 28.74 55.63 -13.81
C ALA A 315 27.42 55.73 -14.53
N GLU A 316 26.47 56.47 -13.95
CA GLU A 316 25.27 56.83 -14.68
C GLU A 316 25.55 57.92 -15.72
N CYS A 317 26.37 58.91 -15.35
CA CYS A 317 26.74 59.97 -16.28
C CYS A 317 28.23 60.24 -16.14
N LEU A 318 28.90 60.43 -17.28
CA LEU A 318 30.24 60.94 -17.32
C LEU A 318 30.21 62.36 -17.88
N THR A 319 31.09 63.20 -17.36
CA THR A 319 31.24 64.56 -17.90
C THR A 319 32.68 65.01 -17.72
N TYR A 320 33.36 65.23 -18.85
CA TYR A 320 34.72 65.75 -18.82
C TYR A 320 34.72 67.22 -18.47
N LEU A 321 35.61 67.60 -17.56
CA LEU A 321 35.70 68.98 -17.11
C LEU A 321 36.85 69.69 -17.82
N ASP A 322 38.04 69.69 -17.23
CA ASP A 322 39.19 70.33 -17.85
C ASP A 322 40.46 69.61 -17.39
N ASN A 323 41.53 69.77 -18.16
CA ASN A 323 42.80 69.11 -17.85
C ASN A 323 42.54 67.61 -17.95
N GLY A 324 42.85 66.83 -16.94
CA GLY A 324 42.51 65.42 -16.87
C GLY A 324 41.37 65.12 -15.93
N VAL A 325 40.66 66.15 -15.45
CA VAL A 325 39.64 65.94 -14.44
C VAL A 325 38.36 65.53 -15.14
N VAL A 326 37.81 64.38 -14.72
CA VAL A 326 36.55 63.85 -15.23
C VAL A 326 35.66 63.60 -14.04
N PHE A 327 34.43 64.07 -14.10
CA PHE A 327 33.47 63.79 -13.03
C PHE A 327 32.69 62.53 -13.37
N VAL A 328 32.69 61.59 -12.43
CA VAL A 328 32.00 60.31 -12.60
C VAL A 328 30.75 60.36 -11.72
N GLY A 329 29.60 60.47 -12.36
CA GLY A 329 28.34 60.48 -11.63
C GLY A 329 27.81 59.07 -11.50
N SER A 330 27.72 58.57 -10.28
CA SER A 330 27.37 57.18 -10.03
C SER A 330 26.05 57.10 -9.28
N ARG A 331 25.18 56.22 -9.75
CA ARG A 331 23.91 55.92 -9.08
C ARG A 331 23.96 54.67 -8.23
N LEU A 332 24.84 53.73 -8.58
CA LEU A 332 24.98 52.48 -7.84
C LEU A 332 26.10 52.53 -6.82
N GLY A 333 26.97 53.53 -6.89
CA GLY A 333 28.09 53.65 -5.98
C GLY A 333 28.51 55.09 -5.80
N ASP A 334 29.62 55.30 -5.10
CA ASP A 334 30.08 56.66 -4.84
C ASP A 334 30.55 57.34 -6.12
N SER A 335 30.19 58.62 -6.25
CA SER A 335 30.65 59.42 -7.37
C SER A 335 32.10 59.85 -7.14
N GLN A 336 32.73 60.38 -8.19
CA GLN A 336 34.15 60.64 -8.11
C GLN A 336 34.57 61.79 -9.02
N LEU A 337 35.69 62.40 -8.65
CA LEU A 337 36.55 63.12 -9.57
C LEU A 337 37.80 62.26 -9.78
N VAL A 338 38.16 62.02 -11.04
CA VAL A 338 39.34 61.23 -11.37
C VAL A 338 40.18 62.02 -12.36
N LYS A 339 41.49 61.81 -12.33
CA LYS A 339 42.42 62.50 -13.22
C LYS A 339 42.94 61.53 -14.26
N LEU A 340 42.80 61.90 -15.54
CA LEU A 340 43.31 61.11 -16.64
C LEU A 340 44.73 61.56 -16.97
N ASN A 341 45.68 60.62 -16.95
CA ASN A 341 47.08 60.93 -17.20
C ASN A 341 47.46 60.46 -18.60
N VAL A 342 48.43 61.13 -19.21
CA VAL A 342 48.94 60.70 -20.50
C VAL A 342 49.80 59.45 -20.35
N ASP A 343 50.53 59.35 -19.24
CA ASP A 343 51.36 58.19 -18.96
C ASP A 343 50.62 57.28 -17.99
N SER A 344 50.65 55.98 -18.28
CA SER A 344 50.07 55.00 -17.38
C SER A 344 50.94 54.81 -16.16
N ASN A 345 50.32 54.33 -15.07
CA ASN A 345 51.07 54.02 -13.87
C ASN A 345 51.63 52.60 -13.99
N GLU A 346 52.28 52.12 -12.94
CA GLU A 346 52.96 50.83 -13.00
C GLU A 346 52.00 49.65 -13.14
N GLN A 347 50.70 49.86 -12.90
CA GLN A 347 49.72 48.80 -13.08
C GLN A 347 49.09 48.81 -14.47
N GLY A 348 49.43 49.80 -15.29
CA GLY A 348 48.86 49.95 -16.62
C GLY A 348 47.67 50.87 -16.71
N SER A 349 47.31 51.55 -15.63
CA SER A 349 46.13 52.39 -15.59
C SER A 349 46.50 53.85 -15.84
N TYR A 350 45.64 54.55 -16.59
CA TYR A 350 45.78 55.98 -16.79
C TYR A 350 44.87 56.79 -15.87
N VAL A 351 44.14 56.14 -14.97
CA VAL A 351 43.12 56.78 -14.15
C VAL A 351 43.56 56.72 -12.70
N VAL A 352 43.52 57.86 -12.02
CA VAL A 352 43.87 57.97 -10.62
C VAL A 352 42.80 58.78 -9.92
N ALA A 353 42.24 58.24 -8.84
CA ALA A 353 41.16 58.89 -8.14
C ALA A 353 41.65 60.14 -7.41
N MET A 354 40.87 61.22 -7.51
CA MET A 354 41.13 62.45 -6.76
C MET A 354 40.27 62.55 -5.52
N GLU A 355 38.95 62.63 -5.69
CA GLU A 355 38.01 62.79 -4.59
C GLU A 355 36.92 61.73 -4.70
N THR A 356 36.27 61.46 -3.56
CA THR A 356 35.19 60.50 -3.49
C THR A 356 33.98 61.18 -2.84
N PHE A 357 32.86 61.19 -3.55
CA PHE A 357 31.62 61.79 -3.06
C PHE A 357 30.70 60.70 -2.57
N THR A 358 30.32 60.76 -1.29
CA THR A 358 29.53 59.70 -0.69
C THR A 358 28.17 59.57 -1.38
N ASN A 359 27.86 58.36 -1.82
CA ASN A 359 26.54 58.02 -2.36
C ASN A 359 26.04 56.80 -1.59
N LEU A 360 24.96 56.96 -0.83
CA LEU A 360 24.37 55.83 -0.13
C LEU A 360 23.79 54.80 -1.09
N GLY A 361 23.79 55.06 -2.39
CA GLY A 361 23.42 54.06 -3.37
C GLY A 361 22.05 53.51 -3.09
N PRO A 362 21.68 52.45 -3.82
CA PRO A 362 20.43 51.75 -3.50
C PRO A 362 20.48 51.17 -2.10
N ILE A 363 19.51 51.58 -1.26
CA ILE A 363 19.42 51.06 0.10
C ILE A 363 18.43 49.89 0.01
N VAL A 364 18.98 48.68 -0.16
CA VAL A 364 18.13 47.51 -0.33
C VAL A 364 17.48 47.12 0.99
N ASP A 365 18.23 47.20 2.08
CA ASP A 365 17.70 46.91 3.42
C ASP A 365 18.50 47.74 4.42
N MET A 366 18.00 47.78 5.66
CA MET A 366 18.69 48.49 6.73
C MET A 366 18.09 48.10 8.06
N CYS A 367 18.88 48.30 9.12
CA CYS A 367 18.43 48.07 10.49
C CYS A 367 19.04 49.13 11.40
N VAL A 368 18.36 49.39 12.52
CA VAL A 368 18.83 50.35 13.52
C VAL A 368 19.29 49.58 14.74
N VAL A 369 20.50 49.88 15.21
CA VAL A 369 21.11 49.21 16.34
C VAL A 369 22.00 50.19 17.08
N ASP A 370 21.89 50.20 18.41
CA ASP A 370 22.73 51.07 19.25
C ASP A 370 23.99 50.27 19.61
N LEU A 371 25.02 50.42 18.77
CA LEU A 371 26.23 49.63 18.95
C LEU A 371 27.00 50.05 20.21
N GLU A 372 27.10 51.35 20.44
CA GLU A 372 27.86 51.90 21.56
C GLU A 372 27.05 52.01 22.85
N ARG A 373 25.81 51.54 22.86
CA ARG A 373 24.95 51.66 24.04
C ARG A 373 24.79 53.12 24.47
N GLN A 374 24.79 54.04 23.51
CA GLN A 374 24.71 55.47 23.78
C GLN A 374 23.28 55.99 23.79
N GLY A 375 22.28 55.11 23.89
CA GLY A 375 20.89 55.56 23.89
C GLY A 375 20.50 56.34 22.67
N GLN A 376 21.25 56.21 21.59
CA GLN A 376 21.02 56.93 20.36
C GLN A 376 20.37 56.07 19.28
N GLY A 377 21.16 55.23 18.62
CA GLY A 377 20.73 54.37 17.51
C GLY A 377 21.57 54.71 16.29
N GLN A 378 22.11 53.67 15.66
CA GLN A 378 22.92 53.79 14.46
C GLN A 378 22.24 53.04 13.33
N LEU A 379 22.37 53.55 12.11
CA LEU A 379 21.70 53.00 10.94
C LEU A 379 22.76 52.30 10.10
N VAL A 380 22.64 50.97 10.01
CA VAL A 380 23.52 50.14 9.19
C VAL A 380 22.71 49.76 7.96
N THR A 381 23.18 50.17 6.79
CA THR A 381 22.40 50.06 5.56
C THR A 381 23.10 49.13 4.58
N CYS A 382 22.31 48.36 3.84
CA CYS A 382 22.79 47.62 2.68
C CYS A 382 22.72 48.56 1.48
N SER A 383 23.88 49.04 1.04
CA SER A 383 23.95 50.08 0.03
C SER A 383 24.84 49.64 -1.12
N GLY A 384 24.51 50.15 -2.31
CA GLY A 384 25.29 49.89 -3.50
C GLY A 384 24.93 48.58 -4.18
N ALA A 385 25.59 48.34 -5.31
CA ALA A 385 25.41 47.10 -6.04
C ALA A 385 26.72 46.71 -6.70
N PHE A 386 26.90 45.40 -6.90
CA PHE A 386 28.03 44.84 -7.62
C PHE A 386 29.31 45.33 -6.96
N LYS A 387 30.28 45.84 -7.71
CA LYS A 387 31.55 46.28 -7.16
C LYS A 387 31.37 47.35 -6.09
N GLU A 388 30.32 48.16 -6.21
CA GLU A 388 30.08 49.26 -5.28
C GLU A 388 29.34 48.83 -4.02
N GLY A 389 29.02 47.54 -3.88
CA GLY A 389 28.29 47.11 -2.70
C GLY A 389 29.04 47.47 -1.43
N SER A 390 28.30 47.91 -0.42
CA SER A 390 28.92 48.40 0.80
C SER A 390 27.92 48.34 1.94
N LEU A 391 28.45 48.36 3.16
CA LEU A 391 27.68 48.57 4.37
C LEU A 391 28.02 49.96 4.90
N ARG A 392 26.99 50.74 5.23
CA ARG A 392 27.17 52.12 5.67
C ARG A 392 26.59 52.27 7.08
N ILE A 393 27.44 52.68 8.02
CA ILE A 393 27.02 52.93 9.39
C ILE A 393 26.86 54.43 9.56
N ILE A 394 25.65 54.88 9.89
CA ILE A 394 25.30 56.30 9.91
C ILE A 394 24.87 56.68 11.32
N ARG A 395 25.42 57.79 11.83
CA ARG A 395 25.07 58.31 13.15
C ARG A 395 24.91 59.82 13.07
N ASN A 396 24.02 60.37 13.89
CA ASN A 396 23.85 61.81 13.98
C ASN A 396 24.98 62.44 14.80
N GLY A 397 25.49 63.57 14.30
CA GLY A 397 26.59 64.26 14.95
C GLY A 397 26.26 65.70 15.24
N GLN A 408 26.53 70.39 12.53
CA GLN A 408 25.33 69.59 12.28
C GLN A 408 25.43 68.84 10.95
N LYS A 409 25.91 67.61 11.01
CA LYS A 409 26.03 66.75 9.83
C LYS A 409 25.94 65.31 10.31
N LEU A 410 25.71 64.40 9.36
CA LEU A 410 25.64 62.97 9.64
C LEU A 410 27.02 62.34 9.39
N HIS A 411 27.49 61.54 10.34
CA HIS A 411 28.75 60.81 10.18
C HIS A 411 28.49 59.45 9.58
N ILE A 412 29.18 59.14 8.48
CA ILE A 412 28.93 57.94 7.69
C ILE A 412 30.24 57.17 7.56
N ARG A 413 30.23 55.90 7.97
CA ARG A 413 31.34 54.99 7.76
C ARG A 413 30.97 53.97 6.68
N THR A 414 31.94 53.64 5.83
CA THR A 414 31.72 52.76 4.69
C THR A 414 32.54 51.49 4.84
N VAL A 415 31.90 50.34 4.67
CA VAL A 415 32.53 49.04 4.67
C VAL A 415 32.41 48.45 3.27
N PRO A 416 33.48 48.43 2.47
CA PRO A 416 33.37 47.91 1.11
C PRO A 416 33.18 46.40 1.09
N LEU A 417 32.24 45.95 0.26
CA LEU A 417 31.96 44.53 0.09
C LEU A 417 32.30 44.01 -1.30
N TYR A 418 32.25 44.87 -2.32
CA TYR A 418 32.56 44.50 -3.71
C TYR A 418 31.61 43.44 -4.24
N GLU A 419 30.47 43.24 -3.56
CA GLU A 419 29.40 42.41 -4.06
C GLU A 419 28.09 43.00 -3.56
N SER A 420 26.99 42.56 -4.13
CA SER A 420 25.70 43.18 -3.86
C SER A 420 25.18 42.72 -2.50
N PRO A 421 24.91 43.64 -1.57
CA PRO A 421 24.24 43.26 -0.32
C PRO A 421 22.73 43.28 -0.48
N ARG A 422 22.06 42.32 0.16
CA ARG A 422 20.63 42.11 -0.05
C ARG A 422 19.80 42.35 1.21
N LYS A 423 20.14 41.72 2.34
CA LYS A 423 19.41 41.92 3.57
C LYS A 423 20.40 41.95 4.74
N ILE A 424 20.03 42.68 5.80
CA ILE A 424 20.87 42.78 7.00
C ILE A 424 20.00 42.65 8.24
N CYS A 425 20.54 41.98 9.26
CA CYS A 425 19.88 41.81 10.54
C CYS A 425 20.96 41.73 11.61
N TYR A 426 20.69 42.32 12.77
CA TYR A 426 21.66 42.37 13.86
C TYR A 426 21.39 41.30 14.90
N GLN A 427 22.46 40.64 15.35
CA GLN A 427 22.40 39.59 16.37
C GLN A 427 23.32 40.01 17.51
N GLU A 428 22.73 40.58 18.58
CA GLU A 428 23.54 41.11 19.67
C GLU A 428 24.30 40.00 20.39
N VAL A 429 23.66 38.86 20.63
CA VAL A 429 24.30 37.79 21.38
C VAL A 429 25.66 37.46 20.82
N SER A 430 25.82 37.56 19.50
CA SER A 430 27.05 37.22 18.82
C SER A 430 27.90 38.43 18.46
N GLN A 431 27.50 39.63 18.89
CA GLN A 431 28.24 40.85 18.61
C GLN A 431 28.61 40.95 17.12
N CYS A 432 27.66 40.64 16.26
CA CYS A 432 27.92 40.64 14.83
C CYS A 432 26.63 40.85 14.06
N PHE A 433 26.77 41.17 12.78
CA PHE A 433 25.65 41.28 11.85
C PHE A 433 25.62 40.09 10.92
N GLY A 434 24.41 39.72 10.49
CA GLY A 434 24.21 38.77 9.41
C GLY A 434 23.76 39.52 8.16
N VAL A 435 24.48 39.31 7.06
CA VAL A 435 24.23 40.01 5.81
C VAL A 435 24.15 39.01 4.67
N LEU A 436 23.07 39.09 3.89
CA LEU A 436 22.93 38.31 2.67
C LEU A 436 23.52 39.09 1.50
N SER A 437 24.29 38.40 0.66
CA SER A 437 24.96 39.04 -0.45
C SER A 437 24.95 38.12 -1.66
N SER A 438 25.03 38.71 -2.85
CA SER A 438 25.15 37.97 -4.09
C SER A 438 26.26 38.57 -4.93
N ARG A 439 27.06 37.72 -5.54
CA ARG A 439 28.16 38.12 -6.41
C ARG A 439 27.97 37.49 -7.78
N ILE A 440 28.54 38.15 -8.80
CA ILE A 440 28.39 37.73 -10.18
C ILE A 440 29.61 36.92 -10.58
N GLU A 441 29.39 35.65 -10.94
CA GLU A 441 30.39 34.83 -11.59
C GLU A 441 29.92 34.51 -13.01
N VAL A 442 30.85 34.09 -13.85
CA VAL A 442 30.59 33.85 -15.26
C VAL A 442 30.97 32.42 -15.61
N GLN A 443 30.15 31.78 -16.44
CA GLN A 443 30.45 30.42 -16.89
C GLN A 443 31.79 30.42 -17.62
N ASP A 444 32.71 29.55 -17.18
CA ASP A 444 34.05 29.49 -17.72
C ASP A 444 34.28 28.14 -18.40
N THR A 445 35.47 27.99 -18.99
CA THR A 445 35.76 26.82 -19.80
C THR A 445 35.81 25.54 -18.97
N SER A 446 35.96 25.64 -17.65
CA SER A 446 36.00 24.45 -16.82
C SER A 446 34.62 23.81 -16.65
N GLY A 447 33.56 24.50 -17.07
CA GLY A 447 32.20 24.09 -16.78
C GLY A 447 31.63 24.72 -15.53
N GLY A 448 32.48 25.22 -14.65
CA GLY A 448 32.07 25.98 -13.49
C GLY A 448 31.95 27.45 -13.80
N THR A 449 32.13 28.28 -12.78
CA THR A 449 32.08 29.73 -12.92
C THR A 449 33.28 30.36 -12.23
N THR A 450 33.62 31.56 -12.67
CA THR A 450 34.76 32.31 -12.16
C THR A 450 34.30 33.70 -11.80
N ALA A 451 34.71 34.19 -10.63
CA ALA A 451 34.33 35.52 -10.17
C ALA A 451 35.20 36.57 -10.83
N LEU A 452 34.55 37.68 -11.22
CA LEU A 452 35.28 38.75 -11.90
C LEU A 452 36.28 39.44 -10.98
N ARG A 453 36.03 39.41 -9.68
CA ARG A 453 36.88 40.08 -8.70
C ARG A 453 36.64 39.44 -7.34
N PRO A 454 37.62 39.50 -6.43
CA PRO A 454 37.38 39.02 -5.07
C PRO A 454 36.45 39.96 -4.32
N SER A 455 35.65 39.39 -3.42
CA SER A 455 34.65 40.15 -2.70
C SER A 455 34.45 39.55 -1.31
N ALA A 456 33.51 40.13 -0.57
CA ALA A 456 33.33 39.79 0.84
C ALA A 456 33.11 38.30 1.03
N SER A 457 32.32 37.67 0.16
CA SER A 457 32.02 36.26 0.34
C SER A 457 33.23 35.38 0.08
N THR A 458 34.20 35.86 -0.69
CA THR A 458 35.42 35.11 -0.97
C THR A 458 36.58 35.49 -0.04
N GLN A 459 36.47 36.59 0.69
CA GLN A 459 37.52 37.06 1.58
C GLN A 459 37.18 36.85 3.06
N ALA A 460 36.21 35.99 3.35
CA ALA A 460 35.85 35.71 4.73
C ALA A 460 36.97 34.90 5.40
N LEU A 461 37.09 35.07 6.72
CA LEU A 461 38.11 34.34 7.46
C LEU A 461 37.89 32.83 7.33
N SER A 462 36.72 32.36 7.74
CA SER A 462 36.30 30.98 7.55
C SER A 462 35.11 30.95 6.59
N SER A 463 34.93 29.82 5.92
CA SER A 463 33.88 29.70 4.92
C SER A 463 33.25 28.32 4.98
N SER A 464 32.04 28.23 4.43
CA SER A 464 31.30 26.99 4.37
C SER A 464 30.38 27.02 3.15
N VAL A 465 29.97 25.84 2.70
CA VAL A 465 29.09 25.70 1.55
C VAL A 465 28.01 24.69 1.88
N SER A 466 26.75 25.04 1.59
CA SER A 466 25.65 24.14 1.88
C SER A 466 25.83 22.81 1.15
N SER A 467 25.55 21.72 1.87
CA SER A 467 25.57 20.38 1.30
C SER A 467 24.19 19.75 1.29
N SER A 468 23.14 20.58 1.28
CA SER A 468 21.78 20.06 1.32
C SER A 468 21.52 19.16 0.13
N LYS A 469 20.90 18.00 0.40
CA LYS A 469 20.55 17.06 -0.65
C LYS A 469 19.07 17.12 -0.97
N LEU A 470 18.38 18.16 -0.51
CA LEU A 470 16.93 18.24 -0.73
C LEU A 470 16.60 18.27 -2.22
N PHE A 471 17.28 19.13 -2.96
CA PHE A 471 17.06 19.29 -4.40
C PHE A 471 17.98 18.42 -5.24
N SER A 472 18.72 17.50 -4.61
CA SER A 472 19.58 16.56 -5.35
C SER A 472 18.78 15.58 -6.21
N SER A 473 17.48 15.80 -6.40
CA SER A 473 16.70 14.91 -7.25
C SER A 473 16.92 15.19 -8.73
N SER A 474 17.52 16.35 -9.04
CA SER A 474 17.92 16.72 -10.37
C SER A 474 16.93 16.27 -11.44
N THR A 475 17.39 15.59 -12.50
CA THR A 475 16.50 15.19 -13.61
C THR A 475 15.85 16.43 -14.23
N ALA A 476 16.50 17.58 -14.09
CA ALA A 476 16.06 18.87 -14.61
C ALA A 476 17.08 19.44 -15.59
N PRO A 477 16.76 19.68 -16.87
CA PRO A 477 17.77 20.22 -17.78
C PRO A 477 18.02 21.70 -17.52
N HIS A 478 19.30 22.08 -17.37
CA HIS A 478 19.69 23.48 -17.14
C HIS A 478 21.04 23.69 -17.84
N GLU A 479 21.01 23.83 -19.16
CA GLU A 479 22.22 23.98 -19.95
C GLU A 479 22.91 25.31 -19.66
N THR A 480 24.24 25.30 -19.70
CA THR A 480 25.07 26.47 -19.44
C THR A 480 25.92 26.78 -20.67
N SER A 481 25.95 28.05 -21.05
CA SER A 481 26.76 28.52 -22.16
C SER A 481 27.88 29.39 -21.61
N PHE A 482 29.09 29.21 -22.15
CA PHE A 482 30.23 29.98 -21.68
C PHE A 482 29.97 31.47 -21.82
N GLY A 483 30.31 32.23 -20.77
CA GLY A 483 30.17 33.67 -20.77
C GLY A 483 28.91 34.18 -20.11
N GLU A 484 27.93 33.31 -19.85
CA GLU A 484 26.70 33.75 -19.19
C GLU A 484 26.97 34.06 -17.72
N GLU A 485 26.21 35.01 -17.19
CA GLU A 485 26.33 35.40 -15.79
C GLU A 485 25.44 34.55 -14.90
N VAL A 486 25.87 34.39 -13.65
CA VAL A 486 25.09 33.73 -12.60
C VAL A 486 25.29 34.50 -11.31
N GLU A 487 24.30 34.42 -10.42
CA GLU A 487 24.41 35.01 -9.10
C GLU A 487 24.78 33.91 -8.11
N VAL A 488 25.70 34.21 -7.20
CA VAL A 488 26.08 33.31 -6.13
C VAL A 488 25.74 33.99 -4.82
N HIS A 489 24.89 33.36 -4.02
CA HIS A 489 24.35 33.97 -2.82
C HIS A 489 25.04 33.43 -1.58
N ASN A 490 25.28 34.32 -0.62
CA ASN A 490 26.02 33.96 0.58
C ASN A 490 25.39 34.61 1.80
N LEU A 491 25.65 34.03 2.96
CA LEU A 491 25.34 34.63 4.25
C LEU A 491 26.66 35.06 4.87
N LEU A 492 26.79 36.34 5.17
CA LEU A 492 28.02 36.90 5.72
C LEU A 492 27.83 37.17 7.22
N ILE A 493 28.79 36.71 8.02
CA ILE A 493 28.86 37.05 9.43
C ILE A 493 29.92 38.13 9.60
N ILE A 494 29.53 39.30 10.07
CA ILE A 494 30.39 40.48 10.11
C ILE A 494 30.41 41.04 11.53
N ASP A 495 31.62 41.27 12.05
CA ASP A 495 31.78 41.77 13.40
C ASP A 495 31.28 43.21 13.52
N GLN A 496 30.63 43.49 14.66
CA GLN A 496 29.98 44.79 14.82
C GLN A 496 30.95 45.93 15.12
N HIS A 497 32.18 45.62 15.56
CA HIS A 497 33.15 46.66 15.84
C HIS A 497 34.16 46.82 14.70
N THR A 498 34.79 45.73 14.27
CA THR A 498 35.76 45.79 13.18
C THR A 498 35.08 45.80 11.82
N PHE A 499 33.85 45.28 11.72
CA PHE A 499 33.17 45.11 10.44
C PHE A 499 34.02 44.29 9.49
N GLU A 500 34.64 43.25 10.04
CA GLU A 500 35.43 42.28 9.30
C GLU A 500 34.58 41.07 9.00
N VAL A 501 34.72 40.53 7.79
CA VAL A 501 33.93 39.36 7.42
C VAL A 501 34.49 38.16 8.17
N LEU A 502 33.73 37.67 9.15
CA LEU A 502 34.18 36.56 9.98
C LEU A 502 33.86 35.21 9.34
N HIS A 503 32.73 35.10 8.66
CA HIS A 503 32.33 33.84 8.06
C HIS A 503 31.50 34.13 6.82
N ALA A 504 31.66 33.30 5.79
CA ALA A 504 30.87 33.38 4.58
C ALA A 504 30.31 31.99 4.31
N HIS A 505 28.99 31.89 4.21
CA HIS A 505 28.32 30.64 3.87
C HIS A 505 27.72 30.80 2.48
N GLN A 506 28.11 29.93 1.55
CA GLN A 506 27.62 29.99 0.17
C GLN A 506 26.46 29.02 0.02
N PHE A 507 25.36 29.51 -0.54
CA PHE A 507 24.16 28.71 -0.70
C PHE A 507 24.27 27.84 -1.96
N LEU A 508 23.27 26.98 -2.17
CA LEU A 508 23.30 26.01 -3.26
C LEU A 508 23.30 26.70 -4.62
N GLN A 509 23.74 25.97 -5.63
CA GLN A 509 23.74 26.48 -6.99
C GLN A 509 22.32 26.86 -7.41
N ASN A 510 22.16 28.08 -7.92
CA ASN A 510 20.88 28.62 -8.36
C ASN A 510 19.92 28.93 -7.20
N GLU A 511 20.45 29.01 -5.98
CA GLU A 511 19.64 29.34 -4.81
C GLU A 511 19.81 30.82 -4.49
N TYR A 512 18.69 31.52 -4.35
CA TYR A 512 18.69 32.94 -3.99
C TYR A 512 18.25 33.08 -2.54
N ALA A 513 19.01 33.86 -1.77
CA ALA A 513 18.65 34.19 -0.40
C ALA A 513 17.79 35.45 -0.43
N LEU A 514 16.55 35.33 0.04
CA LEU A 514 15.59 36.42 -0.01
C LEU A 514 15.26 37.03 1.33
N SER A 515 15.29 36.24 2.42
CA SER A 515 14.88 36.71 3.72
C SER A 515 15.86 36.25 4.79
N LEU A 516 15.98 37.05 5.85
CA LEU A 516 16.92 36.79 6.94
C LEU A 516 16.37 37.35 8.24
N VAL A 517 16.46 36.55 9.31
CA VAL A 517 16.07 36.97 10.65
C VAL A 517 17.03 36.40 11.67
N SER A 518 17.15 37.10 12.81
CA SER A 518 17.94 36.64 13.95
C SER A 518 17.04 36.64 15.17
N CYS A 519 16.84 35.47 15.77
CA CYS A 519 15.89 35.35 16.88
C CYS A 519 16.06 34.01 17.58
N LYS A 520 15.43 33.90 18.75
CA LYS A 520 15.21 32.66 19.44
C LYS A 520 13.80 32.16 19.13
N LEU A 521 13.63 30.83 19.13
CA LEU A 521 12.33 30.23 18.86
C LEU A 521 11.95 29.26 19.97
N GLY A 522 10.65 29.20 20.26
CA GLY A 522 10.13 28.24 21.21
C GLY A 522 10.82 28.30 22.55
N LYS A 523 11.14 27.11 23.08
CA LYS A 523 11.88 26.96 24.32
C LYS A 523 13.37 26.76 24.06
N ASP A 524 13.82 27.04 22.85
CA ASP A 524 15.23 26.87 22.50
C ASP A 524 16.01 28.11 22.93
N PRO A 525 16.96 27.98 23.85
CA PRO A 525 17.70 29.18 24.30
C PRO A 525 18.73 29.69 23.30
N ASN A 526 19.05 28.91 22.27
CA ASN A 526 20.05 29.34 21.30
C ASN A 526 19.48 30.40 20.36
N THR A 527 20.33 31.38 20.00
CA THR A 527 19.97 32.43 19.07
C THR A 527 20.48 32.04 17.68
N TYR A 528 19.58 32.01 16.70
CA TYR A 528 19.89 31.50 15.37
C TYR A 528 19.83 32.58 14.31
N PHE A 529 20.53 32.32 13.20
CA PHE A 529 20.36 33.03 11.94
C PHE A 529 19.48 32.15 11.05
N ILE A 530 18.33 32.67 10.63
CA ILE A 530 17.41 31.91 9.77
C ILE A 530 17.29 32.62 8.43
N VAL A 531 17.48 31.86 7.35
CA VAL A 531 17.47 32.39 5.99
C VAL A 531 16.41 31.65 5.18
N GLY A 532 15.62 32.42 4.43
CA GLY A 532 14.66 31.87 3.49
C GLY A 532 15.16 32.07 2.06
N THR A 533 15.14 30.98 1.28
CA THR A 533 15.73 30.99 -0.05
C THR A 533 14.71 30.55 -1.09
N ALA A 534 15.13 30.69 -2.36
CA ALA A 534 14.31 30.25 -3.49
C ALA A 534 15.22 29.74 -4.58
N MET A 535 14.88 28.58 -5.15
CA MET A 535 15.63 28.02 -6.27
C MET A 535 15.14 28.68 -7.55
N VAL A 536 15.97 29.52 -8.16
CA VAL A 536 15.59 30.33 -9.31
C VAL A 536 16.21 29.71 -10.54
N TYR A 537 15.38 29.23 -11.45
CA TYR A 537 15.83 28.72 -12.73
C TYR A 537 15.24 29.56 -13.84
N PRO A 538 16.03 29.89 -14.87
CA PRO A 538 15.52 30.80 -15.92
C PRO A 538 14.20 30.36 -16.54
N GLU A 539 13.92 29.05 -16.53
CA GLU A 539 12.70 28.55 -17.16
C GLU A 539 11.45 28.94 -16.38
N GLU A 540 11.56 29.08 -15.06
CA GLU A 540 10.40 29.26 -14.20
C GLU A 540 9.96 30.71 -14.12
N ALA A 541 8.68 30.97 -14.41
CA ALA A 541 8.12 32.30 -14.19
C ALA A 541 8.09 32.63 -12.70
N GLU A 542 7.63 31.69 -11.87
CA GLU A 542 7.62 31.84 -10.42
C GLU A 542 8.36 30.66 -9.82
N PRO A 543 9.29 30.88 -8.89
CA PRO A 543 10.03 29.74 -8.31
C PRO A 543 9.09 28.77 -7.63
N LYS A 544 9.38 27.48 -7.75
CA LYS A 544 8.55 26.42 -7.19
C LYS A 544 9.29 25.58 -6.17
N GLN A 545 10.54 25.90 -5.84
CA GLN A 545 11.31 25.20 -4.83
C GLN A 545 11.97 26.22 -3.92
N GLY A 546 12.13 25.86 -2.65
CA GLY A 546 12.76 26.77 -1.69
C GLY A 546 13.16 26.06 -0.42
N ARG A 547 13.89 26.79 0.43
CA ARG A 547 14.37 26.25 1.69
C ARG A 547 14.26 27.30 2.80
N ILE A 548 13.95 26.85 4.01
CA ILE A 548 14.12 27.65 5.22
C ILE A 548 15.23 26.97 6.02
N VAL A 549 16.32 27.69 6.24
CA VAL A 549 17.52 27.12 6.85
C VAL A 549 17.77 27.80 8.18
N VAL A 550 18.05 27.01 9.21
CA VAL A 550 18.38 27.51 10.53
C VAL A 550 19.88 27.33 10.75
N PHE A 551 20.57 28.42 11.02
CA PHE A 551 22.01 28.41 11.27
C PHE A 551 22.28 28.85 12.70
N GLN A 552 23.36 28.36 13.28
CA GLN A 552 23.85 28.89 14.55
C GLN A 552 25.30 29.31 14.37
N TYR A 553 25.58 30.57 14.67
CA TYR A 553 26.94 31.09 14.66
C TYR A 553 27.51 30.90 16.06
N SER A 554 28.51 30.04 16.17
CA SER A 554 29.13 29.73 17.46
C SER A 554 30.61 29.48 17.27
N ASP A 555 31.43 30.19 18.04
CA ASP A 555 32.87 29.98 18.07
C ASP A 555 33.47 30.11 16.66
N GLY A 556 33.12 31.19 15.98
CA GLY A 556 33.73 31.48 14.69
C GLY A 556 33.26 30.64 13.54
N LYS A 557 32.34 29.70 13.77
CA LYS A 557 31.82 28.82 12.74
C LYS A 557 30.31 28.88 12.71
N LEU A 558 29.76 28.71 11.50
CA LEU A 558 28.32 28.72 11.29
C LEU A 558 27.88 27.27 11.10
N GLN A 559 26.93 26.83 11.92
CA GLN A 559 26.48 25.44 11.91
C GLN A 559 25.07 25.38 11.34
N THR A 560 24.82 24.39 10.49
CA THR A 560 23.48 24.18 9.94
C THR A 560 22.68 23.38 10.96
N VAL A 561 21.67 24.00 11.55
CA VAL A 561 20.89 23.38 12.61
C VAL A 561 19.72 22.58 12.06
N ALA A 562 19.00 23.12 11.08
CA ALA A 562 17.85 22.42 10.52
C ALA A 562 17.48 23.09 9.21
N GLU A 563 16.82 22.32 8.34
CA GLU A 563 16.34 22.86 7.07
C GLU A 563 14.92 22.35 6.83
N LYS A 564 14.06 23.20 6.29
CA LYS A 564 12.67 22.87 5.98
C LYS A 564 12.44 23.23 4.52
N GLU A 565 12.11 22.24 3.70
CA GLU A 565 11.84 22.48 2.29
C GLU A 565 10.46 23.10 2.13
N VAL A 566 10.36 24.07 1.24
CA VAL A 566 9.08 24.70 0.90
C VAL A 566 8.91 24.66 -0.60
N LYS A 567 7.66 24.74 -1.03
CA LYS A 567 7.32 24.66 -2.45
C LYS A 567 7.12 26.06 -3.05
N GLY A 568 8.14 26.90 -2.91
CA GLY A 568 8.05 28.25 -3.41
C GLY A 568 9.21 29.10 -2.90
N ALA A 569 9.03 30.42 -2.99
CA ALA A 569 10.07 31.37 -2.59
C ALA A 569 9.71 31.99 -1.24
N VAL A 570 10.65 31.95 -0.31
CA VAL A 570 10.44 32.53 1.04
C VAL A 570 10.79 34.01 0.93
N TYR A 571 9.84 34.81 0.44
CA TYR A 571 10.12 36.21 0.20
C TYR A 571 10.40 36.95 1.50
N SER A 572 9.63 36.67 2.55
CA SER A 572 9.75 37.42 3.81
C SER A 572 9.56 36.49 5.00
N MET A 573 10.29 36.77 6.07
CA MET A 573 10.15 36.06 7.33
C MET A 573 10.21 37.06 8.48
N VAL A 574 9.57 36.70 9.59
CA VAL A 574 9.55 37.55 10.77
C VAL A 574 9.20 36.69 11.98
N GLU A 575 9.85 36.97 13.11
CA GLU A 575 9.58 36.24 14.33
C GLU A 575 8.23 36.66 14.90
N PHE A 576 7.45 35.67 15.34
CA PHE A 576 6.09 35.90 15.82
C PHE A 576 5.91 35.16 17.14
N ASN A 577 6.19 35.83 18.24
CA ASN A 577 5.93 35.32 19.59
C ASN A 577 6.48 33.89 19.74
N GLY A 578 7.78 33.76 19.47
CA GLY A 578 8.44 32.49 19.58
C GLY A 578 8.23 31.53 18.43
N LYS A 579 7.41 31.91 17.45
CA LYS A 579 7.17 31.11 16.24
C LYS A 579 7.75 31.85 15.05
N LEU A 580 7.88 31.12 13.93
CA LEU A 580 8.47 31.67 12.71
C LEU A 580 7.39 31.90 11.68
N LEU A 581 7.17 33.17 11.31
CA LEU A 581 6.19 33.55 10.31
C LEU A 581 6.91 33.78 8.99
N ALA A 582 6.54 33.02 7.97
CA ALA A 582 7.18 33.09 6.66
C ALA A 582 6.13 33.13 5.57
N SER A 583 6.44 33.85 4.49
CA SER A 583 5.57 33.96 3.32
C SER A 583 6.23 33.21 2.16
N ILE A 584 5.58 32.15 1.69
CA ILE A 584 6.05 31.35 0.57
C ILE A 584 5.07 31.55 -0.59
N ASN A 585 5.46 32.37 -1.57
CA ASN A 585 4.64 32.68 -2.75
C ASN A 585 3.29 33.21 -2.27
N SER A 586 2.16 32.59 -2.63
CA SER A 586 0.86 33.08 -2.18
C SER A 586 0.64 32.84 -0.69
N THR A 587 1.22 31.77 -0.14
CA THR A 587 0.90 31.36 1.22
C THR A 587 1.66 32.15 2.27
N VAL A 588 0.99 32.44 3.38
CA VAL A 588 1.59 32.98 4.60
C VAL A 588 1.46 31.90 5.67
N ARG A 589 2.59 31.49 6.24
CA ARG A 589 2.66 30.33 7.12
C ARG A 589 3.30 30.67 8.46
N LEU A 590 2.84 29.96 9.50
CA LEU A 590 3.38 30.07 10.84
C LEU A 590 3.96 28.72 11.26
N TYR A 591 5.25 28.70 11.61
CA TYR A 591 5.96 27.50 12.00
C TYR A 591 6.25 27.52 13.49
N GLU A 592 6.07 26.39 14.16
CA GLU A 592 6.53 26.23 15.53
C GLU A 592 7.88 25.50 15.54
N TRP A 593 8.70 25.83 16.54
CA TRP A 593 10.03 25.24 16.71
C TRP A 593 9.93 24.16 17.78
N THR A 594 10.05 22.90 17.36
CA THR A 594 9.82 21.79 18.26
C THR A 594 11.02 21.56 19.18
N THR A 595 10.81 20.72 20.20
CA THR A 595 11.91 20.34 21.06
C THR A 595 12.94 19.49 20.34
N GLU A 596 12.61 18.97 19.15
CA GLU A 596 13.57 18.26 18.32
C GLU A 596 14.32 19.19 17.37
N LYS A 597 14.22 20.50 17.57
CA LYS A 597 14.94 21.48 16.76
C LYS A 597 14.62 21.31 15.28
N GLU A 598 13.33 21.28 14.98
CA GLU A 598 12.83 21.24 13.61
C GLU A 598 11.61 22.15 13.53
N LEU A 599 11.30 22.60 12.32
CA LEU A 599 10.17 23.50 12.11
C LEU A 599 8.91 22.68 11.83
N ARG A 600 7.81 23.04 12.47
CA ARG A 600 6.55 22.34 12.31
C ARG A 600 5.48 23.36 11.95
N THR A 601 4.73 23.09 10.89
CA THR A 601 3.70 24.00 10.44
C THR A 601 2.53 24.01 11.42
N GLU A 602 2.05 25.21 11.77
CA GLU A 602 0.85 25.32 12.58
C GLU A 602 -0.38 25.72 11.77
N CYS A 603 -0.29 26.80 10.99
CA CYS A 603 -1.46 27.29 10.27
C CYS A 603 -1.03 28.05 9.02
N ASN A 604 -1.96 28.16 8.07
CA ASN A 604 -1.71 28.79 6.78
C ASN A 604 -2.82 29.76 6.41
N HIS A 605 -2.47 30.76 5.59
CA HIS A 605 -3.40 31.66 4.94
C HIS A 605 -2.98 31.77 3.48
N TYR A 606 -3.94 31.62 2.56
CA TYR A 606 -3.61 31.48 1.15
C TYR A 606 -4.15 32.56 0.21
N ASN A 607 -4.91 33.55 0.70
CA ASN A 607 -5.56 34.50 -0.20
C ASN A 607 -4.61 35.66 -0.52
N ASN A 608 -3.54 35.35 -1.25
CA ASN A 608 -2.59 36.36 -1.72
C ASN A 608 -2.11 36.01 -3.12
N ILE A 609 -2.02 37.03 -3.98
CA ILE A 609 -1.41 36.83 -5.29
C ILE A 609 0.08 36.55 -5.14
N MET A 610 0.77 37.34 -4.33
CA MET A 610 2.16 37.10 -4.00
C MET A 610 2.48 37.87 -2.72
N ALA A 611 2.82 37.14 -1.66
CA ALA A 611 3.03 37.74 -0.33
C ALA A 611 4.49 38.17 -0.22
N LEU A 612 4.75 39.43 -0.57
CA LEU A 612 6.12 39.92 -0.68
C LEU A 612 6.67 40.48 0.62
N TYR A 613 5.83 41.03 1.49
CA TYR A 613 6.27 41.73 2.70
C TYR A 613 5.45 41.31 3.90
N LEU A 614 6.09 41.31 5.06
CA LEU A 614 5.44 40.91 6.30
C LEU A 614 5.90 41.81 7.44
N LYS A 615 4.95 42.17 8.31
CA LYS A 615 5.21 42.94 9.52
C LYS A 615 4.25 42.48 10.60
N THR A 616 4.70 42.53 11.85
CA THR A 616 3.90 42.04 12.96
C THR A 616 3.87 43.05 14.10
N LYS A 617 2.73 43.13 14.77
CA LYS A 617 2.61 43.87 16.04
C LYS A 617 1.67 43.05 16.93
N GLY A 618 2.21 42.47 17.98
CA GLY A 618 1.38 41.63 18.84
C GLY A 618 0.98 40.38 18.08
N ASP A 619 -0.30 40.05 18.13
CA ASP A 619 -0.84 38.94 17.35
C ASP A 619 -1.38 39.37 15.99
N PHE A 620 -1.07 40.58 15.55
CA PHE A 620 -1.52 41.09 14.26
C PHE A 620 -0.40 41.01 13.23
N ILE A 621 -0.78 40.73 11.97
CA ILE A 621 0.15 40.63 10.87
C ILE A 621 -0.32 41.51 9.72
N LEU A 622 0.61 42.23 9.12
CA LEU A 622 0.36 43.03 7.92
C LEU A 622 1.11 42.43 6.75
N VAL A 623 0.38 42.07 5.69
CA VAL A 623 0.94 41.40 4.52
C VAL A 623 0.90 42.37 3.34
N GLY A 624 1.99 42.44 2.59
CA GLY A 624 2.06 43.28 1.41
C GLY A 624 2.09 42.46 0.13
N ASP A 625 1.06 42.62 -0.70
CA ASP A 625 0.92 41.84 -1.92
C ASP A 625 1.52 42.59 -3.11
N LEU A 626 1.84 41.83 -4.16
CA LEU A 626 2.39 42.44 -5.37
C LEU A 626 1.42 43.42 -6.00
N MET A 627 0.12 43.08 -6.02
CA MET A 627 -0.89 43.92 -6.65
C MET A 627 -2.11 44.19 -5.77
N ARG A 628 -2.30 43.45 -4.67
CA ARG A 628 -3.49 43.57 -3.86
C ARG A 628 -3.31 44.46 -2.63
N SER A 629 -2.26 45.31 -2.63
CA SER A 629 -2.06 46.29 -1.57
C SER A 629 -1.76 45.56 -0.25
N VAL A 630 -2.46 45.89 0.85
CA VAL A 630 -2.09 45.38 2.17
C VAL A 630 -3.28 44.67 2.82
N LEU A 631 -2.98 43.63 3.61
CA LEU A 631 -3.99 42.87 4.33
C LEU A 631 -3.62 42.83 5.80
N LEU A 632 -4.63 42.97 6.67
CA LEU A 632 -4.45 42.91 8.12
C LEU A 632 -4.86 41.52 8.59
N LEU A 633 -3.87 40.67 8.87
CA LEU A 633 -4.10 39.35 9.42
C LEU A 633 -4.06 39.38 10.95
N ALA A 634 -4.66 38.36 11.56
CA ALA A 634 -4.60 38.18 13.00
C ALA A 634 -4.42 36.70 13.31
N TYR A 635 -3.56 36.40 14.28
CA TYR A 635 -3.40 35.04 14.78
C TYR A 635 -4.34 34.86 15.96
N LYS A 636 -5.24 33.87 15.87
CA LYS A 636 -6.18 33.61 16.94
C LYS A 636 -5.70 32.46 17.80
N PRO A 637 -5.11 32.73 18.97
CA PRO A 637 -4.47 31.63 19.72
C PRO A 637 -5.44 30.56 20.20
N MET A 638 -6.69 30.93 20.52
CA MET A 638 -7.64 29.94 21.00
C MET A 638 -7.87 28.87 19.95
N GLU A 639 -7.87 29.24 18.67
CA GLU A 639 -8.16 28.31 17.59
C GLU A 639 -6.92 27.79 16.87
N GLY A 640 -5.79 28.49 16.97
CA GLY A 640 -4.58 28.07 16.29
C GLY A 640 -4.63 28.23 14.78
N ASN A 641 -5.11 29.38 14.32
CA ASN A 641 -5.21 29.66 12.89
C ASN A 641 -5.28 31.16 12.67
N PHE A 642 -5.20 31.56 11.41
CA PHE A 642 -5.27 32.95 11.01
C PHE A 642 -6.72 33.39 10.77
N GLU A 643 -6.94 34.71 10.90
CA GLU A 643 -8.22 35.32 10.57
C GLU A 643 -7.95 36.61 9.83
N GLU A 644 -8.65 36.81 8.70
CA GLU A 644 -8.54 38.05 7.96
C GLU A 644 -9.31 39.14 8.70
N ILE A 645 -8.63 40.24 9.04
CA ILE A 645 -9.27 41.34 9.73
C ILE A 645 -9.79 42.38 8.74
N ALA A 646 -8.95 42.82 7.80
CA ALA A 646 -9.36 43.79 6.81
C ALA A 646 -8.31 43.90 5.73
N ARG A 647 -8.72 44.37 4.56
CA ARG A 647 -7.85 44.48 3.40
C ARG A 647 -8.11 45.78 2.66
N ASP A 648 -7.06 46.32 2.03
CA ASP A 648 -7.19 47.50 1.17
C ASP A 648 -7.54 47.01 -0.24
N PHE A 649 -8.83 47.12 -0.59
CA PHE A 649 -9.29 46.60 -1.87
C PHE A 649 -8.77 47.40 -3.05
N ASN A 650 -8.46 48.67 -2.85
CA ASN A 650 -7.86 49.46 -3.91
C ASN A 650 -6.55 48.83 -4.37
N PRO A 651 -6.30 48.70 -5.67
CA PRO A 651 -5.10 48.00 -6.14
C PRO A 651 -3.84 48.86 -6.08
N ASN A 652 -2.78 48.32 -5.46
CA ASN A 652 -1.49 48.98 -5.43
C ASN A 652 -0.37 47.97 -5.54
N TRP A 653 0.73 48.39 -6.18
CA TRP A 653 1.94 47.58 -6.31
C TRP A 653 2.89 47.96 -5.18
N MET A 654 2.97 47.10 -4.15
CA MET A 654 3.72 47.41 -2.95
C MET A 654 5.22 47.25 -3.16
N SER A 655 5.99 48.11 -2.47
CA SER A 655 7.45 48.01 -2.43
C SER A 655 7.98 47.82 -1.02
N ALA A 656 7.23 48.22 0.00
CA ALA A 656 7.58 48.05 1.40
C ALA A 656 6.38 48.49 2.23
N VAL A 657 6.23 47.89 3.41
CA VAL A 657 5.13 48.20 4.30
C VAL A 657 5.66 48.36 5.72
N GLU A 658 4.82 48.92 6.59
CA GLU A 658 5.17 49.08 7.99
C GLU A 658 3.90 49.33 8.78
N ILE A 659 3.93 48.92 10.04
CA ILE A 659 2.84 49.13 10.98
C ILE A 659 3.17 50.37 11.80
N LEU A 660 2.28 51.36 11.76
CA LEU A 660 2.48 52.58 12.54
C LEU A 660 1.96 52.42 13.97
N ASP A 661 0.74 51.89 14.11
CA ASP A 661 0.16 51.57 15.41
C ASP A 661 -0.91 50.51 15.18
N ASP A 662 -1.66 50.17 16.23
CA ASP A 662 -2.62 49.08 16.13
C ASP A 662 -3.69 49.32 15.09
N ASP A 663 -3.88 50.57 14.65
CA ASP A 663 -4.92 50.91 13.71
C ASP A 663 -4.41 51.48 12.38
N ASN A 664 -3.23 52.09 12.35
CA ASN A 664 -2.72 52.71 11.14
C ASN A 664 -1.60 51.88 10.53
N PHE A 665 -1.62 51.74 9.21
CA PHE A 665 -0.66 50.92 8.49
C PHE A 665 -0.11 51.70 7.31
N LEU A 666 1.20 51.67 7.13
CA LEU A 666 1.89 52.47 6.14
C LEU A 666 2.37 51.59 4.99
N GLY A 667 2.24 52.10 3.77
CA GLY A 667 2.64 51.37 2.59
C GLY A 667 3.32 52.28 1.59
N ALA A 668 4.14 51.66 0.74
CA ALA A 668 4.86 52.36 -0.31
C ALA A 668 4.54 51.70 -1.65
N GLU A 669 4.34 52.52 -2.68
CA GLU A 669 3.95 52.06 -3.98
C GLU A 669 5.14 52.15 -4.94
N ASN A 670 5.09 51.34 -6.01
CA ASN A 670 6.14 51.38 -7.02
C ASN A 670 6.07 52.65 -7.86
N ALA A 671 5.06 53.50 -7.66
CA ALA A 671 4.92 54.76 -8.36
C ALA A 671 5.48 55.93 -7.55
N PHE A 672 6.30 55.65 -6.54
CA PHE A 672 6.88 56.68 -5.68
C PHE A 672 5.81 57.36 -4.82
N ASN A 673 4.81 56.58 -4.38
CA ASN A 673 3.71 57.10 -3.58
C ASN A 673 3.64 56.38 -2.24
N LEU A 674 3.14 57.08 -1.22
CA LEU A 674 2.95 56.53 0.11
C LEU A 674 1.49 56.70 0.53
N PHE A 675 0.95 55.67 1.18
CA PHE A 675 -0.44 55.72 1.66
C PHE A 675 -0.52 55.09 3.04
N VAL A 676 -1.55 55.50 3.79
CA VAL A 676 -1.78 55.04 5.16
C VAL A 676 -3.21 54.50 5.24
N CYS A 677 -3.34 53.21 5.53
CA CYS A 677 -4.64 52.57 5.69
C CYS A 677 -4.96 52.41 7.18
N GLN A 678 -6.25 52.52 7.51
CA GLN A 678 -6.72 52.36 8.87
C GLN A 678 -7.99 51.51 8.88
N LYS A 679 -8.16 50.75 9.96
CA LYS A 679 -9.42 50.04 10.17
C LYS A 679 -10.55 51.07 10.24
N ASP A 680 -11.69 50.73 9.63
CA ASP A 680 -12.75 51.73 9.57
C ASP A 680 -13.41 51.98 10.92
N SER A 681 -13.03 51.23 11.94
CA SER A 681 -13.51 51.45 13.32
C SER A 681 -15.02 51.66 13.37
N ALA A 682 -15.76 51.08 12.43
CA ALA A 682 -17.22 51.18 12.36
C ALA A 682 -17.80 49.77 12.40
N ALA A 683 -18.35 49.38 13.56
CA ALA A 683 -18.90 48.04 13.75
C ALA A 683 -20.35 47.90 13.25
N THR A 684 -20.87 48.88 12.52
CA THR A 684 -22.24 48.76 12.02
C THR A 684 -22.40 47.50 11.18
N THR A 685 -21.54 47.31 10.18
CA THR A 685 -21.50 46.12 9.36
C THR A 685 -20.13 45.47 9.41
N ASP A 686 -20.09 44.13 9.33
CA ASP A 686 -18.81 43.43 9.31
C ASP A 686 -17.96 43.87 8.12
N GLU A 687 -18.60 44.22 7.00
CA GLU A 687 -17.88 44.64 5.81
C GLU A 687 -17.06 45.89 6.09
N GLU A 688 -17.62 46.83 6.86
CA GLU A 688 -16.89 48.06 7.19
C GLU A 688 -15.60 47.74 7.92
N ARG A 689 -15.66 46.79 8.85
CA ARG A 689 -14.45 46.38 9.56
C ARG A 689 -13.45 45.77 8.59
N GLN A 690 -13.94 45.01 7.61
CA GLN A 690 -13.09 44.31 6.66
C GLN A 690 -12.53 45.25 5.59
N HIS A 691 -12.94 46.51 5.58
CA HIS A 691 -12.47 47.47 4.59
C HIS A 691 -11.40 48.33 5.25
N LEU A 692 -10.17 48.23 4.77
CA LEU A 692 -9.12 49.16 5.18
C LEU A 692 -9.27 50.37 4.30
N GLN A 693 -9.62 51.51 4.89
CA GLN A 693 -9.88 52.71 4.11
C GLN A 693 -8.59 53.53 4.02
N GLU A 694 -8.18 53.85 2.80
CA GLU A 694 -7.01 54.68 2.59
C GLU A 694 -7.32 56.10 3.04
N VAL A 695 -6.66 56.53 4.11
CA VAL A 695 -6.89 57.85 4.68
C VAL A 695 -5.74 58.81 4.41
N GLY A 696 -4.57 58.32 4.04
CA GLY A 696 -3.44 59.18 3.73
C GLY A 696 -2.88 58.88 2.36
N LEU A 697 -2.63 59.94 1.58
CA LEU A 697 -2.05 59.80 0.26
C LEU A 697 -0.98 60.87 0.09
N PHE A 698 0.19 60.47 -0.41
CA PHE A 698 1.31 61.39 -0.51
C PHE A 698 2.28 60.88 -1.56
N HIS A 699 2.68 61.76 -2.47
CA HIS A 699 3.67 61.43 -3.49
C HIS A 699 5.05 61.77 -2.93
N LEU A 700 5.82 60.74 -2.55
CA LEU A 700 7.13 60.99 -1.95
C LEU A 700 8.13 61.42 -3.01
N GLY A 701 8.12 60.77 -4.17
CA GLY A 701 9.12 61.02 -5.18
C GLY A 701 10.32 60.11 -5.12
N GLU A 702 10.34 59.16 -4.19
CA GLU A 702 11.43 58.21 -4.02
C GLU A 702 10.87 56.80 -3.92
N PHE A 703 11.72 55.82 -4.20
CA PHE A 703 11.34 54.42 -4.16
C PHE A 703 11.77 53.85 -2.82
N VAL A 704 10.79 53.49 -1.99
CA VAL A 704 11.05 53.03 -0.63
C VAL A 704 11.25 51.52 -0.66
N ASN A 705 12.46 51.07 -0.28
CA ASN A 705 12.75 49.64 -0.21
C ASN A 705 12.55 49.06 1.18
N VAL A 706 12.80 49.84 2.23
CA VAL A 706 12.81 49.32 3.59
C VAL A 706 12.18 50.35 4.52
N PHE A 707 11.24 49.89 5.35
CA PHE A 707 10.73 50.64 6.50
C PHE A 707 11.32 50.05 7.77
N CYS A 708 11.69 50.90 8.71
CA CYS A 708 12.38 50.44 9.91
C CYS A 708 12.05 51.37 11.07
N HIS A 709 11.53 50.81 12.17
CA HIS A 709 11.29 51.59 13.36
C HIS A 709 12.61 51.98 14.03
N GLY A 710 12.69 53.23 14.47
CA GLY A 710 13.88 53.71 15.17
C GLY A 710 14.21 55.15 14.80
N SER A 711 15.09 55.77 15.58
CA SER A 711 15.56 57.12 15.29
C SER A 711 17.03 57.22 15.61
N LEU A 712 17.72 58.11 14.91
CA LEU A 712 19.14 58.35 15.09
C LEU A 712 19.43 59.48 16.07
N VAL A 713 18.38 60.06 16.68
CA VAL A 713 18.56 61.21 17.55
C VAL A 713 19.06 60.77 18.91
N MET A 714 19.84 61.64 19.55
CA MET A 714 20.34 61.40 20.89
C MET A 714 19.21 61.69 21.87
N GLN A 715 18.61 60.64 22.43
CA GLN A 715 17.52 60.79 23.39
C GLN A 715 18.09 60.76 24.81
N THR A 720 13.05 67.71 25.00
CA THR A 720 11.66 68.15 24.96
C THR A 720 10.81 67.17 24.16
N SER A 721 9.68 66.76 24.74
CA SER A 721 8.76 65.84 24.06
C SER A 721 8.17 66.57 22.87
N THR A 722 8.51 66.11 21.68
CA THR A 722 8.09 66.77 20.47
C THR A 722 6.60 66.52 20.19
N PRO A 723 5.95 67.43 19.46
CA PRO A 723 4.55 67.18 19.07
C PRO A 723 4.40 65.90 18.28
N THR A 724 5.43 65.52 17.54
CA THR A 724 5.38 64.30 16.73
C THR A 724 5.59 63.10 17.65
N GLN A 725 4.80 62.06 17.42
CA GLN A 725 4.89 60.83 18.21
C GLN A 725 5.13 59.65 17.28
N GLY A 726 6.14 58.85 17.61
CA GLY A 726 6.55 57.73 16.80
C GLY A 726 7.66 58.10 15.83
N SER A 727 8.39 57.08 15.39
CA SER A 727 9.52 57.30 14.49
C SER A 727 9.70 56.08 13.59
N VAL A 728 9.50 56.28 12.29
CA VAL A 728 9.72 55.25 11.28
C VAL A 728 10.70 55.82 10.25
N LEU A 729 11.80 55.12 10.03
CA LEU A 729 12.77 55.48 9.02
C LEU A 729 12.56 54.65 7.76
N PHE A 730 12.85 55.24 6.60
CA PHE A 730 12.76 54.52 5.34
C PHE A 730 13.95 54.87 4.46
N GLY A 731 14.48 53.84 3.79
CA GLY A 731 15.56 54.00 2.84
C GLY A 731 15.03 53.83 1.42
N THR A 732 15.67 54.49 0.46
CA THR A 732 15.17 54.53 -0.90
C THR A 732 16.27 54.16 -1.88
N VAL A 733 15.88 54.06 -3.16
CA VAL A 733 16.80 53.61 -4.20
C VAL A 733 17.87 54.67 -4.47
N ASN A 734 17.52 55.95 -4.35
CA ASN A 734 18.44 57.04 -4.65
C ASN A 734 19.26 57.46 -3.44
N GLY A 735 19.21 56.70 -2.34
CA GLY A 735 19.96 57.02 -1.14
C GLY A 735 19.22 57.86 -0.14
N MET A 736 18.10 58.48 -0.54
CA MET A 736 17.34 59.32 0.38
C MET A 736 16.86 58.53 1.58
N ILE A 737 17.01 59.10 2.78
CA ILE A 737 16.51 58.53 4.02
C ILE A 737 15.51 59.53 4.61
N GLY A 738 14.35 59.03 5.05
CA GLY A 738 13.31 59.90 5.58
C GLY A 738 12.69 59.29 6.83
N LEU A 739 11.90 60.12 7.52
CA LEU A 739 11.28 59.74 8.79
C LEU A 739 9.79 60.01 8.70
N VAL A 740 8.98 59.05 9.13
CA VAL A 740 7.52 59.18 9.18
C VAL A 740 7.12 59.19 10.64
N THR A 741 6.30 60.18 11.02
CA THR A 741 5.84 60.30 12.40
C THR A 741 4.39 60.77 12.41
N SER A 742 3.72 60.55 13.54
CA SER A 742 2.30 60.85 13.69
C SER A 742 2.09 62.18 14.40
N LEU A 743 0.90 62.76 14.15
CA LEU A 743 0.51 64.03 14.74
C LEU A 743 -0.87 63.91 15.36
N SER A 744 -1.17 64.81 16.28
CA SER A 744 -2.53 64.98 16.77
C SER A 744 -3.33 65.81 15.77
N GLU A 745 -4.67 65.68 15.84
CA GLU A 745 -5.51 66.42 14.91
C GLU A 745 -5.23 67.92 14.99
N SER A 746 -5.06 68.44 16.20
CA SER A 746 -4.78 69.86 16.36
C SER A 746 -3.48 70.26 15.66
N TRP A 747 -2.42 69.46 15.84
CA TRP A 747 -1.13 69.83 15.27
C TRP A 747 -1.14 69.73 13.75
N TYR A 748 -1.80 68.69 13.22
CA TYR A 748 -1.92 68.56 11.77
C TYR A 748 -2.59 69.79 11.16
N ASN A 749 -3.77 70.16 11.66
CA ASN A 749 -4.48 71.30 11.11
C ASN A 749 -3.63 72.56 11.12
N LEU A 750 -2.94 72.81 12.23
CA LEU A 750 -2.08 73.98 12.30
C LEU A 750 -1.01 73.94 11.21
N LEU A 751 -0.32 72.82 11.09
CA LEU A 751 0.76 72.71 10.11
C LEU A 751 0.22 72.71 8.68
N LEU A 752 -0.91 72.04 8.45
CA LEU A 752 -1.51 72.06 7.11
C LEU A 752 -1.89 73.47 6.70
N ASP A 753 -2.57 74.21 7.59
CA ASP A 753 -2.92 75.58 7.27
C ASP A 753 -1.68 76.41 6.96
N MET A 754 -0.58 76.12 7.67
CA MET A 754 0.66 76.84 7.44
C MET A 754 1.24 76.51 6.07
N GLN A 755 1.13 75.25 5.64
CA GLN A 755 1.61 74.89 4.30
C GLN A 755 0.91 75.73 3.24
N ASN A 756 -0.42 75.79 3.28
CA ASN A 756 -1.16 76.57 2.30
C ASN A 756 -0.71 78.02 2.31
N ARG A 757 -0.32 78.53 3.47
CA ARG A 757 0.23 79.88 3.54
C ARG A 757 1.63 79.94 2.96
N LEU A 758 2.47 78.95 3.29
CA LEU A 758 3.83 78.95 2.77
C LEU A 758 3.85 78.80 1.25
N ASN A 759 2.93 78.01 0.69
CA ASN A 759 2.93 77.81 -0.75
C ASN A 759 2.60 79.09 -1.51
N LYS A 760 1.75 79.95 -0.94
CA LYS A 760 1.48 81.23 -1.57
C LYS A 760 2.67 82.17 -1.47
N VAL A 761 3.52 81.98 -0.46
CA VAL A 761 4.63 82.88 -0.21
C VAL A 761 5.89 82.42 -0.93
N ILE A 762 6.19 81.12 -0.90
CA ILE A 762 7.47 80.63 -1.38
C ILE A 762 7.43 80.51 -2.90
N LYS A 763 8.48 80.98 -3.56
CA LYS A 763 8.60 80.92 -5.00
C LYS A 763 9.28 79.61 -5.39
N SER A 764 8.61 78.83 -6.23
CA SER A 764 9.13 77.53 -6.65
C SER A 764 9.94 77.66 -7.93
N VAL A 765 10.99 76.86 -8.03
CA VAL A 765 11.78 76.81 -9.26
C VAL A 765 10.93 76.18 -10.36
N GLY A 766 10.86 76.85 -11.50
CA GLY A 766 9.99 76.41 -12.56
C GLY A 766 8.54 76.74 -12.37
N LYS A 767 8.19 77.43 -11.28
CA LYS A 767 6.81 77.79 -10.97
C LYS A 767 5.93 76.54 -10.93
N ILE A 768 6.41 75.53 -10.21
CA ILE A 768 5.69 74.26 -10.05
C ILE A 768 4.83 74.38 -8.79
N GLU A 769 3.52 74.16 -8.94
CA GLU A 769 2.63 74.18 -7.80
C GLU A 769 2.99 73.05 -6.85
N HIS A 770 3.19 73.40 -5.57
CA HIS A 770 3.53 72.38 -4.57
C HIS A 770 2.41 71.36 -4.45
N SER A 771 1.16 71.81 -4.43
CA SER A 771 0.03 70.89 -4.30
C SER A 771 0.03 69.84 -5.40
N PHE A 772 0.44 70.22 -6.61
CA PHE A 772 0.52 69.26 -7.71
C PHE A 772 1.63 68.26 -7.48
N TRP A 773 2.79 68.73 -7.05
CA TRP A 773 3.94 67.85 -6.86
C TRP A 773 3.63 66.71 -5.90
N ARG A 774 2.99 67.03 -4.77
CA ARG A 774 2.71 66.01 -3.76
C ARG A 774 1.44 65.22 -4.03
N SER A 775 0.74 65.47 -5.13
CA SER A 775 -0.46 64.72 -5.43
C SER A 775 -0.12 63.26 -5.75
N PHE A 776 -0.86 62.34 -5.14
CA PHE A 776 -0.75 60.91 -5.44
C PHE A 776 -0.90 60.71 -6.94
N HIS A 777 0.10 60.08 -7.57
CA HIS A 777 0.12 60.00 -9.02
C HIS A 777 0.56 58.63 -9.50
N THR A 778 -0.33 57.97 -10.24
CA THR A 778 -0.01 56.80 -11.05
C THR A 778 -0.30 57.16 -12.51
N GLU A 779 0.15 56.32 -13.44
CA GLU A 779 -0.16 56.56 -14.84
C GLU A 779 -1.67 56.71 -15.03
N ARG A 780 -2.45 56.05 -14.17
CA ARG A 780 -3.90 55.99 -14.31
C ARG A 780 -4.65 56.97 -13.41
N LYS A 781 -4.07 57.39 -12.29
CA LYS A 781 -4.78 58.20 -11.31
C LYS A 781 -3.94 59.37 -10.85
N THR A 782 -4.63 60.42 -10.40
CA THR A 782 -3.99 61.55 -9.74
C THR A 782 -4.94 62.08 -8.68
N GLU A 783 -4.53 61.98 -7.41
CA GLU A 783 -5.35 62.43 -6.31
C GLU A 783 -4.61 63.49 -5.49
N PRO A 784 -5.33 64.43 -4.87
CA PRO A 784 -4.67 65.41 -4.00
C PRO A 784 -4.16 64.73 -2.74
N ALA A 785 -3.01 65.19 -2.25
CA ALA A 785 -2.44 64.62 -1.04
C ALA A 785 -3.39 64.81 0.13
N THR A 786 -3.34 63.87 1.07
CA THR A 786 -4.19 63.92 2.24
C THR A 786 -3.52 63.19 3.40
N GLY A 787 -3.64 63.73 4.60
CA GLY A 787 -3.13 63.09 5.78
C GLY A 787 -1.64 63.18 5.98
N PHE A 788 -0.94 63.96 5.17
CA PHE A 788 0.52 64.05 5.23
C PHE A 788 0.95 65.50 5.19
N ILE A 789 1.93 65.84 6.03
CA ILE A 789 2.53 67.16 6.07
C ILE A 789 3.94 67.06 5.50
N ASP A 790 4.22 67.84 4.46
CA ASP A 790 5.56 67.89 3.89
C ASP A 790 6.48 68.60 4.86
N GLY A 791 7.22 67.84 5.65
CA GLY A 791 8.06 68.45 6.67
C GLY A 791 9.09 69.39 6.08
N ASP A 792 9.60 69.07 4.89
CA ASP A 792 10.60 69.92 4.26
C ASP A 792 10.02 71.30 3.95
N LEU A 793 8.75 71.37 3.56
CA LEU A 793 8.11 72.66 3.36
C LEU A 793 7.97 73.41 4.67
N ILE A 794 7.51 72.73 5.72
CA ILE A 794 7.37 73.36 7.03
C ILE A 794 8.72 73.83 7.54
N GLU A 795 9.75 73.00 7.37
CA GLU A 795 11.08 73.36 7.85
C GLU A 795 11.69 74.51 7.04
N SER A 796 11.22 74.74 5.82
CA SER A 796 11.73 75.85 5.03
C SER A 796 11.27 77.20 5.56
N PHE A 797 10.25 77.22 6.43
CA PHE A 797 9.82 78.47 7.06
C PHE A 797 10.99 79.20 7.71
N LEU A 798 11.93 78.45 8.29
CA LEU A 798 13.07 79.05 8.95
C LEU A 798 14.06 79.68 7.99
N ASP A 799 13.95 79.43 6.68
CA ASP A 799 14.90 79.96 5.71
C ASP A 799 14.36 81.11 4.87
N ILE A 800 13.09 81.44 4.99
CA ILE A 800 12.49 82.54 4.22
C ILE A 800 12.73 83.84 4.97
N SER A 801 12.76 84.94 4.22
CA SER A 801 13.09 86.24 4.79
C SER A 801 12.02 86.67 5.79
N ARG A 802 12.41 87.59 6.68
CA ARG A 802 11.49 88.06 7.72
C ARG A 802 10.20 88.63 7.15
N PRO A 803 10.21 89.47 6.12
CA PRO A 803 8.93 89.95 5.57
C PRO A 803 8.01 88.80 5.18
N LYS A 804 8.57 87.74 4.62
CA LYS A 804 7.76 86.60 4.22
C LYS A 804 7.24 85.85 5.44
N MET A 805 8.07 85.75 6.49
CA MET A 805 7.63 85.08 7.71
C MET A 805 6.38 85.74 8.28
N GLN A 806 6.40 87.07 8.40
CA GLN A 806 5.27 87.79 8.97
C GLN A 806 4.05 87.71 8.05
N GLU A 807 4.28 87.73 6.74
CA GLU A 807 3.19 87.56 5.78
C GLU A 807 2.53 86.20 5.96
N VAL A 808 3.30 85.18 6.33
CA VAL A 808 2.76 83.83 6.49
C VAL A 808 1.87 83.76 7.72
N VAL A 809 2.31 84.35 8.84
CA VAL A 809 1.60 84.20 10.10
C VAL A 809 0.37 85.10 10.24
N ALA A 810 0.11 85.96 9.26
CA ALA A 810 -1.04 86.85 9.35
C ALA A 810 -2.33 86.05 9.41
N ASN A 811 -3.18 86.37 10.39
CA ASN A 811 -4.48 85.73 10.58
C ASN A 811 -4.37 84.23 10.86
N LEU A 812 -3.46 83.86 11.75
CA LEU A 812 -3.27 82.46 12.12
C LEU A 812 -3.71 82.27 13.58
N GLN A 813 -4.64 81.34 13.79
CA GLN A 813 -5.17 81.03 15.12
C GLN A 813 -4.95 79.57 15.48
N TYR A 814 -4.49 79.31 16.71
CA TYR A 814 -4.35 77.93 17.17
C TYR A 814 -5.73 77.42 17.60
N ASP A 815 -5.87 76.10 17.73
CA ASP A 815 -7.17 75.54 18.09
C ASP A 815 -7.03 74.31 18.99
N ASP A 816 -8.03 74.11 19.85
CA ASP A 816 -8.13 72.93 20.71
C ASP A 816 -6.92 72.79 21.64
N GLY A 817 -6.31 73.90 22.04
CA GLY A 817 -5.14 73.80 22.88
C GLY A 817 -5.07 74.78 24.04
N SER A 818 -4.18 75.77 23.96
CA SER A 818 -4.13 76.79 25.02
C SER A 818 -5.39 77.64 24.98
N GLY A 819 -5.90 77.88 23.78
CA GLY A 819 -7.17 78.57 23.59
C GLY A 819 -7.80 78.07 22.31
N MET A 820 -9.10 78.31 22.19
CA MET A 820 -9.79 77.93 20.97
C MET A 820 -9.26 78.73 19.79
N LYS A 821 -9.11 80.04 19.97
CA LYS A 821 -8.47 80.93 18.99
C LYS A 821 -7.28 81.61 19.64
N ARG A 822 -6.08 81.40 19.08
CA ARG A 822 -4.85 82.00 19.60
C ARG A 822 -4.00 82.53 18.45
N GLU A 823 -3.88 83.87 18.35
CA GLU A 823 -3.05 84.48 17.32
C GLU A 823 -1.58 84.09 17.47
N ALA A 824 -0.94 83.78 16.34
CA ALA A 824 0.45 83.36 16.29
C ALA A 824 1.35 84.45 15.73
N THR A 825 2.59 84.50 16.21
CA THR A 825 3.58 85.45 15.73
C THR A 825 4.68 84.72 14.96
N ALA A 826 5.39 85.46 14.11
CA ALA A 826 6.50 84.87 13.35
C ALA A 826 7.56 84.28 14.28
N ASP A 827 7.74 84.86 15.47
CA ASP A 827 8.73 84.33 16.40
C ASP A 827 8.25 83.04 17.05
N ASP A 828 6.94 82.92 17.33
CA ASP A 828 6.41 81.70 17.91
C ASP A 828 6.61 80.51 16.98
N LEU A 829 6.32 80.69 15.69
CA LEU A 829 6.48 79.60 14.73
C LEU A 829 7.95 79.24 14.55
N ILE A 830 8.84 80.24 14.58
CA ILE A 830 10.27 79.95 14.52
C ILE A 830 10.63 78.90 15.56
N LYS A 831 10.04 79.02 16.76
CA LYS A 831 10.27 78.03 17.80
C LYS A 831 9.64 76.68 17.48
N VAL A 832 8.41 76.68 16.96
CA VAL A 832 7.72 75.41 16.69
C VAL A 832 8.48 74.62 15.63
N VAL A 833 8.85 75.28 14.52
CA VAL A 833 9.56 74.57 13.46
C VAL A 833 10.91 74.09 13.96
N GLU A 834 11.60 74.91 14.75
CA GLU A 834 12.90 74.50 15.27
C GLU A 834 12.79 73.25 16.13
N GLU A 835 11.70 73.11 16.89
CA GLU A 835 11.48 71.87 17.62
C GLU A 835 11.24 70.71 16.66
N LEU A 836 10.55 70.97 15.54
CA LEU A 836 10.31 69.91 14.56
C LEU A 836 11.59 69.48 13.88
N THR A 837 12.56 70.39 13.74
CA THR A 837 13.83 70.03 13.13
C THR A 837 14.68 69.13 14.03
N ARG A 838 14.27 68.92 15.27
CA ARG A 838 15.04 68.12 16.22
C ARG A 838 14.65 66.66 16.19
N ILE A 839 13.65 66.28 15.38
CA ILE A 839 13.28 64.87 15.30
C ILE A 839 14.21 64.10 14.38
N HIS A 840 14.98 64.80 13.54
CA HIS A 840 15.86 64.15 12.59
C HIS A 840 17.29 64.66 12.75
N THR B 7 -30.86 16.42 -7.34
CA THR B 7 -30.17 16.57 -8.62
C THR B 7 -29.36 17.86 -8.67
N GLU B 8 -28.61 18.03 -9.76
CA GLU B 8 -27.77 19.22 -9.93
C GLU B 8 -28.61 20.49 -10.01
N SER B 9 -29.91 20.37 -10.28
CA SER B 9 -30.75 21.53 -10.54
C SER B 9 -31.45 22.05 -9.29
N ASP B 10 -31.45 21.30 -8.19
CA ASP B 10 -32.17 21.68 -6.97
C ASP B 10 -31.30 22.67 -6.19
N TRP B 11 -31.32 23.93 -6.64
CA TRP B 11 -30.53 24.97 -6.01
C TRP B 11 -31.22 25.48 -4.75
N GLY B 12 -30.44 26.12 -3.89
CA GLY B 12 -30.93 26.74 -2.68
C GLY B 12 -30.98 25.85 -1.45
N LYS B 13 -30.70 24.55 -1.60
CA LYS B 13 -30.74 23.61 -0.48
C LYS B 13 -29.36 23.24 0.05
N ARG B 14 -28.39 23.03 -0.83
CA ARG B 14 -27.06 22.64 -0.37
C ARG B 14 -26.50 23.74 0.51
N CYS B 15 -25.74 23.34 1.52
CA CYS B 15 -25.24 24.28 2.51
C CYS B 15 -23.86 24.79 2.14
N VAL B 16 -23.54 25.98 2.63
CA VAL B 16 -22.21 26.58 2.42
C VAL B 16 -21.14 25.86 3.21
N ASP B 17 -21.52 24.90 4.06
CA ASP B 17 -20.52 24.09 4.76
C ASP B 17 -19.60 23.38 3.79
N LYS B 18 -20.07 23.12 2.57
CA LYS B 18 -19.32 22.34 1.61
C LYS B 18 -18.13 23.09 1.03
N PHE B 19 -17.97 24.38 1.34
CA PHE B 19 -16.88 25.18 0.83
C PHE B 19 -15.99 25.64 1.98
N ASP B 20 -14.68 25.54 1.79
CA ASP B 20 -13.72 26.09 2.74
C ASP B 20 -13.40 27.51 2.30
N ILE B 21 -13.74 28.49 3.14
CA ILE B 21 -13.60 29.88 2.78
C ILE B 21 -12.12 30.27 2.86
N ILE B 22 -11.57 30.76 1.76
CA ILE B 22 -10.18 31.17 1.72
C ILE B 22 -9.99 32.62 2.12
N GLY B 23 -10.87 33.51 1.65
CA GLY B 23 -10.73 34.92 1.95
C GLY B 23 -11.69 35.73 1.12
N ILE B 24 -11.66 37.04 1.34
CA ILE B 24 -12.54 37.97 0.66
C ILE B 24 -11.78 38.59 -0.51
N ILE B 25 -12.19 38.24 -1.73
CA ILE B 25 -11.55 38.79 -2.93
C ILE B 25 -11.94 40.26 -3.11
N GLY B 26 -13.20 40.60 -2.85
CA GLY B 26 -13.64 41.96 -3.08
C GLY B 26 -14.97 42.22 -2.39
N GLU B 27 -15.38 43.49 -2.42
CA GLU B 27 -16.66 43.89 -1.86
C GLU B 27 -17.68 44.04 -2.98
N GLY B 28 -18.82 43.37 -2.81
CA GLY B 28 -19.87 43.37 -3.82
C GLY B 28 -21.03 44.24 -3.40
N THR B 29 -21.83 44.68 -4.37
CA THR B 29 -22.91 45.62 -4.07
C THR B 29 -23.98 44.97 -3.21
N TYR B 30 -24.41 43.75 -3.52
CA TYR B 30 -25.40 43.11 -2.66
C TYR B 30 -24.77 42.32 -1.53
N GLY B 31 -23.46 42.12 -1.57
CA GLY B 31 -22.71 41.51 -0.48
C GLY B 31 -21.27 41.35 -0.91
N GLN B 32 -20.43 40.99 0.06
CA GLN B 32 -19.02 40.81 -0.25
C GLN B 32 -18.79 39.48 -0.95
N VAL B 33 -17.78 39.47 -1.82
CA VAL B 33 -17.43 38.29 -2.60
C VAL B 33 -16.26 37.62 -1.92
N TYR B 34 -16.38 36.32 -1.67
CA TYR B 34 -15.37 35.55 -0.96
C TYR B 34 -14.84 34.48 -1.91
N LYS B 35 -13.54 34.19 -1.80
CA LYS B 35 -12.92 33.08 -2.51
C LYS B 35 -13.02 31.85 -1.63
N ALA B 36 -13.14 30.68 -2.26
CA ALA B 36 -13.36 29.45 -1.50
C ALA B 36 -12.96 28.26 -2.35
N LYS B 37 -12.90 27.10 -1.69
CA LYS B 37 -12.53 25.83 -2.31
C LYS B 37 -13.61 24.82 -1.96
N ASP B 38 -14.07 24.08 -2.96
CA ASP B 38 -15.06 23.04 -2.73
C ASP B 38 -14.41 21.88 -1.98
N LYS B 39 -15.06 21.45 -0.89
CA LYS B 39 -14.48 20.36 -0.09
C LYS B 39 -14.52 19.03 -0.83
N ASP B 40 -15.49 18.83 -1.73
CA ASP B 40 -15.67 17.54 -2.38
C ASP B 40 -14.79 17.40 -3.62
N THR B 41 -14.73 18.44 -4.45
CA THR B 41 -14.01 18.38 -5.72
C THR B 41 -12.67 19.10 -5.68
N GLY B 42 -12.52 20.10 -4.82
CA GLY B 42 -11.31 20.89 -4.77
C GLY B 42 -11.34 22.09 -5.69
N GLU B 43 -12.39 22.27 -6.47
CA GLU B 43 -12.48 23.39 -7.38
C GLU B 43 -12.55 24.70 -6.60
N LEU B 44 -11.84 25.70 -7.09
CA LEU B 44 -11.91 27.04 -6.51
C LEU B 44 -13.13 27.76 -7.07
N VAL B 45 -13.90 28.39 -6.18
CA VAL B 45 -15.14 29.06 -6.55
C VAL B 45 -15.16 30.42 -5.86
N ALA B 46 -16.09 31.27 -6.30
CA ALA B 46 -16.30 32.59 -5.71
C ALA B 46 -17.74 32.68 -5.23
N LEU B 47 -17.92 33.03 -3.96
CA LEU B 47 -19.23 33.07 -3.31
C LEU B 47 -19.63 34.51 -3.06
N LYS B 48 -20.74 34.93 -3.66
CA LYS B 48 -21.31 36.26 -3.47
C LYS B 48 -22.42 36.21 -2.45
N LYS B 49 -22.25 36.92 -1.32
CA LYS B 49 -23.24 36.86 -0.25
C LYS B 49 -24.46 37.71 -0.61
N VAL B 50 -25.64 37.11 -0.52
CA VAL B 50 -26.90 37.81 -0.74
C VAL B 50 -27.61 37.85 0.60
N ARG B 51 -27.72 39.05 1.18
CA ARG B 51 -28.33 39.23 2.48
C ARG B 51 -29.74 39.78 2.29
N LEU B 52 -30.74 38.98 2.63
CA LEU B 52 -32.13 39.42 2.64
C LEU B 52 -32.61 39.85 4.02
N ASP B 53 -31.72 39.84 5.02
CA ASP B 53 -32.13 40.22 6.38
C ASP B 53 -32.59 41.67 6.46
N ASN B 54 -32.17 42.52 5.53
CA ASN B 54 -32.58 43.92 5.55
C ASN B 54 -34.10 44.04 5.58
N GLU B 55 -34.79 43.19 4.83
CA GLU B 55 -36.25 43.15 4.77
C GLU B 55 -36.85 44.49 4.36
N LYS B 56 -36.05 45.38 3.77
CA LYS B 56 -36.62 46.58 3.17
C LYS B 56 -37.42 46.21 1.92
N GLU B 57 -36.79 45.48 0.99
CA GLU B 57 -37.48 44.94 -0.17
C GLU B 57 -37.10 43.47 -0.41
N GLY B 58 -36.67 42.78 0.63
CA GLY B 58 -36.40 41.35 0.51
C GLY B 58 -35.17 41.05 -0.33
N PHE B 59 -35.26 39.99 -1.11
CA PHE B 59 -34.14 39.56 -1.93
C PHE B 59 -33.76 40.67 -2.90
N PRO B 60 -32.48 41.07 -2.97
CA PRO B 60 -32.13 42.19 -3.85
C PRO B 60 -32.41 41.88 -5.31
N ILE B 61 -32.96 42.87 -6.02
CA ILE B 61 -33.25 42.67 -7.43
C ILE B 61 -31.95 42.52 -8.23
N THR B 62 -30.91 43.25 -7.85
CA THR B 62 -29.63 43.13 -8.53
C THR B 62 -29.19 41.67 -8.59
N ALA B 63 -29.38 40.93 -7.50
CA ALA B 63 -29.07 39.51 -7.50
C ALA B 63 -30.10 38.72 -8.32
N ILE B 64 -31.37 39.12 -8.25
CA ILE B 64 -32.40 38.44 -9.03
C ILE B 64 -32.05 38.51 -10.51
N ARG B 65 -31.62 39.69 -10.97
CA ARG B 65 -31.27 39.88 -12.37
C ARG B 65 -30.13 38.94 -12.76
N GLU B 66 -29.12 38.81 -11.90
CA GLU B 66 -27.98 37.98 -12.22
C GLU B 66 -28.34 36.50 -12.23
N ILE B 67 -29.22 36.07 -11.32
CA ILE B 67 -29.66 34.68 -11.31
C ILE B 67 -30.49 34.39 -12.54
N LYS B 68 -31.43 35.28 -12.87
CA LYS B 68 -32.30 35.09 -14.03
C LYS B 68 -31.51 35.07 -15.33
N ILE B 69 -30.59 36.03 -15.50
CA ILE B 69 -29.94 36.19 -16.80
C ILE B 69 -28.81 35.17 -16.98
N LEU B 70 -27.99 34.94 -15.95
CA LEU B 70 -26.81 34.10 -16.14
C LEU B 70 -27.13 32.60 -16.20
N ARG B 71 -28.29 32.18 -15.69
CA ARG B 71 -28.71 30.80 -15.91
C ARG B 71 -29.23 30.56 -17.33
N GLN B 72 -29.60 31.62 -18.04
CA GLN B 72 -30.00 31.53 -19.44
C GLN B 72 -28.80 31.60 -20.37
N LEU B 73 -27.80 32.40 -20.02
CA LEU B 73 -26.65 32.68 -20.87
C LEU B 73 -25.57 31.62 -20.66
N ILE B 74 -25.12 31.02 -21.75
CA ILE B 74 -24.08 29.99 -21.72
C ILE B 74 -23.08 30.32 -22.82
N HIS B 75 -21.98 30.96 -22.47
CA HIS B 75 -20.92 31.30 -23.41
C HIS B 75 -19.58 31.28 -22.69
N ARG B 76 -18.53 30.94 -23.45
CA ARG B 76 -17.19 30.86 -22.87
C ARG B 76 -16.75 32.20 -22.30
N SER B 77 -17.19 33.30 -22.90
CA SER B 77 -16.83 34.63 -22.48
C SER B 77 -17.84 35.23 -21.51
N VAL B 78 -18.71 34.41 -20.94
CA VAL B 78 -19.68 34.85 -19.94
C VAL B 78 -19.43 34.05 -18.66
N VAL B 79 -19.50 34.73 -17.51
CA VAL B 79 -19.26 34.05 -16.24
C VAL B 79 -20.39 33.08 -15.95
N ASN B 80 -20.06 31.92 -15.38
CA ASN B 80 -21.01 30.85 -15.16
C ASN B 80 -21.33 30.74 -13.66
N MET B 81 -22.62 30.83 -13.33
CA MET B 81 -23.09 30.59 -11.98
C MET B 81 -23.29 29.09 -11.78
N LYS B 82 -22.46 28.48 -10.92
CA LYS B 82 -22.53 27.03 -10.75
C LYS B 82 -23.75 26.61 -9.93
N GLU B 83 -23.99 27.26 -8.80
CA GLU B 83 -25.12 26.89 -7.95
C GLU B 83 -25.34 28.00 -6.92
N ILE B 84 -26.39 27.84 -6.11
CA ILE B 84 -26.72 28.74 -5.03
C ILE B 84 -26.84 27.92 -3.76
N VAL B 85 -26.12 28.33 -2.71
CA VAL B 85 -26.07 27.61 -1.45
C VAL B 85 -26.45 28.56 -0.32
N THR B 86 -26.74 27.98 0.84
CA THR B 86 -27.32 28.72 1.95
C THR B 86 -26.57 28.47 3.26
N ASP B 87 -26.72 29.42 4.18
CA ASP B 87 -26.29 29.27 5.55
C ASP B 87 -27.13 28.22 6.26
N LYS B 88 -26.57 27.64 7.31
CA LYS B 88 -27.28 26.60 8.08
C LYS B 88 -28.64 27.13 8.53
N ASP B 93 -38.30 26.72 12.04
CA ASP B 93 -38.77 28.09 12.32
C ASP B 93 -38.36 28.98 11.15
N PHE B 94 -39.09 28.86 10.02
CA PHE B 94 -38.72 29.63 8.84
C PHE B 94 -38.78 31.14 9.08
N LYS B 95 -39.72 31.61 9.91
CA LYS B 95 -39.81 33.04 10.19
C LYS B 95 -38.56 33.57 10.85
N LYS B 96 -38.01 32.85 11.83
CA LYS B 96 -36.80 33.33 12.48
C LYS B 96 -35.59 33.29 11.56
N ASP B 97 -35.55 32.38 10.58
CA ASP B 97 -34.37 32.25 9.75
C ASP B 97 -34.07 33.58 9.08
N LYS B 98 -32.84 34.07 9.30
CA LYS B 98 -32.38 35.29 8.65
C LYS B 98 -31.05 35.07 7.94
N GLY B 99 -30.64 33.83 7.74
CA GLY B 99 -29.38 33.54 7.10
C GLY B 99 -29.37 34.02 5.66
N ALA B 100 -28.17 34.07 5.10
CA ALA B 100 -27.95 34.60 3.76
C ALA B 100 -27.78 33.48 2.75
N PHE B 101 -27.87 33.86 1.48
CA PHE B 101 -27.62 32.97 0.35
C PHE B 101 -26.30 33.34 -0.30
N TYR B 102 -25.69 32.38 -0.99
CA TYR B 102 -24.43 32.59 -1.68
C TYR B 102 -24.55 32.13 -3.12
N LEU B 103 -24.12 32.97 -4.05
CA LEU B 103 -24.12 32.64 -5.48
C LEU B 103 -22.73 32.12 -5.84
N VAL B 104 -22.65 30.84 -6.20
CA VAL B 104 -21.37 30.21 -6.51
C VAL B 104 -21.02 30.48 -7.97
N PHE B 105 -19.77 30.89 -8.21
CA PHE B 105 -19.27 31.17 -9.55
C PHE B 105 -17.89 30.56 -9.69
N GLU B 106 -17.44 30.42 -10.94
CA GLU B 106 -16.07 30.01 -11.17
C GLU B 106 -15.12 31.09 -10.66
N TYR B 107 -14.02 30.67 -10.02
CA TYR B 107 -13.03 31.63 -9.57
C TYR B 107 -12.19 32.09 -10.76
N MET B 108 -11.97 33.39 -10.86
CA MET B 108 -11.13 33.98 -11.88
C MET B 108 -9.84 34.47 -11.22
N ASP B 109 -8.72 34.26 -11.91
CA ASP B 109 -7.43 34.53 -11.28
C ASP B 109 -7.22 36.03 -11.06
N HIS B 110 -7.56 36.85 -12.06
CA HIS B 110 -7.31 38.28 -11.99
C HIS B 110 -8.45 39.04 -12.65
N ASP B 111 -8.55 40.33 -12.32
CA ASP B 111 -9.48 41.25 -12.95
C ASP B 111 -8.70 42.30 -13.73
N LEU B 112 -9.31 42.79 -14.82
CA LEU B 112 -8.60 43.69 -15.71
C LEU B 112 -8.18 44.98 -15.01
N MET B 113 -9.05 45.55 -14.18
CA MET B 113 -8.67 46.78 -13.49
C MET B 113 -7.47 46.53 -12.59
N GLY B 114 -7.48 45.40 -11.87
CA GLY B 114 -6.36 45.06 -11.01
C GLY B 114 -5.06 44.91 -11.79
N LEU B 115 -5.12 44.20 -12.92
CA LEU B 115 -3.91 44.01 -13.72
C LEU B 115 -3.36 45.35 -14.19
N LEU B 116 -4.25 46.27 -14.58
CA LEU B 116 -3.80 47.56 -15.09
C LEU B 116 -3.42 48.52 -13.96
N GLU B 117 -4.23 48.59 -12.91
CA GLU B 117 -3.95 49.52 -11.82
C GLU B 117 -2.61 49.22 -11.16
N SER B 118 -2.31 47.93 -10.95
CA SER B 118 -1.00 47.56 -10.44
C SER B 118 0.10 47.89 -11.43
N GLY B 119 -0.22 48.01 -12.71
CA GLY B 119 0.76 48.30 -13.74
C GLY B 119 1.66 47.16 -14.12
N LEU B 120 1.42 45.97 -13.59
CA LEU B 120 2.32 44.84 -13.81
C LEU B 120 2.21 44.25 -15.20
N VAL B 121 1.09 44.42 -15.89
CA VAL B 121 0.83 43.69 -17.12
C VAL B 121 1.19 44.56 -18.32
N HIS B 122 1.70 43.90 -19.35
CA HIS B 122 2.01 44.55 -20.62
C HIS B 122 1.26 43.80 -21.73
N PHE B 123 0.52 44.54 -22.54
CA PHE B 123 -0.33 43.97 -23.58
C PHE B 123 0.28 44.19 -24.95
N SER B 124 0.47 43.10 -25.69
CA SER B 124 0.91 43.14 -27.07
C SER B 124 -0.30 43.23 -27.99
N GLU B 125 -0.07 43.57 -29.26
CA GLU B 125 -1.18 43.66 -30.20
C GLU B 125 -1.97 42.36 -30.22
N ASP B 126 -1.28 41.23 -30.44
CA ASP B 126 -1.95 39.94 -30.48
C ASP B 126 -2.70 39.66 -29.18
N HIS B 127 -2.12 40.05 -28.05
CA HIS B 127 -2.83 39.87 -26.77
C HIS B 127 -4.13 40.66 -26.78
N ILE B 128 -4.09 41.89 -27.30
CA ILE B 128 -5.30 42.72 -27.34
C ILE B 128 -6.32 42.12 -28.30
N LYS B 129 -5.85 41.51 -29.39
CA LYS B 129 -6.76 40.90 -30.35
C LYS B 129 -7.57 39.79 -29.69
N SER B 130 -6.91 38.89 -28.97
CA SER B 130 -7.61 37.80 -28.32
C SER B 130 -8.55 38.32 -27.25
N PHE B 131 -8.10 39.30 -26.46
CA PHE B 131 -8.95 39.89 -25.43
C PHE B 131 -10.24 40.45 -26.03
N MET B 132 -10.11 41.33 -27.02
CA MET B 132 -11.28 41.99 -27.57
C MET B 132 -12.22 40.99 -28.26
N LYS B 133 -11.66 40.01 -28.97
CA LYS B 133 -12.51 39.05 -29.67
C LYS B 133 -13.37 38.27 -28.70
N GLN B 134 -12.79 37.83 -27.57
CA GLN B 134 -13.58 37.12 -26.56
C GLN B 134 -14.64 38.02 -25.96
N LEU B 135 -14.27 39.25 -25.60
CA LEU B 135 -15.24 40.18 -25.03
C LEU B 135 -16.37 40.47 -25.99
N MET B 136 -16.04 40.74 -27.26
CA MET B 136 -17.06 41.04 -28.24
C MET B 136 -17.94 39.83 -28.52
N GLU B 137 -17.34 38.63 -28.56
CA GLU B 137 -18.14 37.43 -28.76
C GLU B 137 -19.15 37.23 -27.64
N GLY B 138 -18.72 37.46 -26.40
CA GLY B 138 -19.65 37.37 -25.29
C GLY B 138 -20.74 38.43 -25.37
N LEU B 139 -20.36 39.65 -25.73
CA LEU B 139 -21.35 40.72 -25.84
C LEU B 139 -22.33 40.40 -26.96
N GLU B 140 -21.81 39.91 -28.10
CA GLU B 140 -22.67 39.51 -29.20
C GLU B 140 -23.65 38.43 -28.78
N TYR B 141 -23.17 37.43 -28.05
CA TYR B 141 -24.07 36.40 -27.54
C TYR B 141 -25.18 37.01 -26.71
N CYS B 142 -24.81 37.87 -25.75
CA CYS B 142 -25.80 38.51 -24.91
C CYS B 142 -26.72 39.41 -25.72
N HIS B 143 -26.15 40.20 -26.64
CA HIS B 143 -26.97 41.11 -27.43
C HIS B 143 -27.89 40.32 -28.36
N LYS B 144 -27.41 39.21 -28.93
CA LYS B 144 -28.28 38.36 -29.73
C LYS B 144 -29.45 37.85 -28.90
N LYS B 145 -29.20 37.57 -27.62
CA LYS B 145 -30.22 37.15 -26.68
C LYS B 145 -31.03 38.31 -26.14
N ASN B 146 -30.81 39.52 -26.66
CA ASN B 146 -31.56 40.72 -26.28
C ASN B 146 -31.40 41.04 -24.79
N PHE B 147 -30.17 40.94 -24.29
CA PHE B 147 -29.85 41.32 -22.92
C PHE B 147 -28.75 42.37 -22.96
N LEU B 148 -28.90 43.42 -22.16
CA LEU B 148 -27.93 44.51 -22.09
C LEU B 148 -27.21 44.46 -20.74
N HIS B 149 -25.88 44.53 -20.77
CA HIS B 149 -25.12 44.49 -19.53
C HIS B 149 -25.34 45.75 -18.70
N ARG B 150 -25.10 46.92 -19.31
CA ARG B 150 -25.33 48.26 -18.79
C ARG B 150 -24.25 48.71 -17.80
N ASP B 151 -23.23 47.91 -17.52
CA ASP B 151 -22.15 48.37 -16.65
C ASP B 151 -20.81 47.73 -17.04
N ILE B 152 -20.37 47.94 -18.27
CA ILE B 152 -19.09 47.37 -18.71
C ILE B 152 -17.98 48.23 -18.11
N LYS B 153 -17.08 47.60 -17.36
CA LYS B 153 -15.98 48.29 -16.72
C LYS B 153 -14.77 47.36 -16.65
N CYS B 154 -13.60 47.95 -16.42
CA CYS B 154 -12.39 47.13 -16.27
C CYS B 154 -12.52 46.18 -15.09
N SER B 155 -13.19 46.64 -14.02
CA SER B 155 -13.37 45.80 -12.84
C SER B 155 -14.21 44.57 -13.13
N ASN B 156 -15.17 44.68 -14.07
CA ASN B 156 -16.08 43.58 -14.36
C ASN B 156 -15.57 42.61 -15.42
N ILE B 157 -14.51 42.97 -16.13
CA ILE B 157 -13.85 42.02 -17.04
C ILE B 157 -12.89 41.16 -16.23
N LEU B 158 -13.08 39.84 -16.28
CA LEU B 158 -12.28 38.90 -15.50
C LEU B 158 -11.48 38.00 -16.42
N LEU B 159 -10.21 37.79 -16.10
CA LEU B 159 -9.28 37.06 -16.95
C LEU B 159 -8.57 36.00 -16.14
N ASN B 160 -8.50 34.79 -16.69
CA ASN B 160 -7.69 33.74 -16.10
C ASN B 160 -6.27 33.82 -16.64
N ASN B 161 -5.36 33.15 -15.94
CA ASN B 161 -3.96 33.16 -16.38
C ASN B 161 -3.83 32.50 -17.74
N SER B 162 -4.74 31.59 -18.07
CA SER B 162 -4.73 30.92 -19.37
C SER B 162 -5.00 31.88 -20.51
N GLY B 163 -5.52 33.08 -20.23
CA GLY B 163 -5.86 34.02 -21.26
C GLY B 163 -7.33 34.08 -21.61
N GLN B 164 -8.16 33.29 -20.94
CA GLN B 164 -9.60 33.33 -21.16
C GLN B 164 -10.20 34.53 -20.45
N ILE B 165 -11.14 35.19 -21.12
CA ILE B 165 -11.83 36.37 -20.60
C ILE B 165 -13.32 36.05 -20.48
N LYS B 166 -13.90 36.37 -19.34
CA LYS B 166 -15.33 36.20 -19.10
C LYS B 166 -15.89 37.50 -18.56
N LEU B 167 -17.11 37.85 -19.00
CA LEU B 167 -17.81 39.01 -18.47
C LEU B 167 -18.58 38.65 -17.21
N ALA B 168 -18.77 39.65 -16.34
CA ALA B 168 -19.37 39.42 -15.04
C ALA B 168 -20.09 40.68 -14.56
N ASP B 169 -20.68 40.59 -13.37
CA ASP B 169 -21.49 41.65 -12.77
C ASP B 169 -22.60 42.11 -13.74
N PHE B 170 -23.59 41.23 -13.87
CA PHE B 170 -24.79 41.51 -14.66
C PHE B 170 -25.92 42.04 -13.80
N GLY B 171 -25.59 42.66 -12.67
CA GLY B 171 -26.61 43.13 -11.74
C GLY B 171 -27.47 44.24 -12.29
N LEU B 172 -26.93 45.03 -13.21
CA LEU B 172 -27.68 46.12 -13.82
C LEU B 172 -28.24 45.74 -15.19
N ALA B 173 -28.17 44.47 -15.56
CA ALA B 173 -28.59 44.02 -16.88
C ALA B 173 -30.10 43.88 -17.00
N ARG B 174 -30.62 44.19 -18.19
CA ARG B 174 -32.06 44.13 -18.49
C ARG B 174 -32.27 43.83 -19.96
N LEU B 175 -33.45 43.28 -20.27
CA LEU B 175 -33.84 42.98 -21.64
C LEU B 175 -34.11 44.25 -22.45
N TYR B 176 -33.81 44.18 -23.75
CA TYR B 176 -34.00 45.30 -24.66
C TYR B 176 -35.07 44.91 -25.68
N ASN B 177 -36.03 45.81 -25.92
CA ASN B 177 -37.07 45.58 -26.90
C ASN B 177 -36.92 46.61 -28.01
N SER B 178 -36.66 46.11 -29.22
CA SER B 178 -36.53 47.01 -30.37
C SER B 178 -37.87 47.59 -30.78
N GLU B 179 -38.91 46.76 -30.82
CA GLU B 179 -40.23 47.23 -31.24
C GLU B 179 -40.83 48.21 -30.23
N GLU B 180 -40.74 47.88 -28.94
CA GLU B 180 -41.37 48.68 -27.89
C GLU B 180 -40.31 49.21 -26.94
N SER B 181 -39.68 50.32 -27.32
CA SER B 181 -38.78 51.00 -26.40
C SER B 181 -39.58 51.46 -25.19
N ARG B 182 -39.05 51.23 -24.00
CA ARG B 182 -39.71 51.47 -22.73
C ARG B 182 -38.81 52.26 -21.80
N PRO B 183 -39.39 53.01 -20.85
CA PRO B 183 -38.56 53.87 -20.00
C PRO B 183 -37.56 53.04 -19.19
N TYR B 184 -36.30 53.48 -19.22
CA TYR B 184 -35.24 52.80 -18.48
C TYR B 184 -34.58 53.80 -17.53
N ASN B 186 -31.78 56.40 -16.29
CA ASN B 186 -31.13 57.39 -17.14
C ASN B 186 -29.61 57.26 -17.23
N LYS B 187 -28.95 56.95 -16.11
CA LYS B 187 -27.49 56.78 -16.07
C LYS B 187 -27.15 55.50 -15.33
N VAL B 188 -26.71 54.48 -16.06
CA VAL B 188 -26.41 53.17 -15.47
C VAL B 188 -24.92 52.87 -15.49
N ILE B 189 -24.21 53.24 -16.56
CA ILE B 189 -22.80 52.88 -16.69
C ILE B 189 -21.94 53.87 -15.89
N THR B 190 -20.75 53.40 -15.48
CA THR B 190 -19.81 54.27 -14.79
C THR B 190 -19.38 55.40 -15.71
N LEU B 191 -19.12 56.57 -15.13
CA LEU B 191 -18.88 57.75 -15.95
C LEU B 191 -17.73 57.54 -16.93
N TRP B 192 -16.63 56.94 -16.47
CA TRP B 192 -15.48 56.79 -17.33
C TRP B 192 -15.80 55.98 -18.58
N TYR B 193 -16.77 55.07 -18.49
CA TYR B 193 -17.16 54.22 -19.60
C TYR B 193 -18.60 54.46 -20.03
N ARG B 194 -19.15 55.64 -19.74
CA ARG B 194 -20.55 55.93 -20.06
C ARG B 194 -20.66 56.56 -21.44
N PRO B 195 -21.63 56.14 -22.26
CA PRO B 195 -21.75 56.70 -23.60
C PRO B 195 -22.29 58.11 -23.57
N PRO B 196 -22.08 58.89 -24.63
CA PRO B 196 -22.57 60.28 -24.62
C PRO B 196 -24.08 60.35 -24.55
N GLU B 197 -24.77 59.35 -25.11
CA GLU B 197 -26.23 59.36 -25.10
C GLU B 197 -26.79 59.34 -23.68
N LEU B 198 -26.18 58.54 -22.80
CA LEU B 198 -26.63 58.52 -21.41
C LEU B 198 -26.30 59.81 -20.68
N LEU B 199 -25.18 60.44 -21.03
CA LEU B 199 -24.84 61.73 -20.44
C LEU B 199 -25.90 62.76 -20.77
N LEU B 200 -26.47 62.67 -21.97
CA LEU B 200 -27.55 63.55 -22.38
C LEU B 200 -28.92 63.00 -22.04
N GLY B 201 -29.00 61.86 -21.35
CA GLY B 201 -30.27 61.42 -20.83
C GLY B 201 -31.20 60.76 -21.85
N GLU B 202 -30.66 59.91 -22.72
CA GLU B 202 -31.52 59.23 -23.69
C GLU B 202 -32.60 58.41 -23.00
N GLU B 203 -32.27 57.74 -21.90
CA GLU B 203 -33.21 56.94 -21.13
C GLU B 203 -33.76 55.74 -21.90
N ARG B 204 -34.03 55.89 -23.19
CA ARG B 204 -34.35 54.75 -24.05
C ARG B 204 -33.08 54.34 -24.79
N TYR B 205 -32.19 53.70 -24.04
CA TYR B 205 -30.90 53.38 -24.59
C TYR B 205 -30.97 52.07 -25.38
N THR B 206 -30.06 51.92 -26.32
CA THR B 206 -29.95 50.76 -27.20
C THR B 206 -28.75 49.93 -26.77
N PRO B 207 -28.60 48.73 -27.33
CA PRO B 207 -27.41 47.92 -26.98
C PRO B 207 -26.09 48.61 -27.27
N ALA B 208 -26.09 49.69 -28.06
CA ALA B 208 -24.86 50.40 -28.39
C ALA B 208 -24.20 51.04 -27.18
N ILE B 209 -24.90 51.14 -26.05
CA ILE B 209 -24.30 51.71 -24.85
C ILE B 209 -23.13 50.83 -24.40
N ASP B 210 -23.29 49.51 -24.49
CA ASP B 210 -22.21 48.60 -24.13
C ASP B 210 -21.06 48.70 -25.11
N VAL B 211 -21.35 48.91 -26.40
CA VAL B 211 -20.28 48.99 -27.40
C VAL B 211 -19.35 50.16 -27.09
N TRP B 212 -19.92 51.31 -26.77
CA TRP B 212 -19.09 52.47 -26.43
C TRP B 212 -18.15 52.15 -25.28
N SER B 213 -18.65 51.47 -24.26
CA SER B 213 -17.81 51.10 -23.13
C SER B 213 -16.64 50.23 -23.59
N CYS B 214 -16.93 49.19 -24.39
CA CYS B 214 -15.88 48.29 -24.83
C CYS B 214 -14.88 48.98 -25.75
N GLY B 215 -15.31 50.03 -26.46
CA GLY B 215 -14.36 50.82 -27.23
C GLY B 215 -13.43 51.61 -26.33
N CYS B 216 -13.97 52.19 -25.25
CA CYS B 216 -13.12 52.85 -24.27
C CYS B 216 -12.06 51.89 -23.73
N ILE B 217 -12.43 50.64 -23.52
CA ILE B 217 -11.47 49.64 -23.06
C ILE B 217 -10.40 49.42 -24.13
N LEU B 218 -10.82 49.34 -25.39
CA LEU B 218 -9.86 49.11 -26.48
C LEU B 218 -8.75 50.16 -26.45
N GLY B 219 -9.14 51.44 -26.39
CA GLY B 219 -8.13 52.48 -26.31
C GLY B 219 -7.29 52.38 -25.05
N GLU B 220 -7.93 52.06 -23.93
CA GLU B 220 -7.20 51.95 -22.66
C GLU B 220 -6.16 50.85 -22.72
N LEU B 221 -6.45 49.75 -23.41
CA LEU B 221 -5.46 48.68 -23.52
C LEU B 221 -4.23 49.15 -24.30
N PHE B 222 -4.38 50.12 -25.19
CA PHE B 222 -3.24 50.64 -25.93
C PHE B 222 -2.49 51.72 -25.17
N THR B 223 -3.18 52.52 -24.36
CA THR B 223 -2.53 53.58 -23.60
C THR B 223 -2.20 53.18 -22.17
N LYS B 224 -2.79 52.10 -21.66
CA LYS B 224 -2.62 51.67 -20.28
C LYS B 224 -3.18 52.71 -19.30
N LYS B 225 -4.03 53.60 -19.80
CA LYS B 225 -4.63 54.69 -19.02
C LYS B 225 -6.04 54.89 -19.55
N PRO B 226 -7.05 54.97 -18.69
CA PRO B 226 -8.42 55.20 -19.18
C PRO B 226 -8.49 56.45 -20.05
N ILE B 227 -9.29 56.37 -21.12
CA ILE B 227 -9.30 57.43 -22.11
C ILE B 227 -10.02 58.67 -21.58
N PHE B 228 -11.20 58.49 -21.00
CA PHE B 228 -12.03 59.60 -20.55
C PHE B 228 -12.21 59.47 -19.04
N GLN B 229 -11.42 60.21 -18.28
CA GLN B 229 -11.48 60.21 -16.83
C GLN B 229 -11.94 61.58 -16.37
N ALA B 230 -13.11 61.64 -15.73
CA ALA B 230 -13.62 62.87 -15.18
C ALA B 230 -14.48 62.52 -13.96
N ASN B 231 -14.98 63.55 -13.29
CA ASN B 231 -15.79 63.39 -12.09
C ASN B 231 -17.21 63.90 -12.27
N LEU B 232 -17.47 64.71 -13.29
CA LEU B 232 -18.77 65.32 -13.49
C LEU B 232 -19.26 64.97 -14.89
N GLU B 233 -20.57 64.81 -15.04
CA GLU B 233 -21.11 64.36 -16.31
C GLU B 233 -20.77 65.32 -17.44
N LEU B 234 -20.82 66.63 -17.15
CA LEU B 234 -20.47 67.63 -18.17
C LEU B 234 -18.99 67.51 -18.53
N ALA B 235 -18.11 67.40 -17.53
CA ALA B 235 -16.69 67.29 -17.82
C ALA B 235 -16.39 66.09 -18.70
N GLN B 236 -17.12 64.99 -18.51
CA GLN B 236 -16.93 63.82 -19.36
C GLN B 236 -17.29 64.15 -20.81
N LEU B 237 -18.43 64.80 -21.01
CA LEU B 237 -18.84 65.19 -22.35
C LEU B 237 -17.80 66.09 -23.01
N GLU B 238 -17.13 66.94 -22.21
CA GLU B 238 -16.07 67.78 -22.76
C GLU B 238 -14.89 66.94 -23.23
N LEU B 239 -14.45 65.99 -22.41
CA LEU B 239 -13.33 65.14 -22.80
C LEU B 239 -13.68 64.30 -24.02
N ILE B 240 -14.85 63.65 -23.99
CA ILE B 240 -15.31 62.90 -25.16
C ILE B 240 -15.41 63.81 -26.37
N SER B 241 -15.93 65.04 -26.16
CA SER B 241 -16.12 65.94 -27.29
C SER B 241 -14.80 66.32 -27.92
N ARG B 242 -13.76 66.53 -27.11
CA ARG B 242 -12.46 66.91 -27.68
C ARG B 242 -11.92 65.83 -28.59
N LEU B 243 -12.12 64.56 -28.24
CA LEU B 243 -11.56 63.47 -29.02
C LEU B 243 -12.51 63.02 -30.13
N CYS B 244 -13.78 62.78 -29.79
CA CYS B 244 -14.73 62.24 -30.75
C CYS B 244 -15.48 63.33 -31.52
N GLY B 245 -15.31 64.59 -31.13
CA GLY B 245 -16.06 65.68 -31.71
C GLY B 245 -17.26 66.05 -30.86
N SER B 246 -17.63 67.32 -30.92
CA SER B 246 -18.75 67.80 -30.12
C SER B 246 -20.06 67.29 -30.71
N PRO B 247 -21.01 66.89 -29.86
CA PRO B 247 -22.34 66.52 -30.38
C PRO B 247 -22.95 67.67 -31.16
N CYS B 248 -23.38 67.37 -32.38
CA CYS B 248 -23.96 68.37 -33.26
C CYS B 248 -24.94 67.67 -34.20
N PRO B 249 -25.92 68.39 -34.73
CA PRO B 249 -26.93 67.71 -35.57
C PRO B 249 -26.35 67.05 -36.81
N ALA B 250 -25.24 67.55 -37.34
CA ALA B 250 -24.65 66.97 -38.55
C ALA B 250 -24.21 65.53 -38.32
N VAL B 251 -23.59 65.24 -37.18
CA VAL B 251 -23.10 63.90 -36.91
C VAL B 251 -24.09 63.06 -36.12
N TRP B 252 -25.08 63.69 -35.48
CA TRP B 252 -26.03 63.00 -34.60
C TRP B 252 -27.39 63.64 -34.85
N PRO B 253 -28.05 63.28 -35.95
CA PRO B 253 -29.26 64.02 -36.35
C PRO B 253 -30.28 64.16 -35.25
N ASP B 254 -30.43 63.15 -34.40
CA ASP B 254 -31.44 63.12 -33.35
C ASP B 254 -30.92 63.66 -32.02
N VAL B 255 -29.73 64.28 -32.02
CA VAL B 255 -29.18 64.80 -30.78
C VAL B 255 -30.09 65.87 -30.19
N ILE B 256 -30.81 66.61 -31.05
CA ILE B 256 -31.69 67.66 -30.57
C ILE B 256 -32.85 67.12 -29.75
N ARG B 257 -33.22 65.85 -29.94
CA ARG B 257 -34.30 65.28 -29.16
C ARG B 257 -33.88 64.90 -27.74
N LEU B 258 -32.58 64.87 -27.46
CA LEU B 258 -32.15 64.40 -26.15
C LEU B 258 -32.41 65.48 -25.11
N PRO B 259 -32.86 65.11 -23.92
CA PRO B 259 -33.26 66.13 -22.92
C PRO B 259 -32.22 67.22 -22.68
N TYR B 260 -30.95 66.86 -22.52
CA TYR B 260 -29.94 67.80 -22.04
C TYR B 260 -29.07 68.38 -23.16
N PHE B 261 -29.46 68.21 -24.44
CA PHE B 261 -28.61 68.70 -25.52
C PHE B 261 -28.36 70.19 -25.40
N ASN B 262 -29.43 70.99 -25.24
CA ASN B 262 -29.24 72.42 -25.05
C ASN B 262 -28.60 72.72 -23.71
N THR B 263 -28.97 71.94 -22.68
CA THR B 263 -28.45 72.18 -21.33
C THR B 263 -26.95 71.93 -21.26
N MET B 264 -26.52 70.73 -21.67
CA MET B 264 -25.12 70.32 -21.58
C MET B 264 -24.38 70.59 -22.88
N LYS B 265 -23.70 71.73 -22.96
CA LYS B 265 -22.91 72.04 -24.15
C LYS B 265 -21.41 72.03 -23.86
N PRO B 266 -20.59 71.49 -24.75
CA PRO B 266 -19.14 71.60 -24.58
C PRO B 266 -18.66 73.05 -24.79
N LYS B 267 -17.44 73.32 -24.31
CA LYS B 267 -16.89 74.67 -24.45
C LYS B 267 -16.93 75.15 -25.89
N LYS B 268 -16.54 74.29 -26.82
CA LYS B 268 -16.49 74.61 -28.23
C LYS B 268 -17.20 73.52 -29.00
N GLN B 269 -17.34 73.71 -30.30
CA GLN B 269 -17.76 72.61 -31.18
C GLN B 269 -16.49 71.97 -31.72
N TYR B 270 -15.91 71.09 -30.90
CA TYR B 270 -14.63 70.50 -31.24
C TYR B 270 -14.77 69.60 -32.47
N ARG B 271 -13.71 69.55 -33.27
CA ARG B 271 -13.63 68.62 -34.38
C ARG B 271 -13.13 67.26 -33.89
N ARG B 272 -13.43 66.23 -34.68
CA ARG B 272 -12.99 64.89 -34.33
C ARG B 272 -11.48 64.76 -34.57
N ARG B 273 -10.77 64.26 -33.56
CA ARG B 273 -9.32 64.10 -33.61
C ARG B 273 -8.89 62.68 -33.28
N LEU B 274 -9.84 61.73 -33.24
CA LEU B 274 -9.53 60.39 -32.76
C LEU B 274 -8.35 59.79 -33.50
N ARG B 275 -8.38 59.83 -34.84
CA ARG B 275 -7.31 59.24 -35.62
C ARG B 275 -5.97 59.94 -35.37
N GLU B 276 -5.99 61.25 -35.15
CA GLU B 276 -4.74 61.97 -34.90
C GLU B 276 -4.16 61.61 -33.54
N GLU B 277 -4.97 61.69 -32.48
CA GLU B 277 -4.45 61.45 -31.13
C GLU B 277 -4.09 59.99 -30.93
N PHE B 278 -4.76 59.08 -31.64
CA PHE B 278 -4.45 57.66 -31.58
C PHE B 278 -3.65 57.19 -32.79
N SER B 279 -2.81 58.06 -33.35
CA SER B 279 -2.03 57.67 -34.52
C SER B 279 -1.12 56.48 -34.23
N PHE B 280 -0.72 56.31 -32.96
CA PHE B 280 0.17 55.20 -32.62
C PHE B 280 -0.56 53.85 -32.71
N ILE B 281 -1.88 53.84 -32.58
CA ILE B 281 -2.64 52.59 -32.66
C ILE B 281 -2.54 52.02 -34.08
N PRO B 282 -2.42 50.71 -34.24
CA PRO B 282 -2.44 50.12 -35.59
C PRO B 282 -3.68 50.52 -36.37
N SER B 283 -3.55 50.57 -37.70
CA SER B 283 -4.65 51.04 -38.54
C SER B 283 -5.89 50.18 -38.36
N ALA B 284 -5.74 48.86 -38.34
CA ALA B 284 -6.88 47.98 -38.19
C ALA B 284 -7.65 48.27 -36.90
N ALA B 285 -6.93 48.52 -35.81
CA ALA B 285 -7.58 48.83 -34.55
C ALA B 285 -8.13 50.25 -34.55
N LEU B 286 -7.39 51.19 -35.13
CA LEU B 286 -7.84 52.57 -35.17
C LEU B 286 -9.21 52.70 -35.83
N ASP B 287 -9.42 51.98 -36.94
CA ASP B 287 -10.73 51.98 -37.59
C ASP B 287 -11.80 51.41 -36.65
N LEU B 288 -11.46 50.33 -35.94
CA LEU B 288 -12.40 49.75 -34.98
C LEU B 288 -12.75 50.78 -33.90
N LEU B 289 -11.75 51.46 -33.35
CA LEU B 289 -12.00 52.47 -32.34
C LEU B 289 -12.89 53.58 -32.87
N ASP B 290 -12.61 54.06 -34.09
CA ASP B 290 -13.41 55.13 -34.68
C ASP B 290 -14.88 54.73 -34.74
N HIS B 291 -15.16 53.48 -35.14
CA HIS B 291 -16.53 53.03 -35.26
C HIS B 291 -17.16 52.79 -33.88
N MET B 292 -16.41 52.19 -32.96
CA MET B 292 -16.95 51.94 -31.64
C MET B 292 -17.21 53.25 -30.89
N LEU B 293 -16.35 54.24 -31.07
CA LEU B 293 -16.49 55.54 -30.42
C LEU B 293 -17.17 56.54 -31.33
N THR B 294 -18.32 56.15 -31.89
CA THR B 294 -19.14 57.01 -32.72
C THR B 294 -20.24 57.63 -31.87
N LEU B 295 -20.41 58.95 -32.00
CA LEU B 295 -21.32 59.66 -31.11
C LEU B 295 -22.76 59.16 -31.28
N ASP B 296 -23.22 59.07 -32.51
CA ASP B 296 -24.61 58.70 -32.78
C ASP B 296 -24.81 57.21 -32.55
N PRO B 297 -25.65 56.80 -31.58
CA PRO B 297 -25.81 55.35 -31.35
C PRO B 297 -26.33 54.59 -32.56
N SER B 298 -27.04 55.25 -33.46
CA SER B 298 -27.54 54.58 -34.67
C SER B 298 -26.44 54.38 -35.70
N LYS B 299 -25.35 55.15 -35.63
CA LYS B 299 -24.21 54.99 -36.52
C LYS B 299 -23.08 54.22 -35.88
N ARG B 300 -23.15 53.97 -34.57
CA ARG B 300 -22.13 53.20 -33.87
C ARG B 300 -22.24 51.73 -34.25
N CYS B 301 -21.09 51.10 -34.49
CA CYS B 301 -21.07 49.72 -34.95
C CYS B 301 -21.69 48.78 -33.91
N THR B 302 -22.11 47.61 -34.38
CA THR B 302 -22.68 46.59 -33.51
C THR B 302 -21.58 45.61 -33.09
N ALA B 303 -21.91 44.72 -32.15
CA ALA B 303 -20.95 43.73 -31.70
C ALA B 303 -20.56 42.78 -32.84
N GLU B 304 -21.56 42.30 -33.59
CA GLU B 304 -21.26 41.42 -34.71
C GLU B 304 -20.33 42.12 -35.70
N GLN B 305 -20.58 43.40 -35.95
CA GLN B 305 -19.77 44.15 -36.90
C GLN B 305 -18.33 44.26 -36.42
N THR B 306 -18.14 44.43 -35.11
CA THR B 306 -16.77 44.47 -34.57
C THR B 306 -16.05 43.15 -34.81
N LEU B 307 -16.78 42.03 -34.68
CA LEU B 307 -16.20 40.72 -34.96
C LEU B 307 -15.85 40.56 -36.44
N GLN B 308 -16.61 41.19 -37.33
CA GLN B 308 -16.34 41.17 -38.77
C GLN B 308 -15.51 42.38 -39.19
N SER B 309 -14.44 42.62 -38.45
CA SER B 309 -13.50 43.70 -38.72
C SER B 309 -12.14 43.11 -39.05
N ASP B 310 -11.35 43.86 -39.82
CA ASP B 310 -10.01 43.39 -40.16
C ASP B 310 -9.21 43.06 -38.91
N PHE B 311 -9.51 43.70 -37.79
CA PHE B 311 -8.71 43.52 -36.59
C PHE B 311 -9.04 42.20 -35.89
N LEU B 312 -10.31 41.80 -35.87
CA LEU B 312 -10.73 40.65 -35.08
C LEU B 312 -11.23 39.45 -35.89
N LYS B 313 -11.58 39.63 -37.17
CA LYS B 313 -12.19 38.54 -37.90
C LYS B 313 -11.23 37.37 -38.06
N ASP B 314 -9.95 37.65 -38.32
CA ASP B 314 -8.98 36.61 -38.60
C ASP B 314 -8.23 36.13 -37.36
N VAL B 315 -8.55 36.66 -36.19
CA VAL B 315 -7.93 36.16 -34.96
C VAL B 315 -8.48 34.77 -34.69
N GLU B 316 -7.58 33.82 -34.41
CA GLU B 316 -7.98 32.45 -34.09
C GLU B 316 -7.96 32.32 -32.58
N LEU B 317 -9.11 31.96 -32.00
CA LEU B 317 -9.21 31.88 -30.55
C LEU B 317 -8.48 30.65 -29.99
N SER B 318 -8.07 29.72 -30.83
CA SER B 318 -7.19 28.66 -30.34
C SER B 318 -5.92 29.26 -29.77
N LYS B 319 -5.39 30.30 -30.44
CA LYS B 319 -4.26 31.08 -29.94
C LYS B 319 -4.77 32.05 -28.88
N MET B 320 -4.92 31.55 -27.65
CA MET B 320 -5.48 32.38 -26.59
C MET B 320 -4.58 33.58 -26.28
N ALA B 321 -3.26 33.40 -26.37
CA ALA B 321 -2.32 34.48 -26.17
C ALA B 321 -2.49 35.09 -24.79
N PRO B 322 -2.07 34.41 -23.72
CA PRO B 322 -2.23 34.96 -22.37
C PRO B 322 -1.38 36.20 -22.18
N PRO B 323 -1.88 37.20 -21.42
CA PRO B 323 -1.05 38.39 -21.14
C PRO B 323 0.11 38.07 -20.22
N ASP B 324 0.95 39.07 -19.96
CA ASP B 324 2.10 38.92 -19.08
C ASP B 324 1.62 39.06 -17.63
N LEU B 325 1.10 37.97 -17.10
CA LEU B 325 0.54 37.98 -15.75
C LEU B 325 1.66 37.97 -14.71
N PRO B 326 1.34 38.32 -13.46
CA PRO B 326 2.39 38.49 -12.44
C PRO B 326 3.36 37.31 -12.35
N HIS B 327 4.65 37.61 -12.22
CA HIS B 327 5.68 36.60 -12.14
C HIS B 327 6.83 37.11 -11.27
N TRP B 328 7.82 36.23 -11.04
CA TRP B 328 8.91 36.55 -10.11
C TRP B 328 9.78 37.69 -10.63
N GLN B 329 10.00 37.75 -11.96
CA GLN B 329 10.84 38.82 -12.49
C GLN B 329 10.23 40.18 -12.23
N ASP B 330 8.91 40.26 -12.06
CA ASP B 330 8.28 41.50 -11.63
C ASP B 330 8.51 41.74 -10.14
N CYS B 331 8.70 40.67 -9.36
CA CYS B 331 9.04 40.79 -7.96
C CYS B 331 10.45 41.36 -7.79
N THR C 24 -28.75 20.18 -14.65
CA THR C 24 -28.74 21.53 -15.16
C THR C 24 -30.00 22.30 -14.76
N LYS C 25 -31.11 22.04 -15.46
CA LYS C 25 -32.38 22.72 -15.16
C LYS C 25 -33.42 21.75 -14.63
N PRO C 26 -34.31 22.20 -13.75
CA PRO C 26 -35.28 21.29 -13.13
C PRO C 26 -36.44 20.97 -14.07
N CYS C 27 -37.13 19.88 -13.74
CA CYS C 27 -38.33 19.46 -14.47
C CYS C 27 -39.55 19.98 -13.72
N TRP C 28 -40.34 20.82 -14.39
CA TRP C 28 -41.48 21.48 -13.76
C TRP C 28 -42.82 20.99 -14.31
N TYR C 29 -42.88 19.75 -14.80
CA TYR C 29 -44.10 19.24 -15.40
C TYR C 29 -44.42 17.86 -14.82
N TRP C 30 -45.68 17.68 -14.42
CA TRP C 30 -46.15 16.46 -13.80
C TRP C 30 -47.28 15.85 -14.64
N ASP C 31 -47.59 14.60 -14.36
CA ASP C 31 -48.72 13.91 -14.98
C ASP C 31 -49.99 14.12 -14.18
N LYS C 32 -51.12 14.17 -14.89
CA LYS C 32 -52.42 14.35 -14.23
C LYS C 32 -52.58 13.38 -13.07
N LYS C 33 -52.23 12.11 -13.29
CA LYS C 33 -52.37 11.11 -12.23
C LYS C 33 -51.59 11.48 -10.99
N ASP C 34 -50.51 12.25 -11.13
CA ASP C 34 -49.68 12.59 -9.99
C ASP C 34 -50.35 13.59 -9.06
N LEU C 35 -51.32 14.36 -9.55
CA LEU C 35 -51.98 15.37 -8.72
C LEU C 35 -52.83 14.76 -7.61
N ALA C 36 -53.07 13.45 -7.65
CA ALA C 36 -53.74 12.77 -6.54
C ALA C 36 -52.85 12.64 -5.31
N HIS C 37 -51.58 13.06 -5.40
CA HIS C 37 -50.61 12.86 -4.33
C HIS C 37 -49.86 14.14 -3.98
N THR C 38 -50.50 15.29 -4.13
CA THR C 38 -49.90 16.51 -3.62
C THR C 38 -49.92 16.51 -2.10
N PRO C 39 -49.03 17.25 -1.46
CA PRO C 39 -49.09 17.34 0.02
C PRO C 39 -50.49 17.67 0.52
N SER C 40 -51.20 18.55 -0.19
CA SER C 40 -52.56 18.91 0.22
C SER C 40 -53.46 17.69 0.22
N GLN C 41 -53.41 16.90 -0.86
CA GLN C 41 -54.26 15.72 -0.95
C GLN C 41 -54.00 14.76 0.21
N LEU C 42 -52.72 14.52 0.52
CA LEU C 42 -52.37 13.52 1.51
C LEU C 42 -52.61 13.99 2.94
N GLU C 43 -52.86 15.28 3.15
CA GLU C 43 -53.26 15.78 4.45
C GLU C 43 -54.77 15.80 4.63
N GLY C 44 -55.51 15.13 3.74
CA GLY C 44 -56.94 14.99 3.88
C GLY C 44 -57.77 15.95 3.03
N LEU C 45 -57.13 16.84 2.28
CA LEU C 45 -57.84 17.72 1.38
C LEU C 45 -58.29 16.94 0.15
N ASP C 46 -59.56 17.09 -0.23
CA ASP C 46 -60.07 16.31 -1.35
C ASP C 46 -59.76 17.02 -2.67
N PRO C 47 -59.85 16.30 -3.80
CA PRO C 47 -59.46 16.92 -5.08
C PRO C 47 -60.20 18.21 -5.37
N ALA C 48 -61.51 18.23 -5.13
CA ALA C 48 -62.29 19.43 -5.45
C ALA C 48 -61.80 20.63 -4.65
N THR C 49 -61.51 20.44 -3.37
CA THR C 49 -61.10 21.57 -2.53
C THR C 49 -59.78 22.15 -3.00
N GLU C 50 -58.80 21.29 -3.28
CA GLU C 50 -57.52 21.80 -3.75
C GLU C 50 -57.69 22.54 -5.08
N ALA C 51 -58.58 22.04 -5.94
CA ALA C 51 -58.85 22.74 -7.19
C ALA C 51 -59.40 24.13 -6.93
N ARG C 52 -60.38 24.23 -6.03
CA ARG C 52 -60.93 25.52 -5.67
C ARG C 52 -59.88 26.42 -5.02
N TYR C 53 -59.06 25.85 -4.14
CA TYR C 53 -58.01 26.66 -3.52
C TYR C 53 -57.06 27.22 -4.56
N ARG C 54 -56.82 26.47 -5.65
CA ARG C 54 -55.92 26.93 -6.69
C ARG C 54 -56.56 28.03 -7.53
N ARG C 55 -57.83 27.87 -7.89
CA ARG C 55 -58.52 28.92 -8.62
C ARG C 55 -58.58 30.20 -7.81
N GLU C 56 -58.95 30.08 -6.53
CA GLU C 56 -59.06 31.25 -5.67
C GLU C 56 -57.71 31.95 -5.52
N GLY C 57 -56.64 31.17 -5.38
CA GLY C 57 -55.32 31.76 -5.26
C GLY C 57 -54.87 32.38 -6.57
N ALA C 58 -55.11 31.69 -7.67
CA ALA C 58 -54.78 32.24 -8.98
C ALA C 58 -55.54 33.54 -9.23
N ARG C 59 -56.86 33.52 -9.06
CA ARG C 59 -57.67 34.71 -9.30
C ARG C 59 -57.29 35.84 -8.36
N PHE C 60 -56.94 35.49 -7.11
CA PHE C 60 -56.41 36.49 -6.19
C PHE C 60 -55.18 37.19 -6.77
N ILE C 61 -54.19 36.39 -7.19
CA ILE C 61 -52.99 36.97 -7.80
C ILE C 61 -53.37 37.78 -9.02
N PHE C 62 -54.26 37.25 -9.86
CA PHE C 62 -54.66 37.95 -11.07
C PHE C 62 -55.33 39.27 -10.74
N ASP C 63 -56.27 39.25 -9.80
CA ASP C 63 -57.03 40.45 -9.47
C ASP C 63 -56.16 41.49 -8.77
N VAL C 64 -55.30 41.05 -7.84
CA VAL C 64 -54.46 41.99 -7.12
C VAL C 64 -53.53 42.73 -8.08
N GLY C 65 -52.83 41.98 -8.93
CA GLY C 65 -51.91 42.60 -9.85
C GLY C 65 -52.58 43.47 -10.88
N THR C 66 -53.78 43.08 -11.31
CA THR C 66 -54.53 43.91 -12.25
C THR C 66 -54.86 45.27 -11.64
N ARG C 67 -55.25 45.29 -10.37
CA ARG C 67 -55.53 46.55 -9.70
C ARG C 67 -54.28 47.42 -9.66
N LEU C 68 -53.11 46.81 -9.50
CA LEU C 68 -51.85 47.53 -9.47
C LEU C 68 -51.33 47.85 -10.87
N GLY C 69 -52.03 47.45 -11.92
CA GLY C 69 -51.62 47.78 -13.28
C GLY C 69 -50.45 46.97 -13.81
N LEU C 70 -50.37 45.69 -13.45
CA LEU C 70 -49.21 44.87 -13.79
C LEU C 70 -49.37 44.19 -15.14
N HIS C 71 -48.24 44.06 -15.84
CA HIS C 71 -48.19 43.37 -17.13
C HIS C 71 -48.71 41.95 -17.00
N TYR C 72 -49.25 41.42 -18.11
CA TYR C 72 -49.88 40.10 -18.06
C TYR C 72 -48.85 39.00 -17.77
N ASP C 73 -47.61 39.17 -18.26
CA ASP C 73 -46.56 38.20 -17.94
C ASP C 73 -46.28 38.17 -16.44
N THR C 74 -46.28 39.34 -15.79
CA THR C 74 -46.02 39.39 -14.36
C THR C 74 -47.09 38.63 -13.60
N LEU C 75 -48.36 38.77 -14.00
CA LEU C 75 -49.43 38.02 -13.36
C LEU C 75 -49.22 36.52 -13.55
N ALA C 76 -48.92 36.11 -14.79
CA ALA C 76 -48.75 34.68 -15.07
C ALA C 76 -47.58 34.11 -14.28
N THR C 77 -46.44 34.82 -14.26
CA THR C 77 -45.27 34.33 -13.54
C THR C 77 -45.61 34.05 -12.09
N GLY C 78 -46.27 35.01 -11.43
CA GLY C 78 -46.70 34.79 -10.05
C GLY C 78 -47.60 33.58 -9.93
N ILE C 79 -48.51 33.39 -10.88
CA ILE C 79 -49.42 32.25 -10.83
C ILE C 79 -48.65 30.95 -11.04
N ILE C 80 -47.64 30.96 -11.92
CA ILE C 80 -46.87 29.74 -12.13
C ILE C 80 -46.07 29.39 -10.87
N TYR C 81 -45.48 30.41 -10.22
CA TYR C 81 -44.83 30.18 -8.93
C TYR C 81 -45.82 29.59 -7.94
N PHE C 82 -47.02 30.19 -7.87
CA PHE C 82 -48.04 29.71 -6.94
C PHE C 82 -48.38 28.25 -7.19
N HIS C 83 -48.62 27.88 -8.46
CA HIS C 83 -49.02 26.52 -8.77
C HIS C 83 -47.90 25.53 -8.44
N ARG C 84 -46.66 25.90 -8.78
CA ARG C 84 -45.53 25.03 -8.45
C ARG C 84 -45.34 24.92 -6.95
N PHE C 85 -45.52 26.02 -6.22
CA PHE C 85 -45.29 26.00 -4.78
C PHE C 85 -46.09 24.89 -4.11
N TYR C 86 -47.37 24.77 -4.46
CA TYR C 86 -48.25 23.81 -3.78
C TYR C 86 -48.16 22.41 -4.35
N MET C 87 -47.19 22.16 -5.23
CA MET C 87 -46.73 20.81 -5.51
C MET C 87 -45.69 20.33 -4.51
N PHE C 88 -45.16 21.24 -3.68
CA PHE C 88 -44.18 20.89 -2.66
C PHE C 88 -44.65 21.15 -1.24
N HIS C 89 -45.81 21.79 -1.05
CA HIS C 89 -46.31 22.13 0.27
C HIS C 89 -47.82 21.92 0.29
N SER C 90 -48.39 21.91 1.50
CA SER C 90 -49.81 21.69 1.70
C SER C 90 -50.54 23.01 1.94
N PHE C 91 -51.76 23.10 1.40
CA PHE C 91 -52.54 24.32 1.60
C PHE C 91 -52.92 24.52 3.07
N LYS C 92 -52.99 23.45 3.86
CA LYS C 92 -53.38 23.61 5.25
C LYS C 92 -52.30 24.31 6.08
N GLN C 93 -51.03 24.15 5.69
CA GLN C 93 -49.93 24.74 6.46
C GLN C 93 -49.48 26.09 5.91
N PHE C 94 -49.73 26.40 4.65
CA PHE C 94 -49.36 27.68 4.06
C PHE C 94 -50.60 28.38 3.53
N PRO C 95 -51.06 29.45 4.16
CA PRO C 95 -52.24 30.17 3.65
C PRO C 95 -52.07 30.59 2.21
N ARG C 96 -53.10 30.34 1.40
CA ARG C 96 -52.99 30.57 -0.04
C ARG C 96 -52.84 32.06 -0.37
N TYR C 97 -53.61 32.92 0.28
CA TYR C 97 -53.57 34.33 -0.08
C TYR C 97 -52.24 34.97 0.29
N VAL C 98 -51.62 34.53 1.39
CA VAL C 98 -50.27 35.00 1.69
C VAL C 98 -49.29 34.51 0.63
N THR C 99 -49.37 33.22 0.30
CA THR C 99 -48.52 32.67 -0.76
C THR C 99 -48.71 33.44 -2.05
N GLY C 100 -49.97 33.69 -2.43
CA GLY C 100 -50.23 34.43 -3.65
C GLY C 100 -49.58 35.80 -3.64
N ALA C 101 -49.72 36.52 -2.51
CA ALA C 101 -49.12 37.85 -2.41
C ALA C 101 -47.60 37.77 -2.51
N CYS C 102 -47.00 36.77 -1.88
CA CYS C 102 -45.56 36.59 -1.97
C CYS C 102 -45.13 36.28 -3.40
N CYS C 103 -45.85 35.40 -4.07
CA CYS C 103 -45.53 35.07 -5.47
C CYS C 103 -45.58 36.33 -6.33
N LEU C 104 -46.67 37.11 -6.22
CA LEU C 104 -46.77 38.32 -7.04
C LEU C 104 -45.65 39.30 -6.69
N PHE C 105 -45.31 39.42 -5.41
CA PHE C 105 -44.22 40.29 -5.02
C PHE C 105 -42.92 39.88 -5.72
N LEU C 106 -42.56 38.60 -5.64
CA LEU C 106 -41.34 38.14 -6.31
C LEU C 106 -41.46 38.28 -7.82
N ALA C 107 -42.61 37.90 -8.38
CA ALA C 107 -42.80 38.00 -9.83
C ALA C 107 -42.51 39.40 -10.32
N GLY C 108 -42.95 40.42 -9.58
CA GLY C 108 -42.69 41.79 -9.98
C GLY C 108 -41.21 42.07 -10.15
N LYS C 109 -40.39 41.61 -9.21
CA LYS C 109 -38.95 41.83 -9.32
C LYS C 109 -38.35 41.01 -10.45
N VAL C 110 -38.81 39.77 -10.65
CA VAL C 110 -38.25 38.93 -11.69
C VAL C 110 -38.51 39.53 -13.06
N GLU C 111 -39.74 39.96 -13.31
CA GLU C 111 -40.15 40.44 -14.61
C GLU C 111 -39.93 41.95 -14.79
N GLU C 112 -39.24 42.59 -13.85
CA GLU C 112 -38.93 44.02 -13.93
C GLU C 112 -40.20 44.88 -13.89
N THR C 113 -41.21 44.42 -13.16
CA THR C 113 -42.41 45.21 -12.85
C THR C 113 -42.56 45.30 -11.34
N PRO C 114 -41.59 45.88 -10.66
CA PRO C 114 -41.55 45.78 -9.19
C PRO C 114 -42.63 46.61 -8.52
N LYS C 115 -43.09 46.10 -7.38
CA LYS C 115 -44.03 46.79 -6.51
C LYS C 115 -43.55 46.65 -5.08
N LYS C 116 -43.86 47.64 -4.25
CA LYS C 116 -43.50 47.56 -2.84
C LYS C 116 -44.47 46.62 -2.13
N CYS C 117 -43.95 45.83 -1.20
CA CYS C 117 -44.78 44.85 -0.51
C CYS C 117 -45.97 45.52 0.18
N LYS C 118 -45.78 46.72 0.71
CA LYS C 118 -46.88 47.41 1.37
C LYS C 118 -48.02 47.69 0.41
N ASP C 119 -47.72 47.97 -0.85
CA ASP C 119 -48.78 48.25 -1.82
C ASP C 119 -49.56 46.99 -2.15
N ILE C 120 -48.89 45.83 -2.21
CA ILE C 120 -49.59 44.58 -2.45
C ILE C 120 -50.50 44.26 -1.27
N ILE C 121 -50.01 44.49 -0.05
CA ILE C 121 -50.84 44.27 1.13
C ILE C 121 -52.04 45.20 1.10
N LYS C 122 -51.81 46.48 0.77
CA LYS C 122 -52.89 47.44 0.66
C LYS C 122 -53.96 46.94 -0.32
N THR C 123 -53.53 46.54 -1.52
CA THR C 123 -54.48 46.06 -2.51
C THR C 123 -55.13 44.76 -2.06
N ALA C 124 -54.35 43.85 -1.46
CA ALA C 124 -54.92 42.60 -0.98
C ALA C 124 -56.00 42.87 0.06
N ARG C 125 -55.77 43.84 0.95
CA ARG C 125 -56.77 44.17 1.96
C ARG C 125 -58.05 44.71 1.32
N SER C 126 -57.92 45.49 0.26
CA SER C 126 -59.09 46.04 -0.40
C SER C 126 -59.97 44.95 -0.98
N LEU C 127 -59.36 43.89 -1.52
CA LEU C 127 -60.11 42.87 -2.25
C LEU C 127 -60.55 41.71 -1.39
N LEU C 128 -59.99 41.53 -0.20
CA LEU C 128 -60.30 40.42 0.67
C LEU C 128 -61.23 40.87 1.81
N ASN C 129 -62.12 39.98 2.23
CA ASN C 129 -62.95 40.26 3.39
C ASN C 129 -62.10 40.11 4.65
N ASP C 130 -62.71 40.35 5.81
CA ASP C 130 -61.93 40.34 7.05
C ASP C 130 -61.46 38.94 7.40
N VAL C 131 -62.30 37.92 7.20
CA VAL C 131 -61.90 36.54 7.49
C VAL C 131 -60.72 36.15 6.62
N GLN C 132 -60.78 36.48 5.33
CA GLN C 132 -59.73 36.08 4.40
C GLN C 132 -58.42 36.75 4.76
N PHE C 133 -58.45 38.05 5.05
CA PHE C 133 -57.24 38.78 5.39
C PHE C 133 -56.65 38.32 6.72
N GLY C 134 -57.43 37.58 7.52
CA GLY C 134 -56.89 37.02 8.74
C GLY C 134 -55.71 36.09 8.53
N GLN C 135 -55.60 35.51 7.32
CA GLN C 135 -54.45 34.67 7.01
C GLN C 135 -53.15 35.45 7.18
N PHE C 136 -53.15 36.73 6.79
CA PHE C 136 -51.96 37.56 6.90
C PHE C 136 -51.58 37.84 8.35
N GLY C 137 -52.41 37.43 9.30
CA GLY C 137 -52.06 37.53 10.71
C GLY C 137 -51.96 38.97 11.17
N ASP C 138 -51.18 39.15 12.23
CA ASP C 138 -51.08 40.45 12.88
C ASP C 138 -50.23 41.43 12.09
N ASP C 139 -49.28 40.93 11.31
CA ASP C 139 -48.37 41.76 10.51
C ASP C 139 -48.37 41.23 9.08
N PRO C 140 -49.25 41.74 8.23
CA PRO C 140 -49.32 41.19 6.86
C PRO C 140 -47.99 41.26 6.10
N LYS C 141 -47.31 42.41 6.12
CA LYS C 141 -46.07 42.53 5.37
C LYS C 141 -45.05 41.49 5.81
N GLU C 142 -44.91 41.30 7.13
CA GLU C 142 -43.91 40.35 7.63
C GLU C 142 -44.21 38.93 7.15
N GLU C 143 -45.47 38.50 7.28
CA GLU C 143 -45.83 37.15 6.87
C GLU C 143 -45.46 36.91 5.40
N VAL C 144 -45.58 37.94 4.57
CA VAL C 144 -45.26 37.79 3.15
C VAL C 144 -43.76 37.82 2.92
N MET C 145 -43.08 38.85 3.46
CA MET C 145 -41.65 38.98 3.23
C MET C 145 -40.89 37.76 3.75
N VAL C 146 -41.35 37.20 4.87
CA VAL C 146 -40.71 36.01 5.43
C VAL C 146 -40.81 34.85 4.45
N LEU C 147 -41.97 34.71 3.80
CA LEU C 147 -42.20 33.58 2.91
C LEU C 147 -41.31 33.60 1.68
N GLU C 148 -40.75 34.77 1.32
CA GLU C 148 -39.92 34.85 0.13
C GLU C 148 -38.79 33.83 0.18
N ARG C 149 -38.19 33.62 1.35
CA ARG C 149 -37.12 32.64 1.48
C ARG C 149 -37.59 31.26 1.05
N ILE C 150 -38.71 30.80 1.61
CA ILE C 150 -39.20 29.46 1.27
C ILE C 150 -39.57 29.38 -0.20
N LEU C 151 -40.20 30.43 -0.73
CA LEU C 151 -40.61 30.42 -2.13
C LEU C 151 -39.43 30.21 -3.05
N LEU C 152 -38.36 31.00 -2.87
CA LEU C 152 -37.19 30.88 -3.73
C LEU C 152 -36.60 29.48 -3.68
N GLN C 153 -36.44 28.93 -2.46
CA GLN C 153 -35.93 27.57 -2.33
C GLN C 153 -36.87 26.56 -2.98
N THR C 154 -38.18 26.77 -2.85
CA THR C 154 -39.13 25.82 -3.40
C THR C 154 -39.06 25.77 -4.93
N ILE C 155 -39.00 26.94 -5.56
CA ILE C 155 -38.96 27.00 -7.03
C ILE C 155 -37.53 26.81 -7.51
N LYS C 156 -36.64 26.40 -6.60
CA LYS C 156 -35.27 26.02 -6.96
C LYS C 156 -34.53 27.13 -7.70
N PHE C 157 -34.88 28.38 -7.41
CA PHE C 157 -34.25 29.55 -8.02
C PHE C 157 -34.32 29.53 -9.55
N ASP C 158 -35.24 28.76 -10.12
CA ASP C 158 -35.50 28.79 -11.56
C ASP C 158 -36.52 29.87 -11.81
N LEU C 159 -36.05 31.11 -11.95
CA LEU C 159 -36.95 32.26 -12.01
C LEU C 159 -37.48 32.53 -13.42
N GLN C 160 -36.72 32.17 -14.46
CA GLN C 160 -37.17 32.45 -15.82
C GLN C 160 -38.33 31.54 -16.17
N VAL C 161 -39.43 32.13 -16.64
CA VAL C 161 -40.63 31.39 -17.03
C VAL C 161 -41.16 31.93 -18.34
N GLU C 162 -41.60 31.03 -19.21
CA GLU C 162 -42.23 31.37 -20.48
C GLU C 162 -43.72 31.08 -20.37
N HIS C 163 -44.52 31.85 -21.11
CA HIS C 163 -45.97 31.76 -20.99
C HIS C 163 -46.61 31.56 -22.34
N PRO C 164 -47.83 30.98 -22.37
CA PRO C 164 -48.50 30.76 -23.66
C PRO C 164 -48.67 32.02 -24.50
N TYR C 165 -48.66 33.20 -23.87
CA TYR C 165 -48.95 34.43 -24.60
C TYR C 165 -47.97 34.64 -25.75
N GLN C 166 -46.67 34.54 -25.46
CA GLN C 166 -45.68 34.86 -26.50
C GLN C 166 -45.79 33.92 -27.68
N PHE C 167 -46.18 32.66 -27.44
CA PHE C 167 -46.30 31.70 -28.52
C PHE C 167 -47.60 31.88 -29.30
N LEU C 168 -48.68 32.24 -28.61
CA LEU C 168 -49.92 32.57 -29.32
C LEU C 168 -49.68 33.65 -30.36
N LEU C 169 -48.86 34.64 -30.04
CA LEU C 169 -48.56 35.73 -30.98
C LEU C 169 -47.53 35.31 -32.02
N LYS C 170 -46.45 34.65 -31.59
CA LYS C 170 -45.45 34.22 -32.56
C LYS C 170 -46.06 33.33 -33.62
N TYR C 171 -46.95 32.42 -33.22
CA TYR C 171 -47.58 31.52 -34.19
C TYR C 171 -48.65 32.23 -35.00
N ALA C 172 -49.43 33.11 -34.36
CA ALA C 172 -50.44 33.86 -35.08
C ALA C 172 -49.82 34.76 -36.15
N LYS C 173 -48.63 35.30 -35.88
CA LYS C 173 -47.98 36.18 -36.85
C LYS C 173 -47.67 35.44 -38.14
N GLN C 174 -47.52 34.12 -38.09
CA GLN C 174 -47.26 33.33 -39.29
C GLN C 174 -48.54 32.90 -40.00
N LEU C 175 -49.70 33.33 -39.51
CA LEU C 175 -50.96 33.08 -40.18
C LEU C 175 -51.26 34.27 -41.09
N LYS C 176 -51.70 33.96 -42.31
CA LYS C 176 -52.05 34.99 -43.29
C LYS C 176 -53.43 34.68 -43.86
N GLY C 177 -54.28 35.68 -43.89
CA GLY C 177 -55.66 35.52 -44.34
C GLY C 177 -56.50 36.67 -43.84
N ASP C 178 -57.80 36.39 -43.69
CA ASP C 178 -58.75 37.38 -43.20
C ASP C 178 -58.28 37.96 -41.86
N LYS C 179 -57.93 39.25 -41.86
CA LYS C 179 -57.42 39.88 -40.65
C LYS C 179 -58.41 39.74 -39.50
N ASN C 180 -59.71 39.89 -39.79
CA ASN C 180 -60.72 39.90 -38.74
C ASN C 180 -60.99 38.51 -38.18
N LYS C 181 -60.90 37.47 -39.02
CA LYS C 181 -61.08 36.11 -38.51
C LYS C 181 -59.89 35.68 -37.65
N ILE C 182 -58.68 36.07 -38.05
CA ILE C 182 -57.50 35.71 -37.27
C ILE C 182 -57.49 36.45 -35.94
N GLN C 183 -57.87 37.73 -35.95
CA GLN C 183 -57.89 38.49 -34.70
C GLN C 183 -58.94 37.92 -33.75
N LYS C 184 -60.09 37.49 -34.27
CA LYS C 184 -61.07 36.83 -33.42
C LYS C 184 -60.48 35.56 -32.81
N LEU C 185 -59.73 34.80 -33.61
CA LEU C 185 -59.07 33.61 -33.10
C LEU C 185 -58.12 33.95 -31.97
N VAL C 186 -57.31 35.00 -32.14
CA VAL C 186 -56.30 35.34 -31.16
C VAL C 186 -56.96 35.73 -29.83
N GLN C 187 -57.91 36.66 -29.87
CA GLN C 187 -58.53 37.12 -28.62
C GLN C 187 -59.23 35.98 -27.90
N MET C 188 -59.97 35.15 -28.63
CA MET C 188 -60.63 34.02 -27.98
C MET C 188 -59.62 33.08 -27.35
N ALA C 189 -58.53 32.78 -28.08
CA ALA C 189 -57.46 31.97 -27.51
C ALA C 189 -56.80 32.68 -26.33
N TRP C 190 -56.55 33.99 -26.48
CA TRP C 190 -55.99 34.76 -25.38
C TRP C 190 -56.84 34.63 -24.12
N THR C 191 -58.16 34.74 -24.27
CA THR C 191 -59.04 34.53 -23.13
C THR C 191 -58.84 33.14 -22.53
N PHE C 192 -58.72 32.13 -23.39
CA PHE C 192 -58.52 30.77 -22.88
C PHE C 192 -57.20 30.65 -22.11
N VAL C 193 -56.16 31.36 -22.55
CA VAL C 193 -54.91 31.35 -21.81
C VAL C 193 -55.13 31.91 -20.41
N ASN C 194 -55.78 33.07 -20.32
CA ASN C 194 -56.07 33.65 -19.01
C ASN C 194 -56.83 32.66 -18.14
N ASP C 195 -57.76 31.90 -18.74
CA ASP C 195 -58.53 30.93 -17.99
C ASP C 195 -57.69 29.72 -17.61
N SER C 196 -56.72 29.35 -18.45
CA SER C 196 -55.87 28.20 -18.15
C SER C 196 -54.96 28.46 -16.96
N LEU C 197 -54.81 29.72 -16.56
CA LEU C 197 -53.97 30.03 -15.41
C LEU C 197 -54.59 29.51 -14.11
N CYS C 198 -55.91 29.37 -14.08
CA CYS C 198 -56.60 28.82 -12.91
C CYS C 198 -56.53 27.30 -12.84
N THR C 199 -56.12 26.64 -13.91
CA THR C 199 -56.09 25.18 -13.94
C THR C 199 -54.66 24.70 -13.71
N THR C 200 -54.53 23.39 -13.49
CA THR C 200 -53.22 22.79 -13.28
C THR C 200 -52.50 22.48 -14.59
N LEU C 201 -53.04 22.93 -15.72
CA LEU C 201 -52.39 22.69 -17.00
C LEU C 201 -50.99 23.29 -17.06
N SER C 202 -50.78 24.44 -16.40
CA SER C 202 -49.45 25.03 -16.35
C SER C 202 -48.43 24.07 -15.76
N LEU C 203 -48.87 23.15 -14.91
CA LEU C 203 -48.00 22.16 -14.28
C LEU C 203 -47.95 20.87 -15.09
N GLN C 204 -48.78 20.73 -16.12
CA GLN C 204 -48.87 19.51 -16.91
C GLN C 204 -48.19 19.61 -18.27
N TRP C 205 -48.31 20.75 -18.96
CA TRP C 205 -47.85 20.88 -20.33
C TRP C 205 -47.08 22.17 -20.52
N GLU C 206 -46.03 22.09 -21.36
CA GLU C 206 -45.22 23.25 -21.66
C GLU C 206 -46.06 24.37 -22.29
N PRO C 207 -45.63 25.62 -22.17
CA PRO C 207 -46.46 26.72 -22.71
C PRO C 207 -46.68 26.65 -24.22
N GLU C 208 -45.67 26.19 -24.98
CA GLU C 208 -45.85 26.10 -26.43
C GLU C 208 -47.07 25.26 -26.77
N ILE C 209 -47.27 24.15 -26.05
CA ILE C 209 -48.43 23.31 -26.32
C ILE C 209 -49.72 24.03 -25.93
N ILE C 210 -49.68 24.75 -24.81
CA ILE C 210 -50.87 25.49 -24.38
C ILE C 210 -51.29 26.48 -25.46
N ALA C 211 -50.33 27.23 -26.01
CA ALA C 211 -50.66 28.19 -27.06
C ALA C 211 -51.32 27.51 -28.25
N VAL C 212 -50.79 26.35 -28.65
CA VAL C 212 -51.40 25.61 -29.75
C VAL C 212 -52.79 25.12 -29.35
N ALA C 213 -52.92 24.60 -28.13
CA ALA C 213 -54.20 24.06 -27.70
C ALA C 213 -55.30 25.11 -27.74
N VAL C 214 -54.99 26.35 -27.32
CA VAL C 214 -56.01 27.39 -27.31
C VAL C 214 -56.33 27.85 -28.73
N MET C 215 -55.33 27.87 -29.61
CA MET C 215 -55.60 28.11 -31.02
C MET C 215 -56.50 27.02 -31.59
N TYR C 216 -56.19 25.76 -31.27
CA TYR C 216 -57.00 24.62 -31.69
C TYR C 216 -58.44 24.76 -31.20
N LEU C 217 -58.61 25.09 -29.92
CA LEU C 217 -59.95 25.22 -29.36
C LEU C 217 -60.72 26.33 -30.05
N ALA C 218 -60.13 27.52 -30.13
CA ALA C 218 -60.80 28.65 -30.76
C ALA C 218 -61.20 28.31 -32.20
N GLY C 219 -60.34 27.60 -32.92
CA GLY C 219 -60.68 27.22 -34.29
C GLY C 219 -61.94 26.38 -34.36
N ARG C 220 -62.04 25.38 -33.49
CA ARG C 220 -63.23 24.54 -33.47
C ARG C 220 -64.48 25.36 -33.19
N LEU C 221 -64.42 26.23 -32.18
CA LEU C 221 -65.58 27.01 -31.80
C LEU C 221 -65.98 28.00 -32.90
N CYS C 222 -65.00 28.62 -33.56
CA CYS C 222 -65.28 29.58 -34.62
C CYS C 222 -65.47 28.92 -35.98
N LYS C 223 -65.38 27.59 -36.07
CA LYS C 223 -65.53 26.86 -37.33
C LYS C 223 -64.56 27.39 -38.39
N PHE C 224 -63.33 27.65 -37.96
CA PHE C 224 -62.25 28.07 -38.86
C PHE C 224 -61.35 26.86 -39.13
N GLU C 225 -60.76 26.82 -40.32
CA GLU C 225 -59.82 25.77 -40.70
C GLU C 225 -58.44 26.41 -40.82
N ILE C 226 -57.68 26.37 -39.72
CA ILE C 226 -56.46 27.14 -39.59
C ILE C 226 -55.42 26.75 -40.63
N GLN C 227 -55.44 25.49 -41.10
CA GLN C 227 -54.42 25.06 -42.04
C GLN C 227 -54.36 25.99 -43.26
N GLU C 228 -55.51 26.51 -43.70
CA GLU C 228 -55.53 27.36 -44.88
C GLU C 228 -54.67 28.60 -44.69
N TRP C 229 -54.55 29.11 -43.46
CA TRP C 229 -53.77 30.30 -43.19
C TRP C 229 -52.28 30.03 -43.06
N THR C 230 -51.87 28.77 -43.07
CA THR C 230 -50.46 28.42 -42.89
C THR C 230 -49.75 28.37 -44.23
N SER C 231 -48.41 28.29 -44.16
CA SER C 231 -47.61 28.13 -45.37
C SER C 231 -47.77 26.76 -45.99
N LYS C 232 -48.47 25.84 -45.33
CA LYS C 232 -48.69 24.48 -45.82
C LYS C 232 -50.19 24.21 -45.78
N PRO C 233 -50.95 24.83 -46.70
CA PRO C 233 -52.42 24.81 -46.58
C PRO C 233 -53.03 23.42 -46.74
N MET C 234 -52.24 22.43 -47.15
CA MET C 234 -52.72 21.06 -47.31
C MET C 234 -52.18 20.15 -46.23
N TYR C 235 -51.59 20.73 -45.19
CA TYR C 235 -51.10 20.02 -44.01
C TYR C 235 -52.18 20.15 -42.95
N ARG C 236 -53.03 19.12 -42.86
CA ARG C 236 -54.23 19.23 -42.02
C ARG C 236 -53.87 19.37 -40.54
N ARG C 237 -52.77 18.75 -40.11
CA ARG C 237 -52.29 18.92 -38.74
C ARG C 237 -51.41 20.17 -38.72
N TRP C 238 -52.08 21.32 -38.72
CA TRP C 238 -51.38 22.59 -38.91
C TRP C 238 -50.39 22.87 -37.79
N TRP C 239 -50.68 22.42 -36.57
CA TRP C 239 -49.83 22.78 -35.44
C TRP C 239 -48.44 22.16 -35.52
N GLU C 240 -48.28 21.06 -36.24
CA GLU C 240 -47.01 20.33 -36.23
C GLU C 240 -45.85 21.21 -36.67
N GLN C 241 -46.10 22.20 -37.53
CA GLN C 241 -45.03 23.12 -37.93
C GLN C 241 -44.63 24.07 -36.82
N PHE C 242 -45.51 24.30 -35.84
CA PHE C 242 -45.19 25.16 -34.70
C PHE C 242 -44.59 24.36 -33.54
N VAL C 243 -45.21 23.24 -33.19
CA VAL C 243 -44.80 22.41 -32.07
C VAL C 243 -44.71 20.97 -32.54
N GLN C 244 -43.52 20.40 -32.51
CA GLN C 244 -43.32 19.04 -32.97
C GLN C 244 -43.71 18.04 -31.89
N ASP C 245 -44.18 16.88 -32.33
CA ASP C 245 -44.45 15.74 -31.44
C ASP C 245 -45.62 16.02 -30.49
N VAL C 246 -46.67 16.66 -30.99
CA VAL C 246 -47.86 16.90 -30.19
C VAL C 246 -49.02 16.12 -30.82
N PRO C 247 -49.50 15.06 -30.17
CA PRO C 247 -50.68 14.36 -30.69
C PRO C 247 -51.96 15.13 -30.39
N VAL C 248 -52.99 14.85 -31.19
CA VAL C 248 -54.28 15.45 -30.93
C VAL C 248 -54.76 15.05 -29.54
N ASP C 249 -54.36 13.86 -29.07
CA ASP C 249 -54.70 13.42 -27.73
C ASP C 249 -54.44 14.52 -26.71
N VAL C 250 -53.25 15.13 -26.78
CA VAL C 250 -52.89 16.17 -25.84
C VAL C 250 -53.79 17.39 -26.00
N LEU C 251 -53.94 17.86 -27.25
CA LEU C 251 -54.75 19.04 -27.49
C LEU C 251 -56.19 18.85 -27.05
N GLU C 252 -56.74 17.64 -27.23
CA GLU C 252 -58.10 17.38 -26.78
C GLU C 252 -58.19 17.37 -25.26
N ASP C 253 -57.21 16.74 -24.60
CA ASP C 253 -57.20 16.75 -23.14
C ASP C 253 -57.18 18.17 -22.61
N ILE C 254 -56.36 19.03 -23.21
CA ILE C 254 -56.29 20.43 -22.77
C ILE C 254 -57.61 21.13 -23.04
N CYS C 255 -58.17 20.97 -24.24
CA CYS C 255 -59.44 21.62 -24.55
C CYS C 255 -60.53 21.17 -23.58
N HIS C 256 -60.60 19.87 -23.28
CA HIS C 256 -61.62 19.37 -22.37
C HIS C 256 -61.53 20.07 -21.02
N GLN C 257 -60.31 20.20 -20.49
CA GLN C 257 -60.15 20.81 -19.17
C GLN C 257 -60.58 22.28 -19.19
N ILE C 258 -60.22 23.02 -20.24
CA ILE C 258 -60.62 24.42 -20.31
C ILE C 258 -62.13 24.53 -20.41
N LEU C 259 -62.75 23.71 -21.28
CA LEU C 259 -64.19 23.75 -21.44
C LEU C 259 -64.92 23.31 -20.17
N ASP C 260 -64.32 22.39 -19.41
CA ASP C 260 -64.93 21.96 -18.15
C ASP C 260 -65.05 23.13 -17.18
N LEU C 261 -64.03 24.00 -17.15
CA LEU C 261 -64.09 25.17 -16.29
C LEU C 261 -65.30 26.04 -16.64
N TYR C 262 -65.54 26.25 -17.93
CA TYR C 262 -66.71 27.04 -18.34
C TYR C 262 -68.01 26.31 -18.01
N SER C 263 -68.05 25.00 -18.23
CA SER C 263 -69.27 24.26 -17.95
C SER C 263 -69.60 24.29 -16.46
N GLN C 264 -68.58 24.16 -15.61
CA GLN C 264 -68.81 24.20 -14.18
C GLN C 264 -69.31 25.57 -13.74
N GLY C 265 -68.71 26.65 -14.24
CA GLY C 265 -69.15 27.97 -13.86
C GLY C 265 -70.44 28.36 -14.55
N LYS C 266 -70.89 29.57 -14.27
CA LYS C 266 -72.05 30.15 -14.94
C LYS C 266 -71.65 30.79 -16.26
N GLN C 267 -70.36 31.10 -16.41
CA GLN C 267 -69.83 31.72 -17.61
C GLN C 267 -69.84 30.73 -18.78
N GLN C 268 -69.95 31.28 -19.99
CA GLN C 268 -69.99 30.49 -21.21
C GLN C 268 -68.81 30.86 -22.11
N MET C 269 -68.65 30.08 -23.19
CA MET C 269 -67.54 30.30 -24.09
C MET C 269 -67.61 31.73 -24.62
N PRO C 270 -66.47 32.42 -24.75
CA PRO C 270 -66.54 33.85 -25.10
C PRO C 270 -67.23 34.11 -26.44
N HIS C 271 -66.84 33.38 -27.47
CA HIS C 271 -67.35 33.59 -28.83
C HIS C 271 -67.74 35.03 -29.13
N MET D 5 -41.14 -32.68 36.54
CA MET D 5 -42.18 -31.89 35.81
C MET D 5 -42.38 -30.54 36.49
N SER D 6 -43.14 -29.66 35.84
CA SER D 6 -43.45 -28.34 36.35
C SER D 6 -44.97 -28.16 36.40
N TYR D 7 -45.41 -27.35 37.36
CA TYR D 7 -46.83 -27.18 37.67
C TYR D 7 -47.15 -25.70 37.69
N ASN D 8 -48.11 -25.28 36.86
CA ASN D 8 -48.44 -23.88 36.70
C ASN D 8 -49.94 -23.69 36.60
N TYR D 9 -50.37 -22.44 36.79
CA TYR D 9 -51.77 -22.04 36.89
C TYR D 9 -51.95 -20.80 36.01
N VAL D 10 -52.97 -20.82 35.15
CA VAL D 10 -53.20 -19.76 34.18
C VAL D 10 -54.62 -19.23 34.33
N VAL D 11 -54.75 -17.91 34.53
CA VAL D 11 -56.04 -17.25 34.70
C VAL D 11 -56.13 -16.03 33.78
N THR D 12 -57.37 -15.62 33.53
CA THR D 12 -57.66 -14.44 32.71
C THR D 12 -57.91 -13.24 33.61
N ALA D 13 -56.99 -12.28 33.59
CA ALA D 13 -57.18 -11.06 34.35
C ALA D 13 -58.16 -10.12 33.65
N GLN D 14 -58.03 -9.98 32.33
CA GLN D 14 -58.96 -9.19 31.52
C GLN D 14 -59.39 -10.02 30.33
N LYS D 15 -60.69 -10.13 30.12
CA LYS D 15 -61.20 -10.94 29.02
C LYS D 15 -60.90 -10.28 27.68
N PRO D 16 -60.93 -11.04 26.60
CA PRO D 16 -60.71 -10.46 25.27
C PRO D 16 -61.64 -9.28 25.01
N THR D 17 -61.06 -8.19 24.50
CA THR D 17 -61.83 -6.99 24.22
C THR D 17 -62.03 -6.72 22.73
N ALA D 18 -61.22 -7.33 21.87
CA ALA D 18 -61.33 -7.06 20.44
C ALA D 18 -62.55 -7.75 19.84
N VAL D 19 -63.20 -7.06 18.91
CA VAL D 19 -64.39 -7.59 18.25
C VAL D 19 -63.95 -8.37 17.02
N ASN D 20 -64.28 -9.67 17.00
CA ASN D 20 -63.92 -10.53 15.88
C ASN D 20 -65.07 -10.77 14.92
N GLY D 21 -66.29 -10.46 15.33
CA GLY D 21 -67.44 -10.58 14.44
C GLY D 21 -68.70 -10.21 15.20
N CYS D 22 -69.71 -9.82 14.43
CA CYS D 22 -70.97 -9.44 15.04
C CYS D 22 -72.08 -9.53 14.00
N VAL D 23 -73.26 -9.96 14.45
CA VAL D 23 -74.41 -10.14 13.58
C VAL D 23 -75.64 -9.56 14.26
N THR D 24 -76.68 -9.30 13.47
CA THR D 24 -77.97 -8.83 13.95
C THR D 24 -79.02 -9.88 13.63
N GLY D 25 -80.05 -9.95 14.47
CA GLY D 25 -81.10 -10.94 14.25
C GLY D 25 -82.12 -10.96 15.37
N HIS D 26 -82.87 -12.06 15.42
CA HIS D 26 -83.94 -12.28 16.38
C HIS D 26 -83.68 -13.61 17.10
N PHE D 27 -82.67 -13.61 17.97
CA PHE D 27 -82.19 -14.82 18.61
C PHE D 27 -82.90 -15.11 19.93
N THR D 28 -83.05 -14.10 20.80
CA THR D 28 -83.67 -14.31 22.09
C THR D 28 -85.19 -14.42 21.98
N SER D 29 -85.81 -13.58 21.16
CA SER D 29 -87.25 -13.63 20.95
C SER D 29 -87.55 -13.15 19.55
N ALA D 30 -88.62 -13.70 18.96
CA ALA D 30 -89.03 -13.28 17.62
C ALA D 30 -89.36 -11.79 17.57
N GLU D 31 -89.50 -11.14 18.72
CA GLU D 31 -89.81 -9.72 18.82
C GLU D 31 -88.57 -8.87 19.03
N ASP D 32 -87.64 -9.35 19.85
CA ASP D 32 -86.44 -8.56 20.15
C ASP D 32 -85.55 -8.46 18.92
N LEU D 33 -84.84 -7.35 18.82
CA LEU D 33 -83.77 -7.17 17.84
C LEU D 33 -82.46 -7.35 18.58
N ASN D 34 -81.69 -8.37 18.21
CA ASN D 34 -80.49 -8.74 18.94
C ASN D 34 -79.24 -8.27 18.19
N LEU D 35 -78.18 -8.05 18.94
CA LEU D 35 -76.83 -7.85 18.41
C LEU D 35 -75.92 -8.82 19.14
N LEU D 36 -75.40 -9.80 18.41
CA LEU D 36 -74.45 -10.77 18.97
C LEU D 36 -73.04 -10.37 18.57
N ILE D 37 -72.20 -10.09 19.56
CA ILE D 37 -70.82 -9.69 19.36
C ILE D 37 -69.92 -10.84 19.79
N ALA D 38 -68.97 -11.20 18.92
CA ALA D 38 -68.09 -12.34 19.14
C ALA D 38 -66.67 -11.87 19.39
N LYS D 39 -66.19 -12.07 20.61
CA LYS D 39 -64.79 -11.98 20.99
C LYS D 39 -64.20 -13.39 20.98
N ASN D 40 -62.87 -13.46 21.01
CA ASN D 40 -62.18 -14.71 20.69
C ASN D 40 -62.86 -15.94 21.29
N THR D 41 -63.09 -15.94 22.60
CA THR D 41 -63.73 -17.05 23.28
C THR D 41 -65.04 -16.66 23.95
N ARG D 42 -65.50 -15.43 23.77
CA ARG D 42 -66.66 -14.90 24.48
C ARG D 42 -67.74 -14.49 23.49
N LEU D 43 -68.98 -14.90 23.75
CA LEU D 43 -70.15 -14.50 22.98
C LEU D 43 -71.01 -13.58 23.85
N GLU D 44 -71.26 -12.38 23.35
CA GLU D 44 -72.05 -11.37 24.06
C GLU D 44 -73.35 -11.14 23.31
N ILE D 45 -74.47 -11.23 24.04
CA ILE D 45 -75.80 -11.07 23.46
C ILE D 45 -76.39 -9.77 24.00
N TYR D 46 -76.87 -8.92 23.08
CA TYR D 46 -77.47 -7.63 23.43
C TYR D 46 -78.85 -7.52 22.81
N VAL D 47 -79.63 -6.56 23.31
CA VAL D 47 -80.93 -6.21 22.75
C VAL D 47 -80.91 -4.73 22.37
N VAL D 48 -81.38 -4.42 21.17
CA VAL D 48 -81.30 -3.06 20.65
C VAL D 48 -82.43 -2.22 21.22
N THR D 49 -82.09 -1.05 21.73
CA THR D 49 -83.05 -0.05 22.20
C THR D 49 -82.83 1.25 21.42
N ALA D 50 -83.65 2.25 21.73
CA ALA D 50 -83.45 3.58 21.18
C ALA D 50 -82.32 4.34 21.88
N GLU D 51 -81.81 3.79 22.99
CA GLU D 51 -80.78 4.40 23.80
C GLU D 51 -79.39 3.84 23.53
N GLY D 52 -79.31 2.55 23.25
CA GLY D 52 -78.04 1.87 23.09
C GLY D 52 -78.27 0.37 23.04
N LEU D 53 -77.43 -0.38 23.74
CA LEU D 53 -77.53 -1.84 23.79
C LEU D 53 -77.85 -2.26 25.21
N ARG D 54 -78.81 -3.17 25.36
CA ARG D 54 -79.14 -3.72 26.66
C ARG D 54 -78.61 -5.14 26.76
N PRO D 55 -77.64 -5.40 27.65
CA PRO D 55 -77.11 -6.77 27.77
C PRO D 55 -78.14 -7.73 28.33
N VAL D 56 -78.02 -8.99 27.93
CA VAL D 56 -78.95 -10.03 28.38
C VAL D 56 -78.19 -11.23 28.91
N LYS D 57 -77.15 -11.65 28.19
CA LYS D 57 -76.43 -12.87 28.57
C LYS D 57 -75.06 -12.86 27.90
N GLU D 58 -74.05 -13.35 28.63
CA GLU D 58 -72.72 -13.59 28.09
C GLU D 58 -72.27 -14.98 28.47
N VAL D 59 -71.81 -15.74 27.48
CA VAL D 59 -71.32 -17.10 27.69
C VAL D 59 -69.89 -17.19 27.17
N GLY D 60 -69.12 -18.09 27.78
CA GLY D 60 -67.83 -18.49 27.27
C GLY D 60 -67.92 -19.84 26.58
N MET D 61 -67.08 -20.04 25.58
CA MET D 61 -67.00 -21.30 24.86
C MET D 61 -65.60 -21.87 24.92
N TYR D 62 -65.52 -23.19 24.86
CA TYR D 62 -64.24 -23.89 24.86
C TYR D 62 -63.70 -23.96 23.43
N GLY D 63 -63.48 -22.79 22.84
CA GLY D 63 -63.07 -22.70 21.45
C GLY D 63 -63.02 -21.29 20.91
N LYS D 64 -62.16 -21.06 19.90
CA LYS D 64 -62.08 -19.78 19.21
C LYS D 64 -63.20 -19.68 18.19
N ILE D 65 -64.03 -18.65 18.32
CA ILE D 65 -65.21 -18.51 17.45
C ILE D 65 -64.73 -18.11 16.05
N ALA D 66 -64.90 -19.02 15.08
CA ALA D 66 -64.50 -18.77 13.70
C ALA D 66 -65.67 -18.31 12.83
N VAL D 67 -66.82 -18.97 12.93
CA VAL D 67 -68.01 -18.60 12.19
C VAL D 67 -69.13 -18.30 13.19
N MET D 68 -69.91 -17.26 12.91
CA MET D 68 -71.07 -16.92 13.74
C MET D 68 -72.14 -16.31 12.84
N GLU D 69 -73.24 -17.03 12.66
CA GLU D 69 -74.33 -16.60 11.81
C GLU D 69 -75.66 -16.98 12.41
N LEU D 70 -76.66 -16.13 12.21
CA LEU D 70 -78.01 -16.39 12.67
C LEU D 70 -78.86 -16.84 11.48
N PHE D 71 -79.71 -17.83 11.71
CA PHE D 71 -80.58 -18.35 10.67
C PHE D 71 -81.85 -18.85 11.34
N ARG D 72 -82.91 -18.98 10.53
CA ARG D 72 -84.23 -19.38 11.04
C ARG D 72 -84.81 -20.42 10.10
N PRO D 73 -84.66 -21.71 10.43
CA PRO D 73 -85.17 -22.76 9.53
C PRO D 73 -86.68 -22.83 9.55
N LYS D 74 -87.24 -23.31 8.45
CA LYS D 74 -88.68 -23.47 8.32
C LYS D 74 -89.24 -24.23 9.51
N GLY D 75 -90.23 -23.63 10.18
CA GLY D 75 -90.87 -24.22 11.33
C GLY D 75 -90.47 -23.65 12.67
N GLU D 76 -89.40 -22.86 12.74
CA GLU D 76 -88.94 -22.29 14.00
C GLU D 76 -89.62 -20.97 14.32
N SER D 77 -89.76 -20.69 15.62
CA SER D 77 -90.36 -19.46 16.08
C SER D 77 -89.40 -18.28 15.98
N LYS D 78 -88.13 -18.50 16.33
CA LYS D 78 -87.13 -17.45 16.36
C LYS D 78 -85.85 -17.95 15.72
N ASP D 79 -84.88 -17.04 15.57
CA ASP D 79 -83.63 -17.38 14.91
C ASP D 79 -82.79 -18.32 15.78
N LEU D 80 -82.07 -19.23 15.13
CA LEU D 80 -81.07 -20.07 15.78
C LEU D 80 -79.67 -19.58 15.39
N LEU D 81 -78.70 -19.93 16.24
CA LEU D 81 -77.33 -19.45 16.09
C LEU D 81 -76.41 -20.61 15.73
N PHE D 82 -75.62 -20.43 14.67
CA PHE D 82 -74.59 -21.38 14.29
C PHE D 82 -73.22 -20.80 14.60
N ILE D 83 -72.35 -21.62 15.21
CA ILE D 83 -70.98 -21.23 15.53
C ILE D 83 -70.04 -22.39 15.19
N LEU D 84 -68.89 -22.05 14.60
CA LEU D 84 -67.82 -23.01 14.32
C LEU D 84 -66.52 -22.47 14.91
N THR D 85 -65.81 -23.31 15.64
CA THR D 85 -64.56 -22.90 16.28
C THR D 85 -63.36 -23.19 15.39
N ALA D 86 -62.22 -22.60 15.77
CA ALA D 86 -60.98 -22.78 15.02
C ALA D 86 -60.45 -24.21 15.08
N LYS D 87 -60.87 -25.00 16.07
CA LYS D 87 -60.55 -26.42 16.11
C LYS D 87 -61.62 -27.26 15.43
N TYR D 88 -62.54 -26.63 14.71
CA TYR D 88 -63.56 -27.32 13.90
C TYR D 88 -64.66 -27.92 14.76
N ASN D 89 -64.96 -27.27 15.89
CA ASN D 89 -66.11 -27.65 16.71
C ASN D 89 -67.32 -26.87 16.21
N ALA D 90 -68.33 -27.58 15.72
CA ALA D 90 -69.56 -26.98 15.20
C ALA D 90 -70.71 -27.23 16.16
N CYS D 91 -71.67 -26.30 16.17
CA CYS D 91 -72.86 -26.46 17.00
C CYS D 91 -73.92 -25.48 16.54
N ILE D 92 -75.18 -25.82 16.85
CA ILE D 92 -76.33 -24.94 16.66
C ILE D 92 -76.92 -24.67 18.04
N LEU D 93 -77.14 -23.40 18.35
CA LEU D 93 -77.50 -22.97 19.69
C LEU D 93 -78.89 -22.33 19.68
N GLU D 94 -79.56 -22.42 20.83
CA GLU D 94 -80.88 -21.84 21.03
C GLU D 94 -80.90 -21.09 22.35
N TYR D 95 -81.48 -19.89 22.33
CA TYR D 95 -81.71 -19.12 23.55
C TYR D 95 -83.03 -19.57 24.16
N LYS D 96 -83.00 -19.91 25.45
CA LYS D 96 -84.21 -20.34 26.15
C LYS D 96 -84.19 -19.72 27.54
N GLN D 97 -85.25 -18.99 27.87
CA GLN D 97 -85.35 -18.28 29.15
C GLN D 97 -86.70 -18.58 29.77
N SER D 98 -86.69 -19.08 31.01
CA SER D 98 -87.90 -19.34 31.79
C SER D 98 -87.80 -18.45 33.03
N GLY D 99 -88.41 -17.26 32.95
CA GLY D 99 -88.28 -16.28 34.01
C GLY D 99 -86.88 -15.71 34.05
N GLU D 100 -86.22 -15.85 35.20
CA GLU D 100 -84.85 -15.35 35.35
C GLU D 100 -83.80 -16.38 34.96
N SER D 101 -84.18 -17.63 34.71
CA SER D 101 -83.23 -18.69 34.40
C SER D 101 -82.92 -18.63 32.91
N ILE D 102 -81.69 -18.24 32.58
CA ILE D 102 -81.22 -18.15 31.20
C ILE D 102 -80.25 -19.29 30.94
N ASP D 103 -80.50 -20.03 29.87
CA ASP D 103 -79.62 -21.12 29.46
C ASP D 103 -79.48 -21.07 27.95
N ILE D 104 -78.35 -21.57 27.46
CA ILE D 104 -78.09 -21.67 26.02
C ILE D 104 -78.05 -23.16 25.69
N ILE D 105 -78.95 -23.60 24.83
CA ILE D 105 -79.17 -25.01 24.56
C ILE D 105 -78.38 -25.42 23.32
N THR D 106 -77.77 -26.60 23.39
CA THR D 106 -77.04 -27.17 22.25
C THR D 106 -78.00 -28.06 21.49
N ARG D 107 -78.48 -27.56 20.34
CA ARG D 107 -79.44 -28.33 19.55
C ARG D 107 -78.73 -29.37 18.69
N ALA D 108 -77.54 -29.05 18.19
CA ALA D 108 -76.75 -29.98 17.40
C ALA D 108 -75.28 -29.65 17.61
N HIS D 109 -74.43 -30.66 17.55
CA HIS D 109 -73.01 -30.42 17.75
C HIS D 109 -72.19 -31.56 17.17
N GLY D 110 -70.96 -31.24 16.79
CA GLY D 110 -70.04 -32.21 16.24
C GLY D 110 -68.80 -31.51 15.73
N ASN D 111 -67.79 -32.32 15.41
CA ASN D 111 -66.53 -31.84 14.89
C ASN D 111 -66.45 -32.14 13.40
N VAL D 112 -66.22 -31.11 12.60
CA VAL D 112 -66.31 -31.21 11.15
C VAL D 112 -64.95 -31.31 10.49
N GLN D 113 -63.90 -31.61 11.25
CA GLN D 113 -62.56 -31.68 10.69
C GLN D 113 -62.42 -32.90 9.78
N ASP D 114 -61.73 -32.72 8.66
CA ASP D 114 -61.45 -33.79 7.71
C ASP D 114 -60.07 -34.38 8.00
N ARG D 115 -59.93 -35.68 7.78
CA ARG D 115 -58.64 -36.31 8.02
C ARG D 115 -57.56 -35.71 7.13
N ILE D 116 -57.89 -35.45 5.87
CA ILE D 116 -56.94 -34.97 4.88
C ILE D 116 -57.49 -33.72 4.23
N GLY D 117 -56.73 -32.63 4.29
CA GLY D 117 -57.10 -31.39 3.65
C GLY D 117 -56.07 -30.31 3.90
N ARG D 118 -55.98 -29.33 3.00
CA ARG D 118 -55.05 -28.22 3.18
C ARG D 118 -55.81 -27.00 3.67
N PRO D 119 -55.53 -26.48 4.87
CA PRO D 119 -56.22 -25.28 5.34
C PRO D 119 -56.08 -24.14 4.33
N SER D 120 -57.18 -23.46 4.05
CA SER D 120 -57.20 -22.45 3.01
C SER D 120 -56.44 -21.19 3.45
N GLU D 121 -55.98 -20.44 2.45
CA GLU D 121 -55.16 -19.26 2.73
C GLU D 121 -55.98 -18.17 3.40
N THR D 122 -57.19 -17.90 2.90
CA THR D 122 -58.03 -16.83 3.43
C THR D 122 -58.89 -17.28 4.61
N GLY D 123 -58.59 -18.43 5.21
CA GLY D 123 -59.24 -18.83 6.44
C GLY D 123 -60.61 -19.45 6.26
N ILE D 124 -61.18 -19.88 7.40
CA ILE D 124 -62.48 -20.51 7.40
C ILE D 124 -63.55 -19.52 6.97
N ILE D 125 -64.43 -19.96 6.08
CA ILE D 125 -65.61 -19.20 5.66
C ILE D 125 -66.85 -20.04 5.93
N GLY D 126 -67.88 -19.41 6.50
CA GLY D 126 -69.14 -20.09 6.74
C GLY D 126 -70.33 -19.32 6.19
N ILE D 127 -71.19 -20.01 5.44
CA ILE D 127 -72.37 -19.41 4.83
C ILE D 127 -73.55 -20.36 4.97
N ILE D 128 -74.75 -19.79 4.92
CA ILE D 128 -75.99 -20.55 5.07
C ILE D 128 -76.94 -20.17 3.94
N ASP D 129 -77.67 -21.16 3.44
CA ASP D 129 -78.60 -20.93 2.35
C ASP D 129 -79.69 -19.94 2.77
N PRO D 130 -80.14 -19.07 1.86
CA PRO D 130 -81.23 -18.15 2.23
C PRO D 130 -82.50 -18.87 2.66
N GLU D 131 -82.78 -20.04 2.10
CA GLU D 131 -83.90 -20.87 2.53
C GLU D 131 -83.53 -21.78 3.68
N CYS D 132 -82.36 -21.58 4.29
CA CYS D 132 -81.90 -22.36 5.44
C CYS D 132 -82.00 -23.86 5.17
N ARG D 133 -81.55 -24.26 3.99
CA ARG D 133 -81.51 -25.67 3.61
C ARG D 133 -80.22 -26.35 4.00
N MET D 134 -79.11 -25.61 4.05
CA MET D 134 -77.81 -26.21 4.31
C MET D 134 -76.87 -25.16 4.87
N ILE D 135 -75.79 -25.64 5.49
CA ILE D 135 -74.69 -24.79 5.93
C ILE D 135 -73.50 -25.09 5.03
N GLY D 136 -72.97 -24.04 4.40
CA GLY D 136 -71.79 -24.17 3.56
C GLY D 136 -70.53 -23.80 4.34
N LEU D 137 -69.52 -24.66 4.24
CA LEU D 137 -68.24 -24.45 4.91
C LEU D 137 -67.11 -24.58 3.91
N ARG D 138 -66.20 -23.61 3.92
CA ARG D 138 -64.96 -23.66 3.14
C ARG D 138 -63.83 -23.79 4.15
N LEU D 139 -63.41 -25.03 4.41
CA LEU D 139 -62.35 -25.32 5.37
C LEU D 139 -61.01 -25.59 4.70
N TYR D 140 -61.00 -26.29 3.58
CA TYR D 140 -59.78 -26.71 2.92
C TYR D 140 -59.79 -26.30 1.45
N ASP D 141 -58.60 -26.06 0.90
CA ASP D 141 -58.50 -25.76 -0.52
C ASP D 141 -59.06 -26.92 -1.32
N GLY D 142 -59.90 -26.61 -2.31
CA GLY D 142 -60.41 -27.61 -3.21
C GLY D 142 -61.55 -28.46 -2.69
N LEU D 143 -62.04 -28.20 -1.48
CA LEU D 143 -63.12 -28.98 -0.90
C LEU D 143 -64.16 -28.03 -0.32
N PHE D 144 -65.43 -28.33 -0.58
CA PHE D 144 -66.56 -27.58 -0.05
C PHE D 144 -67.42 -28.53 0.77
N LYS D 145 -67.61 -28.21 2.05
CA LYS D 145 -68.32 -29.08 2.98
C LYS D 145 -69.74 -28.56 3.17
N VAL D 146 -70.71 -29.48 3.15
CA VAL D 146 -72.12 -29.14 3.25
C VAL D 146 -72.70 -29.85 4.46
N ILE D 147 -73.26 -29.08 5.38
CA ILE D 147 -74.07 -29.60 6.48
C ILE D 147 -75.51 -29.37 6.15
N PRO D 148 -76.31 -30.38 5.79
CA PRO D 148 -77.71 -30.16 5.47
C PRO D 148 -78.51 -29.82 6.72
N LEU D 149 -79.40 -28.83 6.60
CA LEU D 149 -80.21 -28.36 7.73
C LEU D 149 -81.47 -29.21 7.84
N ASP D 150 -81.23 -30.49 8.14
CA ASP D 150 -82.29 -31.44 8.42
C ASP D 150 -82.68 -31.38 9.89
N ARG D 151 -83.94 -31.69 10.17
CA ARG D 151 -84.41 -31.68 11.55
C ARG D 151 -83.67 -32.70 12.39
N ASP D 152 -83.32 -33.84 11.79
CA ASP D 152 -82.68 -34.95 12.50
C ASP D 152 -81.17 -34.88 12.51
N ASN D 153 -80.55 -33.96 11.77
CA ASN D 153 -79.09 -33.92 11.67
C ASN D 153 -78.49 -33.32 12.94
N LYS D 154 -78.70 -34.03 14.05
CA LYS D 154 -78.25 -33.59 15.36
C LYS D 154 -76.75 -33.75 15.56
N GLU D 155 -76.08 -34.54 14.72
CA GLU D 155 -74.64 -34.68 14.78
C GLU D 155 -73.93 -33.78 13.77
N LEU D 156 -74.67 -32.99 13.00
CA LEU D 156 -74.08 -32.11 11.99
C LEU D 156 -73.19 -32.90 11.05
N LYS D 157 -73.72 -34.02 10.57
CA LYS D 157 -73.04 -34.80 9.56
C LYS D 157 -72.96 -34.03 8.25
N ALA D 158 -71.86 -34.22 7.52
CA ALA D 158 -71.61 -33.42 6.34
C ALA D 158 -70.88 -34.24 5.29
N PHE D 159 -70.94 -33.75 4.05
CA PHE D 159 -70.25 -34.36 2.93
C PHE D 159 -69.49 -33.26 2.19
N ASN D 160 -68.46 -33.67 1.46
CA ASN D 160 -67.63 -32.75 0.69
C ASN D 160 -67.94 -32.87 -0.80
N ILE D 161 -67.96 -31.73 -1.49
CA ILE D 161 -68.11 -31.66 -2.93
C ILE D 161 -66.78 -31.18 -3.49
N ARG D 162 -66.21 -31.94 -4.43
CA ARG D 162 -64.92 -31.55 -4.98
C ARG D 162 -65.05 -30.20 -5.70
N LEU D 163 -64.07 -29.33 -5.47
CA LEU D 163 -64.05 -27.98 -6.06
C LEU D 163 -62.80 -27.82 -6.91
N GLU D 164 -63.00 -27.51 -8.20
CA GLU D 164 -61.86 -27.36 -9.10
C GLU D 164 -61.01 -26.15 -8.73
N GLU D 165 -61.63 -25.03 -8.36
CA GLU D 165 -60.90 -23.80 -8.07
C GLU D 165 -60.27 -23.93 -6.68
N LEU D 166 -58.95 -24.12 -6.65
CA LEU D 166 -58.29 -24.44 -5.39
C LEU D 166 -58.16 -23.21 -4.48
N HIS D 167 -57.87 -22.05 -5.06
CA HIS D 167 -57.61 -20.83 -4.30
C HIS D 167 -58.83 -19.93 -4.41
N VAL D 168 -59.67 -19.97 -3.38
CA VAL D 168 -60.89 -19.19 -3.32
C VAL D 168 -60.67 -18.01 -2.38
N ILE D 169 -61.14 -16.85 -2.79
CA ILE D 169 -61.00 -15.63 -2.00
C ILE D 169 -62.19 -15.42 -1.08
N ASP D 170 -63.40 -15.54 -1.62
CA ASP D 170 -64.60 -15.36 -0.82
C ASP D 170 -65.75 -16.07 -1.51
N VAL D 171 -66.68 -16.59 -0.72
CA VAL D 171 -67.80 -17.37 -1.21
C VAL D 171 -69.05 -16.95 -0.44
N LYS D 172 -70.16 -16.83 -1.15
CA LYS D 172 -71.44 -16.48 -0.54
C LYS D 172 -72.56 -17.27 -1.21
N PHE D 173 -73.66 -17.44 -0.48
CA PHE D 173 -74.89 -17.99 -1.05
C PHE D 173 -75.71 -16.85 -1.66
N LEU D 174 -76.29 -17.11 -2.82
CA LEU D 174 -77.02 -16.08 -3.55
C LEU D 174 -78.51 -16.10 -3.27
N TYR D 175 -79.13 -14.94 -3.44
CA TYR D 175 -80.57 -14.77 -3.30
C TYR D 175 -81.25 -14.83 -4.67
N GLY D 176 -82.52 -15.22 -4.65
CA GLY D 176 -83.34 -15.19 -5.84
C GLY D 176 -83.07 -16.28 -6.85
N CYS D 177 -82.58 -17.43 -6.39
CA CYS D 177 -82.31 -18.57 -7.24
C CYS D 177 -83.23 -19.71 -6.84
N GLN D 178 -83.69 -20.48 -7.83
CA GLN D 178 -84.59 -21.59 -7.54
C GLN D 178 -83.86 -22.73 -6.83
N ALA D 179 -82.56 -22.87 -7.05
CA ALA D 179 -81.77 -23.87 -6.36
C ALA D 179 -80.61 -23.20 -5.62
N PRO D 180 -80.07 -23.85 -4.59
CA PRO D 180 -78.91 -23.28 -3.90
C PRO D 180 -77.76 -22.95 -4.83
N THR D 181 -77.33 -21.70 -4.83
CA THR D 181 -76.27 -21.21 -5.70
C THR D 181 -75.20 -20.57 -4.84
N ILE D 182 -73.94 -20.91 -5.11
CA ILE D 182 -72.80 -20.26 -4.47
C ILE D 182 -72.15 -19.37 -5.51
N CYS D 183 -71.81 -18.15 -5.11
CA CYS D 183 -71.06 -17.22 -5.95
C CYS D 183 -69.78 -16.89 -5.19
N PHE D 184 -68.64 -16.99 -5.87
CA PHE D 184 -67.36 -16.81 -5.21
C PHE D 184 -66.35 -16.22 -6.16
N VAL D 185 -65.37 -15.54 -5.59
CA VAL D 185 -64.22 -15.04 -6.32
C VAL D 185 -63.05 -15.96 -6.03
N TYR D 186 -62.34 -16.37 -7.07
CA TYR D 186 -61.23 -17.30 -6.95
C TYR D 186 -60.05 -16.75 -7.73
N GLN D 187 -58.87 -17.27 -7.40
CA GLN D 187 -57.63 -16.84 -8.02
C GLN D 187 -56.96 -18.03 -8.71
N ASP D 188 -56.58 -17.83 -9.97
CA ASP D 188 -55.80 -18.80 -10.73
C ASP D 188 -54.69 -18.01 -11.43
N PRO D 189 -53.77 -18.67 -12.14
CA PRO D 189 -52.69 -17.93 -12.78
C PRO D 189 -53.18 -16.85 -13.73
N GLN D 190 -54.40 -16.98 -14.25
CA GLN D 190 -54.93 -16.03 -15.23
C GLN D 190 -55.50 -14.78 -14.61
N GLY D 191 -55.43 -14.61 -13.29
CA GLY D 191 -56.02 -13.47 -12.62
C GLY D 191 -57.06 -13.91 -11.63
N ARG D 192 -57.96 -13.01 -11.23
CA ARG D 192 -59.07 -13.35 -10.36
C ARG D 192 -60.37 -13.32 -11.14
N HIS D 193 -61.28 -14.21 -10.77
CA HIS D 193 -62.52 -14.41 -11.49
C HIS D 193 -63.66 -14.63 -10.51
N VAL D 194 -64.88 -14.40 -11.00
CA VAL D 194 -66.11 -14.70 -10.26
C VAL D 194 -66.84 -15.80 -11.02
N LYS D 195 -67.34 -16.79 -10.29
CA LYS D 195 -67.95 -17.96 -10.90
C LYS D 195 -69.07 -18.44 -9.98
N THR D 196 -70.02 -19.18 -10.56
CA THR D 196 -71.14 -19.68 -9.80
C THR D 196 -71.30 -21.18 -9.99
N TYR D 197 -71.80 -21.84 -8.96
CA TYR D 197 -72.15 -23.25 -8.99
C TYR D 197 -73.50 -23.42 -8.32
N GLU D 198 -74.18 -24.51 -8.63
CA GLU D 198 -75.41 -24.89 -7.94
C GLU D 198 -75.14 -26.10 -7.05
N VAL D 199 -75.71 -26.09 -5.86
CA VAL D 199 -75.48 -27.13 -4.86
C VAL D 199 -76.73 -28.01 -4.79
N SER D 200 -76.57 -29.30 -5.10
CA SER D 200 -77.66 -30.26 -5.05
C SER D 200 -77.45 -31.16 -3.83
N LEU D 201 -78.28 -30.98 -2.81
CA LEU D 201 -78.19 -31.85 -1.63
C LEU D 201 -78.54 -33.29 -1.98
N ARG D 202 -79.42 -33.49 -2.96
CA ARG D 202 -79.85 -34.84 -3.32
C ARG D 202 -78.71 -35.60 -4.00
N GLU D 203 -78.05 -34.98 -4.98
CA GLU D 203 -76.94 -35.62 -5.67
C GLU D 203 -75.63 -35.52 -4.92
N LYS D 204 -75.52 -34.58 -3.97
CA LYS D 204 -74.28 -34.35 -3.24
C LYS D 204 -73.15 -33.97 -4.21
N GLU D 205 -73.43 -33.00 -5.08
CA GLU D 205 -72.42 -32.50 -6.00
C GLU D 205 -72.86 -31.16 -6.55
N PHE D 206 -71.96 -30.53 -7.31
CA PHE D 206 -72.25 -29.28 -7.99
C PHE D 206 -72.92 -29.53 -9.34
N ASN D 207 -73.79 -28.60 -9.73
CA ASN D 207 -74.37 -28.56 -11.06
C ASN D 207 -73.99 -27.25 -11.75
N LYS D 208 -74.37 -27.14 -13.03
CA LYS D 208 -74.01 -25.97 -13.84
C LYS D 208 -74.44 -24.68 -13.14
N GLY D 209 -73.61 -23.64 -13.27
CA GLY D 209 -73.89 -22.40 -12.58
C GLY D 209 -74.93 -21.54 -13.27
N PRO D 210 -75.59 -20.67 -12.50
CA PRO D 210 -76.66 -19.84 -13.09
C PRO D 210 -76.19 -18.83 -14.12
N TRP D 211 -75.04 -18.17 -13.91
CA TRP D 211 -74.53 -17.22 -14.89
C TRP D 211 -73.05 -17.47 -15.11
N LYS D 212 -72.55 -16.99 -16.25
CA LYS D 212 -71.22 -17.35 -16.70
C LYS D 212 -70.15 -16.68 -15.83
N GLN D 213 -68.93 -17.19 -15.93
CA GLN D 213 -67.80 -16.63 -15.20
C GLN D 213 -67.47 -15.26 -15.79
N GLU D 214 -66.92 -14.38 -14.96
CA GLU D 214 -66.44 -13.09 -15.43
C GLU D 214 -65.06 -12.83 -14.86
N ASN D 215 -64.16 -12.28 -15.69
CA ASN D 215 -62.88 -11.84 -15.17
C ASN D 215 -63.07 -10.56 -14.38
N VAL D 216 -62.49 -10.50 -13.17
CA VAL D 216 -62.75 -9.42 -12.23
C VAL D 216 -61.44 -8.80 -11.76
N GLU D 217 -61.57 -7.72 -10.98
CA GLU D 217 -60.41 -6.98 -10.50
C GLU D 217 -59.39 -7.89 -9.82
N ALA D 218 -58.11 -7.56 -10.02
CA ALA D 218 -57.03 -8.35 -9.46
C ALA D 218 -57.09 -8.42 -7.94
N GLU D 219 -57.62 -7.37 -7.31
CA GLU D 219 -57.70 -7.29 -5.85
C GLU D 219 -59.13 -7.46 -5.35
N ALA D 220 -59.94 -8.23 -6.07
CA ALA D 220 -61.28 -8.56 -5.59
C ALA D 220 -61.21 -9.19 -4.21
N SER D 221 -61.85 -8.54 -3.24
CA SER D 221 -61.71 -8.91 -1.84
C SER D 221 -62.94 -9.58 -1.26
N MET D 222 -64.13 -9.06 -1.54
CA MET D 222 -65.34 -9.50 -0.84
C MET D 222 -66.49 -9.68 -1.82
N VAL D 223 -67.37 -10.61 -1.49
CA VAL D 223 -68.54 -10.94 -2.30
C VAL D 223 -69.76 -10.61 -1.46
N ILE D 224 -70.57 -9.66 -1.93
CA ILE D 224 -71.79 -9.26 -1.24
C ILE D 224 -72.96 -9.83 -2.00
N ALA D 225 -73.80 -10.60 -1.32
CA ALA D 225 -74.99 -11.20 -1.90
C ALA D 225 -76.16 -10.25 -1.75
N VAL D 226 -76.72 -9.80 -2.87
CA VAL D 226 -77.81 -8.82 -2.87
C VAL D 226 -79.16 -9.52 -2.76
N PRO D 227 -80.14 -8.95 -2.03
CA PRO D 227 -81.41 -9.65 -1.83
C PRO D 227 -82.25 -9.78 -3.09
N GLU D 228 -83.40 -10.44 -2.97
CA GLU D 228 -84.20 -10.80 -4.14
C GLU D 228 -84.65 -9.60 -4.98
N PRO D 229 -85.07 -8.46 -4.42
CA PRO D 229 -85.54 -7.37 -5.28
C PRO D 229 -84.56 -7.00 -6.39
N PHE D 230 -83.26 -6.97 -6.09
CA PHE D 230 -82.24 -6.77 -7.12
C PHE D 230 -81.64 -8.09 -7.58
N GLY D 231 -81.21 -8.93 -6.65
CA GLY D 231 -80.55 -10.17 -7.02
C GLY D 231 -79.10 -9.98 -7.37
N GLY D 232 -78.46 -11.08 -7.75
CA GLY D 232 -77.08 -11.03 -8.17
C GLY D 232 -76.11 -10.87 -7.01
N ALA D 233 -74.95 -10.31 -7.33
CA ALA D 233 -73.88 -10.15 -6.34
C ALA D 233 -73.08 -8.90 -6.64
N ILE D 234 -72.47 -8.34 -5.59
CA ILE D 234 -71.57 -7.21 -5.71
C ILE D 234 -70.18 -7.68 -5.29
N ILE D 235 -69.16 -7.22 -6.02
CA ILE D 235 -67.77 -7.59 -5.77
C ILE D 235 -67.02 -6.32 -5.36
N ILE D 236 -66.45 -6.33 -4.16
CA ILE D 236 -65.68 -5.22 -3.63
C ILE D 236 -64.21 -5.47 -3.91
N GLY D 237 -63.55 -4.48 -4.50
CA GLY D 237 -62.13 -4.60 -4.78
C GLY D 237 -61.29 -3.51 -4.16
N GLN D 238 -60.12 -3.25 -4.74
CA GLN D 238 -59.26 -2.17 -4.27
C GLN D 238 -59.60 -0.85 -4.94
N GLU D 239 -59.89 -0.89 -6.25
CA GLU D 239 -60.20 0.30 -7.03
C GLU D 239 -61.64 0.38 -7.51
N SER D 240 -62.36 -0.73 -7.59
CA SER D 240 -63.66 -0.75 -8.24
C SER D 240 -64.63 -1.65 -7.48
N ILE D 241 -65.91 -1.34 -7.65
CA ILE D 241 -67.01 -2.16 -7.15
C ILE D 241 -67.85 -2.58 -8.34
N THR D 242 -68.17 -3.87 -8.43
CA THR D 242 -68.86 -4.41 -9.58
C THR D 242 -70.08 -5.20 -9.14
N TYR D 243 -71.11 -5.16 -9.98
CA TYR D 243 -72.33 -5.95 -9.80
C TYR D 243 -72.44 -6.92 -10.95
N HIS D 244 -72.68 -8.19 -10.64
CA HIS D 244 -72.82 -9.23 -11.66
C HIS D 244 -74.14 -9.95 -11.43
N ASN D 245 -74.93 -10.08 -12.50
CA ASN D 245 -76.18 -10.85 -12.44
C ASN D 245 -76.55 -11.22 -13.88
N GLY D 246 -76.13 -12.39 -14.31
CA GLY D 246 -76.43 -12.86 -15.66
C GLY D 246 -75.87 -11.92 -16.72
N ASP D 247 -76.76 -11.35 -17.55
CA ASP D 247 -76.33 -10.45 -18.61
C ASP D 247 -76.01 -9.06 -18.09
N LYS D 248 -76.57 -8.67 -16.94
CA LYS D 248 -76.35 -7.34 -16.41
C LYS D 248 -74.95 -7.24 -15.83
N TYR D 249 -74.27 -6.13 -16.13
CA TYR D 249 -72.92 -5.90 -15.63
C TYR D 249 -72.72 -4.41 -15.43
N LEU D 250 -72.49 -4.02 -14.18
CA LEU D 250 -72.20 -2.65 -13.82
C LEU D 250 -70.85 -2.58 -13.12
N ALA D 251 -70.15 -1.46 -13.31
CA ALA D 251 -68.85 -1.27 -12.69
C ALA D 251 -68.67 0.21 -12.40
N ILE D 252 -68.47 0.55 -11.13
CA ILE D 252 -68.16 1.90 -10.70
C ILE D 252 -66.77 1.87 -10.07
N ALA D 253 -65.93 2.83 -10.43
CA ALA D 253 -64.56 2.91 -9.96
C ALA D 253 -64.27 4.33 -9.51
N PRO D 254 -64.85 4.75 -8.39
CA PRO D 254 -64.65 6.12 -7.92
C PRO D 254 -63.24 6.27 -7.36
N PRO D 255 -62.62 7.43 -7.55
CA PRO D 255 -61.22 7.59 -7.11
C PRO D 255 -61.08 7.56 -5.60
N ILE D 256 -62.16 7.73 -4.85
CA ILE D 256 -62.07 7.87 -3.39
C ILE D 256 -61.66 6.57 -2.72
N ILE D 257 -62.22 5.44 -3.18
CA ILE D 257 -61.96 4.18 -2.48
C ILE D 257 -60.54 3.68 -2.70
N LYS D 258 -59.88 4.10 -3.79
CA LYS D 258 -58.54 3.62 -4.07
C LYS D 258 -57.56 4.04 -2.98
N GLN D 259 -57.83 5.14 -2.27
CA GLN D 259 -56.88 5.62 -1.27
C GLN D 259 -56.64 4.60 -0.16
N SER D 260 -57.68 3.93 0.31
CA SER D 260 -57.54 2.97 1.40
C SER D 260 -58.37 1.73 1.12
N THR D 261 -57.85 0.56 1.52
CA THR D 261 -58.50 -0.70 1.23
C THR D 261 -59.79 -0.86 2.04
N ILE D 262 -60.86 -1.24 1.36
CA ILE D 262 -62.16 -1.50 1.99
C ILE D 262 -62.16 -2.92 2.53
N VAL D 263 -62.54 -3.08 3.80
CA VAL D 263 -62.39 -4.35 4.48
C VAL D 263 -63.70 -4.93 5.01
N CYS D 264 -64.75 -4.13 5.23
CA CYS D 264 -65.97 -4.64 5.85
C CYS D 264 -67.20 -4.04 5.18
N HIS D 265 -68.28 -4.84 5.16
CA HIS D 265 -69.54 -4.42 4.55
C HIS D 265 -70.72 -4.86 5.41
N ASN D 266 -71.84 -4.15 5.25
CA ASN D 266 -73.10 -4.49 5.89
C ASN D 266 -74.26 -4.01 5.03
N ARG D 267 -75.41 -4.67 5.18
CA ARG D 267 -76.61 -4.31 4.44
C ARG D 267 -77.52 -3.49 5.36
N VAL D 268 -77.90 -2.30 4.92
CA VAL D 268 -78.76 -1.43 5.72
C VAL D 268 -80.23 -1.67 5.41
N ASP D 269 -80.58 -1.70 4.13
CA ASP D 269 -81.96 -1.83 3.70
C ASP D 269 -82.24 -3.28 3.32
N PRO D 270 -83.19 -3.96 3.97
CA PRO D 270 -83.42 -5.37 3.64
C PRO D 270 -83.57 -5.67 2.16
N ASN D 271 -84.06 -4.73 1.36
CA ASN D 271 -84.18 -4.95 -0.07
C ASN D 271 -82.85 -4.75 -0.81
N GLY D 272 -81.80 -4.34 -0.13
CA GLY D 272 -80.50 -4.19 -0.75
C GLY D 272 -80.22 -2.84 -1.35
N SER D 273 -81.08 -1.85 -1.11
CA SER D 273 -80.88 -0.54 -1.74
C SER D 273 -79.60 0.13 -1.23
N ARG D 274 -79.25 -0.06 0.03
CA ARG D 274 -78.13 0.64 0.64
C ARG D 274 -77.26 -0.34 1.42
N TYR D 275 -75.95 -0.26 1.19
CA TYR D 275 -74.95 -1.06 1.90
C TYR D 275 -73.94 -0.11 2.54
N LEU D 276 -73.30 -0.56 3.61
CA LEU D 276 -72.31 0.21 4.33
C LEU D 276 -70.92 -0.40 4.10
N LEU D 277 -69.92 0.47 3.91
CA LEU D 277 -68.56 0.02 3.63
C LEU D 277 -67.57 0.73 4.55
N GLY D 278 -66.56 0.00 5.00
CA GLY D 278 -65.51 0.56 5.83
C GLY D 278 -64.14 0.18 5.30
N ASP D 279 -63.16 1.05 5.54
CA ASP D 279 -61.82 0.85 5.03
C ASP D 279 -60.79 1.02 6.16
N MET D 280 -59.54 0.69 5.83
CA MET D 280 -58.50 0.63 6.84
C MET D 280 -58.17 1.98 7.45
N GLU D 281 -58.47 3.08 6.77
CA GLU D 281 -58.26 4.41 7.35
C GLU D 281 -59.43 4.84 8.21
N GLY D 282 -60.39 3.97 8.47
CA GLY D 282 -61.51 4.27 9.33
C GLY D 282 -62.68 4.95 8.66
N ARG D 283 -62.57 5.21 7.36
CA ARG D 283 -63.63 5.92 6.65
C ARG D 283 -64.86 5.04 6.51
N LEU D 284 -66.04 5.66 6.60
CA LEU D 284 -67.30 4.97 6.45
C LEU D 284 -68.02 5.47 5.20
N PHE D 285 -68.43 4.53 4.34
CA PHE D 285 -69.07 4.86 3.09
C PHE D 285 -70.47 4.26 3.01
N MET D 286 -71.32 4.88 2.19
CA MET D 286 -72.64 4.36 1.85
C MET D 286 -72.65 3.95 0.39
N LEU D 287 -72.92 2.67 0.13
CA LEU D 287 -73.04 2.15 -1.22
C LEU D 287 -74.52 2.13 -1.59
N LEU D 288 -74.87 2.81 -2.67
CA LEU D 288 -76.25 3.02 -3.06
C LEU D 288 -76.54 2.25 -4.34
N LEU D 289 -77.61 1.47 -4.33
CA LEU D 289 -78.08 0.75 -5.52
C LEU D 289 -79.30 1.48 -6.07
N GLU D 290 -79.13 2.15 -7.21
CA GLU D 290 -80.22 2.92 -7.81
C GLU D 290 -81.09 2.00 -8.64
N LYS D 291 -82.35 1.88 -8.25
CA LYS D 291 -83.30 0.97 -8.89
C LYS D 291 -83.96 1.62 -10.09
N GLU D 292 -84.29 0.79 -11.07
CA GLU D 292 -85.05 1.23 -12.24
C GLU D 292 -86.17 0.22 -12.48
N GLU D 293 -87.41 0.70 -12.49
CA GLU D 293 -88.56 -0.17 -12.68
C GLU D 293 -88.87 -0.26 -14.18
N GLN D 294 -88.94 -1.48 -14.69
CA GLN D 294 -89.29 -1.70 -16.07
C GLN D 294 -90.80 -1.64 -16.28
N MET D 295 -91.20 -1.51 -17.54
CA MET D 295 -92.61 -1.50 -17.85
C MET D 295 -93.28 -2.82 -17.46
N ASP D 296 -92.50 -3.89 -17.35
CA ASP D 296 -93.03 -5.16 -16.89
C ASP D 296 -93.54 -5.12 -15.46
N GLY D 297 -93.15 -4.10 -14.69
CA GLY D 297 -93.36 -4.10 -13.26
C GLY D 297 -92.20 -4.67 -12.47
N THR D 298 -91.20 -5.23 -13.14
CA THR D 298 -90.01 -5.80 -12.53
C THR D 298 -88.96 -4.70 -12.32
N VAL D 299 -88.05 -4.96 -11.39
CA VAL D 299 -87.03 -3.99 -10.99
C VAL D 299 -85.64 -4.50 -11.36
N THR D 300 -84.88 -3.67 -12.07
CA THR D 300 -83.49 -3.94 -12.42
C THR D 300 -82.60 -2.87 -11.79
N LEU D 301 -81.29 -3.13 -11.79
CA LEU D 301 -80.30 -2.23 -11.21
C LEU D 301 -79.77 -1.29 -12.28
N LYS D 302 -79.96 0.01 -12.07
CA LYS D 302 -79.56 1.01 -13.06
C LYS D 302 -78.12 1.47 -12.88
N ASP D 303 -77.71 1.82 -11.66
CA ASP D 303 -76.38 2.37 -11.44
C ASP D 303 -75.99 2.20 -9.99
N LEU D 304 -74.70 2.43 -9.72
CA LEU D 304 -74.12 2.36 -8.38
C LEU D 304 -73.55 3.71 -7.99
N ARG D 305 -73.64 4.04 -6.70
CA ARG D 305 -73.12 5.30 -6.18
C ARG D 305 -72.49 5.07 -4.81
N VAL D 306 -71.42 5.81 -4.54
CA VAL D 306 -70.72 5.76 -3.26
C VAL D 306 -70.70 7.16 -2.67
N GLU D 307 -71.03 7.28 -1.38
CA GLU D 307 -71.07 8.55 -0.68
C GLU D 307 -70.28 8.42 0.62
N LEU D 308 -69.33 9.31 0.83
CA LEU D 308 -68.58 9.32 2.08
C LEU D 308 -69.46 9.83 3.21
N LEU D 309 -69.48 9.08 4.32
CA LEU D 309 -70.27 9.46 5.48
C LEU D 309 -69.44 10.13 6.57
N GLY D 310 -68.28 9.59 6.90
CA GLY D 310 -67.48 10.17 7.97
C GLY D 310 -66.37 9.24 8.40
N GLU D 311 -65.96 9.41 9.65
CA GLU D 311 -64.86 8.66 10.24
C GLU D 311 -65.35 7.88 11.45
N THR D 312 -65.00 6.60 11.50
CA THR D 312 -65.24 5.74 12.64
C THR D 312 -63.92 5.09 13.03
N SER D 313 -63.96 4.24 14.06
CA SER D 313 -62.81 3.42 14.37
C SER D 313 -62.58 2.40 13.26
N ILE D 314 -61.32 1.99 13.09
CA ILE D 314 -61.00 0.98 12.09
C ILE D 314 -61.84 -0.27 12.38
N ALA D 315 -62.71 -0.61 11.44
CA ALA D 315 -63.78 -1.57 11.69
C ALA D 315 -63.40 -2.94 11.13
N GLU D 316 -63.45 -3.95 11.99
CA GLU D 316 -63.37 -5.33 11.50
C GLU D 316 -64.67 -5.73 10.85
N CYS D 317 -65.80 -5.39 11.50
CA CYS D 317 -67.13 -5.67 11.00
C CYS D 317 -68.07 -4.52 11.36
N LEU D 318 -68.95 -4.16 10.43
CA LEU D 318 -70.02 -3.22 10.66
C LEU D 318 -71.36 -3.94 10.75
N THR D 319 -72.26 -3.40 11.56
CA THR D 319 -73.63 -3.91 11.61
C THR D 319 -74.57 -2.76 11.91
N TYR D 320 -75.47 -2.49 10.97
CA TYR D 320 -76.49 -1.46 11.18
C TYR D 320 -77.56 -2.04 12.10
N LEU D 321 -77.98 -1.23 13.09
CA LEU D 321 -78.99 -1.69 14.02
C LEU D 321 -80.36 -1.14 13.64
N ASP D 322 -80.62 0.13 13.93
CA ASP D 322 -81.89 0.73 13.55
C ASP D 322 -81.88 2.19 13.92
N ASN D 323 -82.71 2.96 13.22
CA ASN D 323 -82.90 4.38 13.49
C ASN D 323 -81.58 5.15 13.36
N GLY D 324 -80.77 4.76 12.38
CA GLY D 324 -79.53 5.43 12.09
C GLY D 324 -78.37 5.05 12.97
N VAL D 325 -78.56 4.09 13.87
CA VAL D 325 -77.52 3.65 14.80
C VAL D 325 -76.76 2.48 14.19
N VAL D 326 -75.42 2.58 14.19
CA VAL D 326 -74.55 1.53 13.67
C VAL D 326 -73.54 1.15 14.73
N PHE D 327 -73.35 -0.16 14.92
CA PHE D 327 -72.31 -0.66 15.81
C PHE D 327 -71.03 -0.90 15.01
N VAL D 328 -69.93 -0.33 15.49
CA VAL D 328 -68.63 -0.44 14.82
C VAL D 328 -67.78 -1.40 15.63
N GLY D 329 -67.55 -2.60 15.09
CA GLY D 329 -66.72 -3.58 15.77
C GLY D 329 -65.27 -3.50 15.32
N SER D 330 -64.39 -3.13 16.24
CA SER D 330 -62.99 -2.87 15.94
C SER D 330 -62.09 -3.86 16.64
N ARG D 331 -61.09 -4.36 15.91
CA ARG D 331 -60.06 -5.20 16.48
C ARG D 331 -58.78 -4.44 16.78
N LEU D 332 -58.54 -3.33 16.08
CA LEU D 332 -57.37 -2.49 16.28
C LEU D 332 -57.62 -1.30 17.20
N GLY D 333 -58.87 -0.98 17.48
CA GLY D 333 -59.16 0.18 18.32
C GLY D 333 -60.46 0.04 19.07
N ASP D 334 -60.89 1.12 19.73
CA ASP D 334 -62.13 1.08 20.51
C ASP D 334 -63.32 0.90 19.58
N SER D 335 -64.26 0.07 20.00
CA SER D 335 -65.51 -0.13 19.28
C SER D 335 -66.46 1.02 19.57
N GLN D 336 -67.56 1.08 18.82
CA GLN D 336 -68.40 2.27 18.87
C GLN D 336 -69.86 1.95 18.59
N LEU D 337 -70.74 2.80 19.12
CA LEU D 337 -72.07 3.04 18.59
C LEU D 337 -72.04 4.43 17.96
N VAL D 338 -72.53 4.54 16.72
CA VAL D 338 -72.52 5.82 16.02
C VAL D 338 -73.91 6.11 15.45
N LYS D 339 -74.22 7.39 15.33
CA LYS D 339 -75.48 7.87 14.77
C LYS D 339 -75.25 8.42 13.37
N LEU D 340 -76.00 7.89 12.41
CA LEU D 340 -75.97 8.39 11.04
C LEU D 340 -77.09 9.43 10.87
N ASN D 341 -76.74 10.63 10.46
CA ASN D 341 -77.69 11.73 10.30
C ASN D 341 -77.96 11.98 8.82
N VAL D 342 -79.15 12.50 8.53
CA VAL D 342 -79.48 12.85 7.15
C VAL D 342 -78.75 14.12 6.73
N ASP D 343 -78.61 15.07 7.63
CA ASP D 343 -77.88 16.31 7.36
C ASP D 343 -76.48 16.23 7.95
N SER D 344 -75.50 16.70 7.19
CA SER D 344 -74.13 16.76 7.67
C SER D 344 -73.96 17.89 8.68
N ASN D 345 -72.93 17.76 9.52
CA ASN D 345 -72.60 18.76 10.51
C ASN D 345 -71.72 19.83 9.87
N GLU D 346 -71.18 20.75 10.69
CA GLU D 346 -70.41 21.86 10.16
C GLU D 346 -69.11 21.40 9.52
N GLN D 347 -68.66 20.18 9.79
CA GLN D 347 -67.42 19.66 9.24
C GLN D 347 -67.63 18.88 7.95
N GLY D 348 -68.88 18.66 7.54
CA GLY D 348 -69.17 17.84 6.39
C GLY D 348 -69.44 16.39 6.71
N SER D 349 -69.47 16.02 7.99
CA SER D 349 -69.65 14.64 8.41
C SER D 349 -71.10 14.35 8.73
N TYR D 350 -71.54 13.15 8.36
CA TYR D 350 -72.87 12.66 8.71
C TYR D 350 -72.83 11.71 9.90
N VAL D 351 -71.66 11.51 10.52
CA VAL D 351 -71.47 10.50 11.55
C VAL D 351 -71.15 11.19 12.87
N VAL D 352 -71.85 10.79 13.93
CA VAL D 352 -71.63 11.31 15.27
C VAL D 352 -71.54 10.14 16.23
N ALA D 353 -70.46 10.10 17.01
CA ALA D 353 -70.25 9.02 17.94
C ALA D 353 -71.25 9.09 19.09
N MET D 354 -71.82 7.94 19.45
CA MET D 354 -72.70 7.82 20.61
C MET D 354 -71.95 7.28 21.81
N GLU D 355 -71.44 6.05 21.71
CA GLU D 355 -70.75 5.40 22.81
C GLU D 355 -69.40 4.86 22.34
N THR D 356 -68.50 4.67 23.30
CA THR D 356 -67.17 4.13 23.03
C THR D 356 -66.94 2.95 23.94
N PHE D 357 -66.63 1.79 23.36
CA PHE D 357 -66.39 0.56 24.09
C PHE D 357 -64.89 0.31 24.16
N THR D 358 -64.35 0.22 25.37
CA THR D 358 -62.91 0.06 25.54
C THR D 358 -62.45 -1.24 24.89
N ASN D 359 -61.46 -1.12 23.99
CA ASN D 359 -60.78 -2.26 23.40
C ASN D 359 -59.29 -2.09 23.62
N LEU D 360 -58.69 -2.98 24.42
CA LEU D 360 -57.25 -2.92 24.62
C LEU D 360 -56.47 -3.22 23.36
N GLY D 361 -57.15 -3.60 22.27
CA GLY D 361 -56.51 -3.73 20.98
C GLY D 361 -55.32 -4.66 21.02
N PRO D 362 -54.56 -4.70 19.93
CA PRO D 362 -53.28 -5.45 19.96
C PRO D 362 -52.35 -4.86 21.00
N ILE D 363 -51.94 -5.71 21.95
CA ILE D 363 -51.01 -5.30 23.01
C ILE D 363 -49.61 -5.67 22.50
N VAL D 364 -48.94 -4.70 21.87
CA VAL D 364 -47.63 -4.98 21.30
C VAL D 364 -46.59 -5.12 22.40
N ASP D 365 -46.65 -4.27 23.42
CA ASP D 365 -45.73 -4.32 24.55
C ASP D 365 -46.44 -3.78 25.77
N MET D 366 -45.83 -3.97 26.94
CA MET D 366 -46.37 -3.44 28.18
C MET D 366 -45.30 -3.51 29.27
N CYS D 367 -45.48 -2.68 30.29
CA CYS D 367 -44.62 -2.68 31.46
C CYS D 367 -45.45 -2.44 32.71
N VAL D 368 -44.96 -2.94 33.84
CA VAL D 368 -45.62 -2.79 35.13
C VAL D 368 -44.84 -1.79 35.97
N VAL D 369 -45.55 -0.80 36.51
CA VAL D 369 -44.92 0.27 37.28
C VAL D 369 -45.87 0.71 38.39
N ASP D 370 -45.31 0.91 39.59
CA ASP D 370 -46.06 1.40 40.74
C ASP D 370 -45.97 2.93 40.70
N LEU D 371 -46.95 3.56 40.04
CA LEU D 371 -46.90 5.01 39.87
C LEU D 371 -47.07 5.73 41.20
N GLU D 372 -47.95 5.23 42.07
CA GLU D 372 -48.17 5.83 43.38
C GLU D 372 -47.13 5.40 44.41
N ARG D 373 -46.14 4.61 44.00
CA ARG D 373 -45.11 4.06 44.89
C ARG D 373 -45.71 3.25 46.04
N GLN D 374 -46.92 2.77 45.86
CA GLN D 374 -47.60 1.90 46.80
C GLN D 374 -47.41 0.47 46.29
N GLY D 375 -47.87 -0.51 47.06
CA GLY D 375 -47.75 -1.88 46.62
C GLY D 375 -48.74 -2.23 45.53
N GLN D 376 -49.31 -1.20 44.90
CA GLN D 376 -50.30 -1.38 43.85
C GLN D 376 -49.61 -1.23 42.50
N GLY D 377 -49.68 -2.27 41.67
CA GLY D 377 -49.03 -2.28 40.38
C GLY D 377 -49.98 -1.82 39.29
N GLN D 378 -49.47 -0.96 38.40
CA GLN D 378 -50.25 -0.44 37.29
C GLN D 378 -49.61 -0.89 35.98
N LEU D 379 -50.45 -1.25 35.00
CA LEU D 379 -50.00 -1.80 33.73
C LEU D 379 -50.23 -0.79 32.62
N VAL D 380 -49.14 -0.30 32.03
CA VAL D 380 -49.18 0.62 30.90
C VAL D 380 -48.81 -0.15 29.64
N THR D 381 -49.73 -0.19 28.68
CA THR D 381 -49.62 -1.04 27.50
C THR D 381 -49.55 -0.21 26.23
N CYS D 382 -48.78 -0.71 25.25
CA CYS D 382 -48.81 -0.20 23.88
C CYS D 382 -49.94 -0.93 23.15
N SER D 383 -51.04 -0.22 22.89
CA SER D 383 -52.25 -0.82 22.38
C SER D 383 -52.71 -0.14 21.09
N GLY D 384 -53.34 -0.94 20.22
CA GLY D 384 -53.91 -0.41 18.99
C GLY D 384 -52.91 -0.32 17.85
N ALA D 385 -53.42 0.14 16.70
CA ALA D 385 -52.59 0.37 15.53
C ALA D 385 -53.14 1.56 14.75
N PHE D 386 -52.25 2.22 14.03
CA PHE D 386 -52.59 3.32 13.12
C PHE D 386 -53.34 4.41 13.90
N LYS D 387 -54.47 4.90 13.40
CA LYS D 387 -55.20 5.97 14.08
C LYS D 387 -55.57 5.58 15.49
N GLU D 388 -55.82 4.29 15.73
CA GLU D 388 -56.28 3.83 17.03
C GLU D 388 -55.14 3.58 18.01
N GLY D 389 -53.89 3.83 17.62
CA GLY D 389 -52.79 3.60 18.53
C GLY D 389 -52.96 4.42 19.80
N SER D 390 -52.64 3.80 20.93
CA SER D 390 -52.88 4.44 22.21
C SER D 390 -51.99 3.80 23.27
N LEU D 391 -51.85 4.51 24.39
CA LEU D 391 -51.28 3.97 25.60
C LEU D 391 -52.42 3.79 26.60
N ARG D 392 -52.49 2.61 27.20
CA ARG D 392 -53.56 2.27 28.13
C ARG D 392 -52.94 1.97 29.49
N ILE D 393 -53.34 2.74 30.49
CA ILE D 393 -52.90 2.54 31.87
C ILE D 393 -54.00 1.81 32.61
N ILE D 394 -53.69 0.61 33.07
CA ILE D 394 -54.65 -0.29 33.69
C ILE D 394 -54.22 -0.51 35.12
N ARG D 395 -55.15 -0.33 36.05
CA ARG D 395 -54.88 -0.52 37.46
C ARG D 395 -56.04 -1.32 38.05
N ASN D 396 -55.73 -2.14 39.04
CA ASN D 396 -56.79 -2.84 39.75
C ASN D 396 -57.45 -1.83 40.69
N GLY D 397 -58.78 -1.88 40.75
CA GLY D 397 -59.54 -0.92 41.51
C GLY D 397 -60.00 -1.44 42.86
N ILE D 398 -60.56 -0.54 43.64
CA ILE D 398 -60.98 -0.87 44.99
C ILE D 398 -62.32 -0.19 45.27
N GLN D 408 -66.46 -5.21 41.02
CA GLN D 408 -65.04 -5.38 40.77
C GLN D 408 -64.72 -5.23 39.28
N LYS D 409 -63.85 -4.27 38.98
CA LYS D 409 -63.47 -3.98 37.60
C LYS D 409 -62.07 -3.39 37.58
N LEU D 410 -61.46 -3.38 36.40
CA LEU D 410 -60.18 -2.71 36.18
C LEU D 410 -60.47 -1.31 35.66
N HIS D 411 -59.83 -0.32 36.25
CA HIS D 411 -59.98 1.06 35.80
C HIS D 411 -58.91 1.33 34.75
N ILE D 412 -59.34 1.81 33.58
CA ILE D 412 -58.49 1.94 32.41
C ILE D 412 -58.47 3.39 31.98
N ARG D 413 -57.28 3.97 31.88
CA ARG D 413 -57.08 5.29 31.33
C ARG D 413 -56.49 5.13 29.93
N THR D 414 -56.97 5.94 28.99
CA THR D 414 -56.56 5.84 27.60
C THR D 414 -55.81 7.10 27.20
N VAL D 415 -54.63 6.93 26.63
CA VAL D 415 -53.82 8.05 26.13
C VAL D 415 -53.76 7.91 24.61
N PRO D 416 -54.50 8.72 23.85
CA PRO D 416 -54.48 8.56 22.39
C PRO D 416 -53.17 9.05 21.79
N LEU D 417 -52.63 8.26 20.87
CA LEU D 417 -51.40 8.59 20.17
C LEU D 417 -51.61 8.86 18.69
N TYR D 418 -52.66 8.30 18.08
CA TYR D 418 -52.99 8.50 16.67
C TYR D 418 -51.88 8.00 15.74
N GLU D 419 -50.98 7.18 16.27
CA GLU D 419 -49.99 6.48 15.47
C GLU D 419 -49.70 5.15 16.16
N SER D 420 -49.05 4.25 15.45
CA SER D 420 -48.89 2.89 15.95
C SER D 420 -47.81 2.85 17.03
N PRO D 421 -48.13 2.43 18.26
CA PRO D 421 -47.08 2.20 19.27
C PRO D 421 -46.57 0.77 19.21
N ARG D 422 -45.25 0.62 19.41
CA ARG D 422 -44.60 -0.67 19.26
C ARG D 422 -43.96 -1.18 20.54
N LYS D 423 -43.15 -0.37 21.22
CA LYS D 423 -42.53 -0.80 22.46
C LYS D 423 -42.55 0.34 23.47
N ILE D 424 -42.54 -0.03 24.75
CA ILE D 424 -42.59 0.92 25.85
C ILE D 424 -41.58 0.51 26.92
N CYS D 425 -40.95 1.50 27.54
CA CYS D 425 -39.97 1.28 28.60
C CYS D 425 -40.11 2.39 29.61
N TYR D 426 -40.01 2.04 30.89
CA TYR D 426 -40.18 2.99 31.98
C TYR D 426 -38.81 3.41 32.51
N GLN D 427 -38.63 4.72 32.70
CA GLN D 427 -37.40 5.30 33.21
C GLN D 427 -37.76 6.13 34.45
N GLU D 428 -37.56 5.55 35.64
CA GLU D 428 -37.97 6.22 36.86
C GLU D 428 -37.21 7.52 37.06
N VAL D 429 -35.90 7.52 36.79
CA VAL D 429 -35.07 8.69 37.05
C VAL D 429 -35.69 9.94 36.43
N SER D 430 -36.32 9.80 35.26
CA SER D 430 -36.89 10.92 34.54
C SER D 430 -38.40 11.01 34.69
N GLN D 431 -39.00 10.17 35.53
CA GLN D 431 -40.45 10.16 35.74
C GLN D 431 -41.18 10.18 34.40
N CYS D 432 -40.74 9.31 33.48
CA CYS D 432 -41.33 9.29 32.16
C CYS D 432 -41.17 7.90 31.55
N PHE D 433 -41.95 7.66 30.50
CA PHE D 433 -41.86 6.44 29.72
C PHE D 433 -41.19 6.74 28.38
N GLY D 434 -40.49 5.74 27.85
CA GLY D 434 -40.00 5.77 26.49
C GLY D 434 -40.85 4.84 25.64
N VAL D 435 -41.37 5.37 24.54
CA VAL D 435 -42.27 4.62 23.66
C VAL D 435 -41.77 4.72 22.24
N LEU D 436 -41.60 3.58 21.58
CA LEU D 436 -41.28 3.51 20.16
C LEU D 436 -42.59 3.50 19.39
N SER D 437 -42.69 4.33 18.35
CA SER D 437 -43.91 4.45 17.58
C SER D 437 -43.57 4.66 16.11
N SER D 438 -44.49 4.26 15.25
CA SER D 438 -44.35 4.47 13.81
C SER D 438 -45.65 5.01 13.24
N ARG D 439 -45.52 5.95 12.30
CA ARG D 439 -46.64 6.55 11.60
C ARG D 439 -46.46 6.34 10.11
N ILE D 440 -47.57 6.34 9.38
CA ILE D 440 -47.56 6.08 7.95
C ILE D 440 -47.58 7.42 7.21
N GLU D 441 -46.55 7.66 6.41
CA GLU D 441 -46.56 8.76 5.45
C GLU D 441 -46.55 8.17 4.05
N VAL D 442 -46.95 9.00 3.09
CA VAL D 442 -47.14 8.57 1.70
C VAL D 442 -46.31 9.45 0.79
N GLN D 443 -45.72 8.83 -0.24
CA GLN D 443 -44.94 9.57 -1.21
C GLN D 443 -45.79 10.65 -1.88
N ASP D 444 -45.30 11.88 -1.89
CA ASP D 444 -46.02 13.02 -2.42
C ASP D 444 -45.27 13.59 -3.63
N THR D 445 -45.88 14.59 -4.26
CA THR D 445 -45.35 15.13 -5.50
C THR D 445 -44.02 15.86 -5.29
N SER D 446 -43.71 16.26 -4.06
CA SER D 446 -42.45 16.93 -3.80
C SER D 446 -41.27 15.98 -3.79
N GLY D 447 -41.51 14.67 -3.80
CA GLY D 447 -40.48 13.68 -3.60
C GLY D 447 -40.33 13.20 -2.19
N GLY D 448 -40.82 13.95 -1.21
CA GLY D 448 -40.83 13.52 0.17
C GLY D 448 -42.07 12.71 0.50
N THR D 449 -42.45 12.72 1.77
CA THR D 449 -43.64 12.02 2.23
C THR D 449 -44.46 12.95 3.11
N THR D 450 -45.75 12.65 3.19
CA THR D 450 -46.72 13.45 3.94
C THR D 450 -47.50 12.55 4.87
N ALA D 451 -47.69 13.02 6.10
CA ALA D 451 -48.45 12.26 7.09
C ALA D 451 -49.94 12.40 6.83
N LEU D 452 -50.67 11.28 6.92
CA LEU D 452 -52.09 11.29 6.62
C LEU D 452 -52.88 12.10 7.65
N ARG D 453 -52.37 12.21 8.86
CA ARG D 453 -53.04 12.91 9.94
C ARG D 453 -52.01 13.31 10.98
N PRO D 454 -52.28 14.33 11.79
CA PRO D 454 -51.36 14.66 12.88
C PRO D 454 -51.41 13.59 13.95
N SER D 455 -50.26 13.38 14.60
CA SER D 455 -50.15 12.33 15.60
C SER D 455 -49.12 12.75 16.64
N ALA D 456 -48.88 11.85 17.60
CA ALA D 456 -48.04 12.18 18.75
C ALA D 456 -46.66 12.65 18.32
N SER D 457 -46.06 11.96 17.34
CA SER D 457 -44.70 12.29 16.93
C SER D 457 -44.62 13.59 16.16
N THR D 458 -45.72 14.03 15.54
CA THR D 458 -45.70 15.27 14.78
C THR D 458 -46.18 16.46 15.59
N GLN D 459 -46.84 16.22 16.72
CA GLN D 459 -47.38 17.27 17.57
C GLN D 459 -46.60 17.40 18.87
N ALA D 460 -45.38 16.86 18.90
CA ALA D 460 -44.58 16.91 20.12
C ALA D 460 -44.12 18.33 20.42
N LEU D 461 -43.95 18.61 21.71
CA LEU D 461 -43.47 19.91 22.16
C LEU D 461 -42.07 20.18 21.63
N SER D 462 -41.12 19.31 21.94
CA SER D 462 -39.78 19.36 21.40
C SER D 462 -39.58 18.19 20.45
N SER D 463 -38.76 18.39 19.42
CA SER D 463 -38.56 17.35 18.43
C SER D 463 -37.13 17.40 17.91
N SER D 464 -36.69 16.27 17.37
CA SER D 464 -35.36 16.14 16.78
C SER D 464 -35.40 15.04 15.72
N VAL D 465 -34.41 15.07 14.84
CA VAL D 465 -34.27 14.07 13.78
C VAL D 465 -32.83 13.61 13.74
N SER D 466 -32.63 12.29 13.68
CA SER D 466 -31.28 11.74 13.66
C SER D 466 -30.49 12.30 12.47
N SER D 467 -29.23 12.63 12.72
CA SER D 467 -28.31 13.08 11.69
C SER D 467 -27.18 12.08 11.47
N SER D 468 -27.42 10.81 11.81
CA SER D 468 -26.38 9.79 11.68
C SER D 468 -25.95 9.67 10.22
N LYS D 469 -24.64 9.68 10.01
CA LYS D 469 -24.06 9.51 8.68
C LYS D 469 -23.43 8.13 8.51
N LEU D 470 -23.73 7.20 9.42
CA LEU D 470 -23.08 5.89 9.41
C LEU D 470 -23.34 5.16 8.11
N PHE D 471 -24.60 5.15 7.65
CA PHE D 471 -24.93 4.47 6.41
C PHE D 471 -24.73 5.35 5.19
N SER D 472 -24.58 6.66 5.41
CA SER D 472 -24.25 7.59 4.34
C SER D 472 -24.88 7.19 3.01
N SER D 473 -24.16 7.38 1.92
CA SER D 473 -24.62 6.97 0.60
C SER D 473 -24.24 5.52 0.27
N SER D 474 -23.61 4.79 1.19
CA SER D 474 -23.27 3.39 0.95
C SER D 474 -24.42 2.64 0.29
N THR D 475 -25.61 2.70 0.89
CA THR D 475 -26.77 2.01 0.34
C THR D 475 -27.34 2.81 -0.83
N ALA D 476 -27.37 2.21 -2.01
CA ALA D 476 -27.92 2.89 -3.18
C ALA D 476 -29.39 3.25 -2.93
N PRO D 477 -29.86 4.36 -3.47
CA PRO D 477 -31.26 4.76 -3.26
C PRO D 477 -32.21 3.93 -4.10
N HIS D 478 -33.34 3.57 -3.50
CA HIS D 478 -34.33 2.71 -4.13
C HIS D 478 -35.44 3.55 -4.74
N GLU D 479 -36.08 3.00 -5.77
CA GLU D 479 -37.07 3.75 -6.53
C GLU D 479 -38.30 4.01 -5.66
N THR D 480 -38.85 5.21 -5.77
CA THR D 480 -40.04 5.61 -5.03
C THR D 480 -41.11 6.06 -6.00
N SER D 481 -42.32 5.53 -5.83
CA SER D 481 -43.47 5.88 -6.66
C SER D 481 -44.48 6.66 -5.82
N PHE D 482 -45.07 7.69 -6.43
CA PHE D 482 -46.07 8.48 -5.72
C PHE D 482 -47.21 7.59 -5.24
N GLY D 483 -47.61 7.79 -3.99
CA GLY D 483 -48.71 7.05 -3.41
C GLY D 483 -48.30 5.86 -2.57
N GLU D 484 -47.05 5.42 -2.66
CA GLU D 484 -46.60 4.29 -1.84
C GLU D 484 -46.49 4.71 -0.38
N GLU D 485 -46.78 3.78 0.51
CA GLU D 485 -46.70 4.02 1.94
C GLU D 485 -45.30 3.71 2.45
N VAL D 486 -44.91 4.44 3.49
CA VAL D 486 -43.66 4.18 4.20
C VAL D 486 -43.91 4.41 5.68
N GLU D 487 -43.14 3.74 6.52
CA GLU D 487 -43.20 3.91 7.96
C GLU D 487 -42.11 4.87 8.43
N VAL D 488 -42.48 5.76 9.35
CA VAL D 488 -41.55 6.69 9.98
C VAL D 488 -41.54 6.39 11.47
N HIS D 489 -40.36 6.06 12.01
CA HIS D 489 -40.23 5.61 13.38
C HIS D 489 -39.66 6.71 14.27
N ASN D 490 -40.19 6.79 15.48
CA ASN D 490 -39.80 7.84 16.42
C ASN D 490 -39.67 7.27 17.82
N LEU D 491 -38.92 7.99 18.65
CA LEU D 491 -38.84 7.74 20.09
C LEU D 491 -39.61 8.83 20.80
N LEU D 492 -40.62 8.44 21.58
CA LEU D 492 -41.46 9.38 22.30
C LEU D 492 -41.08 9.36 23.78
N ILE D 493 -40.86 10.55 24.33
CA ILE D 493 -40.65 10.73 25.77
C ILE D 493 -41.95 11.25 26.35
N ILE D 494 -42.54 10.51 27.28
CA ILE D 494 -43.88 10.77 27.78
C ILE D 494 -43.85 10.88 29.30
N ASP D 495 -44.45 11.94 29.83
CA ASP D 495 -44.50 12.15 31.28
C ASP D 495 -45.35 11.08 31.94
N GLN D 496 -44.90 10.60 33.10
CA GLN D 496 -45.56 9.46 33.73
C GLN D 496 -46.89 9.80 34.39
N HIS D 497 -47.13 11.06 34.71
CA HIS D 497 -48.41 11.47 35.30
C HIS D 497 -49.33 12.14 34.29
N THR D 498 -48.83 13.14 33.55
CA THR D 498 -49.66 13.83 32.59
C THR D 498 -49.79 13.07 31.28
N PHE D 499 -48.84 12.19 30.97
CA PHE D 499 -48.81 11.48 29.70
C PHE D 499 -48.82 12.44 28.53
N GLU D 500 -48.04 13.51 28.67
CA GLU D 500 -47.84 14.50 27.61
C GLU D 500 -46.55 14.16 26.88
N VAL D 501 -46.58 14.29 25.55
CA VAL D 501 -45.40 14.01 24.75
C VAL D 501 -44.41 15.16 24.95
N LEU D 502 -43.31 14.88 25.63
CA LEU D 502 -42.32 15.90 25.96
C LEU D 502 -41.31 16.10 24.84
N HIS D 503 -40.94 15.02 24.15
CA HIS D 503 -39.98 15.08 23.07
C HIS D 503 -40.27 13.93 22.11
N ALA D 504 -40.09 14.20 20.82
CA ALA D 504 -40.23 13.18 19.78
C ALA D 504 -38.97 13.21 18.93
N HIS D 505 -38.30 12.07 18.84
CA HIS D 505 -37.08 11.92 18.04
C HIS D 505 -37.39 11.02 16.85
N GLN D 506 -37.15 11.53 15.65
CA GLN D 506 -37.41 10.79 14.42
C GLN D 506 -36.13 10.10 13.97
N PHE D 507 -36.22 8.81 13.68
CA PHE D 507 -35.06 8.04 13.27
C PHE D 507 -34.82 8.22 11.77
N LEU D 508 -33.74 7.63 11.28
CA LEU D 508 -33.33 7.83 9.90
C LEU D 508 -34.39 7.30 8.93
N GLN D 509 -34.35 7.83 7.72
CA GLN D 509 -35.26 7.38 6.67
C GLN D 509 -35.10 5.89 6.42
N ASN D 510 -36.21 5.16 6.44
CA ASN D 510 -36.26 3.71 6.26
C ASN D 510 -35.67 2.96 7.44
N GLU D 511 -35.53 3.60 8.59
CA GLU D 511 -35.03 2.95 9.79
C GLU D 511 -36.21 2.55 10.66
N TYR D 512 -36.25 1.28 11.04
CA TYR D 512 -37.31 0.74 11.90
C TYR D 512 -36.75 0.55 13.31
N ALA D 513 -37.49 1.04 14.30
CA ALA D 513 -37.13 0.86 15.71
C ALA D 513 -37.73 -0.44 16.22
N LEU D 514 -36.88 -1.36 16.66
CA LEU D 514 -37.30 -2.69 17.08
C LEU D 514 -37.18 -2.93 18.57
N SER D 515 -36.19 -2.34 19.25
CA SER D 515 -35.93 -2.63 20.64
C SER D 515 -35.64 -1.35 21.41
N LEU D 516 -35.98 -1.36 22.70
CA LEU D 516 -35.79 -0.20 23.55
C LEU D 516 -35.56 -0.65 24.98
N VAL D 517 -34.58 -0.05 25.65
CA VAL D 517 -34.30 -0.33 27.05
C VAL D 517 -33.93 0.95 27.77
N SER D 518 -34.19 0.98 29.07
CA SER D 518 -33.79 2.07 29.96
C SER D 518 -32.97 1.47 31.09
N CYS D 519 -31.73 1.90 31.23
CA CYS D 519 -30.84 1.28 32.21
C CYS D 519 -29.59 2.13 32.39
N LYS D 520 -28.85 1.82 33.46
CA LYS D 520 -27.50 2.29 33.67
C LYS D 520 -26.54 1.22 33.17
N LEU D 521 -25.40 1.64 32.62
CA LEU D 521 -24.40 0.71 32.10
C LEU D 521 -23.03 1.03 32.67
N GLY D 522 -22.24 -0.03 32.85
CA GLY D 522 -20.86 0.13 33.28
C GLY D 522 -20.74 0.91 34.56
N LYS D 523 -19.77 1.81 34.60
CA LYS D 523 -19.59 2.71 35.73
C LYS D 523 -20.21 4.08 35.49
N ASP D 524 -21.05 4.21 34.48
CA ASP D 524 -21.71 5.48 34.17
C ASP D 524 -22.96 5.61 35.02
N PRO D 525 -23.05 6.61 35.90
CA PRO D 525 -24.26 6.75 36.73
C PRO D 525 -25.47 7.28 35.97
N ASN D 526 -25.30 7.77 34.75
CA ASN D 526 -26.42 8.30 33.99
C ASN D 526 -27.31 7.18 33.49
N THR D 527 -28.63 7.41 33.53
CA THR D 527 -29.61 6.45 33.03
C THR D 527 -30.00 6.85 31.61
N TYR D 528 -29.84 5.93 30.66
CA TYR D 528 -30.03 6.25 29.25
C TYR D 528 -31.22 5.47 28.68
N PHE D 529 -31.78 6.00 27.59
CA PHE D 529 -32.68 5.26 26.73
C PHE D 529 -31.87 4.75 25.53
N ILE D 530 -31.87 3.43 25.32
CA ILE D 530 -31.11 2.82 24.25
C ILE D 530 -32.11 2.19 23.28
N VAL D 531 -31.95 2.47 21.99
CA VAL D 531 -32.88 2.01 20.97
C VAL D 531 -32.11 1.15 19.98
N GLY D 532 -32.66 -0.01 19.63
CA GLY D 532 -32.08 -0.87 18.60
C GLY D 532 -32.94 -0.80 17.34
N THR D 533 -32.28 -0.56 16.21
CA THR D 533 -32.95 -0.30 14.96
C THR D 533 -32.48 -1.25 13.87
N ALA D 534 -33.16 -1.21 12.74
CA ALA D 534 -32.79 -2.00 11.57
C ALA D 534 -33.15 -1.19 10.33
N MET D 535 -32.24 -1.14 9.36
CA MET D 535 -32.51 -0.45 8.09
C MET D 535 -33.31 -1.38 7.20
N VAL D 536 -34.57 -1.04 6.95
CA VAL D 536 -35.50 -1.91 6.24
C VAL D 536 -35.65 -1.36 4.82
N TYR D 537 -35.18 -2.13 3.84
CA TYR D 537 -35.36 -1.80 2.44
C TYR D 537 -36.16 -2.90 1.77
N PRO D 538 -37.13 -2.55 0.93
CA PRO D 538 -38.04 -3.59 0.37
C PRO D 538 -37.33 -4.71 -0.37
N GLU D 539 -36.18 -4.44 -0.98
CA GLU D 539 -35.52 -5.48 -1.77
C GLU D 539 -34.92 -6.57 -0.91
N GLU D 540 -34.46 -6.22 0.29
CA GLU D 540 -33.74 -7.16 1.14
C GLU D 540 -34.75 -8.01 1.90
N ALA D 541 -34.64 -9.33 1.77
CA ALA D 541 -35.49 -10.23 2.55
C ALA D 541 -35.17 -10.10 4.04
N GLU D 542 -33.89 -10.02 4.39
CA GLU D 542 -33.47 -9.82 5.76
C GLU D 542 -32.60 -8.58 5.87
N PRO D 543 -32.87 -7.68 6.83
CA PRO D 543 -32.05 -6.47 6.95
C PRO D 543 -30.61 -6.82 7.28
N LYS D 544 -29.69 -6.05 6.70
CA LYS D 544 -28.27 -6.29 6.90
C LYS D 544 -27.56 -5.07 7.50
N GLN D 545 -28.29 -4.01 7.83
CA GLN D 545 -27.73 -2.83 8.47
C GLN D 545 -28.61 -2.41 9.64
N GLY D 546 -27.97 -1.86 10.67
CA GLY D 546 -28.72 -1.43 11.85
C GLY D 546 -27.87 -0.53 12.72
N ARG D 547 -28.53 0.03 13.74
CA ARG D 547 -27.90 0.93 14.68
C ARG D 547 -28.39 0.63 16.09
N ILE D 548 -27.50 0.79 17.07
CA ILE D 548 -27.85 0.87 18.47
C ILE D 548 -27.52 2.29 18.91
N VAL D 549 -28.54 3.04 19.33
CA VAL D 549 -28.38 4.46 19.66
C VAL D 549 -28.67 4.64 21.14
N VAL D 550 -27.80 5.38 21.82
CA VAL D 550 -27.94 5.67 23.25
C VAL D 550 -28.36 7.12 23.40
N PHE D 551 -29.48 7.35 24.09
CA PHE D 551 -30.01 8.69 24.32
C PHE D 551 -30.03 8.98 25.82
N GLN D 552 -29.86 10.25 26.17
CA GLN D 552 -30.05 10.73 27.54
C GLN D 552 -31.11 11.82 27.54
N TYR D 553 -32.19 11.62 28.30
CA TYR D 553 -33.18 12.67 28.50
C TYR D 553 -32.88 13.37 29.82
N SER D 554 -32.45 14.63 29.75
CA SER D 554 -32.10 15.39 30.94
C SER D 554 -32.45 16.86 30.72
N ASP D 555 -33.15 17.45 31.70
CA ASP D 555 -33.51 18.87 31.66
C ASP D 555 -34.34 19.20 30.41
N GLY D 556 -35.35 18.37 30.16
CA GLY D 556 -36.29 18.65 29.09
C GLY D 556 -35.79 18.40 27.68
N LYS D 557 -34.54 17.95 27.52
CA LYS D 557 -33.96 17.75 26.21
C LYS D 557 -33.39 16.34 26.10
N LEU D 558 -33.46 15.79 24.89
CA LEU D 558 -32.92 14.47 24.59
C LEU D 558 -31.61 14.62 23.82
N GLN D 559 -30.54 14.04 24.37
CA GLN D 559 -29.22 14.14 23.77
C GLN D 559 -28.79 12.77 23.27
N THR D 560 -28.18 12.73 22.08
CA THR D 560 -27.66 11.49 21.53
C THR D 560 -26.28 11.24 22.14
N VAL D 561 -26.15 10.19 22.94
CA VAL D 561 -24.89 9.98 23.65
C VAL D 561 -23.90 9.23 22.77
N ALA D 562 -24.35 8.19 22.07
CA ALA D 562 -23.45 7.38 21.26
C ALA D 562 -24.27 6.52 20.32
N GLU D 563 -23.64 6.08 19.22
CA GLU D 563 -24.24 5.22 18.23
C GLU D 563 -23.27 4.11 17.88
N LYS D 564 -23.81 2.89 17.72
CA LYS D 564 -23.00 1.72 17.39
C LYS D 564 -23.62 1.04 16.17
N GLU D 565 -22.85 0.95 15.09
CA GLU D 565 -23.33 0.31 13.88
C GLU D 565 -23.26 -1.21 14.01
N VAL D 566 -24.31 -1.88 13.53
CA VAL D 566 -24.37 -3.33 13.49
C VAL D 566 -24.80 -3.76 12.10
N LYS D 567 -24.51 -5.02 11.78
CA LYS D 567 -24.79 -5.59 10.46
C LYS D 567 -26.08 -6.39 10.47
N GLY D 568 -27.18 -5.78 10.92
CA GLY D 568 -28.45 -6.49 10.98
C GLY D 568 -29.46 -5.73 11.79
N ALA D 569 -30.49 -6.45 12.24
CA ALA D 569 -31.61 -5.87 12.97
C ALA D 569 -31.46 -6.15 14.45
N VAL D 570 -31.55 -5.09 15.26
CA VAL D 570 -31.44 -5.24 16.73
C VAL D 570 -32.84 -5.56 17.22
N TYR D 571 -33.22 -6.85 17.10
CA TYR D 571 -34.57 -7.25 17.43
C TYR D 571 -34.87 -7.10 18.92
N SER D 572 -33.92 -7.46 19.78
CA SER D 572 -34.16 -7.47 21.22
C SER D 572 -32.93 -7.00 21.98
N MET D 573 -33.17 -6.28 23.07
CA MET D 573 -32.10 -5.85 23.97
C MET D 573 -32.56 -6.01 25.41
N VAL D 574 -31.59 -6.19 26.31
CA VAL D 574 -31.87 -6.29 27.73
C VAL D 574 -30.58 -6.02 28.49
N GLU D 575 -30.70 -5.33 29.62
CA GLU D 575 -29.53 -5.05 30.45
C GLU D 575 -29.07 -6.32 31.16
N PHE D 576 -27.75 -6.54 31.15
CA PHE D 576 -27.14 -7.77 31.66
C PHE D 576 -25.98 -7.39 32.57
N ASN D 577 -26.25 -7.27 33.87
CA ASN D 577 -25.23 -7.04 34.89
C ASN D 577 -24.29 -5.91 34.48
N GLY D 578 -24.89 -4.75 34.23
CA GLY D 578 -24.15 -3.58 33.84
C GLY D 578 -23.71 -3.54 32.39
N LYS D 579 -23.99 -4.59 31.62
CA LYS D 579 -23.67 -4.66 30.21
C LYS D 579 -24.97 -4.71 29.40
N LEU D 580 -24.83 -4.50 28.10
CA LEU D 580 -25.96 -4.46 27.18
C LEU D 580 -25.96 -5.75 26.36
N LEU D 581 -27.04 -6.52 26.51
CA LEU D 581 -27.24 -7.75 25.75
C LEU D 581 -28.18 -7.46 24.59
N ALA D 582 -27.71 -7.65 23.36
CA ALA D 582 -28.47 -7.35 22.16
C ALA D 582 -28.38 -8.50 21.18
N SER D 583 -29.47 -8.72 20.44
CA SER D 583 -29.53 -9.72 19.40
C SER D 583 -29.59 -9.01 18.05
N ILE D 584 -28.59 -9.26 17.21
CA ILE D 584 -28.54 -8.72 15.86
C ILE D 584 -28.70 -9.91 14.92
N ASN D 585 -29.92 -10.09 14.39
CA ASN D 585 -30.24 -11.20 13.49
C ASN D 585 -29.87 -12.50 14.18
N SER D 586 -29.02 -13.35 13.60
CA SER D 586 -28.66 -14.62 14.22
C SER D 586 -27.77 -14.43 15.45
N THR D 587 -26.95 -13.39 15.48
CA THR D 587 -25.95 -13.25 16.53
C THR D 587 -26.53 -12.65 17.80
N VAL D 588 -26.08 -13.16 18.94
CA VAL D 588 -26.38 -12.61 20.26
C VAL D 588 -25.08 -12.06 20.83
N ARG D 589 -25.09 -10.78 21.20
CA ARG D 589 -23.87 -10.07 21.58
C ARG D 589 -24.00 -9.45 22.96
N LEU D 590 -22.86 -9.34 23.65
CA LEU D 590 -22.77 -8.66 24.94
C LEU D 590 -21.82 -7.48 24.76
N TYR D 591 -22.33 -6.28 25.05
CA TYR D 591 -21.57 -5.05 24.88
C TYR D 591 -21.20 -4.47 26.24
N GLU D 592 -19.95 -4.03 26.37
CA GLU D 592 -19.51 -3.27 27.53
C GLU D 592 -19.54 -1.78 27.22
N TRP D 593 -19.82 -0.99 28.26
CA TRP D 593 -19.91 0.47 28.18
C TRP D 593 -18.59 1.04 28.69
N THR D 594 -17.81 1.62 27.79
CA THR D 594 -16.47 2.09 28.14
C THR D 594 -16.54 3.42 28.89
N THR D 595 -15.40 3.79 29.48
CA THR D 595 -15.29 5.10 30.11
C THR D 595 -15.33 6.23 29.09
N GLU D 596 -15.18 5.93 27.80
CA GLU D 596 -15.35 6.92 26.74
C GLU D 596 -16.79 6.98 26.24
N LYS D 597 -17.72 6.35 26.97
CA LYS D 597 -19.14 6.38 26.65
C LYS D 597 -19.44 5.86 25.24
N GLU D 598 -18.91 4.68 24.95
CA GLU D 598 -19.23 3.98 23.70
C GLU D 598 -19.30 2.49 23.98
N LEU D 599 -19.99 1.78 23.09
CA LEU D 599 -20.22 0.35 23.27
C LEU D 599 -19.09 -0.46 22.63
N ARG D 600 -18.63 -1.47 23.36
CA ARG D 600 -17.54 -2.33 22.93
C ARG D 600 -17.98 -3.77 23.05
N THR D 601 -17.79 -4.54 21.99
CA THR D 601 -18.20 -5.94 21.98
C THR D 601 -17.29 -6.74 22.90
N GLU D 602 -17.88 -7.59 23.74
CA GLU D 602 -17.11 -8.50 24.57
C GLU D 602 -17.09 -9.91 24.00
N CYS D 603 -18.28 -10.48 23.73
CA CYS D 603 -18.38 -11.86 23.28
C CYS D 603 -19.65 -12.03 22.47
N ASN D 604 -19.66 -13.08 21.63
CA ASN D 604 -20.78 -13.33 20.74
C ASN D 604 -21.20 -14.80 20.82
N HIS D 605 -22.47 -15.04 20.46
CA HIS D 605 -23.02 -16.37 20.25
C HIS D 605 -23.80 -16.35 18.93
N TYR D 606 -23.54 -17.35 18.06
CA TYR D 606 -24.06 -17.28 16.71
C TYR D 606 -25.02 -18.39 16.29
N ASN D 607 -25.27 -19.40 17.12
CA ASN D 607 -26.06 -20.54 16.67
C ASN D 607 -27.55 -20.29 16.91
N ASN D 608 -28.09 -19.32 16.16
CA ASN D 608 -29.52 -19.03 16.19
C ASN D 608 -29.94 -18.68 14.77
N ILE D 609 -31.11 -19.20 14.35
CA ILE D 609 -31.67 -18.80 13.05
C ILE D 609 -32.09 -17.33 13.08
N MET D 610 -32.80 -16.93 14.14
CA MET D 610 -33.16 -15.52 14.32
C MET D 610 -33.53 -15.29 15.77
N ALA D 611 -32.73 -14.49 16.47
CA ALA D 611 -32.92 -14.28 17.92
C ALA D 611 -33.85 -13.10 18.13
N LEU D 612 -35.14 -13.38 18.20
CA LEU D 612 -36.15 -12.34 18.29
C LEU D 612 -36.43 -11.92 19.73
N TYR D 613 -36.19 -12.80 20.70
CA TYR D 613 -36.55 -12.53 22.07
C TYR D 613 -35.41 -12.84 23.02
N LEU D 614 -35.31 -12.03 24.07
CA LEU D 614 -34.26 -12.17 25.07
C LEU D 614 -34.80 -11.90 26.46
N LYS D 615 -34.38 -12.72 27.42
CA LYS D 615 -34.73 -12.56 28.83
C LYS D 615 -33.54 -13.05 29.63
N THR D 616 -33.32 -12.45 30.79
CA THR D 616 -32.16 -12.75 31.61
C THR D 616 -32.56 -12.94 33.07
N LYS D 617 -31.84 -13.85 33.74
CA LYS D 617 -31.90 -14.00 35.19
C LYS D 617 -30.48 -14.29 35.66
N GLY D 618 -29.87 -13.32 36.34
CA GLY D 618 -28.48 -13.50 36.77
C GLY D 618 -27.56 -13.53 35.58
N ASP D 619 -26.67 -14.52 35.55
CA ASP D 619 -25.77 -14.74 34.42
C ASP D 619 -26.34 -15.71 33.39
N PHE D 620 -27.64 -16.01 33.48
CA PHE D 620 -28.32 -16.88 32.54
C PHE D 620 -29.11 -16.06 31.53
N ILE D 621 -29.17 -16.54 30.30
CA ILE D 621 -29.91 -15.88 29.23
C ILE D 621 -30.83 -16.89 28.58
N LEU D 622 -32.06 -16.48 28.31
CA LEU D 622 -33.03 -17.28 27.58
C LEU D 622 -33.28 -16.61 26.24
N VAL D 623 -33.00 -17.32 25.15
CA VAL D 623 -33.09 -16.79 23.80
C VAL D 623 -34.26 -17.46 23.09
N GLY D 624 -35.07 -16.67 22.42
CA GLY D 624 -36.19 -17.21 21.67
C GLY D 624 -35.94 -17.10 20.19
N ASP D 625 -35.88 -18.25 19.51
CA ASP D 625 -35.59 -18.28 18.09
C ASP D 625 -36.88 -18.28 17.29
N LEU D 626 -36.77 -17.92 16.02
CA LEU D 626 -37.95 -17.91 15.15
C LEU D 626 -38.52 -19.31 14.99
N MET D 627 -37.67 -20.32 14.85
CA MET D 627 -38.16 -21.68 14.63
C MET D 627 -37.53 -22.72 15.55
N ARG D 628 -36.43 -22.44 16.23
CA ARG D 628 -35.72 -23.42 17.04
C ARG D 628 -36.09 -23.34 18.51
N SER D 629 -37.23 -22.72 18.83
CA SER D 629 -37.73 -22.66 20.21
C SER D 629 -36.80 -21.82 21.09
N VAL D 630 -36.41 -22.33 22.26
CA VAL D 630 -35.70 -21.53 23.24
C VAL D 630 -34.39 -22.21 23.61
N LEU D 631 -33.37 -21.39 23.87
CA LEU D 631 -32.04 -21.84 24.26
C LEU D 631 -31.65 -21.18 25.58
N LEU D 632 -31.01 -21.94 26.46
CA LEU D 632 -30.53 -21.41 27.74
C LEU D 632 -29.03 -21.12 27.58
N LEU D 633 -28.71 -19.86 27.41
CA LEU D 633 -27.31 -19.42 27.37
C LEU D 633 -26.85 -19.07 28.79
N ALA D 634 -25.54 -19.12 28.99
CA ALA D 634 -24.95 -18.70 30.25
C ALA D 634 -23.70 -17.89 29.96
N TYR D 635 -23.51 -16.82 30.72
CA TYR D 635 -22.30 -16.03 30.65
C TYR D 635 -21.31 -16.58 31.65
N LYS D 636 -20.14 -17.02 31.18
CA LYS D 636 -19.12 -17.54 32.07
C LYS D 636 -18.12 -16.42 32.34
N PRO D 637 -18.20 -15.73 33.48
CA PRO D 637 -17.36 -14.53 33.67
C PRO D 637 -15.87 -14.81 33.65
N MET D 638 -15.43 -15.98 34.10
CA MET D 638 -14.00 -16.26 34.12
C MET D 638 -13.40 -16.21 32.71
N GLU D 639 -14.13 -16.67 31.71
CA GLU D 639 -13.61 -16.69 30.35
C GLU D 639 -14.09 -15.51 29.50
N GLY D 640 -15.18 -14.86 29.89
CA GLY D 640 -15.69 -13.74 29.12
C GLY D 640 -16.31 -14.16 27.80
N ASN D 641 -17.15 -15.20 27.84
CA ASN D 641 -17.81 -15.69 26.64
C ASN D 641 -19.07 -16.44 27.05
N PHE D 642 -19.87 -16.79 26.06
CA PHE D 642 -21.09 -17.55 26.28
C PHE D 642 -20.81 -19.05 26.25
N GLU D 643 -21.70 -19.80 26.91
CA GLU D 643 -21.66 -21.26 26.86
C GLU D 643 -23.10 -21.74 26.73
N GLU D 644 -23.34 -22.64 25.78
CA GLU D 644 -24.67 -23.22 25.60
C GLU D 644 -24.96 -24.21 26.72
N ILE D 645 -26.04 -23.97 27.45
CA ILE D 645 -26.42 -24.85 28.56
C ILE D 645 -27.37 -25.93 28.10
N ALA D 646 -28.45 -25.56 27.41
CA ALA D 646 -29.41 -26.53 26.91
C ALA D 646 -30.37 -25.84 25.96
N ARG D 647 -30.98 -26.63 25.08
CA ARG D 647 -31.89 -26.11 24.08
C ARG D 647 -33.09 -27.03 23.95
N ASP D 648 -34.25 -26.45 23.62
CA ASP D 648 -35.44 -27.23 23.33
C ASP D 648 -35.38 -27.61 21.85
N PHE D 649 -34.96 -28.84 21.57
CA PHE D 649 -34.79 -29.24 20.18
C PHE D 649 -36.12 -29.33 19.45
N ASN D 650 -37.24 -29.49 20.17
CA ASN D 650 -38.54 -29.46 19.52
C ASN D 650 -38.72 -28.10 18.83
N PRO D 651 -39.16 -28.09 17.56
CA PRO D 651 -39.26 -26.81 16.84
C PRO D 651 -40.59 -26.11 17.08
N ASN D 652 -40.52 -24.83 17.46
CA ASN D 652 -41.70 -24.01 17.71
C ASN D 652 -41.44 -22.60 17.19
N TRP D 653 -42.50 -21.96 16.71
CA TRP D 653 -42.44 -20.57 16.24
C TRP D 653 -42.77 -19.68 17.44
N MET D 654 -41.74 -19.09 18.04
CA MET D 654 -41.92 -18.34 19.28
C MET D 654 -42.55 -16.98 19.01
N SER D 655 -43.36 -16.53 19.98
CA SER D 655 -43.93 -15.20 19.96
C SER D 655 -43.52 -14.36 21.17
N ALA D 656 -43.12 -15.02 22.26
CA ALA D 656 -42.63 -14.37 23.46
C ALA D 656 -42.13 -15.45 24.41
N VAL D 657 -41.14 -15.09 25.22
CA VAL D 657 -40.55 -16.01 26.17
C VAL D 657 -40.44 -15.31 27.52
N GLU D 658 -40.22 -16.10 28.56
CA GLU D 658 -40.03 -15.55 29.89
C GLU D 658 -39.39 -16.60 30.78
N ILE D 659 -38.60 -16.12 31.74
CA ILE D 659 -37.96 -16.99 32.73
C ILE D 659 -38.82 -16.99 33.98
N LEU D 660 -39.26 -18.18 34.39
CA LEU D 660 -40.06 -18.32 35.61
C LEU D 660 -39.17 -18.41 36.84
N ASP D 661 -38.15 -19.27 36.79
CA ASP D 661 -37.18 -19.41 37.86
C ASP D 661 -35.92 -20.01 37.24
N ASP D 662 -34.95 -20.37 38.11
CA ASP D 662 -33.66 -20.83 37.61
C ASP D 662 -33.78 -22.09 36.76
N ASP D 663 -34.89 -22.82 36.86
CA ASP D 663 -35.05 -24.08 36.15
C ASP D 663 -36.20 -24.11 35.15
N ASN D 664 -37.21 -23.27 35.32
CA ASN D 664 -38.38 -23.28 34.45
C ASN D 664 -38.35 -22.10 33.48
N PHE D 665 -38.71 -22.37 32.22
CA PHE D 665 -38.72 -21.37 31.16
C PHE D 665 -40.03 -21.45 30.41
N LEU D 666 -40.65 -20.30 30.18
CA LEU D 666 -41.98 -20.21 29.60
C LEU D 666 -41.92 -19.68 28.18
N GLY D 667 -42.74 -20.25 27.30
CA GLY D 667 -42.76 -19.83 25.92
C GLY D 667 -44.17 -19.76 25.37
N ALA D 668 -44.34 -18.95 24.34
CA ALA D 668 -45.61 -18.79 23.64
C ALA D 668 -45.36 -19.04 22.15
N GLU D 669 -46.26 -19.79 21.53
CA GLU D 669 -46.13 -20.20 20.14
C GLU D 669 -47.16 -19.49 19.28
N ASN D 670 -46.87 -19.42 17.98
CA ASN D 670 -47.81 -18.83 17.04
C ASN D 670 -49.07 -19.67 16.86
N ALA D 671 -49.14 -20.84 17.48
CA ALA D 671 -50.31 -21.69 17.43
C ALA D 671 -51.25 -21.44 18.60
N PHE D 672 -51.09 -20.32 19.30
CA PHE D 672 -51.91 -20.00 20.47
C PHE D 672 -51.66 -21.00 21.60
N ASN D 673 -50.42 -21.45 21.71
CA ASN D 673 -50.03 -22.45 22.71
C ASN D 673 -48.97 -21.90 23.64
N LEU D 674 -48.93 -22.44 24.84
CA LEU D 674 -47.92 -22.09 25.84
C LEU D 674 -47.22 -23.38 26.24
N PHE D 675 -45.90 -23.34 26.38
CA PHE D 675 -45.15 -24.51 26.80
C PHE D 675 -44.12 -24.09 27.83
N VAL D 676 -43.76 -25.02 28.72
CA VAL D 676 -42.79 -24.77 29.77
C VAL D 676 -41.77 -25.91 29.71
N CYS D 677 -40.55 -25.59 29.28
CA CYS D 677 -39.45 -26.54 29.27
C CYS D 677 -38.51 -26.22 30.43
N GLN D 678 -37.91 -27.26 31.00
CA GLN D 678 -37.01 -27.09 32.14
C GLN D 678 -35.77 -27.96 31.94
N LYS D 679 -34.68 -27.53 32.57
CA LYS D 679 -33.47 -28.35 32.57
C LYS D 679 -33.80 -29.74 33.09
N ASP D 680 -33.21 -30.76 32.46
CA ASP D 680 -33.58 -32.14 32.77
C ASP D 680 -33.05 -32.58 34.13
N SER D 681 -31.79 -32.29 34.42
CA SER D 681 -31.16 -32.66 35.69
C SER D 681 -31.32 -34.14 36.02
N ALA D 682 -31.51 -34.98 35.00
CA ALA D 682 -31.59 -36.43 35.20
C ALA D 682 -30.55 -37.15 34.35
N ALA D 683 -30.17 -38.34 34.82
CA ALA D 683 -29.20 -39.22 34.15
C ALA D 683 -27.76 -38.73 34.18
N THR D 684 -27.54 -37.51 34.64
CA THR D 684 -26.18 -36.95 34.75
C THR D 684 -25.34 -37.18 33.49
N THR D 685 -25.96 -36.99 32.33
CA THR D 685 -25.28 -37.11 31.05
C THR D 685 -25.16 -35.73 30.42
N ASP D 686 -24.02 -35.44 29.79
CA ASP D 686 -23.87 -34.15 29.13
C ASP D 686 -24.92 -33.98 28.03
N GLU D 687 -25.25 -35.06 27.33
CA GLU D 687 -26.29 -35.02 26.33
C GLU D 687 -27.65 -34.74 26.95
N GLU D 688 -27.95 -35.42 28.06
CA GLU D 688 -29.22 -35.19 28.75
C GLU D 688 -29.29 -33.77 29.32
N ARG D 689 -28.18 -33.28 29.86
CA ARG D 689 -28.16 -31.93 30.44
C ARG D 689 -28.45 -30.87 29.39
N GLN D 690 -27.94 -31.05 28.17
CA GLN D 690 -28.15 -30.08 27.10
C GLN D 690 -29.52 -30.19 26.44
N HIS D 691 -30.37 -31.10 26.87
CA HIS D 691 -31.70 -31.27 26.30
C HIS D 691 -32.70 -30.60 27.23
N LEU D 692 -33.35 -29.54 26.75
CA LEU D 692 -34.45 -28.90 27.46
C LEU D 692 -35.73 -29.64 27.11
N GLN D 693 -36.33 -30.31 28.08
CA GLN D 693 -37.52 -31.12 27.85
C GLN D 693 -38.78 -30.32 28.16
N GLU D 694 -39.72 -30.31 27.20
CA GLU D 694 -41.02 -29.67 27.41
C GLU D 694 -41.82 -30.45 28.44
N VAL D 695 -42.08 -29.83 29.60
CA VAL D 695 -42.83 -30.48 30.66
C VAL D 695 -44.24 -29.94 30.78
N GLY D 696 -44.53 -28.78 30.20
CA GLY D 696 -45.86 -28.21 30.22
C GLY D 696 -46.36 -27.84 28.84
N LEU D 697 -47.60 -28.20 28.54
CA LEU D 697 -48.24 -27.88 27.26
C LEU D 697 -49.66 -27.43 27.55
N PHE D 698 -50.08 -26.34 26.91
CA PHE D 698 -51.38 -25.75 27.17
C PHE D 698 -51.79 -24.90 25.98
N HIS D 699 -53.02 -25.10 25.51
CA HIS D 699 -53.57 -24.30 24.41
C HIS D 699 -54.23 -23.08 25.02
N LEU D 700 -53.58 -21.92 24.88
CA LEU D 700 -54.12 -20.70 25.49
C LEU D 700 -55.34 -20.20 24.73
N GLY D 701 -55.28 -20.22 23.41
CA GLY D 701 -56.32 -19.65 22.59
C GLY D 701 -56.11 -18.20 22.26
N GLU D 702 -55.01 -17.60 22.71
CA GLU D 702 -54.70 -16.20 22.47
C GLU D 702 -53.27 -16.11 21.96
N PHE D 703 -52.96 -15.00 21.30
CA PHE D 703 -51.62 -14.76 20.77
C PHE D 703 -50.86 -13.85 21.74
N VAL D 704 -49.81 -14.40 22.34
CA VAL D 704 -49.05 -13.70 23.37
C VAL D 704 -47.93 -12.90 22.72
N ASN D 705 -47.98 -11.57 22.90
CA ASN D 705 -46.92 -10.71 22.36
C ASN D 705 -45.85 -10.39 23.40
N VAL D 706 -46.21 -10.23 24.67
CA VAL D 706 -45.28 -9.77 25.69
C VAL D 706 -45.51 -10.52 26.98
N PHE D 707 -44.43 -11.00 27.60
CA PHE D 707 -44.45 -11.52 28.96
C PHE D 707 -43.84 -10.48 29.88
N CYS D 708 -44.41 -10.33 31.07
CA CYS D 708 -43.99 -9.27 31.99
C CYS D 708 -44.18 -9.75 33.42
N HIS D 709 -43.10 -9.73 34.20
CA HIS D 709 -43.19 -10.05 35.62
C HIS D 709 -43.91 -8.93 36.36
N GLY D 710 -44.79 -9.30 37.27
CA GLY D 710 -45.53 -8.32 38.05
C GLY D 710 -46.96 -8.73 38.34
N SER D 711 -47.62 -8.01 39.24
CA SER D 711 -49.02 -8.26 39.56
C SER D 711 -49.73 -6.93 39.74
N LEU D 712 -51.03 -6.91 39.43
CA LEU D 712 -51.81 -5.70 39.60
C LEU D 712 -52.52 -5.62 40.94
N VAL D 713 -52.47 -6.68 41.74
CA VAL D 713 -53.10 -6.70 43.04
C VAL D 713 -52.12 -6.10 44.06
N MET D 714 -52.67 -5.60 45.16
CA MET D 714 -51.86 -4.95 46.20
C MET D 714 -50.95 -5.96 46.88
N GLN D 715 -49.65 -5.73 46.77
CA GLN D 715 -48.64 -6.56 47.41
C GLN D 715 -48.32 -5.94 48.77
N ASN D 716 -48.62 -6.68 49.84
CA ASN D 716 -48.36 -6.21 51.21
C ASN D 716 -47.05 -6.82 51.69
N LEU D 717 -46.13 -5.94 52.13
CA LEU D 717 -44.81 -6.41 52.54
C LEU D 717 -44.87 -7.45 53.66
N GLY D 718 -46.01 -7.57 54.35
CA GLY D 718 -46.17 -8.63 55.31
C GLY D 718 -46.32 -9.97 54.61
N GLU D 719 -45.64 -10.99 55.16
CA GLU D 719 -45.59 -12.29 54.51
C GLU D 719 -46.94 -13.00 54.62
N THR D 720 -47.53 -13.31 53.48
CA THR D 720 -48.75 -14.12 53.40
C THR D 720 -48.42 -15.41 52.65
N SER D 721 -48.74 -16.54 53.26
CA SER D 721 -48.52 -17.83 52.60
C SER D 721 -49.58 -18.03 51.52
N THR D 722 -49.27 -17.58 50.30
CA THR D 722 -50.23 -17.82 49.23
C THR D 722 -49.95 -19.18 48.61
N PRO D 723 -50.98 -19.87 48.09
CA PRO D 723 -50.72 -21.11 47.36
C PRO D 723 -49.92 -20.90 46.09
N THR D 724 -50.15 -19.79 45.40
CA THR D 724 -49.47 -19.50 44.15
C THR D 724 -48.10 -18.89 44.40
N GLN D 725 -47.14 -19.29 43.58
CA GLN D 725 -45.77 -18.77 43.62
C GLN D 725 -45.45 -18.14 42.27
N GLY D 726 -45.03 -16.88 42.29
CA GLY D 726 -44.70 -16.17 41.07
C GLY D 726 -45.91 -15.48 40.46
N SER D 727 -45.63 -14.48 39.63
CA SER D 727 -46.67 -13.72 38.95
C SER D 727 -46.10 -13.21 37.63
N VAL D 728 -46.64 -13.69 36.52
CA VAL D 728 -46.27 -13.23 35.18
C VAL D 728 -47.53 -12.79 34.45
N LEU D 729 -47.53 -11.56 33.97
CA LEU D 729 -48.61 -11.02 33.15
C LEU D 729 -48.22 -11.11 31.68
N PHE D 730 -49.23 -11.33 30.82
CA PHE D 730 -48.99 -11.34 29.38
C PHE D 730 -50.13 -10.61 28.66
N GLY D 731 -49.76 -9.88 27.62
CA GLY D 731 -50.72 -9.19 26.77
C GLY D 731 -50.84 -9.89 25.44
N THR D 732 -52.02 -9.81 24.83
CA THR D 732 -52.32 -10.58 23.63
C THR D 732 -52.88 -9.66 22.54
N VAL D 733 -53.11 -10.27 21.37
CA VAL D 733 -53.56 -9.52 20.21
C VAL D 733 -55.00 -9.05 20.38
N ASN D 734 -55.83 -9.83 21.05
CA ASN D 734 -57.24 -9.52 21.22
C ASN D 734 -57.52 -8.66 22.46
N GLY D 735 -56.49 -8.13 23.11
CA GLY D 735 -56.68 -7.32 24.29
C GLY D 735 -56.69 -8.10 25.58
N MET D 736 -56.84 -9.42 25.50
CA MET D 736 -56.85 -10.26 26.70
C MET D 736 -55.55 -10.09 27.47
N ILE D 737 -55.68 -9.94 28.79
CA ILE D 737 -54.54 -9.91 29.71
C ILE D 737 -54.69 -11.11 30.64
N GLY D 738 -53.58 -11.84 30.83
CA GLY D 738 -53.61 -13.05 31.63
C GLY D 738 -52.42 -13.11 32.57
N LEU D 739 -52.51 -14.06 33.51
CA LEU D 739 -51.52 -14.22 34.55
C LEU D 739 -51.07 -15.67 34.61
N VAL D 740 -49.76 -15.88 34.68
CA VAL D 740 -49.16 -17.20 34.83
C VAL D 740 -48.48 -17.26 36.19
N THR D 741 -48.73 -18.33 36.93
CA THR D 741 -48.09 -18.56 38.22
C THR D 741 -47.80 -20.05 38.35
N SER D 742 -46.84 -20.38 39.21
CA SER D 742 -46.43 -21.75 39.44
C SER D 742 -47.08 -22.30 40.71
N LEU D 743 -47.16 -23.63 40.79
CA LEU D 743 -47.78 -24.30 41.91
C LEU D 743 -46.83 -25.32 42.51
N SER D 744 -47.10 -25.67 43.76
CA SER D 744 -46.43 -26.81 44.38
C SER D 744 -47.09 -28.09 43.90
N GLU D 745 -46.35 -29.20 43.97
CA GLU D 745 -46.91 -30.47 43.51
C GLU D 745 -48.20 -30.78 44.24
N SER D 746 -48.25 -30.50 45.55
CA SER D 746 -49.48 -30.74 46.30
C SER D 746 -50.65 -29.98 45.69
N TRP D 747 -50.44 -28.72 45.35
CA TRP D 747 -51.54 -27.88 44.85
C TRP D 747 -51.97 -28.29 43.44
N TYR D 748 -51.03 -28.63 42.57
CA TYR D 748 -51.38 -29.02 41.21
C TYR D 748 -52.35 -30.19 41.22
N ASN D 749 -52.00 -31.27 41.91
CA ASN D 749 -52.84 -32.47 41.93
C ASN D 749 -54.27 -32.16 42.39
N LEU D 750 -54.43 -31.38 43.45
CA LEU D 750 -55.78 -31.02 43.89
C LEU D 750 -56.54 -30.30 42.79
N LEU D 751 -55.93 -29.26 42.22
CA LEU D 751 -56.62 -28.45 41.22
C LEU D 751 -56.90 -29.26 39.95
N LEU D 752 -55.96 -30.11 39.55
CA LEU D 752 -56.20 -30.99 38.42
C LEU D 752 -57.38 -31.93 38.70
N ASP D 753 -57.41 -32.53 39.89
CA ASP D 753 -58.50 -33.42 40.24
C ASP D 753 -59.85 -32.70 40.17
N MET D 754 -59.90 -31.43 40.57
CA MET D 754 -61.16 -30.69 40.50
C MET D 754 -61.57 -30.43 39.06
N GLN D 755 -60.61 -30.14 38.18
CA GLN D 755 -60.94 -29.94 36.78
C GLN D 755 -61.69 -31.14 36.23
N ASN D 756 -61.13 -32.34 36.41
CA ASN D 756 -61.81 -33.54 35.96
C ASN D 756 -63.20 -33.68 36.59
N ARG D 757 -63.34 -33.22 37.83
CA ARG D 757 -64.65 -33.23 38.47
C ARG D 757 -65.56 -32.14 37.92
N LEU D 758 -65.03 -30.93 37.75
CA LEU D 758 -65.85 -29.83 37.24
C LEU D 758 -66.35 -30.10 35.84
N ASN D 759 -65.52 -30.77 35.02
CA ASN D 759 -65.91 -31.02 33.63
C ASN D 759 -67.11 -31.96 33.54
N LYS D 760 -67.25 -32.89 34.49
CA LYS D 760 -68.43 -33.75 34.50
C LYS D 760 -69.68 -33.00 34.91
N VAL D 761 -69.53 -31.91 35.66
CA VAL D 761 -70.66 -31.17 36.19
C VAL D 761 -71.13 -30.07 35.25
N ILE D 762 -70.20 -29.30 34.70
CA ILE D 762 -70.54 -28.08 33.99
C ILE D 762 -70.93 -28.40 32.56
N LYS D 763 -72.03 -27.79 32.10
CA LYS D 763 -72.49 -27.93 30.72
C LYS D 763 -71.84 -26.83 29.90
N SER D 764 -71.10 -27.23 28.86
CA SER D 764 -70.42 -26.26 28.01
C SER D 764 -71.28 -25.90 26.81
N VAL D 765 -71.14 -24.64 26.36
CA VAL D 765 -71.86 -24.22 25.16
C VAL D 765 -71.35 -25.01 23.98
N GLY D 766 -72.28 -25.62 23.24
CA GLY D 766 -71.91 -26.49 22.14
C GLY D 766 -71.45 -27.87 22.57
N LYS D 767 -71.42 -28.15 23.87
CA LYS D 767 -70.99 -29.45 24.39
C LYS D 767 -69.60 -29.82 23.89
N ILE D 768 -68.67 -28.87 24.02
CA ILE D 768 -67.28 -29.07 23.63
C ILE D 768 -66.51 -29.60 24.83
N GLU D 769 -65.84 -30.74 24.63
CA GLU D 769 -65.03 -31.33 25.70
C GLU D 769 -63.90 -30.38 26.09
N HIS D 770 -63.79 -30.09 27.38
CA HIS D 770 -62.76 -29.18 27.87
C HIS D 770 -61.36 -29.72 27.58
N SER D 771 -61.15 -31.02 27.84
CA SER D 771 -59.82 -31.60 27.62
C SER D 771 -59.36 -31.38 26.19
N PHE D 772 -60.29 -31.42 25.24
CA PHE D 772 -59.96 -31.17 23.83
C PHE D 772 -59.58 -29.72 23.60
N TRP D 773 -60.35 -28.79 24.17
CA TRP D 773 -60.12 -27.36 23.95
C TRP D 773 -58.72 -26.95 24.39
N ARG D 774 -58.32 -27.33 25.60
CA ARG D 774 -57.01 -26.93 26.12
C ARG D 774 -55.87 -27.83 25.66
N SER D 775 -56.15 -28.83 24.83
CA SER D 775 -55.10 -29.70 24.31
C SER D 775 -54.18 -28.93 23.36
N PHE D 776 -52.88 -29.10 23.54
CA PHE D 776 -51.88 -28.54 22.64
C PHE D 776 -52.19 -28.90 21.19
N HIS D 777 -52.35 -27.90 20.34
CA HIS D 777 -52.77 -28.12 18.95
C HIS D 777 -51.99 -27.22 18.02
N THR D 778 -51.22 -27.83 17.13
CA THR D 778 -50.65 -27.18 15.94
C THR D 778 -51.26 -27.89 14.74
N GLU D 779 -51.11 -27.30 13.56
CA GLU D 779 -51.65 -27.95 12.37
C GLU D 779 -51.11 -29.37 12.23
N ARG D 780 -49.91 -29.62 12.75
CA ARG D 780 -49.25 -30.91 12.61
C ARG D 780 -49.37 -31.79 13.84
N LYS D 781 -49.61 -31.22 15.02
CA LYS D 781 -49.66 -31.99 16.25
C LYS D 781 -50.89 -31.66 17.07
N THR D 782 -51.31 -32.62 17.88
CA THR D 782 -52.37 -32.43 18.86
C THR D 782 -51.99 -33.30 20.06
N GLU D 783 -51.65 -32.67 21.18
CA GLU D 783 -51.24 -33.36 22.40
C GLU D 783 -52.15 -32.98 23.55
N PRO D 784 -52.37 -33.88 24.51
CA PRO D 784 -53.14 -33.50 25.70
C PRO D 784 -52.36 -32.52 26.55
N ALA D 785 -53.08 -31.56 27.14
CA ALA D 785 -52.43 -30.58 27.99
C ALA D 785 -51.79 -31.26 29.20
N THR D 786 -50.71 -30.67 29.69
CA THR D 786 -49.99 -31.21 30.84
C THR D 786 -49.28 -30.08 31.55
N GLY D 787 -49.27 -30.14 32.89
CA GLY D 787 -48.54 -29.17 33.68
C GLY D 787 -49.22 -27.83 33.84
N PHE D 788 -50.46 -27.69 33.41
CA PHE D 788 -51.18 -26.42 33.47
C PHE D 788 -52.57 -26.63 34.04
N ILE D 789 -52.99 -25.71 34.89
CA ILE D 789 -54.33 -25.70 35.48
C ILE D 789 -55.10 -24.55 34.86
N ASP D 790 -56.22 -24.85 34.22
CA ASP D 790 -57.06 -23.81 33.65
C ASP D 790 -57.70 -23.05 34.79
N GLY D 791 -57.11 -21.91 35.15
CA GLY D 791 -57.61 -21.15 36.29
C GLY D 791 -59.04 -20.69 36.12
N ASP D 792 -59.41 -20.33 34.89
CA ASP D 792 -60.78 -19.88 34.65
C ASP D 792 -61.77 -20.99 34.96
N LEU D 793 -61.40 -22.25 34.71
CA LEU D 793 -62.25 -23.37 35.09
C LEU D 793 -62.35 -23.50 36.61
N ILE D 794 -61.22 -23.41 37.31
CA ILE D 794 -61.25 -23.53 38.76
C ILE D 794 -62.10 -22.43 39.37
N GLU D 795 -61.97 -21.20 38.86
CA GLU D 795 -62.72 -20.08 39.42
C GLU D 795 -64.22 -20.18 39.16
N SER D 796 -64.63 -20.97 38.16
CA SER D 796 -66.06 -21.16 37.92
C SER D 796 -66.73 -21.99 39.01
N PHE D 797 -65.94 -22.73 39.81
CA PHE D 797 -66.50 -23.49 40.92
C PHE D 797 -67.37 -22.60 41.81
N LEU D 798 -66.96 -21.36 42.01
CA LEU D 798 -67.71 -20.45 42.86
C LEU D 798 -69.03 -20.01 42.27
N ASP D 799 -69.28 -20.28 40.98
CA ASP D 799 -70.49 -19.82 40.32
C ASP D 799 -71.51 -20.91 40.05
N ILE D 800 -71.18 -22.17 40.30
CA ILE D 800 -72.14 -23.26 40.10
C ILE D 800 -73.00 -23.38 41.35
N SER D 801 -74.21 -23.89 41.18
CA SER D 801 -75.15 -23.95 42.29
C SER D 801 -74.63 -24.87 43.39
N ARG D 802 -75.17 -24.66 44.60
CA ARG D 802 -74.76 -25.46 45.74
C ARG D 802 -74.92 -26.96 45.49
N PRO D 803 -76.01 -27.43 44.90
CA PRO D 803 -76.10 -28.88 44.62
C PRO D 803 -74.95 -29.40 43.79
N LYS D 804 -74.50 -28.63 42.78
CA LYS D 804 -73.40 -29.09 41.95
C LYS D 804 -72.08 -29.05 42.70
N MET D 805 -71.88 -28.04 43.55
CA MET D 805 -70.67 -27.99 44.35
C MET D 805 -70.51 -29.27 45.17
N GLN D 806 -71.60 -29.72 45.80
CA GLN D 806 -71.55 -30.93 46.60
C GLN D 806 -71.29 -32.16 45.73
N GLU D 807 -71.83 -32.17 44.51
CA GLU D 807 -71.52 -33.25 43.58
C GLU D 807 -70.04 -33.29 43.24
N VAL D 808 -69.39 -32.13 43.17
CA VAL D 808 -67.99 -32.07 42.79
C VAL D 808 -67.10 -32.68 43.86
N VAL D 809 -67.38 -32.37 45.13
CA VAL D 809 -66.53 -32.83 46.23
C VAL D 809 -66.78 -34.26 46.64
N ALA D 810 -67.74 -34.95 46.03
CA ALA D 810 -68.05 -36.31 46.41
C ALA D 810 -66.82 -37.20 46.26
N ASN D 811 -66.50 -37.96 47.31
CA ASN D 811 -65.36 -38.87 47.32
C ASN D 811 -64.06 -38.10 47.07
N LEU D 812 -63.97 -36.91 47.64
CA LEU D 812 -62.80 -36.05 47.55
C LEU D 812 -62.21 -35.91 48.94
N GLN D 813 -60.91 -36.10 49.06
CA GLN D 813 -60.22 -36.01 50.33
C GLN D 813 -59.37 -34.75 50.29
N TYR D 814 -59.43 -33.97 51.37
CA TYR D 814 -58.82 -32.65 51.41
C TYR D 814 -57.51 -32.68 52.20
N ASP D 815 -56.65 -31.71 51.87
CA ASP D 815 -55.33 -31.57 52.48
C ASP D 815 -55.40 -30.36 53.42
N ASP D 816 -55.49 -30.63 54.71
CA ASP D 816 -55.49 -29.54 55.70
C ASP D 816 -54.17 -28.79 55.75
N GLY D 817 -53.11 -29.32 55.15
CA GLY D 817 -51.79 -28.76 55.32
C GLY D 817 -51.11 -29.20 56.60
N SER D 818 -51.87 -29.68 57.58
CA SER D 818 -51.35 -30.25 58.81
C SER D 818 -51.17 -31.76 58.72
N GLY D 819 -50.82 -32.27 57.54
CA GLY D 819 -50.66 -33.69 57.36
C GLY D 819 -51.94 -34.50 57.45
N MET D 820 -53.05 -33.89 57.84
CA MET D 820 -54.33 -34.57 57.92
C MET D 820 -55.05 -34.57 56.58
N LYS D 821 -55.66 -35.70 56.25
CA LYS D 821 -56.47 -35.87 55.05
C LYS D 821 -57.89 -36.22 55.47
N ARG D 822 -58.87 -35.41 55.06
CA ARG D 822 -60.26 -35.66 55.43
C ARG D 822 -61.15 -35.45 54.20
N GLU D 823 -62.34 -36.03 54.27
CA GLU D 823 -63.34 -35.82 53.22
C GLU D 823 -63.60 -34.32 53.07
N ALA D 824 -63.69 -33.87 51.82
CA ALA D 824 -63.80 -32.45 51.52
C ALA D 824 -65.25 -31.99 51.49
N THR D 825 -65.47 -30.75 51.92
CA THR D 825 -66.77 -30.10 51.91
C THR D 825 -66.75 -28.95 50.91
N ALA D 826 -67.94 -28.56 50.46
CA ALA D 826 -68.04 -27.43 49.53
C ALA D 826 -67.42 -26.17 50.13
N ASP D 827 -67.45 -26.04 51.45
CA ASP D 827 -66.88 -24.85 52.09
C ASP D 827 -65.36 -24.87 52.03
N ASP D 828 -64.75 -26.05 52.16
CA ASP D 828 -63.30 -26.15 52.11
C ASP D 828 -62.78 -25.67 50.75
N LEU D 829 -63.40 -26.16 49.67
CA LEU D 829 -62.96 -25.76 48.34
C LEU D 829 -63.29 -24.29 48.05
N ILE D 830 -64.45 -23.84 48.51
CA ILE D 830 -64.82 -22.43 48.34
C ILE D 830 -63.76 -21.51 48.93
N LYS D 831 -63.20 -21.89 50.09
CA LYS D 831 -62.12 -21.09 50.65
C LYS D 831 -60.88 -21.14 49.77
N VAL D 832 -60.56 -22.33 49.26
CA VAL D 832 -59.37 -22.48 48.42
C VAL D 832 -59.50 -21.68 47.15
N VAL D 833 -60.65 -21.81 46.46
CA VAL D 833 -60.84 -21.09 45.20
C VAL D 833 -60.85 -19.59 45.44
N GLU D 834 -61.49 -19.14 46.52
CA GLU D 834 -61.53 -17.72 46.82
C GLU D 834 -60.12 -17.17 47.02
N GLU D 835 -59.22 -17.96 47.60
CA GLU D 835 -57.82 -17.55 47.70
C GLU D 835 -57.19 -17.38 46.33
N LEU D 836 -57.56 -18.24 45.37
CA LEU D 836 -56.98 -18.14 44.04
C LEU D 836 -57.46 -16.91 43.30
N THR D 837 -58.67 -16.42 43.59
CA THR D 837 -59.17 -15.24 42.91
C THR D 837 -58.48 -13.96 43.35
N ARG D 838 -57.65 -14.00 44.39
CA ARG D 838 -56.99 -12.82 44.92
C ARG D 838 -55.61 -12.57 44.30
N ILE D 839 -55.14 -13.45 43.42
CA ILE D 839 -53.84 -13.22 42.81
C ILE D 839 -53.92 -12.22 41.66
N HIS D 840 -55.12 -11.99 41.13
CA HIS D 840 -55.32 -11.05 40.03
C HIS D 840 -56.44 -10.05 40.33
N THR E 7 -2.19 -35.30 2.86
CA THR E 7 -3.05 -35.12 1.69
C THR E 7 -4.52 -35.09 2.09
N GLU E 8 -5.37 -34.82 1.11
CA GLU E 8 -6.81 -34.72 1.36
C GLU E 8 -7.42 -36.04 1.84
N SER E 9 -6.73 -37.16 1.63
CA SER E 9 -7.31 -38.47 1.89
C SER E 9 -6.96 -39.02 3.27
N ASP E 10 -6.01 -38.43 3.98
CA ASP E 10 -5.52 -38.97 5.25
C ASP E 10 -6.48 -38.57 6.37
N TRP E 11 -7.59 -39.30 6.46
CA TRP E 11 -8.59 -39.05 7.49
C TRP E 11 -8.16 -39.66 8.82
N GLY E 12 -8.75 -39.17 9.91
CA GLY E 12 -8.50 -39.70 11.24
C GLY E 12 -7.28 -39.14 11.93
N LYS E 13 -6.49 -38.32 11.24
CA LYS E 13 -5.25 -37.77 11.78
C LYS E 13 -5.38 -36.33 12.23
N ARG E 14 -6.06 -35.51 11.44
CA ARG E 14 -6.23 -34.10 11.76
C ARG E 14 -7.05 -33.95 13.03
N CYS E 15 -6.74 -32.91 13.80
CA CYS E 15 -7.36 -32.69 15.10
C CYS E 15 -8.60 -31.83 14.97
N VAL E 16 -9.54 -32.01 15.90
CA VAL E 16 -10.74 -31.18 15.92
C VAL E 16 -10.48 -29.76 16.39
N ASP E 17 -9.27 -29.48 16.90
CA ASP E 17 -8.90 -28.12 17.24
C ASP E 17 -8.98 -27.21 16.02
N LYS E 18 -8.90 -27.78 14.81
CA LYS E 18 -8.98 -26.99 13.59
C LYS E 18 -10.36 -26.40 13.37
N PHE E 19 -11.36 -26.82 14.14
CA PHE E 19 -12.72 -26.32 14.04
C PHE E 19 -13.13 -25.67 15.36
N ASP E 20 -13.72 -24.48 15.29
CA ASP E 20 -14.32 -23.82 16.44
C ASP E 20 -15.83 -24.10 16.45
N ILE E 21 -16.31 -24.68 17.56
CA ILE E 21 -17.70 -25.10 17.66
C ILE E 21 -18.60 -23.89 17.82
N ILE E 22 -19.62 -23.79 16.95
CA ILE E 22 -20.60 -22.72 17.06
C ILE E 22 -21.70 -23.10 18.05
N GLY E 23 -22.12 -24.36 18.00
CA GLY E 23 -23.19 -24.83 18.86
C GLY E 23 -23.64 -26.21 18.46
N ILE E 24 -24.59 -26.73 19.23
CA ILE E 24 -25.11 -28.08 19.02
C ILE E 24 -26.44 -27.94 18.26
N ILE E 25 -26.45 -28.41 17.00
CA ILE E 25 -27.67 -28.35 16.21
C ILE E 25 -28.68 -29.40 16.67
N GLY E 26 -28.22 -30.60 16.99
CA GLY E 26 -29.15 -31.64 17.38
C GLY E 26 -28.44 -32.80 18.04
N GLU E 27 -29.24 -33.70 18.61
CA GLU E 27 -28.76 -34.91 19.25
C GLU E 27 -28.94 -36.09 18.30
N GLY E 28 -27.87 -36.86 18.12
CA GLY E 28 -27.82 -37.96 17.17
C GLY E 28 -27.95 -39.31 17.84
N THR E 29 -27.37 -40.32 17.19
CA THR E 29 -27.48 -41.71 17.65
C THR E 29 -26.26 -42.16 18.45
N TYR E 30 -25.07 -41.99 17.88
CA TYR E 30 -23.81 -42.32 18.54
C TYR E 30 -23.15 -41.11 19.18
N GLY E 31 -23.70 -39.92 18.95
CA GLY E 31 -23.18 -38.71 19.56
C GLY E 31 -24.00 -37.52 19.13
N GLN E 32 -23.65 -36.37 19.70
CA GLN E 32 -24.35 -35.12 19.39
C GLN E 32 -23.85 -34.56 18.07
N VAL E 33 -24.74 -33.85 17.36
CA VAL E 33 -24.37 -33.19 16.11
C VAL E 33 -24.14 -31.71 16.40
N TYR E 34 -22.96 -31.20 16.01
CA TYR E 34 -22.54 -29.83 16.28
C TYR E 34 -22.26 -29.08 14.99
N LYS E 35 -22.56 -27.77 15.01
CA LYS E 35 -22.16 -26.87 13.93
C LYS E 35 -20.83 -26.21 14.28
N ALA E 36 -20.01 -25.95 13.25
CA ALA E 36 -18.67 -25.43 13.48
C ALA E 36 -18.16 -24.77 12.19
N LYS E 37 -17.03 -24.08 12.33
CA LYS E 37 -16.38 -23.38 11.22
C LYS E 37 -14.91 -23.76 11.15
N ASP E 38 -14.41 -24.01 9.94
CA ASP E 38 -12.99 -24.31 9.79
C ASP E 38 -12.17 -23.05 10.05
N LYS E 39 -11.16 -23.18 10.90
CA LYS E 39 -10.34 -22.02 11.22
C LYS E 39 -9.54 -21.56 10.01
N ASP E 40 -9.27 -22.48 9.08
CA ASP E 40 -8.42 -22.21 7.92
C ASP E 40 -9.20 -21.64 6.73
N THR E 41 -10.34 -22.25 6.38
CA THR E 41 -11.08 -21.87 5.19
C THR E 41 -12.31 -21.00 5.48
N GLY E 42 -12.88 -21.12 6.68
CA GLY E 42 -14.10 -20.41 7.01
C GLY E 42 -15.36 -21.16 6.69
N GLU E 43 -15.25 -22.35 6.08
CA GLU E 43 -16.43 -23.12 5.71
C GLU E 43 -17.18 -23.58 6.95
N LEU E 44 -18.51 -23.48 6.91
CA LEU E 44 -19.35 -23.99 7.98
C LEU E 44 -19.56 -25.49 7.80
N VAL E 45 -19.39 -26.25 8.89
CA VAL E 45 -19.47 -27.70 8.85
C VAL E 45 -20.33 -28.20 10.00
N ALA E 46 -20.70 -29.47 9.92
CA ALA E 46 -21.46 -30.15 10.96
C ALA E 46 -20.63 -31.33 11.45
N LEU E 47 -20.40 -31.39 12.76
CA LEU E 47 -19.55 -32.42 13.35
C LEU E 47 -20.43 -33.41 14.11
N LYS E 48 -20.41 -34.67 13.68
CA LYS E 48 -21.10 -35.75 14.39
C LYS E 48 -20.10 -36.42 15.32
N LYS E 49 -20.35 -36.32 16.62
CA LYS E 49 -19.45 -36.89 17.61
C LYS E 49 -19.65 -38.40 17.66
N VAL E 50 -18.56 -39.15 17.56
CA VAL E 50 -18.59 -40.60 17.69
C VAL E 50 -17.82 -40.98 18.95
N ARG E 51 -18.52 -41.55 19.92
CA ARG E 51 -17.94 -41.87 21.22
C ARG E 51 -17.55 -43.33 21.27
N LEU E 52 -16.25 -43.59 21.41
CA LEU E 52 -15.73 -44.93 21.62
C LEU E 52 -15.55 -45.27 23.10
N ASP E 53 -15.91 -44.35 23.99
CA ASP E 53 -15.72 -44.55 25.43
C ASP E 53 -16.54 -45.71 25.97
N ASN E 54 -17.63 -46.08 25.29
CA ASN E 54 -18.40 -47.24 25.75
C ASN E 54 -17.53 -48.49 25.78
N GLU E 55 -16.70 -48.67 24.75
CA GLU E 55 -15.74 -49.79 24.68
C GLU E 55 -16.44 -51.14 24.84
N LYS E 56 -17.75 -51.16 24.65
CA LYS E 56 -18.49 -52.43 24.63
C LYS E 56 -18.14 -53.25 23.40
N GLU E 57 -18.24 -52.63 22.23
CA GLU E 57 -17.82 -53.24 20.96
C GLU E 57 -16.99 -52.25 20.15
N GLY E 58 -16.32 -51.31 20.83
CA GLY E 58 -15.44 -50.40 20.14
C GLY E 58 -16.21 -49.40 19.31
N PHE E 59 -15.69 -49.13 18.12
CA PHE E 59 -16.28 -48.12 17.24
C PHE E 59 -17.72 -48.53 16.89
N PRO E 60 -18.70 -47.64 17.06
CA PRO E 60 -20.09 -48.03 16.79
C PRO E 60 -20.30 -48.40 15.33
N ILE E 61 -21.09 -49.46 15.10
CA ILE E 61 -21.36 -49.88 13.74
C ILE E 61 -22.18 -48.83 12.99
N THR E 62 -23.08 -48.14 13.69
CA THR E 62 -23.86 -47.08 13.05
C THR E 62 -22.95 -46.08 12.36
N ALA E 63 -21.84 -45.72 13.01
CA ALA E 63 -20.87 -44.82 12.38
C ALA E 63 -20.10 -45.54 11.27
N ILE E 64 -19.76 -46.82 11.49
CA ILE E 64 -19.05 -47.57 10.46
C ILE E 64 -19.85 -47.61 9.17
N ARG E 65 -21.15 -47.86 9.26
CA ARG E 65 -21.98 -47.91 8.06
C ARG E 65 -21.99 -46.59 7.33
N GLU E 66 -22.12 -45.48 8.06
CA GLU E 66 -22.20 -44.18 7.40
C GLU E 66 -20.85 -43.81 6.80
N ILE E 67 -19.75 -44.16 7.46
CA ILE E 67 -18.43 -43.90 6.91
C ILE E 67 -18.19 -44.74 5.66
N LYS E 68 -18.54 -46.03 5.74
CA LYS E 68 -18.35 -46.93 4.62
C LYS E 68 -19.20 -46.48 3.43
N ILE E 69 -20.46 -46.12 3.67
CA ILE E 69 -21.39 -45.87 2.58
C ILE E 69 -21.19 -44.48 1.99
N LEU E 70 -21.01 -43.47 2.83
CA LEU E 70 -20.93 -42.10 2.32
C LEU E 70 -19.61 -41.80 1.64
N ARG E 71 -18.55 -42.57 1.91
CA ARG E 71 -17.35 -42.46 1.09
C ARG E 71 -17.52 -43.10 -0.28
N GLN E 72 -18.52 -43.98 -0.43
CA GLN E 72 -18.85 -44.53 -1.75
C GLN E 72 -19.78 -43.63 -2.54
N LEU E 73 -20.74 -42.99 -1.87
CA LEU E 73 -21.78 -42.25 -2.55
C LEU E 73 -21.34 -40.81 -2.81
N ILE E 74 -21.45 -40.39 -4.07
CA ILE E 74 -21.13 -39.03 -4.50
C ILE E 74 -22.30 -38.58 -5.38
N HIS E 75 -23.22 -37.82 -4.79
CA HIS E 75 -24.36 -37.32 -5.52
C HIS E 75 -24.75 -35.96 -4.94
N ARG E 76 -25.28 -35.09 -5.79
CA ARG E 76 -25.66 -33.77 -5.31
C ARG E 76 -26.74 -33.87 -4.25
N SER E 77 -27.61 -34.88 -4.32
CA SER E 77 -28.69 -35.05 -3.36
C SER E 77 -28.33 -35.99 -2.22
N VAL E 78 -27.05 -36.31 -2.04
CA VAL E 78 -26.58 -37.15 -0.94
C VAL E 78 -25.58 -36.35 -0.12
N VAL E 79 -25.67 -36.47 1.21
CA VAL E 79 -24.78 -35.73 2.10
C VAL E 79 -23.36 -36.22 1.93
N ASN E 80 -22.40 -35.30 2.00
CA ASN E 80 -20.99 -35.59 1.75
C ASN E 80 -20.22 -35.50 3.06
N MET E 81 -19.54 -36.60 3.43
CA MET E 81 -18.65 -36.60 4.57
C MET E 81 -17.32 -36.01 4.11
N LYS E 82 -16.96 -34.84 4.64
CA LYS E 82 -15.73 -34.19 4.17
C LYS E 82 -14.50 -34.91 4.70
N GLU E 83 -14.50 -35.22 6.00
CA GLU E 83 -13.34 -35.83 6.64
C GLU E 83 -13.75 -36.35 8.01
N ILE E 84 -12.82 -37.01 8.69
CA ILE E 84 -12.99 -37.48 10.05
C ILE E 84 -11.83 -36.95 10.88
N VAL E 85 -12.13 -36.29 11.99
CA VAL E 85 -11.12 -35.69 12.85
C VAL E 85 -11.29 -36.22 14.26
N THR E 86 -10.26 -36.02 15.07
CA THR E 86 -10.18 -36.63 16.40
C THR E 86 -9.86 -35.58 17.45
N ASP E 87 -10.20 -35.90 18.69
CA ASP E 87 -9.77 -35.09 19.83
C ASP E 87 -8.25 -35.19 19.96
N LYS E 88 -7.63 -34.13 20.51
CA LYS E 88 -6.18 -34.14 20.62
C LYS E 88 -5.73 -35.35 21.43
N GLN E 89 -5.03 -36.28 20.76
CA GLN E 89 -4.53 -37.50 21.39
C GLN E 89 -3.21 -37.20 22.08
N ASP E 90 -3.31 -36.43 23.18
CA ASP E 90 -2.12 -35.97 23.90
C ASP E 90 -1.38 -37.12 24.56
N ALA E 91 -2.10 -38.15 25.02
CA ALA E 91 -1.45 -39.26 25.70
C ALA E 91 -0.46 -39.95 24.76
N LEU E 92 0.73 -40.25 25.29
CA LEU E 92 1.74 -40.93 24.49
C LEU E 92 1.29 -42.35 24.12
N ASP E 93 0.76 -43.07 25.09
CA ASP E 93 0.35 -44.46 24.92
C ASP E 93 -1.08 -44.54 24.37
N PHE E 94 -1.22 -45.15 23.19
CA PHE E 94 -2.56 -45.33 22.62
C PHE E 94 -3.50 -46.06 23.59
N LYS E 95 -2.96 -46.89 24.48
CA LYS E 95 -3.80 -47.55 25.47
C LYS E 95 -4.50 -46.49 26.33
N LYS E 96 -3.78 -45.41 26.65
CA LYS E 96 -4.33 -44.33 27.47
C LYS E 96 -5.43 -43.57 26.74
N ASP E 97 -5.35 -43.48 25.42
CA ASP E 97 -6.27 -42.65 24.65
C ASP E 97 -7.71 -43.10 24.81
N LYS E 98 -8.57 -42.14 25.18
CA LYS E 98 -10.01 -42.35 25.22
C LYS E 98 -10.75 -41.28 24.42
N GLY E 99 -10.03 -40.48 23.62
CA GLY E 99 -10.68 -39.42 22.87
C GLY E 99 -11.65 -39.96 21.84
N ALA E 100 -12.50 -39.06 21.35
CA ALA E 100 -13.55 -39.40 20.42
C ALA E 100 -13.18 -38.94 19.01
N PHE E 101 -13.93 -39.46 18.04
CA PHE E 101 -13.82 -39.03 16.65
C PHE E 101 -15.04 -38.21 16.26
N TYR E 102 -14.87 -37.34 15.27
CA TYR E 102 -15.92 -36.48 14.76
C TYR E 102 -16.02 -36.64 13.26
N LEU E 103 -17.23 -36.84 12.77
CA LEU E 103 -17.48 -36.97 11.34
C LEU E 103 -17.83 -35.59 10.79
N VAL E 104 -16.97 -35.04 9.94
CA VAL E 104 -17.18 -33.71 9.38
C VAL E 104 -18.09 -33.82 8.17
N PHE E 105 -19.12 -32.98 8.12
CA PHE E 105 -20.08 -32.96 7.03
C PHE E 105 -20.33 -31.52 6.60
N GLU E 106 -20.88 -31.36 5.40
CA GLU E 106 -21.32 -30.03 4.96
C GLU E 106 -22.48 -29.56 5.82
N TYR E 107 -22.45 -28.29 6.22
CA TYR E 107 -23.54 -27.73 7.01
C TYR E 107 -24.73 -27.44 6.10
N MET E 108 -25.92 -27.83 6.56
CA MET E 108 -27.17 -27.57 5.87
C MET E 108 -27.97 -26.54 6.67
N ASP E 109 -28.60 -25.60 5.95
CA ASP E 109 -29.27 -24.49 6.63
C ASP E 109 -30.48 -24.97 7.42
N HIS E 110 -31.33 -25.81 6.81
CA HIS E 110 -32.57 -26.20 7.46
C HIS E 110 -32.90 -27.65 7.18
N ASP E 111 -33.78 -28.20 8.00
CA ASP E 111 -34.36 -29.52 7.80
C ASP E 111 -35.85 -29.37 7.50
N LEU E 112 -36.38 -30.27 6.68
CA LEU E 112 -37.76 -30.13 6.24
C LEU E 112 -38.71 -30.18 7.44
N MET E 113 -38.40 -31.01 8.44
CA MET E 113 -39.26 -31.07 9.61
C MET E 113 -39.35 -29.73 10.33
N GLY E 114 -38.22 -29.07 10.50
CA GLY E 114 -38.24 -27.77 11.15
C GLY E 114 -39.07 -26.75 10.40
N LEU E 115 -38.86 -26.67 9.08
CA LEU E 115 -39.58 -25.68 8.29
C LEU E 115 -41.09 -25.90 8.35
N LEU E 116 -41.53 -27.16 8.28
CA LEU E 116 -42.96 -27.43 8.29
C LEU E 116 -43.54 -27.37 9.69
N GLU E 117 -42.80 -27.90 10.68
CA GLU E 117 -43.31 -27.92 12.05
C GLU E 117 -43.57 -26.51 12.56
N SER E 118 -42.68 -25.56 12.24
CA SER E 118 -42.93 -24.18 12.58
C SER E 118 -44.09 -23.59 11.79
N GLY E 119 -44.42 -24.16 10.64
CA GLY E 119 -45.45 -23.61 9.80
C GLY E 119 -45.02 -22.38 9.03
N LEU E 120 -43.72 -22.03 9.11
CA LEU E 120 -43.25 -20.79 8.51
C LEU E 120 -43.16 -20.88 6.99
N VAL E 121 -43.01 -22.07 6.41
CA VAL E 121 -42.75 -22.23 4.99
C VAL E 121 -44.03 -22.60 4.25
N HIS E 122 -44.14 -22.10 3.02
CA HIS E 122 -45.22 -22.45 2.11
C HIS E 122 -44.63 -22.97 0.80
N PHE E 123 -45.09 -24.14 0.36
CA PHE E 123 -44.54 -24.82 -0.81
C PHE E 123 -45.51 -24.74 -1.99
N SER E 124 -45.01 -24.26 -3.12
CA SER E 124 -45.77 -24.20 -4.36
C SER E 124 -45.59 -25.49 -5.16
N GLU E 125 -46.44 -25.68 -6.17
CA GLU E 125 -46.31 -26.86 -7.01
C GLU E 125 -44.91 -26.97 -7.58
N ASP E 126 -44.42 -25.90 -8.21
CA ASP E 126 -43.08 -25.91 -8.78
C ASP E 126 -42.03 -26.21 -7.71
N HIS E 127 -42.21 -25.65 -6.51
CA HIS E 127 -41.27 -25.92 -5.43
C HIS E 127 -41.25 -27.39 -5.08
N ILE E 128 -42.45 -28.00 -4.99
CA ILE E 128 -42.52 -29.42 -4.65
C ILE E 128 -41.94 -30.26 -5.77
N LYS E 129 -42.10 -29.83 -7.03
CA LYS E 129 -41.52 -30.57 -8.14
C LYS E 129 -40.00 -30.65 -8.00
N SER E 130 -39.36 -29.52 -7.73
CA SER E 130 -37.90 -29.53 -7.59
C SER E 130 -37.47 -30.35 -6.39
N PHE E 131 -38.17 -30.17 -5.26
CA PHE E 131 -37.84 -30.93 -4.05
C PHE E 131 -37.87 -32.44 -4.33
N MET E 132 -38.99 -32.91 -4.89
CA MET E 132 -39.15 -34.35 -5.09
C MET E 132 -38.17 -34.90 -6.11
N LYS E 133 -37.92 -34.17 -7.21
CA LYS E 133 -37.00 -34.68 -8.21
C LYS E 133 -35.60 -34.82 -7.64
N GLN E 134 -35.18 -33.86 -6.81
CA GLN E 134 -33.88 -33.98 -6.17
C GLN E 134 -33.85 -35.17 -5.22
N LEU E 135 -34.90 -35.33 -4.41
CA LEU E 135 -34.96 -36.45 -3.47
C LEU E 135 -34.98 -37.78 -4.21
N MET E 136 -35.84 -37.90 -5.23
CA MET E 136 -35.93 -39.16 -5.96
C MET E 136 -34.66 -39.43 -6.74
N GLU E 137 -34.05 -38.39 -7.32
CA GLU E 137 -32.78 -38.58 -8.01
C GLU E 137 -31.71 -39.09 -7.05
N GLY E 138 -31.68 -38.54 -5.83
CA GLY E 138 -30.77 -39.07 -4.83
C GLY E 138 -31.11 -40.49 -4.44
N LEU E 139 -32.40 -40.79 -4.30
CA LEU E 139 -32.82 -42.13 -3.90
C LEU E 139 -32.51 -43.16 -4.97
N GLU E 140 -32.78 -42.85 -6.24
CA GLU E 140 -32.46 -43.80 -7.30
C GLU E 140 -30.96 -44.08 -7.32
N TYR E 141 -30.14 -43.04 -7.14
CA TYR E 141 -28.69 -43.23 -7.10
C TYR E 141 -28.31 -44.28 -6.06
N CYS E 142 -28.84 -44.13 -4.84
CA CYS E 142 -28.53 -45.10 -3.79
C CYS E 142 -29.08 -46.48 -4.13
N HIS E 143 -30.31 -46.54 -4.64
CA HIS E 143 -30.92 -47.83 -4.96
C HIS E 143 -30.19 -48.53 -6.10
N LYS E 144 -29.74 -47.77 -7.11
CA LYS E 144 -28.95 -48.38 -8.18
C LYS E 144 -27.63 -48.95 -7.64
N LYS E 145 -27.03 -48.28 -6.64
CA LYS E 145 -25.84 -48.80 -5.98
C LYS E 145 -26.18 -49.87 -4.95
N ASN E 146 -27.44 -50.31 -4.93
CA ASN E 146 -27.88 -51.42 -4.07
C ASN E 146 -27.74 -51.09 -2.59
N PHE E 147 -28.11 -49.86 -2.21
CA PHE E 147 -28.12 -49.44 -0.82
C PHE E 147 -29.52 -48.95 -0.46
N LEU E 148 -30.00 -49.38 0.70
CA LEU E 148 -31.30 -48.96 1.23
C LEU E 148 -31.10 -48.07 2.44
N HIS E 149 -31.76 -46.91 2.45
CA HIS E 149 -31.62 -45.97 3.56
C HIS E 149 -32.28 -46.54 4.82
N ARG E 150 -33.57 -46.86 4.73
CA ARG E 150 -34.37 -47.54 5.74
C ARG E 150 -34.77 -46.61 6.88
N ASP E 151 -34.44 -45.33 6.84
CA ASP E 151 -34.91 -44.39 7.85
C ASP E 151 -35.17 -43.04 7.20
N ILE E 152 -35.98 -43.04 6.15
CA ILE E 152 -36.34 -41.79 5.48
C ILE E 152 -37.44 -41.12 6.28
N LYS E 153 -37.17 -39.91 6.75
CA LYS E 153 -38.12 -39.12 7.53
C LYS E 153 -37.81 -37.65 7.26
N CYS E 154 -38.77 -36.79 7.62
CA CYS E 154 -38.61 -35.36 7.37
C CYS E 154 -37.37 -34.81 8.05
N SER E 155 -37.04 -35.32 9.24
CA SER E 155 -35.87 -34.83 9.95
C SER E 155 -34.58 -35.13 9.19
N ASN E 156 -34.52 -36.25 8.45
CA ASN E 156 -33.30 -36.64 7.76
C ASN E 156 -33.19 -36.06 6.35
N ILE E 157 -34.27 -35.53 5.78
CA ILE E 157 -34.17 -34.76 4.55
C ILE E 157 -33.78 -33.33 4.91
N LEU E 158 -32.67 -32.86 4.35
CA LEU E 158 -32.12 -31.56 4.70
C LEU E 158 -32.16 -30.65 3.48
N LEU E 159 -32.55 -29.41 3.69
CA LEU E 159 -32.72 -28.44 2.61
C LEU E 159 -31.93 -27.19 2.98
N ASN E 160 -31.05 -26.74 2.08
CA ASN E 160 -30.36 -25.47 2.26
C ASN E 160 -31.12 -24.35 1.54
N ASN E 161 -30.73 -23.11 1.85
CA ASN E 161 -31.45 -21.95 1.33
C ASN E 161 -31.43 -21.87 -0.19
N SER E 162 -30.39 -22.41 -0.83
CA SER E 162 -30.33 -22.36 -2.29
C SER E 162 -31.42 -23.19 -2.93
N GLY E 163 -32.05 -24.09 -2.18
CA GLY E 163 -33.06 -25.00 -2.71
C GLY E 163 -32.57 -26.39 -2.99
N GLN E 164 -31.30 -26.68 -2.73
CA GLN E 164 -30.77 -28.03 -2.89
C GLN E 164 -31.24 -28.90 -1.74
N ILE E 165 -31.58 -30.16 -2.06
CA ILE E 165 -32.08 -31.11 -1.09
C ILE E 165 -31.09 -32.25 -1.00
N LYS E 166 -30.69 -32.61 0.21
CA LYS E 166 -29.78 -33.74 0.40
C LYS E 166 -30.35 -34.68 1.46
N LEU E 167 -30.15 -35.97 1.25
CA LEU E 167 -30.54 -36.99 2.23
C LEU E 167 -29.40 -37.17 3.24
N ALA E 168 -29.76 -37.61 4.45
CA ALA E 168 -28.79 -37.73 5.53
C ALA E 168 -29.18 -38.86 6.46
N ASP E 169 -28.35 -39.08 7.47
CA ASP E 169 -28.49 -40.18 8.43
C ASP E 169 -28.62 -41.53 7.70
N PHE E 170 -27.48 -41.94 7.13
CA PHE E 170 -27.34 -43.24 6.50
C PHE E 170 -26.81 -44.30 7.45
N GLY E 171 -26.98 -44.10 8.76
CA GLY E 171 -26.42 -45.02 9.74
C GLY E 171 -27.10 -46.38 9.75
N LEU E 172 -28.36 -46.44 9.35
CA LEU E 172 -29.10 -47.70 9.32
C LEU E 172 -29.14 -48.30 7.93
N ALA E 173 -28.38 -47.75 6.99
CA ALA E 173 -28.41 -48.21 5.61
C ALA E 173 -27.64 -49.52 5.47
N ARG E 174 -28.11 -50.36 4.55
CA ARG E 174 -27.51 -51.67 4.32
C ARG E 174 -27.54 -52.00 2.83
N LEU E 175 -26.60 -52.84 2.41
CA LEU E 175 -26.53 -53.28 1.03
C LEU E 175 -27.64 -54.30 0.79
N TYR E 176 -28.26 -54.25 -0.38
CA TYR E 176 -29.39 -55.11 -0.69
C TYR E 176 -29.06 -56.05 -1.84
N ASN E 177 -29.31 -57.35 -1.64
CA ASN E 177 -29.14 -58.37 -2.67
C ASN E 177 -30.48 -59.07 -2.90
N SER E 178 -30.97 -59.03 -4.14
CA SER E 178 -32.19 -59.76 -4.44
C SER E 178 -31.97 -61.26 -4.34
N GLU E 179 -30.91 -61.77 -4.96
CA GLU E 179 -30.56 -63.17 -4.82
C GLU E 179 -30.01 -63.43 -3.43
N GLU E 180 -30.06 -64.70 -3.02
CA GLU E 180 -29.66 -65.10 -1.67
C GLU E 180 -30.17 -64.05 -0.69
N SER E 181 -31.47 -64.06 -0.43
CA SER E 181 -32.06 -63.17 0.55
C SER E 181 -31.57 -63.52 1.96
N ARG E 182 -31.25 -62.49 2.74
CA ARG E 182 -30.73 -62.68 4.09
C ARG E 182 -31.51 -61.82 5.08
N PRO E 183 -31.59 -62.25 6.34
CA PRO E 183 -32.42 -61.52 7.31
C PRO E 183 -31.92 -60.10 7.56
N TYR E 184 -32.86 -59.17 7.56
CA TYR E 184 -32.59 -57.77 7.88
C TYR E 184 -33.47 -57.35 9.07
N ASN E 186 -36.16 -55.98 11.22
CA ASN E 186 -37.53 -55.64 10.87
C ASN E 186 -37.93 -54.33 11.57
N LYS E 187 -38.93 -53.64 11.02
CA LYS E 187 -39.32 -52.35 11.58
C LYS E 187 -38.09 -51.47 11.71
N VAL E 188 -37.73 -50.77 10.64
CA VAL E 188 -36.56 -49.90 10.64
C VAL E 188 -36.95 -48.44 10.49
N ILE E 189 -37.96 -48.15 9.67
CA ILE E 189 -38.32 -46.76 9.39
C ILE E 189 -39.22 -46.28 10.53
N THR E 190 -39.21 -44.98 10.80
CA THR E 190 -40.05 -44.46 11.87
C THR E 190 -41.52 -44.70 11.52
N LEU E 191 -42.33 -44.86 12.56
CA LEU E 191 -43.68 -45.39 12.38
C LEU E 191 -44.48 -44.57 11.37
N TRP E 192 -44.41 -43.24 11.47
CA TRP E 192 -45.26 -42.42 10.60
C TRP E 192 -44.95 -42.63 9.12
N TYR E 193 -43.72 -43.05 8.80
CA TYR E 193 -43.30 -43.22 7.41
C TYR E 193 -42.95 -44.67 7.09
N ARG E 194 -43.48 -45.62 7.84
CA ARG E 194 -43.15 -47.03 7.67
C ARG E 194 -44.11 -47.70 6.70
N PRO E 195 -43.61 -48.53 5.78
CA PRO E 195 -44.50 -49.18 4.78
C PRO E 195 -45.32 -50.29 5.41
N PRO E 196 -46.43 -50.70 4.76
CA PRO E 196 -47.27 -51.75 5.35
C PRO E 196 -46.58 -53.09 5.48
N GLU E 197 -45.66 -53.42 4.57
CA GLU E 197 -44.97 -54.71 4.66
C GLU E 197 -44.15 -54.80 5.94
N LEU E 198 -43.51 -53.70 6.35
CA LEU E 198 -42.76 -53.70 7.59
C LEU E 198 -43.67 -53.82 8.81
N LEU E 199 -44.87 -53.25 8.74
CA LEU E 199 -45.82 -53.41 9.83
C LEU E 199 -46.23 -54.87 9.99
N LEU E 200 -46.32 -55.60 8.88
CA LEU E 200 -46.68 -57.00 8.88
C LEU E 200 -45.47 -57.94 8.98
N GLY E 201 -44.29 -57.40 9.24
CA GLY E 201 -43.11 -58.22 9.56
C GLY E 201 -42.37 -58.83 8.39
N GLU E 202 -42.26 -58.11 7.27
CA GLU E 202 -41.49 -58.53 6.10
C GLU E 202 -39.98 -58.35 6.33
N GLU E 203 -39.41 -59.23 7.17
CA GLU E 203 -37.98 -59.13 7.48
C GLU E 203 -37.10 -58.98 6.23
N ARG E 204 -37.48 -59.62 5.12
CA ARG E 204 -36.73 -59.50 3.87
C ARG E 204 -37.39 -58.46 2.97
N TYR E 205 -37.19 -57.20 3.35
CA TYR E 205 -37.83 -56.07 2.70
C TYR E 205 -37.03 -55.59 1.49
N THR E 206 -37.72 -54.88 0.61
CA THR E 206 -37.20 -54.39 -0.66
C THR E 206 -36.91 -52.89 -0.61
N PRO E 207 -36.25 -52.35 -1.63
CA PRO E 207 -36.06 -50.89 -1.70
C PRO E 207 -37.35 -50.11 -1.69
N ALA E 208 -38.49 -50.79 -1.91
CA ALA E 208 -39.78 -50.10 -1.92
C ALA E 208 -40.14 -49.50 -0.58
N ILE E 209 -39.43 -49.89 0.48
CA ILE E 209 -39.69 -49.28 1.80
C ILE E 209 -39.33 -47.81 1.77
N ASP E 210 -38.22 -47.45 1.12
CA ASP E 210 -37.82 -46.05 1.03
C ASP E 210 -38.77 -45.27 0.14
N VAL E 211 -39.25 -45.90 -0.95
CA VAL E 211 -40.19 -45.21 -1.83
C VAL E 211 -41.47 -44.86 -1.08
N TRP E 212 -41.98 -45.81 -0.29
CA TRP E 212 -43.18 -45.53 0.49
C TRP E 212 -42.97 -44.32 1.39
N SER E 213 -41.80 -44.23 2.04
CA SER E 213 -41.52 -43.08 2.88
C SER E 213 -41.62 -41.78 2.10
N CYS E 214 -40.99 -41.74 0.93
CA CYS E 214 -41.01 -40.53 0.12
C CYS E 214 -42.40 -40.21 -0.41
N GLY E 215 -43.25 -41.23 -0.55
CA GLY E 215 -44.64 -40.96 -0.90
C GLY E 215 -45.38 -40.29 0.24
N CYS E 216 -45.14 -40.75 1.47
CA CYS E 216 -45.70 -40.06 2.63
C CYS E 216 -45.24 -38.61 2.68
N ILE E 217 -43.97 -38.36 2.35
CA ILE E 217 -43.46 -37.00 2.32
C ILE E 217 -44.14 -36.19 1.22
N LEU E 218 -44.34 -36.80 0.05
CA LEU E 218 -44.99 -36.10 -1.05
C LEU E 218 -46.37 -35.57 -0.63
N GLY E 219 -47.19 -36.44 -0.04
CA GLY E 219 -48.50 -36.00 0.41
C GLY E 219 -48.42 -34.91 1.46
N GLU E 220 -47.45 -35.02 2.37
CA GLU E 220 -47.30 -34.04 3.43
C GLU E 220 -46.96 -32.66 2.87
N LEU E 221 -46.19 -32.63 1.78
CA LEU E 221 -45.83 -31.34 1.17
C LEU E 221 -47.07 -30.62 0.62
N PHE E 222 -48.10 -31.37 0.25
CA PHE E 222 -49.34 -30.76 -0.22
C PHE E 222 -50.31 -30.44 0.91
N THR E 223 -50.33 -31.23 1.99
CA THR E 223 -51.25 -30.98 3.08
C THR E 223 -50.62 -30.16 4.21
N LYS E 224 -49.29 -30.05 4.25
CA LYS E 224 -48.58 -29.40 5.35
C LYS E 224 -48.80 -30.12 6.67
N LYS E 225 -49.23 -31.38 6.62
CA LYS E 225 -49.52 -32.20 7.78
C LYS E 225 -49.19 -33.64 7.42
N PRO E 226 -48.47 -34.38 8.26
CA PRO E 226 -48.17 -35.78 7.95
C PRO E 226 -49.44 -36.56 7.67
N ILE E 227 -49.35 -37.49 6.71
CA ILE E 227 -50.55 -38.21 6.27
C ILE E 227 -50.99 -39.22 7.33
N PHE E 228 -50.05 -40.00 7.87
CA PHE E 228 -50.36 -41.06 8.83
C PHE E 228 -49.68 -40.78 10.16
N GLN E 229 -50.44 -40.31 11.14
CA GLN E 229 -49.93 -40.01 12.48
C GLN E 229 -50.58 -40.98 13.47
N ALA E 230 -49.77 -41.84 14.09
CA ALA E 230 -50.28 -42.79 15.08
C ALA E 230 -49.19 -43.13 16.09
N ASN E 231 -49.53 -43.97 17.07
CA ASN E 231 -48.60 -44.33 18.12
C ASN E 231 -48.21 -45.81 18.17
N LEU E 232 -49.05 -46.70 17.65
CA LEU E 232 -48.78 -48.13 17.64
C LEU E 232 -48.99 -48.70 16.24
N GLU E 233 -48.25 -49.76 15.93
CA GLU E 233 -48.25 -50.29 14.57
C GLU E 233 -49.66 -50.67 14.12
N LEU E 234 -50.47 -51.22 15.02
CA LEU E 234 -51.84 -51.54 14.66
C LEU E 234 -52.61 -50.28 14.27
N ALA E 235 -52.50 -49.23 15.07
CA ALA E 235 -53.16 -47.97 14.74
C ALA E 235 -52.65 -47.41 13.42
N GLN E 236 -51.35 -47.56 13.16
CA GLN E 236 -50.79 -47.07 11.89
C GLN E 236 -51.36 -47.85 10.71
N LEU E 237 -51.37 -49.19 10.81
CA LEU E 237 -51.93 -50.01 9.74
C LEU E 237 -53.39 -49.66 9.50
N GLU E 238 -54.12 -49.27 10.54
CA GLU E 238 -55.50 -48.87 10.37
C GLU E 238 -55.62 -47.61 9.51
N LEU E 239 -54.79 -46.60 9.78
CA LEU E 239 -54.83 -45.38 8.99
C LEU E 239 -54.49 -45.67 7.53
N ILE E 240 -53.43 -46.44 7.30
CA ILE E 240 -53.07 -46.80 5.92
C ILE E 240 -54.24 -47.48 5.22
N SER E 241 -54.93 -48.38 5.92
CA SER E 241 -56.03 -49.13 5.30
C SER E 241 -57.18 -48.21 4.93
N ARG E 242 -57.48 -47.22 5.77
CA ARG E 242 -58.57 -46.30 5.48
C ARG E 242 -58.34 -45.55 4.18
N LEU E 243 -57.09 -45.18 3.90
CA LEU E 243 -56.75 -44.40 2.72
C LEU E 243 -56.41 -45.28 1.53
N CYS E 244 -55.51 -46.24 1.71
CA CYS E 244 -55.00 -47.05 0.61
C CYS E 244 -55.79 -48.33 0.37
N GLY E 245 -56.70 -48.67 1.26
CA GLY E 245 -57.36 -49.95 1.19
C GLY E 245 -56.69 -50.97 2.11
N SER E 246 -57.48 -51.90 2.61
CA SER E 246 -56.94 -52.88 3.54
C SER E 246 -56.04 -53.86 2.81
N PRO E 247 -54.90 -54.23 3.39
CA PRO E 247 -54.05 -55.27 2.78
C PRO E 247 -54.83 -56.57 2.64
N CYS E 248 -54.90 -57.08 1.42
CA CYS E 248 -55.62 -58.31 1.14
C CYS E 248 -55.05 -58.92 -0.13
N PRO E 249 -55.19 -60.24 -0.31
CA PRO E 249 -54.62 -60.89 -1.50
C PRO E 249 -55.16 -60.33 -2.81
N ALA E 250 -56.35 -59.71 -2.81
CA ALA E 250 -56.91 -59.22 -4.06
C ALA E 250 -55.98 -58.21 -4.72
N VAL E 251 -55.42 -57.28 -3.93
CA VAL E 251 -54.47 -56.30 -4.44
C VAL E 251 -53.03 -56.66 -4.12
N TRP E 252 -52.80 -57.61 -3.21
CA TRP E 252 -51.47 -57.92 -2.68
C TRP E 252 -51.33 -59.42 -2.55
N PRO E 253 -51.06 -60.11 -3.67
CA PRO E 253 -51.14 -61.58 -3.65
C PRO E 253 -50.34 -62.25 -2.55
N ASP E 254 -49.16 -61.73 -2.22
CA ASP E 254 -48.26 -62.38 -1.28
C ASP E 254 -48.43 -61.88 0.15
N VAL E 255 -49.48 -61.09 0.43
CA VAL E 255 -49.68 -60.59 1.78
C VAL E 255 -49.91 -61.73 2.74
N ILE E 256 -50.49 -62.83 2.26
CA ILE E 256 -50.78 -63.97 3.13
C ILE E 256 -49.51 -64.60 3.68
N ARG E 257 -48.36 -64.35 3.04
CA ARG E 257 -47.10 -64.89 3.52
C ARG E 257 -46.55 -64.14 4.74
N LEU E 258 -47.07 -62.95 5.03
CA LEU E 258 -46.46 -62.12 6.08
C LEU E 258 -46.87 -62.61 7.46
N PRO E 259 -45.94 -62.60 8.42
CA PRO E 259 -46.26 -63.15 9.75
C PRO E 259 -47.52 -62.58 10.40
N TYR E 260 -47.70 -61.25 10.37
CA TYR E 260 -48.79 -60.62 11.11
C TYR E 260 -50.01 -60.32 10.25
N PHE E 261 -50.11 -60.90 9.05
CA PHE E 261 -51.26 -60.61 8.21
C PHE E 261 -52.56 -60.93 8.93
N ASN E 262 -52.67 -62.14 9.49
CA ASN E 262 -53.84 -62.49 10.28
C ASN E 262 -53.83 -61.78 11.63
N THR E 263 -52.64 -61.61 12.23
CA THR E 263 -52.57 -61.02 13.56
C THR E 263 -53.06 -59.58 13.53
N MET E 264 -52.45 -58.76 12.69
CA MET E 264 -52.80 -57.35 12.59
C MET E 264 -53.83 -57.23 11.48
N LYS E 265 -55.09 -57.29 11.86
CA LYS E 265 -56.13 -57.13 10.86
C LYS E 265 -56.76 -55.76 11.04
N PRO E 266 -57.02 -55.03 9.95
CA PRO E 266 -57.69 -53.74 10.10
C PRO E 266 -59.13 -53.92 10.55
N LYS E 267 -59.69 -52.84 11.10
CA LYS E 267 -61.05 -52.89 11.61
C LYS E 267 -62.01 -53.40 10.56
N LYS E 268 -61.86 -52.93 9.31
CA LYS E 268 -62.69 -53.38 8.20
C LYS E 268 -61.79 -53.72 7.02
N GLN E 269 -62.41 -54.25 5.97
CA GLN E 269 -61.74 -54.40 4.66
C GLN E 269 -62.07 -53.15 3.85
N TYR E 270 -61.30 -52.09 4.11
CA TYR E 270 -61.55 -50.81 3.47
C TYR E 270 -61.21 -50.85 1.98
N ARG E 271 -61.95 -50.07 1.21
CA ARG E 271 -61.60 -49.83 -0.18
C ARG E 271 -60.61 -48.67 -0.24
N ARG E 272 -59.88 -48.60 -1.35
CA ARG E 272 -58.92 -47.51 -1.53
C ARG E 272 -59.67 -46.21 -1.80
N ARG E 273 -59.30 -45.15 -1.07
CA ARG E 273 -59.93 -43.86 -1.24
C ARG E 273 -58.91 -42.75 -1.50
N LEU E 274 -57.66 -43.11 -1.80
CA LEU E 274 -56.58 -42.12 -1.92
C LEU E 274 -56.93 -41.03 -2.92
N ARG E 275 -57.35 -41.41 -4.12
CA ARG E 275 -57.63 -40.41 -5.15
C ARG E 275 -58.74 -39.48 -4.71
N GLU E 276 -59.74 -40.00 -4.00
CA GLU E 276 -60.83 -39.16 -3.52
C GLU E 276 -60.34 -38.18 -2.47
N GLU E 277 -59.58 -38.68 -1.49
CA GLU E 277 -59.17 -37.85 -0.36
C GLU E 277 -58.18 -36.77 -0.76
N PHE E 278 -57.36 -37.02 -1.79
CA PHE E 278 -56.38 -36.05 -2.28
C PHE E 278 -56.81 -35.37 -3.57
N SER E 279 -58.11 -35.13 -3.75
CA SER E 279 -58.59 -34.56 -5.00
C SER E 279 -57.96 -33.19 -5.29
N PHE E 280 -57.58 -32.44 -4.25
CA PHE E 280 -57.02 -31.11 -4.47
C PHE E 280 -55.63 -31.15 -5.11
N ILE E 281 -54.91 -32.25 -4.97
CA ILE E 281 -53.55 -32.35 -5.53
C ILE E 281 -53.65 -32.30 -7.06
N PRO E 282 -52.72 -31.63 -7.74
CA PRO E 282 -52.73 -31.67 -9.21
C PRO E 282 -52.70 -33.11 -9.73
N SER E 283 -53.30 -33.31 -10.91
CA SER E 283 -53.43 -34.66 -11.43
C SER E 283 -52.08 -35.32 -11.65
N ALA E 284 -51.13 -34.58 -12.24
CA ALA E 284 -49.81 -35.16 -12.49
C ALA E 284 -49.18 -35.65 -11.19
N ALA E 285 -49.31 -34.87 -10.11
CA ALA E 285 -48.75 -35.27 -8.83
C ALA E 285 -49.59 -36.36 -8.16
N LEU E 286 -50.92 -36.24 -8.24
CA LEU E 286 -51.78 -37.26 -7.64
C LEU E 286 -51.46 -38.64 -8.20
N ASP E 287 -51.23 -38.73 -9.50
CA ASP E 287 -50.84 -40.00 -10.10
C ASP E 287 -49.55 -40.53 -9.49
N LEU E 288 -48.58 -39.64 -9.25
CA LEU E 288 -47.35 -40.04 -8.58
C LEU E 288 -47.64 -40.57 -7.18
N LEU E 289 -48.47 -39.84 -6.41
CA LEU E 289 -48.80 -40.29 -5.07
C LEU E 289 -49.44 -41.68 -5.09
N ASP E 290 -50.37 -41.91 -6.02
CA ASP E 290 -51.06 -43.19 -6.07
C ASP E 290 -50.06 -44.34 -6.21
N HIS E 291 -49.07 -44.19 -7.08
CA HIS E 291 -48.14 -45.29 -7.33
C HIS E 291 -47.17 -45.46 -6.16
N MET E 292 -46.67 -44.36 -5.60
CA MET E 292 -45.74 -44.47 -4.48
C MET E 292 -46.40 -45.09 -3.26
N LEU E 293 -47.68 -44.81 -3.04
CA LEU E 293 -48.43 -45.38 -1.92
C LEU E 293 -49.26 -46.58 -2.35
N THR E 294 -48.62 -47.53 -3.04
CA THR E 294 -49.25 -48.79 -3.43
C THR E 294 -48.89 -49.84 -2.38
N LEU E 295 -49.90 -50.58 -1.92
CA LEU E 295 -49.71 -51.47 -0.79
C LEU E 295 -48.67 -52.54 -1.09
N ASP E 296 -48.81 -53.23 -2.21
CA ASP E 296 -47.93 -54.35 -2.52
C ASP E 296 -46.56 -53.83 -2.97
N PRO E 297 -45.48 -54.12 -2.24
CA PRO E 297 -44.17 -53.61 -2.67
C PRO E 297 -43.78 -54.06 -4.07
N SER E 298 -44.30 -55.19 -4.54
CA SER E 298 -44.01 -55.65 -5.89
C SER E 298 -44.77 -54.86 -6.95
N LYS E 299 -45.86 -54.19 -6.58
CA LYS E 299 -46.58 -53.31 -7.49
C LYS E 299 -46.25 -51.83 -7.30
N ARG E 300 -45.57 -51.48 -6.21
CA ARG E 300 -45.21 -50.09 -5.96
C ARG E 300 -44.08 -49.64 -6.88
N CYS E 301 -44.22 -48.43 -7.41
CA CYS E 301 -43.24 -47.91 -8.35
C CYS E 301 -41.87 -47.76 -7.71
N THR E 302 -40.84 -47.73 -8.56
CA THR E 302 -39.46 -47.56 -8.12
C THR E 302 -39.06 -46.09 -8.18
N ALA E 303 -37.85 -45.81 -7.69
CA ALA E 303 -37.33 -44.45 -7.77
C ALA E 303 -37.20 -43.99 -9.22
N GLU E 304 -36.65 -44.86 -10.08
CA GLU E 304 -36.51 -44.51 -11.48
C GLU E 304 -37.86 -44.18 -12.11
N GLN E 305 -38.89 -44.96 -11.79
CA GLN E 305 -40.20 -44.74 -12.40
C GLN E 305 -40.81 -43.40 -12.00
N THR E 306 -40.62 -42.97 -10.75
CA THR E 306 -41.12 -41.67 -10.35
C THR E 306 -40.47 -40.56 -11.17
N LEU E 307 -39.18 -40.71 -11.49
CA LEU E 307 -38.51 -39.75 -12.36
C LEU E 307 -39.11 -39.75 -13.75
N GLN E 308 -39.65 -40.88 -14.20
CA GLN E 308 -40.33 -40.97 -15.48
C GLN E 308 -41.84 -40.78 -15.34
N SER E 309 -42.25 -39.75 -14.60
CA SER E 309 -43.65 -39.43 -14.42
C SER E 309 -43.96 -38.05 -15.00
N ASP E 310 -45.22 -37.86 -15.40
CA ASP E 310 -45.62 -36.56 -15.91
C ASP E 310 -45.31 -35.44 -14.92
N PHE E 311 -45.25 -35.75 -13.63
CA PHE E 311 -45.03 -34.72 -12.62
C PHE E 311 -43.57 -34.27 -12.56
N LEU E 312 -42.63 -35.20 -12.70
CA LEU E 312 -41.21 -34.92 -12.53
C LEU E 312 -40.41 -35.06 -13.81
N LYS E 313 -41.00 -35.65 -14.86
CA LYS E 313 -40.23 -36.01 -16.04
C LYS E 313 -39.55 -34.79 -16.67
N ASP E 314 -40.29 -33.69 -16.79
CA ASP E 314 -39.79 -32.49 -17.47
C ASP E 314 -39.26 -31.43 -16.51
N VAL E 315 -39.24 -31.70 -15.20
CA VAL E 315 -38.71 -30.73 -14.26
C VAL E 315 -37.20 -30.59 -14.48
N GLU E 316 -36.73 -29.36 -14.59
CA GLU E 316 -35.33 -29.05 -14.82
C GLU E 316 -34.66 -28.62 -13.53
N LEU E 317 -33.57 -29.31 -13.16
CA LEU E 317 -32.86 -28.95 -11.94
C LEU E 317 -32.05 -27.66 -12.10
N SER E 318 -31.90 -27.15 -13.33
CA SER E 318 -31.27 -25.84 -13.49
C SER E 318 -32.06 -24.78 -12.73
N LYS E 319 -33.38 -24.82 -12.81
CA LYS E 319 -34.25 -23.94 -12.03
C LYS E 319 -34.35 -24.48 -10.60
N THR F 24 -9.19 -37.43 -3.43
CA THR F 24 -10.43 -38.00 -2.93
C THR F 24 -10.15 -39.21 -2.04
N LYS F 25 -9.78 -40.33 -2.67
CA LYS F 25 -9.48 -41.56 -1.97
C LYS F 25 -7.97 -41.83 -1.99
N PRO F 26 -7.43 -42.43 -0.95
CA PRO F 26 -5.97 -42.62 -0.88
C PRO F 26 -5.51 -43.75 -1.78
N CYS F 27 -4.21 -43.73 -2.07
CA CYS F 27 -3.59 -44.75 -2.91
C CYS F 27 -3.00 -45.82 -2.00
N TRP F 28 -3.46 -47.07 -2.18
CA TRP F 28 -3.08 -48.18 -1.33
C TRP F 28 -2.18 -49.19 -2.04
N TYR F 29 -1.38 -48.72 -2.99
CA TYR F 29 -0.53 -49.60 -3.79
C TYR F 29 0.89 -49.07 -3.84
N TRP F 30 1.85 -49.97 -3.61
CA TRP F 30 3.26 -49.68 -3.59
C TRP F 30 3.96 -50.52 -4.65
N ASP F 31 5.20 -50.14 -4.96
CA ASP F 31 6.06 -50.94 -5.82
C ASP F 31 6.85 -51.92 -4.97
N LYS F 32 7.10 -53.11 -5.53
CA LYS F 32 7.86 -54.10 -4.78
C LYS F 32 9.16 -53.52 -4.24
N LYS F 33 9.88 -52.75 -5.05
CA LYS F 33 11.14 -52.18 -4.61
C LYS F 33 10.94 -51.34 -3.35
N ASP F 34 9.74 -50.81 -3.12
CA ASP F 34 9.48 -50.02 -1.93
C ASP F 34 9.38 -50.89 -0.68
N LEU F 35 9.11 -52.18 -0.82
CA LEU F 35 8.98 -53.04 0.36
C LEU F 35 10.31 -53.27 1.07
N ALA F 36 11.43 -52.91 0.44
CA ALA F 36 12.71 -52.93 1.12
C ALA F 36 12.85 -51.82 2.14
N HIS F 37 11.86 -50.93 2.23
CA HIS F 37 11.94 -49.73 3.07
C HIS F 37 10.71 -49.59 3.96
N THR F 38 10.11 -50.72 4.35
CA THR F 38 9.04 -50.67 5.33
C THR F 38 9.62 -50.33 6.70
N PRO F 39 8.79 -49.80 7.60
CA PRO F 39 9.26 -49.57 8.98
C PRO F 39 9.94 -50.80 9.58
N SER F 40 9.39 -51.99 9.31
CA SER F 40 9.99 -53.22 9.82
C SER F 40 11.42 -53.39 9.28
N GLN F 41 11.59 -53.23 7.96
CA GLN F 41 12.91 -53.37 7.38
C GLN F 41 13.90 -52.39 8.00
N LEU F 42 13.48 -51.15 8.17
CA LEU F 42 14.38 -50.11 8.64
C LEU F 42 14.67 -50.21 10.14
N GLU F 43 13.91 -51.02 10.87
CA GLU F 43 14.26 -51.33 12.26
C GLU F 43 15.11 -52.60 12.36
N GLY F 44 15.66 -53.08 11.25
CA GLY F 44 16.57 -54.20 11.27
C GLY F 44 15.97 -55.54 10.93
N LEU F 45 14.68 -55.62 10.66
CA LEU F 45 14.06 -56.87 10.24
C LEU F 45 14.43 -57.16 8.79
N ASP F 46 14.87 -58.39 8.53
CA ASP F 46 15.33 -58.75 7.19
C ASP F 46 14.16 -59.13 6.30
N PRO F 47 14.39 -59.22 4.98
CA PRO F 47 13.27 -59.51 4.07
C PRO F 47 12.51 -60.78 4.41
N ALA F 48 13.20 -61.87 4.69
CA ALA F 48 12.51 -63.13 4.94
C ALA F 48 11.66 -63.05 6.20
N THR F 49 12.19 -62.46 7.27
CA THR F 49 11.46 -62.44 8.53
C THR F 49 10.16 -61.64 8.40
N GLU F 50 10.21 -60.47 7.77
CA GLU F 50 8.98 -59.71 7.62
C GLU F 50 7.98 -60.50 6.79
N ALA F 51 8.46 -61.18 5.75
CA ALA F 51 7.58 -62.02 4.95
C ALA F 51 6.96 -63.14 5.80
N ARG F 52 7.77 -63.78 6.63
CA ARG F 52 7.25 -64.83 7.49
C ARG F 52 6.19 -64.29 8.42
N TYR F 53 6.44 -63.10 9.00
CA TYR F 53 5.45 -62.50 9.88
C TYR F 53 4.15 -62.20 9.16
N ARG F 54 4.22 -61.85 7.87
CA ARG F 54 3.00 -61.57 7.12
C ARG F 54 2.24 -62.84 6.82
N ARG F 55 2.95 -63.90 6.43
CA ARG F 55 2.31 -65.20 6.21
C ARG F 55 1.67 -65.69 7.50
N GLU F 56 2.43 -65.64 8.59
CA GLU F 56 1.92 -66.13 9.87
C GLU F 56 0.69 -65.33 10.30
N GLY F 57 0.72 -64.02 10.12
CA GLY F 57 -0.43 -63.20 10.50
C GLY F 57 -1.61 -63.39 9.58
N ALA F 58 -1.36 -63.43 8.27
CA ALA F 58 -2.46 -63.65 7.33
C ALA F 58 -3.16 -64.97 7.63
N ARG F 59 -2.38 -66.05 7.72
CA ARG F 59 -2.97 -67.36 8.00
C ARG F 59 -3.64 -67.39 9.37
N PHE F 60 -3.05 -66.70 10.35
CA PHE F 60 -3.70 -66.56 11.66
C PHE F 60 -5.09 -65.97 11.51
N ILE F 61 -5.21 -64.83 10.82
CA ILE F 61 -6.52 -64.24 10.58
C ILE F 61 -7.40 -65.22 9.82
N PHE F 62 -6.84 -65.87 8.80
CA PHE F 62 -7.61 -66.80 7.99
C PHE F 62 -8.14 -67.94 8.83
N ASP F 63 -7.27 -68.56 9.64
CA ASP F 63 -7.69 -69.70 10.44
C ASP F 63 -8.64 -69.29 11.56
N VAL F 64 -8.36 -68.17 12.23
CA VAL F 64 -9.23 -67.73 13.31
C VAL F 64 -10.63 -67.47 12.78
N GLY F 65 -10.74 -66.72 11.68
CA GLY F 65 -12.04 -66.43 11.13
C GLY F 65 -12.73 -67.67 10.59
N THR F 66 -11.96 -68.58 9.98
CA THR F 66 -12.55 -69.82 9.48
C THR F 66 -13.16 -70.62 10.62
N ARG F 67 -12.46 -70.70 11.76
CA ARG F 67 -13.00 -71.39 12.93
C ARG F 67 -14.28 -70.71 13.41
N LEU F 68 -14.35 -69.39 13.31
CA LEU F 68 -15.52 -68.63 13.71
C LEU F 68 -16.64 -68.64 12.66
N GLY F 69 -16.44 -69.32 11.54
CA GLY F 69 -17.48 -69.43 10.54
C GLY F 69 -17.70 -68.18 9.72
N LEU F 70 -16.64 -67.44 9.41
CA LEU F 70 -16.76 -66.14 8.76
C LEU F 70 -16.74 -66.25 7.24
N HIS F 71 -17.52 -65.37 6.60
CA HIS F 71 -17.55 -65.25 5.15
C HIS F 71 -16.15 -64.98 4.60
N TYR F 72 -15.92 -65.41 3.35
CA TYR F 72 -14.58 -65.29 2.78
C TYR F 72 -14.16 -63.84 2.58
N ASP F 73 -15.11 -62.96 2.26
CA ASP F 73 -14.78 -61.54 2.15
C ASP F 73 -14.31 -60.98 3.49
N THR F 74 -14.93 -61.41 4.59
CA THR F 74 -14.52 -60.91 5.90
C THR F 74 -13.08 -61.28 6.20
N LEU F 75 -12.67 -62.49 5.85
CA LEU F 75 -11.28 -62.89 6.09
C LEU F 75 -10.33 -62.01 5.31
N ALA F 76 -10.61 -61.80 4.03
CA ALA F 76 -9.71 -61.00 3.18
C ALA F 76 -9.63 -59.56 3.69
N THR F 77 -10.77 -58.98 4.05
CA THR F 77 -10.77 -57.59 4.52
C THR F 77 -9.81 -57.42 5.69
N GLY F 78 -9.92 -58.30 6.69
CA GLY F 78 -8.99 -58.26 7.81
C GLY F 78 -7.55 -58.41 7.37
N ILE F 79 -7.30 -59.30 6.41
CA ILE F 79 -5.94 -59.54 5.97
C ILE F 79 -5.37 -58.31 5.27
N ILE F 80 -6.18 -57.66 4.44
CA ILE F 80 -5.73 -56.45 3.75
C ILE F 80 -5.53 -55.32 4.74
N TYR F 81 -6.42 -55.18 5.73
CA TYR F 81 -6.17 -54.25 6.81
C TYR F 81 -4.82 -54.55 7.46
N PHE F 82 -4.60 -55.83 7.75
CA PHE F 82 -3.35 -56.28 8.37
C PHE F 82 -2.14 -55.88 7.52
N HIS F 83 -2.21 -56.17 6.22
CA HIS F 83 -1.07 -55.88 5.35
C HIS F 83 -0.82 -54.39 5.25
N ARG F 84 -1.88 -53.59 5.13
CA ARG F 84 -1.70 -52.15 5.07
C ARG F 84 -1.13 -51.60 6.37
N PHE F 85 -1.61 -52.10 7.51
CA PHE F 85 -1.16 -51.60 8.81
C PHE F 85 0.36 -51.60 8.90
N TYR F 86 1.00 -52.68 8.45
CA TYR F 86 2.44 -52.83 8.59
C TYR F 86 3.22 -52.17 7.46
N MET F 87 2.55 -51.39 6.61
CA MET F 87 3.24 -50.43 5.78
C MET F 87 3.47 -49.11 6.51
N PHE F 88 2.83 -48.94 7.68
CA PHE F 88 2.97 -47.73 8.46
C PHE F 88 3.59 -47.98 9.83
N HIS F 89 3.77 -49.24 10.22
CA HIS F 89 4.31 -49.57 11.54
C HIS F 89 5.21 -50.78 11.42
N SER F 90 5.99 -51.03 12.46
CA SER F 90 6.96 -52.11 12.49
C SER F 90 6.42 -53.29 13.28
N PHE F 91 6.75 -54.50 12.83
CA PHE F 91 6.34 -55.70 13.55
C PHE F 91 6.95 -55.75 14.94
N LYS F 92 8.11 -55.11 15.13
CA LYS F 92 8.77 -55.14 16.42
C LYS F 92 8.02 -54.29 17.46
N GLN F 93 7.31 -53.24 17.01
CA GLN F 93 6.61 -52.35 17.92
C GLN F 93 5.17 -52.74 18.14
N PHE F 94 4.56 -53.45 17.19
CA PHE F 94 3.17 -53.90 17.27
C PHE F 94 3.12 -55.40 17.07
N PRO F 95 2.81 -56.21 18.09
CA PRO F 95 2.76 -57.67 17.90
C PRO F 95 1.81 -58.06 16.78
N ARG F 96 2.26 -58.98 15.91
CA ARG F 96 1.48 -59.28 14.71
C ARG F 96 0.14 -59.93 15.06
N TYR F 97 0.12 -60.89 15.98
CA TYR F 97 -1.12 -61.63 16.23
C TYR F 97 -2.17 -60.76 16.91
N VAL F 98 -1.76 -59.84 17.78
CA VAL F 98 -2.73 -58.90 18.37
C VAL F 98 -3.32 -58.02 17.28
N THR F 99 -2.45 -57.45 16.44
CA THR F 99 -2.93 -56.67 15.31
C THR F 99 -3.87 -57.50 14.44
N GLY F 100 -3.50 -58.75 14.17
CA GLY F 100 -4.33 -59.60 13.33
C GLY F 100 -5.76 -59.74 13.86
N ALA F 101 -5.89 -60.01 15.15
CA ALA F 101 -7.23 -60.15 15.72
C ALA F 101 -7.99 -58.84 15.64
N CYS F 102 -7.31 -57.72 15.86
CA CYS F 102 -7.96 -56.42 15.74
C CYS F 102 -8.47 -56.21 14.32
N CYS F 103 -7.65 -56.55 13.32
CA CYS F 103 -8.09 -56.42 11.93
C CYS F 103 -9.34 -57.27 11.69
N LEU F 104 -9.32 -58.53 12.13
CA LEU F 104 -10.49 -59.37 11.94
C LEU F 104 -11.69 -58.80 12.67
N PHE F 105 -11.48 -58.30 13.89
CA PHE F 105 -12.57 -57.71 14.65
C PHE F 105 -13.23 -56.57 13.87
N LEU F 106 -12.43 -55.63 13.39
CA LEU F 106 -12.99 -54.52 12.62
C LEU F 106 -13.61 -55.02 11.33
N ALA F 107 -12.94 -55.93 10.63
CA ALA F 107 -13.47 -56.46 9.38
C ALA F 107 -14.88 -56.99 9.58
N GLY F 108 -15.11 -57.72 10.69
CA GLY F 108 -16.45 -58.24 10.95
C GLY F 108 -17.51 -57.16 10.98
N LYS F 109 -17.22 -56.04 11.64
CA LYS F 109 -18.19 -54.95 11.69
C LYS F 109 -18.33 -54.28 10.33
N VAL F 110 -17.23 -54.13 9.60
CA VAL F 110 -17.28 -53.47 8.30
C VAL F 110 -18.11 -54.29 7.31
N GLU F 111 -17.87 -55.60 7.26
CA GLU F 111 -18.52 -56.47 6.29
C GLU F 111 -19.86 -57.01 6.78
N GLU F 112 -20.36 -56.51 7.92
CA GLU F 112 -21.66 -56.92 8.45
C GLU F 112 -21.70 -58.39 8.82
N THR F 113 -20.56 -58.93 9.26
CA THR F 113 -20.50 -60.28 9.82
C THR F 113 -19.86 -60.20 11.20
N PRO F 114 -20.45 -59.45 12.12
CA PRO F 114 -19.76 -59.12 13.37
C PRO F 114 -19.62 -60.30 14.31
N LYS F 115 -18.54 -60.28 15.08
CA LYS F 115 -18.29 -61.23 16.16
C LYS F 115 -17.80 -60.46 17.37
N LYS F 116 -18.07 -61.00 18.57
CA LYS F 116 -17.64 -60.35 19.80
C LYS F 116 -16.14 -60.56 20.01
N CYS F 117 -15.47 -59.51 20.50
CA CYS F 117 -14.04 -59.57 20.69
C CYS F 117 -13.62 -60.75 21.57
N LYS F 118 -14.43 -61.07 22.58
CA LYS F 118 -14.09 -62.19 23.46
C LYS F 118 -14.02 -63.50 22.68
N ASP F 119 -14.87 -63.67 21.66
CA ASP F 119 -14.85 -64.90 20.87
C ASP F 119 -13.58 -64.99 20.04
N ILE F 120 -13.10 -63.87 19.52
CA ILE F 120 -11.86 -63.87 18.75
C ILE F 120 -10.69 -64.24 19.64
N ILE F 121 -10.65 -63.70 20.86
CA ILE F 121 -9.58 -64.04 21.78
C ILE F 121 -9.61 -65.52 22.11
N LYS F 122 -10.80 -66.06 22.40
CA LYS F 122 -10.92 -67.48 22.69
C LYS F 122 -10.36 -68.32 21.55
N THR F 123 -10.74 -68.00 20.31
CA THR F 123 -10.25 -68.75 19.17
C THR F 123 -8.74 -68.58 19.01
N ALA F 124 -8.23 -67.37 19.22
CA ALA F 124 -6.79 -67.14 19.11
C ALA F 124 -6.04 -67.99 20.12
N ARG F 125 -6.58 -68.13 21.33
CA ARG F 125 -5.91 -68.96 22.33
C ARG F 125 -5.85 -70.41 21.86
N SER F 126 -6.91 -70.87 21.18
CA SER F 126 -6.91 -72.24 20.67
C SER F 126 -5.80 -72.47 19.66
N LEU F 127 -5.52 -71.48 18.82
CA LEU F 127 -4.60 -71.68 17.71
C LEU F 127 -3.17 -71.27 18.02
N LEU F 128 -2.93 -70.48 19.06
CA LEU F 128 -1.60 -70.00 19.38
C LEU F 128 -1.04 -70.78 20.57
N ASN F 129 0.27 -71.02 20.56
CA ASN F 129 0.94 -71.63 21.69
C ASN F 129 1.14 -70.57 22.79
N ASP F 130 1.78 -70.99 23.89
CA ASP F 130 1.94 -70.09 25.02
C ASP F 130 2.87 -68.93 24.68
N VAL F 131 3.95 -69.20 23.95
CA VAL F 131 4.85 -68.11 23.56
C VAL F 131 4.11 -67.11 22.68
N GLN F 132 3.37 -67.60 21.69
CA GLN F 132 2.67 -66.72 20.77
C GLN F 132 1.58 -65.92 21.48
N PHE F 133 0.77 -66.59 22.30
CA PHE F 133 -0.29 -65.87 22.98
C PHE F 133 0.23 -64.88 24.01
N GLY F 134 1.49 -64.99 24.42
CA GLY F 134 2.04 -64.03 25.35
C GLY F 134 1.98 -62.60 24.85
N GLN F 135 1.88 -62.42 23.53
CA GLN F 135 1.76 -61.08 22.96
C GLN F 135 0.54 -60.35 23.50
N PHE F 136 -0.58 -61.06 23.68
CA PHE F 136 -1.81 -60.44 24.13
C PHE F 136 -1.73 -59.98 25.58
N GLY F 137 -0.66 -60.31 26.29
CA GLY F 137 -0.44 -59.79 27.63
C GLY F 137 -1.49 -60.26 28.64
N ASP F 138 -1.64 -59.46 29.71
CA ASP F 138 -2.49 -59.85 30.82
C ASP F 138 -3.98 -59.69 30.51
N ASP F 139 -4.32 -58.78 29.61
CA ASP F 139 -5.72 -58.54 29.24
C ASP F 139 -5.80 -58.58 27.71
N PRO F 140 -6.00 -59.75 27.13
CA PRO F 140 -6.05 -59.85 25.66
C PRO F 140 -7.09 -58.94 25.02
N LYS F 141 -8.32 -58.96 25.54
CA LYS F 141 -9.37 -58.13 24.94
C LYS F 141 -8.96 -56.67 24.91
N GLU F 142 -8.38 -56.18 26.01
CA GLU F 142 -7.99 -54.77 26.08
C GLU F 142 -6.96 -54.44 25.00
N GLU F 143 -5.91 -55.26 24.90
CA GLU F 143 -4.89 -55.00 23.89
C GLU F 143 -5.48 -54.93 22.50
N VAL F 144 -6.51 -55.71 22.22
CA VAL F 144 -7.14 -55.70 20.91
C VAL F 144 -8.05 -54.49 20.75
N MET F 145 -8.95 -54.27 21.72
CA MET F 145 -9.89 -53.16 21.60
C MET F 145 -9.17 -51.82 21.53
N VAL F 146 -8.09 -51.67 22.29
CA VAL F 146 -7.35 -50.42 22.27
C VAL F 146 -6.77 -50.16 20.88
N LEU F 147 -6.27 -51.20 20.23
CA LEU F 147 -5.61 -51.04 18.94
C LEU F 147 -6.55 -50.56 17.84
N GLU F 148 -7.86 -50.73 18.02
CA GLU F 148 -8.80 -50.35 16.97
C GLU F 148 -8.63 -48.88 16.57
N ARG F 149 -8.37 -48.00 17.54
CA ARG F 149 -8.18 -46.58 17.21
C ARG F 149 -7.02 -46.41 16.23
N ILE F 150 -5.86 -46.97 16.54
CA ILE F 150 -4.71 -46.81 15.65
C ILE F 150 -5.01 -47.47 14.31
N LEU F 151 -5.68 -48.62 14.33
CA LEU F 151 -6.02 -49.30 13.08
C LEU F 151 -6.85 -48.39 12.19
N LEU F 152 -7.92 -47.82 12.74
CA LEU F 152 -8.77 -46.93 11.94
C LEU F 152 -7.99 -45.74 11.42
N GLN F 153 -7.16 -45.12 12.27
CA GLN F 153 -6.34 -44.01 11.81
C GLN F 153 -5.37 -44.46 10.73
N THR F 154 -4.76 -45.64 10.90
CA THR F 154 -3.76 -46.09 9.94
C THR F 154 -4.38 -46.37 8.57
N ILE F 155 -5.55 -47.01 8.54
CA ILE F 155 -6.19 -47.34 7.27
C ILE F 155 -6.98 -46.12 6.78
N LYS F 156 -6.78 -44.97 7.41
CA LYS F 156 -7.34 -43.71 6.94
C LYS F 156 -8.86 -43.78 6.79
N PHE F 157 -9.50 -44.60 7.62
CA PHE F 157 -10.95 -44.76 7.63
C PHE F 157 -11.50 -45.12 6.26
N ASP F 158 -10.64 -45.64 5.38
CA ASP F 158 -11.08 -46.16 4.08
C ASP F 158 -11.46 -47.62 4.32
N LEU F 159 -12.70 -47.81 4.77
CA LEU F 159 -13.14 -49.12 5.22
C LEU F 159 -13.58 -50.02 4.07
N GLN F 160 -14.06 -49.44 2.97
CA GLN F 160 -14.52 -50.25 1.85
C GLN F 160 -13.32 -50.88 1.15
N VAL F 161 -13.36 -52.21 1.00
CA VAL F 161 -12.30 -52.94 0.31
C VAL F 161 -12.95 -54.00 -0.57
N GLU F 162 -12.46 -54.11 -1.80
CA GLU F 162 -12.89 -55.15 -2.73
C GLU F 162 -11.77 -56.18 -2.94
N HIS F 163 -12.16 -57.40 -3.24
CA HIS F 163 -11.26 -58.54 -3.31
C HIS F 163 -11.33 -59.22 -4.65
N PRO F 164 -10.26 -59.93 -5.04
CA PRO F 164 -10.26 -60.61 -6.36
C PRO F 164 -11.43 -61.55 -6.57
N TYR F 165 -12.06 -62.02 -5.50
CA TYR F 165 -13.09 -63.05 -5.65
C TYR F 165 -14.22 -62.58 -6.55
N GLN F 166 -14.80 -61.41 -6.26
CA GLN F 166 -15.96 -60.97 -7.03
C GLN F 166 -15.62 -60.78 -8.50
N PHE F 167 -14.39 -60.40 -8.81
CA PHE F 167 -14.01 -60.22 -10.20
C PHE F 167 -13.73 -61.57 -10.87
N LEU F 168 -13.14 -62.50 -10.13
CA LEU F 168 -13.00 -63.86 -10.64
C LEU F 168 -14.34 -64.43 -11.08
N LEU F 169 -15.39 -64.17 -10.31
CA LEU F 169 -16.72 -64.66 -10.66
C LEU F 169 -17.34 -63.82 -11.77
N LYS F 170 -17.23 -62.49 -11.66
CA LYS F 170 -17.79 -61.61 -12.68
C LYS F 170 -17.26 -61.98 -14.06
N TYR F 171 -15.97 -62.30 -14.15
CA TYR F 171 -15.36 -62.63 -15.43
C TYR F 171 -15.72 -64.05 -15.85
N ALA F 172 -15.79 -64.99 -14.90
CA ALA F 172 -16.10 -66.36 -15.25
C ALA F 172 -17.49 -66.50 -15.86
N LYS F 173 -18.46 -65.71 -15.38
CA LYS F 173 -19.80 -65.85 -15.94
C LYS F 173 -19.86 -65.49 -17.42
N GLN F 174 -18.92 -64.69 -17.90
CA GLN F 174 -18.90 -64.30 -19.31
C GLN F 174 -18.19 -65.33 -20.19
N LEU F 175 -17.73 -66.44 -19.61
CA LEU F 175 -17.15 -67.54 -20.38
C LEU F 175 -18.23 -68.55 -20.71
N LYS F 176 -18.21 -69.05 -21.94
CA LYS F 176 -19.15 -70.06 -22.40
C LYS F 176 -18.37 -71.22 -23.00
N GLY F 177 -18.71 -72.43 -22.59
CA GLY F 177 -18.00 -73.60 -23.07
C GLY F 177 -18.23 -74.78 -22.14
N ASP F 178 -17.28 -75.71 -22.16
CA ASP F 178 -17.35 -76.89 -21.29
C ASP F 178 -17.51 -76.46 -19.84
N LYS F 179 -18.70 -76.70 -19.27
CA LYS F 179 -18.97 -76.26 -17.91
C LYS F 179 -17.95 -76.81 -16.92
N ASN F 180 -17.54 -78.07 -17.11
CA ASN F 180 -16.64 -78.71 -16.15
C ASN F 180 -15.21 -78.19 -16.28
N LYS F 181 -14.77 -77.84 -17.49
CA LYS F 181 -13.43 -77.26 -17.61
C LYS F 181 -13.41 -75.86 -17.02
N ILE F 182 -14.48 -75.08 -17.22
CA ILE F 182 -14.53 -73.73 -16.67
C ILE F 182 -14.58 -73.79 -15.15
N GLN F 183 -15.34 -74.74 -14.60
CA GLN F 183 -15.40 -74.86 -13.14
C GLN F 183 -14.05 -75.24 -12.56
N LYS F 184 -13.32 -76.12 -13.24
CA LYS F 184 -11.97 -76.45 -12.76
C LYS F 184 -11.08 -75.21 -12.78
N LEU F 185 -11.22 -74.37 -13.81
CA LEU F 185 -10.46 -73.13 -13.87
C LEU F 185 -10.77 -72.24 -12.67
N VAL F 186 -12.05 -72.09 -12.35
CA VAL F 186 -12.44 -71.18 -11.26
C VAL F 186 -11.88 -71.66 -9.93
N GLN F 187 -12.09 -72.93 -9.59
CA GLN F 187 -11.63 -73.40 -8.28
C GLN F 187 -10.12 -73.24 -8.14
N MET F 188 -9.36 -73.60 -9.17
CA MET F 188 -7.92 -73.43 -9.09
C MET F 188 -7.56 -71.96 -8.92
N ALA F 189 -8.22 -71.08 -9.68
CA ALA F 189 -7.99 -69.65 -9.49
C ALA F 189 -8.43 -69.20 -8.11
N TRP F 190 -9.59 -69.68 -7.65
CA TRP F 190 -10.04 -69.33 -6.31
C TRP F 190 -9.01 -69.73 -5.26
N THR F 191 -8.45 -70.94 -5.39
CA THR F 191 -7.38 -71.35 -4.48
C THR F 191 -6.21 -70.38 -4.55
N PHE F 192 -5.83 -69.96 -5.76
CA PHE F 192 -4.69 -69.06 -5.91
C PHE F 192 -4.95 -67.72 -5.23
N VAL F 193 -6.20 -67.24 -5.25
CA VAL F 193 -6.52 -66.02 -4.53
C VAL F 193 -6.27 -66.20 -3.04
N ASN F 194 -6.78 -67.31 -2.48
CA ASN F 194 -6.58 -67.58 -1.06
C ASN F 194 -5.09 -67.59 -0.70
N ASP F 195 -4.25 -68.17 -1.57
CA ASP F 195 -2.83 -68.19 -1.28
C ASP F 195 -2.19 -66.82 -1.48
N SER F 196 -2.73 -66.02 -2.40
CA SER F 196 -2.17 -64.70 -2.63
C SER F 196 -2.38 -63.77 -1.44
N LEU F 197 -3.26 -64.13 -0.51
CA LEU F 197 -3.48 -63.30 0.66
C LEU F 197 -2.26 -63.30 1.59
N CYS F 198 -1.44 -64.34 1.55
CA CYS F 198 -0.22 -64.38 2.35
C CYS F 198 0.88 -63.49 1.78
N THR F 199 0.72 -63.00 0.56
CA THR F 199 1.73 -62.20 -0.11
C THR F 199 1.36 -60.72 -0.06
N THR F 200 2.31 -59.89 -0.50
CA THR F 200 2.09 -58.45 -0.61
C THR F 200 1.40 -58.06 -1.91
N LEU F 201 0.94 -59.05 -2.69
CA LEU F 201 0.24 -58.74 -3.94
C LEU F 201 -0.99 -57.87 -3.69
N SER F 202 -1.65 -58.05 -2.54
CA SER F 202 -2.76 -57.18 -2.18
C SER F 202 -2.33 -55.72 -2.17
N LEU F 203 -1.05 -55.46 -1.91
CA LEU F 203 -0.51 -54.10 -1.86
C LEU F 203 0.12 -53.65 -3.17
N GLN F 204 0.24 -54.53 -4.16
CA GLN F 204 0.92 -54.19 -5.41
C GLN F 204 -0.04 -53.94 -6.56
N TRP F 205 -1.14 -54.69 -6.62
CA TRP F 205 -2.01 -54.67 -7.79
C TRP F 205 -3.48 -54.61 -7.37
N GLU F 206 -4.28 -53.89 -8.16
CA GLU F 206 -5.70 -53.81 -7.91
C GLU F 206 -6.30 -55.21 -7.90
N PRO F 207 -7.43 -55.40 -7.22
CA PRO F 207 -8.01 -56.75 -7.16
C PRO F 207 -8.37 -57.31 -8.53
N GLU F 208 -8.86 -56.45 -9.44
CA GLU F 208 -9.20 -56.91 -10.77
C GLU F 208 -8.00 -57.57 -11.45
N ILE F 209 -6.81 -56.99 -11.30
CA ILE F 209 -5.63 -57.53 -11.94
C ILE F 209 -5.27 -58.89 -11.35
N ILE F 210 -5.36 -59.03 -10.03
CA ILE F 210 -5.10 -60.32 -9.40
C ILE F 210 -6.05 -61.36 -9.94
N ALA F 211 -7.34 -61.02 -10.05
CA ALA F 211 -8.32 -61.98 -10.54
C ALA F 211 -7.94 -62.49 -11.93
N VAL F 212 -7.50 -61.59 -12.80
CA VAL F 212 -7.05 -62.01 -14.13
C VAL F 212 -5.82 -62.89 -14.01
N ALA F 213 -4.87 -62.50 -13.16
CA ALA F 213 -3.63 -63.26 -13.04
C ALA F 213 -3.89 -64.69 -12.60
N VAL F 214 -4.82 -64.89 -11.66
CA VAL F 214 -5.08 -66.25 -11.19
C VAL F 214 -5.81 -67.05 -12.26
N MET F 215 -6.71 -66.42 -13.00
CA MET F 215 -7.28 -67.08 -14.17
C MET F 215 -6.19 -67.40 -15.18
N TYR F 216 -5.30 -66.45 -15.43
CA TYR F 216 -4.19 -66.66 -16.35
C TYR F 216 -3.34 -67.85 -15.90
N LEU F 217 -3.00 -67.89 -14.61
CA LEU F 217 -2.20 -69.01 -14.10
C LEU F 217 -2.99 -70.31 -14.22
N ALA F 218 -4.23 -70.33 -13.73
CA ALA F 218 -5.03 -71.54 -13.79
C ALA F 218 -5.16 -72.05 -15.22
N GLY F 219 -5.33 -71.14 -16.18
CA GLY F 219 -5.41 -71.55 -17.56
C GLY F 219 -4.16 -72.28 -18.02
N ARG F 220 -2.99 -71.71 -17.70
CA ARG F 220 -1.73 -72.33 -18.11
C ARG F 220 -1.59 -73.73 -17.52
N LEU F 221 -1.83 -73.87 -16.21
CA LEU F 221 -1.63 -75.16 -15.56
C LEU F 221 -2.61 -76.20 -16.10
N CYS F 222 -3.85 -75.81 -16.35
CA CYS F 222 -4.86 -76.73 -16.87
C CYS F 222 -4.80 -76.91 -18.37
N LYS F 223 -3.83 -76.29 -19.05
CA LYS F 223 -3.70 -76.40 -20.51
C LYS F 223 -4.98 -75.94 -21.20
N PHE F 224 -5.56 -74.85 -20.70
CA PHE F 224 -6.77 -74.28 -21.30
C PHE F 224 -6.46 -73.05 -22.15
N GLU F 225 -7.30 -72.83 -23.16
CA GLU F 225 -7.23 -71.65 -24.02
C GLU F 225 -8.44 -70.79 -23.65
N ILE F 226 -8.26 -69.89 -22.68
CA ILE F 226 -9.41 -69.16 -22.14
C ILE F 226 -10.07 -68.34 -23.22
N GLN F 227 -9.31 -67.91 -24.23
CA GLN F 227 -9.85 -67.06 -25.28
C GLN F 227 -11.05 -67.71 -25.96
N GLU F 228 -11.02 -69.03 -26.15
CA GLU F 228 -12.10 -69.70 -26.86
C GLU F 228 -13.43 -69.50 -26.17
N TRP F 229 -13.43 -69.40 -24.85
CA TRP F 229 -14.66 -69.25 -24.07
C TRP F 229 -15.17 -67.82 -24.03
N THR F 230 -14.43 -66.87 -24.59
CA THR F 230 -14.81 -65.46 -24.54
C THR F 230 -15.65 -65.10 -25.76
N SER F 231 -16.21 -63.89 -25.71
CA SER F 231 -16.98 -63.38 -26.84
C SER F 231 -16.12 -63.08 -28.05
N LYS F 232 -14.80 -63.13 -27.92
CA LYS F 232 -13.85 -62.84 -29.01
C LYS F 232 -12.86 -64.00 -29.09
N PRO F 233 -13.30 -65.14 -29.62
CA PRO F 233 -12.49 -66.36 -29.52
C PRO F 233 -11.16 -66.30 -30.27
N MET F 234 -10.93 -65.26 -31.07
CA MET F 234 -9.69 -65.12 -31.82
C MET F 234 -8.80 -64.01 -31.31
N TYR F 235 -9.10 -63.47 -30.14
CA TYR F 235 -8.27 -62.43 -29.52
C TYR F 235 -7.38 -63.11 -28.48
N ARG F 236 -6.10 -63.28 -28.79
CA ARG F 236 -5.24 -64.04 -27.89
C ARG F 236 -5.14 -63.36 -26.53
N ARG F 237 -5.23 -62.04 -26.49
CA ARG F 237 -5.20 -61.28 -25.24
C ARG F 237 -6.59 -61.17 -24.64
N TRP F 238 -7.04 -62.30 -24.07
CA TRP F 238 -8.40 -62.38 -23.53
C TRP F 238 -8.58 -61.42 -22.36
N TRP F 239 -7.53 -61.17 -21.58
CA TRP F 239 -7.66 -60.36 -20.38
C TRP F 239 -8.06 -58.93 -20.71
N GLU F 240 -7.75 -58.45 -21.91
CA GLU F 240 -8.06 -57.06 -22.24
C GLU F 240 -9.57 -56.81 -22.16
N GLN F 241 -10.39 -57.83 -22.39
CA GLN F 241 -11.83 -57.64 -22.33
C GLN F 241 -12.31 -57.42 -20.90
N PHE F 242 -11.59 -57.94 -19.92
CA PHE F 242 -11.96 -57.79 -18.51
C PHE F 242 -11.24 -56.61 -17.85
N VAL F 243 -9.92 -56.52 -18.02
CA VAL F 243 -9.14 -55.46 -17.41
C VAL F 243 -8.21 -54.87 -18.47
N GLN F 244 -8.38 -53.60 -18.80
CA GLN F 244 -7.59 -52.95 -19.83
C GLN F 244 -6.24 -52.49 -19.30
N ASP F 245 -5.26 -52.42 -20.21
CA ASP F 245 -3.93 -51.86 -19.91
C ASP F 245 -3.14 -52.73 -18.95
N VAL F 246 -3.24 -54.05 -19.12
CA VAL F 246 -2.45 -54.97 -18.32
C VAL F 246 -1.50 -55.74 -19.24
N PRO F 247 -0.20 -55.47 -19.20
CA PRO F 247 0.73 -56.26 -20.00
C PRO F 247 0.97 -57.63 -19.41
N VAL F 248 1.41 -58.55 -20.27
CA VAL F 248 1.72 -59.90 -19.79
C VAL F 248 2.80 -59.82 -18.71
N ASP F 249 3.69 -58.82 -18.79
CA ASP F 249 4.71 -58.65 -17.77
C ASP F 249 4.10 -58.71 -16.38
N VAL F 250 3.00 -57.98 -16.16
CA VAL F 250 2.38 -57.95 -14.85
C VAL F 250 1.81 -59.33 -14.50
N LEU F 251 1.08 -59.94 -15.43
CA LEU F 251 0.49 -61.24 -15.14
C LEU F 251 1.57 -62.27 -14.83
N GLU F 252 2.72 -62.19 -15.50
CA GLU F 252 3.79 -63.14 -15.22
C GLU F 252 4.41 -62.88 -13.85
N ASP F 253 4.63 -61.60 -13.52
CA ASP F 253 5.16 -61.26 -12.20
C ASP F 253 4.25 -61.78 -11.09
N ILE F 254 2.94 -61.59 -11.24
CA ILE F 254 2.01 -62.05 -10.22
C ILE F 254 2.02 -63.57 -10.15
N CYS F 255 1.96 -64.23 -11.31
CA CYS F 255 2.00 -65.69 -11.31
C CYS F 255 3.27 -66.20 -10.64
N HIS F 256 4.41 -65.57 -10.93
CA HIS F 256 5.66 -66.02 -10.34
C HIS F 256 5.59 -65.97 -8.82
N GLN F 257 5.07 -64.87 -8.27
CA GLN F 257 5.00 -64.74 -6.82
C GLN F 257 4.08 -65.79 -6.20
N ILE F 258 2.98 -66.11 -6.87
CA ILE F 258 2.06 -67.12 -6.35
C ILE F 258 2.73 -68.49 -6.33
N LEU F 259 3.39 -68.86 -7.44
CA LEU F 259 4.03 -70.17 -7.50
C LEU F 259 5.18 -70.28 -6.50
N ASP F 260 5.81 -69.16 -6.13
CA ASP F 260 6.91 -69.22 -5.18
C ASP F 260 6.46 -69.80 -3.84
N LEU F 261 5.24 -69.45 -3.40
CA LEU F 261 4.73 -70.02 -2.14
C LEU F 261 4.68 -71.54 -2.21
N TYR F 262 4.24 -72.07 -3.35
CA TYR F 262 4.10 -73.52 -3.50
C TYR F 262 5.46 -74.21 -3.45
N SER F 263 6.47 -73.63 -4.11
CA SER F 263 7.79 -74.24 -4.09
C SER F 263 8.44 -74.15 -2.72
N GLN F 264 8.30 -73.00 -2.04
CA GLN F 264 8.92 -72.83 -0.73
C GLN F 264 8.30 -73.76 0.30
N GLY F 265 6.98 -73.80 0.36
CA GLY F 265 6.27 -74.60 1.34
C GLY F 265 6.23 -76.07 0.96
N LYS F 266 5.46 -76.83 1.75
CA LYS F 266 5.25 -78.23 1.44
C LYS F 266 4.13 -78.45 0.44
N GLN F 267 3.19 -77.51 0.33
CA GLN F 267 2.10 -77.68 -0.63
C GLN F 267 2.63 -77.55 -2.05
N GLN F 268 1.97 -78.25 -2.97
CA GLN F 268 2.33 -78.23 -4.38
C GLN F 268 1.14 -77.69 -5.16
N MET F 269 1.35 -77.47 -6.45
CA MET F 269 0.32 -76.84 -7.28
C MET F 269 -0.98 -77.63 -7.13
N PRO F 270 -2.14 -76.96 -7.02
CA PRO F 270 -3.38 -77.70 -6.73
C PRO F 270 -3.73 -78.76 -7.76
N HIS F 271 -3.65 -78.43 -9.05
CA HIS F 271 -4.05 -79.33 -10.13
C HIS F 271 -5.21 -80.25 -9.76
N MET G 5 59.74 -14.90 16.87
CA MET G 5 59.03 -13.79 17.59
C MET G 5 58.03 -14.35 18.60
N SER G 6 57.53 -15.56 18.35
CA SER G 6 56.61 -16.24 19.27
C SER G 6 57.17 -17.62 19.58
N TYR G 7 56.93 -18.07 20.81
CA TYR G 7 57.53 -19.30 21.33
C TYR G 7 56.46 -20.16 21.98
N ASN G 8 56.28 -21.38 21.49
CA ASN G 8 55.26 -22.28 22.00
C ASN G 8 55.78 -23.71 22.08
N TYR G 9 55.08 -24.53 22.85
CA TYR G 9 55.49 -25.90 23.18
C TYR G 9 54.28 -26.81 23.04
N VAL G 10 54.45 -27.94 22.33
CA VAL G 10 53.37 -28.86 22.05
C VAL G 10 53.75 -30.25 22.55
N VAL G 11 52.87 -30.86 23.36
CA VAL G 11 53.10 -32.18 23.92
C VAL G 11 51.88 -33.04 23.64
N THR G 12 52.10 -34.36 23.59
CA THR G 12 51.02 -35.32 23.37
C THR G 12 50.60 -35.85 24.74
N ALA G 13 49.43 -35.42 25.20
CA ALA G 13 48.92 -35.90 26.48
C ALA G 13 48.34 -37.30 26.34
N GLN G 14 47.60 -37.55 25.27
CA GLN G 14 47.03 -38.86 24.96
C GLN G 14 47.37 -39.20 23.53
N LYS G 15 47.97 -40.37 23.32
CA LYS G 15 48.40 -40.76 21.98
C LYS G 15 47.18 -41.05 21.10
N PRO G 16 47.35 -41.07 19.78
CA PRO G 16 46.24 -41.43 18.89
C PRO G 16 45.65 -42.77 19.28
N THR G 17 44.31 -42.83 19.31
CA THR G 17 43.61 -44.05 19.69
C THR G 17 42.93 -44.76 18.52
N ALA G 18 42.68 -44.05 17.42
CA ALA G 18 41.99 -44.65 16.28
C ALA G 18 42.94 -45.54 15.47
N VAL G 19 42.41 -46.67 14.98
CA VAL G 19 43.17 -47.60 14.17
C VAL G 19 43.02 -47.21 12.71
N ASN G 20 44.13 -46.90 12.05
CA ASN G 20 44.12 -46.53 10.65
C ASN G 20 44.53 -47.66 9.72
N GLY G 21 45.04 -48.76 10.26
CA GLY G 21 45.39 -49.91 9.44
C GLY G 21 45.91 -51.03 10.31
N CYS G 22 45.82 -52.24 9.79
CA CYS G 22 46.23 -53.42 10.54
C CYS G 22 46.56 -54.58 9.61
N VAL G 23 47.64 -55.31 9.95
CA VAL G 23 48.14 -56.42 9.17
C VAL G 23 48.53 -57.57 10.09
N THR G 24 48.62 -58.77 9.50
CA THR G 24 49.09 -59.97 10.20
C THR G 24 50.27 -60.57 9.46
N GLY G 25 51.15 -61.25 10.20
CA GLY G 25 52.31 -61.85 9.59
C GLY G 25 53.23 -62.45 10.62
N HIS G 26 54.49 -62.67 10.20
CA HIS G 26 55.53 -63.27 11.04
C HIS G 26 56.73 -62.31 11.05
N PHE G 27 56.57 -61.18 11.73
CA PHE G 27 57.57 -60.11 11.69
C PHE G 27 58.64 -60.29 12.76
N THR G 28 58.24 -60.60 14.00
CA THR G 28 59.22 -60.74 15.08
C THR G 28 60.00 -62.03 14.98
N SER G 29 59.34 -63.15 14.66
CA SER G 29 60.01 -64.42 14.49
C SER G 29 59.22 -65.25 13.49
N ALA G 30 59.93 -66.10 12.75
CA ALA G 30 59.29 -66.95 11.76
C ALA G 30 58.25 -67.89 12.36
N GLU G 31 58.21 -68.05 13.68
CA GLU G 31 57.26 -68.93 14.34
C GLU G 31 56.06 -68.19 14.92
N ASP G 32 56.27 -67.03 15.52
CA ASP G 32 55.17 -66.29 16.13
C ASP G 32 54.21 -65.75 15.08
N LEU G 33 52.95 -65.61 15.46
CA LEU G 33 51.94 -64.94 14.66
C LEU G 33 51.72 -63.54 15.22
N ASN G 34 52.03 -62.53 14.41
CA ASN G 34 52.02 -61.14 14.85
C ASN G 34 50.76 -60.40 14.40
N LEU G 35 50.43 -59.35 15.13
CA LEU G 35 49.43 -58.37 14.73
C LEU G 35 50.09 -57.00 14.83
N LEU G 36 50.30 -56.34 13.70
CA LEU G 36 50.84 -54.98 13.67
C LEU G 36 49.67 -54.03 13.48
N ILE G 37 49.46 -53.15 14.46
CA ILE G 37 48.39 -52.17 14.43
C ILE G 37 49.04 -50.81 14.23
N ALA G 38 48.53 -50.06 13.27
CA ALA G 38 49.05 -48.74 12.96
C ALA G 38 48.00 -47.72 13.37
N LYS G 39 48.27 -46.98 14.43
CA LYS G 39 47.54 -45.76 14.74
C LYS G 39 48.39 -44.61 14.24
N ASN G 40 47.75 -43.46 13.97
CA ASN G 40 48.45 -42.39 13.29
C ASN G 40 49.80 -42.11 13.96
N THR G 41 50.88 -42.26 13.21
CA THR G 41 52.26 -42.02 13.62
C THR G 41 52.77 -43.04 14.65
N ARG G 42 51.96 -44.03 15.03
CA ARG G 42 52.34 -45.02 16.04
C ARG G 42 52.23 -46.41 15.46
N LEU G 43 53.26 -47.23 15.67
CA LEU G 43 53.26 -48.63 15.26
C LEU G 43 53.24 -49.50 16.51
N GLU G 44 52.24 -50.37 16.62
CA GLU G 44 52.11 -51.28 17.75
C GLU G 44 52.32 -52.70 17.27
N ILE G 45 53.23 -53.42 17.93
CA ILE G 45 53.54 -54.80 17.59
C ILE G 45 53.03 -55.70 18.71
N TYR G 46 52.25 -56.71 18.33
CA TYR G 46 51.67 -57.66 19.27
C TYR G 46 52.04 -59.06 18.82
N VAL G 47 51.87 -60.03 19.73
CA VAL G 47 52.04 -61.44 19.41
C VAL G 47 50.71 -62.14 19.72
N VAL G 48 50.24 -62.94 18.76
CA VAL G 48 48.94 -63.58 18.89
C VAL G 48 49.09 -64.81 19.77
N THR G 49 48.25 -64.91 20.79
CA THR G 49 48.21 -66.06 21.67
C THR G 49 46.82 -66.70 21.61
N ALA G 50 46.65 -67.77 22.37
CA ALA G 50 45.33 -68.40 22.50
C ALA G 50 44.41 -67.63 23.41
N GLU G 51 44.92 -66.63 24.14
CA GLU G 51 44.12 -65.83 25.05
C GLU G 51 43.75 -64.47 24.49
N GLY G 52 44.63 -63.86 23.71
CA GLY G 52 44.44 -62.52 23.20
C GLY G 52 45.70 -62.01 22.54
N LEU G 53 46.07 -60.76 22.81
CA LEU G 53 47.24 -60.14 22.21
C LEU G 53 48.27 -59.84 23.30
N ARG G 54 49.53 -60.18 23.03
CA ARG G 54 50.64 -59.88 23.92
C ARG G 54 51.50 -58.77 23.33
N PRO G 55 51.59 -57.60 23.96
CA PRO G 55 52.41 -56.52 23.41
C PRO G 55 53.88 -56.88 23.38
N VAL G 56 54.61 -56.27 22.45
CA VAL G 56 56.03 -56.54 22.29
C VAL G 56 56.81 -55.24 22.31
N LYS G 57 56.40 -54.27 21.50
CA LYS G 57 57.08 -53.00 21.38
C LYS G 57 56.16 -52.04 20.66
N GLU G 58 56.25 -50.76 21.02
CA GLU G 58 55.56 -49.70 20.30
C GLU G 58 56.59 -48.63 19.97
N VAL G 59 56.65 -48.25 18.70
CA VAL G 59 57.57 -47.24 18.22
C VAL G 59 56.77 -46.11 17.60
N GLY G 60 57.34 -44.92 17.65
CA GLY G 60 56.80 -43.78 16.94
C GLY G 60 57.60 -43.54 15.67
N MET G 61 56.92 -43.01 14.66
CA MET G 61 57.55 -42.64 13.40
C MET G 61 57.33 -41.16 13.15
N TYR G 62 58.29 -40.54 12.48
CA TYR G 62 58.19 -39.13 12.11
C TYR G 62 57.44 -38.99 10.78
N GLY G 63 56.18 -39.43 10.80
CA GLY G 63 55.35 -39.45 9.61
C GLY G 63 54.01 -40.12 9.86
N LYS G 64 52.99 -39.71 9.11
CA LYS G 64 51.68 -40.37 9.19
C LYS G 64 51.72 -41.67 8.39
N ILE G 65 51.38 -42.77 9.04
CA ILE G 65 51.50 -44.09 8.39
C ILE G 65 50.41 -44.20 7.34
N ALA G 66 50.81 -44.18 6.06
CA ALA G 66 49.88 -44.29 4.94
C ALA G 66 49.77 -45.71 4.41
N VAL G 67 50.91 -46.37 4.22
CA VAL G 67 50.95 -47.76 3.75
C VAL G 67 51.68 -48.58 4.81
N MET G 68 51.15 -49.77 5.07
CA MET G 68 51.79 -50.70 6.01
C MET G 68 51.52 -52.10 5.51
N GLU G 69 52.56 -52.78 5.05
CA GLU G 69 52.43 -54.10 4.46
C GLU G 69 53.62 -54.96 4.87
N LEU G 70 53.36 -56.25 5.11
CA LEU G 70 54.38 -57.23 5.45
C LEU G 70 54.68 -58.09 4.23
N PHE G 71 55.96 -58.42 4.06
CA PHE G 71 56.41 -59.24 2.94
C PHE G 71 57.65 -60.01 3.37
N ARG G 72 57.92 -61.09 2.64
CA ARG G 72 59.04 -61.98 2.94
C ARG G 72 59.79 -62.31 1.65
N PRO G 73 60.88 -61.60 1.34
CA PRO G 73 61.63 -61.91 0.12
C PRO G 73 62.41 -63.19 0.27
N LYS G 74 62.65 -63.85 -0.85
CA LYS G 74 63.40 -65.10 -0.85
C LYS G 74 64.74 -64.93 -0.14
N GLY G 75 65.00 -65.81 0.82
CA GLY G 75 66.22 -65.78 1.59
C GLY G 75 66.08 -65.25 2.99
N GLU G 76 64.97 -64.60 3.31
CA GLU G 76 64.75 -64.07 4.65
C GLU G 76 64.10 -65.13 5.52
N SER G 77 64.46 -65.12 6.81
CA SER G 77 63.88 -66.07 7.76
C SER G 77 62.51 -65.60 8.23
N LYS G 78 62.34 -64.29 8.38
CA LYS G 78 61.14 -63.69 8.94
C LYS G 78 60.64 -62.58 8.03
N ASP G 79 59.42 -62.11 8.32
CA ASP G 79 58.81 -61.09 7.48
C ASP G 79 59.46 -59.73 7.73
N LEU G 80 59.56 -58.95 6.66
CA LEU G 80 59.98 -57.56 6.73
C LEU G 80 58.76 -56.65 6.58
N LEU G 81 58.90 -55.43 7.07
CA LEU G 81 57.82 -54.47 7.10
C LEU G 81 58.11 -53.32 6.14
N PHE G 82 57.15 -53.02 5.28
CA PHE G 82 57.22 -51.84 4.41
C PHE G 82 56.25 -50.80 4.94
N ILE G 83 56.71 -49.56 5.03
CA ILE G 83 55.88 -48.45 5.46
C ILE G 83 56.16 -47.25 4.57
N LEU G 84 55.10 -46.55 4.18
CA LEU G 84 55.19 -45.30 3.43
C LEU G 84 54.37 -44.27 4.17
N THR G 85 54.96 -43.10 4.42
CA THR G 85 54.28 -42.06 5.17
C THR G 85 53.50 -41.15 4.22
N ALA G 86 52.64 -40.31 4.80
CA ALA G 86 51.83 -39.40 4.00
C ALA G 86 52.68 -38.35 3.31
N LYS G 87 53.90 -38.10 3.78
CA LYS G 87 54.84 -37.24 3.09
C LYS G 87 55.75 -38.01 2.13
N TYR G 88 55.44 -39.29 1.87
CA TYR G 88 56.17 -40.09 0.90
C TYR G 88 57.52 -40.55 1.41
N ASN G 89 57.64 -40.79 2.72
CA ASN G 89 58.83 -41.40 3.30
C ASN G 89 58.65 -42.92 3.26
N ALA G 90 59.50 -43.61 2.52
CA ALA G 90 59.43 -45.05 2.38
C ALA G 90 60.58 -45.70 3.15
N CYS G 91 60.33 -46.92 3.63
CA CYS G 91 61.37 -47.66 4.35
C CYS G 91 60.95 -49.12 4.45
N ILE G 92 61.95 -49.99 4.60
CA ILE G 92 61.75 -51.40 4.89
C ILE G 92 62.40 -51.67 6.24
N LEU G 93 61.65 -52.29 7.14
CA LEU G 93 62.06 -52.45 8.54
C LEU G 93 62.22 -53.92 8.89
N GLU G 94 63.08 -54.19 9.86
CA GLU G 94 63.33 -55.53 10.34
C GLU G 94 63.32 -55.53 11.86
N TYR G 95 62.66 -56.53 12.44
CA TYR G 95 62.66 -56.72 13.89
C TYR G 95 63.91 -57.47 14.30
N LYS G 96 64.64 -56.93 15.27
CA LYS G 96 65.86 -57.55 15.79
C LYS G 96 65.88 -57.38 17.29
N GLN G 97 65.97 -58.50 18.01
CA GLN G 97 65.95 -58.50 19.48
C GLN G 97 67.09 -59.37 19.97
N SER G 98 67.98 -58.80 20.78
CA SER G 98 69.08 -59.52 21.41
C SER G 98 68.88 -59.42 22.93
N GLY G 99 68.28 -60.46 23.51
CA GLY G 99 67.93 -60.46 24.91
C GLY G 99 66.77 -59.53 25.23
N GLU G 100 66.99 -58.57 26.12
CA GLU G 100 65.94 -57.62 26.50
C GLU G 100 65.89 -56.39 25.60
N SER G 101 66.89 -56.19 24.74
CA SER G 101 66.96 -55.01 23.89
C SER G 101 66.14 -55.26 22.62
N ILE G 102 65.06 -54.51 22.46
CA ILE G 102 64.20 -54.61 21.28
C ILE G 102 64.49 -53.43 20.39
N ASP G 103 64.83 -53.71 19.12
CA ASP G 103 65.12 -52.66 18.16
C ASP G 103 64.51 -53.02 16.81
N ILE G 104 64.18 -51.99 16.04
CA ILE G 104 63.68 -52.14 14.68
C ILE G 104 64.71 -51.52 13.75
N ILE G 105 65.24 -52.32 12.84
CA ILE G 105 66.34 -51.91 11.97
C ILE G 105 65.77 -51.41 10.65
N THR G 106 66.32 -50.30 10.16
CA THR G 106 65.94 -49.76 8.87
C THR G 106 66.91 -50.31 7.82
N ARG G 107 66.44 -51.28 7.04
CA ARG G 107 67.28 -51.90 6.03
C ARG G 107 67.36 -51.05 4.76
N ALA G 108 66.28 -50.34 4.43
CA ALA G 108 66.25 -49.47 3.27
C ALA G 108 65.32 -48.30 3.56
N HIS G 109 65.62 -47.15 2.97
CA HIS G 109 64.79 -45.97 3.20
C HIS G 109 64.99 -45.00 2.05
N GLY G 110 63.97 -44.17 1.82
CA GLY G 110 64.03 -43.16 0.80
C GLY G 110 62.69 -42.47 0.65
N ASN G 111 62.71 -41.36 -0.07
CA ASN G 111 61.52 -40.57 -0.32
C ASN G 111 61.12 -40.73 -1.78
N VAL G 112 59.88 -41.16 -2.02
CA VAL G 112 59.44 -41.53 -3.35
C VAL G 112 58.61 -40.42 -4.02
N GLN G 113 58.66 -39.21 -3.49
CA GLN G 113 57.87 -38.13 -4.05
C GLN G 113 58.38 -37.76 -5.44
N ASP G 114 57.45 -37.53 -6.36
CA ASP G 114 57.77 -37.08 -7.71
C ASP G 114 57.65 -35.57 -7.80
N ARG G 115 58.53 -34.95 -8.59
CA ARG G 115 58.49 -33.50 -8.74
C ARG G 115 57.16 -33.02 -9.31
N ILE G 116 56.63 -33.74 -10.30
CA ILE G 116 55.40 -33.36 -10.97
C ILE G 116 54.43 -34.53 -10.92
N GLY G 117 53.24 -34.30 -10.39
CA GLY G 117 52.20 -35.31 -10.33
C GLY G 117 50.94 -34.80 -9.67
N ARG G 118 49.80 -35.38 -10.02
CA ARG G 118 48.53 -34.99 -9.41
C ARG G 118 48.14 -36.02 -8.36
N PRO G 119 48.03 -35.66 -7.09
CA PRO G 119 47.62 -36.63 -6.08
C PRO G 119 46.29 -37.27 -6.46
N SER G 120 46.23 -38.59 -6.36
CA SER G 120 45.06 -39.32 -6.81
C SER G 120 43.90 -39.11 -5.85
N GLU G 121 42.69 -39.31 -6.38
CA GLU G 121 41.47 -39.07 -5.61
C GLU G 121 41.33 -40.09 -4.47
N THR G 122 41.56 -41.37 -4.75
CA THR G 122 41.37 -42.42 -3.75
C THR G 122 42.61 -42.64 -2.87
N GLY G 123 43.58 -41.73 -2.91
CA GLY G 123 44.69 -41.75 -1.97
C GLY G 123 45.80 -42.72 -2.31
N ILE G 124 46.83 -42.69 -1.45
CA ILE G 124 47.99 -43.55 -1.65
C ILE G 124 47.57 -45.01 -1.54
N ILE G 125 48.02 -45.82 -2.49
CA ILE G 125 47.82 -47.27 -2.45
C ILE G 125 49.18 -47.94 -2.52
N GLY G 126 49.38 -48.94 -1.67
CA GLY G 126 50.60 -49.72 -1.69
C GLY G 126 50.31 -51.20 -1.77
N ILE G 127 50.96 -51.89 -2.72
CA ILE G 127 50.79 -53.32 -2.91
C ILE G 127 52.17 -53.92 -3.18
N ILE G 128 52.29 -55.21 -2.88
CA ILE G 128 53.56 -55.92 -3.03
C ILE G 128 53.32 -57.19 -3.83
N ASP G 129 54.26 -57.51 -4.71
CA ASP G 129 54.12 -58.69 -5.55
C ASP G 129 54.09 -59.96 -4.69
N PRO G 130 53.30 -60.96 -5.08
CA PRO G 130 53.32 -62.23 -4.32
C PRO G 130 54.69 -62.87 -4.29
N GLU G 131 55.49 -62.66 -5.33
CA GLU G 131 56.86 -63.14 -5.38
C GLU G 131 57.84 -62.17 -4.73
N CYS G 132 57.35 -61.13 -4.07
CA CYS G 132 58.20 -60.12 -3.43
C CYS G 132 59.28 -59.64 -4.41
N ARG G 133 58.84 -59.41 -5.66
CA ARG G 133 59.72 -58.90 -6.70
C ARG G 133 59.76 -57.38 -6.75
N MET G 134 58.68 -56.72 -6.36
CA MET G 134 58.61 -55.27 -6.45
C MET G 134 57.55 -54.75 -5.49
N ILE G 135 57.63 -53.46 -5.20
CA ILE G 135 56.58 -52.75 -4.47
C ILE G 135 55.88 -51.82 -5.45
N GLY G 136 54.56 -51.97 -5.56
CA GLY G 136 53.76 -51.10 -6.41
C GLY G 136 53.14 -49.99 -5.59
N LEU G 137 53.25 -48.77 -6.10
CA LEU G 137 52.68 -47.59 -5.46
C LEU G 137 51.83 -46.83 -6.47
N ARG G 138 50.63 -46.46 -6.07
CA ARG G 138 49.76 -45.57 -6.85
C ARG G 138 49.71 -44.26 -6.07
N LEU G 139 50.59 -43.32 -6.43
CA LEU G 139 50.68 -42.04 -5.75
C LEU G 139 49.98 -40.91 -6.51
N TYR G 140 50.10 -40.89 -7.83
CA TYR G 140 49.56 -39.81 -8.63
C TYR G 140 48.70 -40.39 -9.76
N ASP G 141 47.69 -39.62 -10.16
CA ASP G 141 46.84 -40.04 -11.27
C ASP G 141 47.68 -40.19 -12.54
N GLY G 142 47.43 -41.28 -13.27
CA GLY G 142 48.12 -41.53 -14.52
C GLY G 142 49.52 -42.09 -14.39
N LEU G 143 49.98 -42.37 -13.18
CA LEU G 143 51.33 -42.87 -12.94
C LEU G 143 51.32 -44.04 -11.98
N PHE G 144 52.11 -45.06 -12.32
CA PHE G 144 52.32 -46.24 -11.48
C PHE G 144 53.82 -46.34 -11.18
N LYS G 145 54.15 -46.32 -9.89
CA LYS G 145 55.54 -46.34 -9.46
C LYS G 145 55.95 -47.74 -9.02
N VAL G 146 57.14 -48.16 -9.43
CA VAL G 146 57.67 -49.49 -9.12
C VAL G 146 58.99 -49.32 -8.39
N ILE G 147 59.07 -49.88 -7.19
CA ILE G 147 60.32 -50.01 -6.46
C ILE G 147 60.76 -51.48 -6.59
N PRO G 148 61.79 -51.78 -7.38
CA PRO G 148 62.24 -53.18 -7.49
C PRO G 148 62.88 -53.64 -6.20
N LEU G 149 62.52 -54.86 -5.78
CA LEU G 149 63.00 -55.41 -4.51
C LEU G 149 64.31 -56.16 -4.73
N ASP G 150 65.33 -55.39 -5.09
CA ASP G 150 66.69 -55.92 -5.15
C ASP G 150 67.34 -55.81 -3.78
N ARG G 151 68.24 -56.76 -3.49
CA ARG G 151 68.89 -56.75 -2.18
C ARG G 151 69.74 -55.50 -1.98
N ASP G 152 70.29 -54.94 -3.05
CA ASP G 152 71.15 -53.78 -2.97
C ASP G 152 70.37 -52.46 -3.00
N ASN G 153 69.08 -52.50 -3.28
CA ASN G 153 68.27 -51.28 -3.42
C ASN G 153 67.93 -50.71 -2.04
N LYS G 154 68.98 -50.34 -1.31
CA LYS G 154 68.83 -49.80 0.03
C LYS G 154 68.38 -48.34 0.05
N GLU G 155 68.45 -47.64 -1.09
CA GLU G 155 67.93 -46.29 -1.20
C GLU G 155 66.52 -46.26 -1.78
N LEU G 156 65.94 -47.42 -2.08
CA LEU G 156 64.58 -47.53 -2.60
C LEU G 156 64.37 -46.64 -3.84
N LYS G 157 65.32 -46.72 -4.77
CA LYS G 157 65.16 -46.04 -6.05
C LYS G 157 64.02 -46.68 -6.84
N ALA G 158 63.30 -45.86 -7.60
CA ALA G 158 62.10 -46.32 -8.27
C ALA G 158 61.94 -45.60 -9.60
N PHE G 159 61.10 -46.19 -10.46
CA PHE G 159 60.78 -45.62 -11.76
C PHE G 159 59.26 -45.60 -11.92
N ASN G 160 58.78 -44.72 -12.80
CA ASN G 160 57.36 -44.59 -13.06
C ASN G 160 57.02 -45.20 -14.43
N ILE G 161 55.87 -45.88 -14.48
CA ILE G 161 55.32 -46.42 -15.71
C ILE G 161 54.06 -45.64 -16.04
N ARG G 162 53.97 -45.12 -17.27
CA ARG G 162 52.79 -44.36 -17.67
C ARG G 162 51.55 -45.23 -17.56
N LEU G 163 50.48 -44.65 -17.03
CA LEU G 163 49.21 -45.36 -16.85
C LEU G 163 48.17 -44.67 -17.71
N GLU G 164 47.59 -45.41 -18.65
CA GLU G 164 46.63 -44.82 -19.58
C GLU G 164 45.37 -44.36 -18.84
N GLU G 165 44.89 -45.17 -17.90
CA GLU G 165 43.67 -44.87 -17.17
C GLU G 165 43.97 -43.88 -16.04
N LEU G 166 43.46 -42.65 -16.19
CA LEU G 166 43.86 -41.58 -15.28
C LEU G 166 43.22 -41.74 -13.91
N HIS G 167 41.96 -42.16 -13.85
CA HIS G 167 41.23 -42.24 -12.58
C HIS G 167 41.11 -43.69 -12.13
N VAL G 168 41.97 -44.10 -11.19
CA VAL G 168 41.99 -45.48 -10.68
C VAL G 168 41.35 -45.53 -9.31
N ILE G 169 40.54 -46.55 -9.08
CA ILE G 169 39.84 -46.69 -7.80
C ILE G 169 40.62 -47.56 -6.82
N ASP G 170 41.07 -48.74 -7.26
CA ASP G 170 41.81 -49.66 -6.38
C ASP G 170 42.61 -50.63 -7.23
N VAL G 171 43.76 -51.06 -6.71
CA VAL G 171 44.67 -51.94 -7.43
C VAL G 171 45.25 -52.98 -6.47
N LYS G 172 45.46 -54.20 -6.98
CA LYS G 172 46.10 -55.28 -6.24
C LYS G 172 47.01 -56.04 -7.20
N PHE G 173 47.99 -56.74 -6.64
CA PHE G 173 48.82 -57.68 -7.39
C PHE G 173 48.08 -59.01 -7.40
N LEU G 174 48.08 -59.68 -8.55
CA LEU G 174 47.32 -60.92 -8.67
C LEU G 174 48.18 -62.14 -8.35
N TYR G 175 47.51 -63.20 -7.91
CA TYR G 175 48.15 -64.47 -7.62
C TYR G 175 48.03 -65.39 -8.82
N GLY G 176 48.98 -66.32 -8.94
CA GLY G 176 48.87 -67.36 -9.94
C GLY G 176 49.12 -66.91 -11.36
N CYS G 177 49.99 -65.93 -11.55
CA CYS G 177 50.27 -65.40 -12.87
C CYS G 177 51.68 -65.74 -13.32
N GLN G 178 51.85 -65.91 -14.63
CA GLN G 178 53.13 -66.29 -15.19
C GLN G 178 54.15 -65.17 -15.03
N ALA G 179 53.70 -63.93 -15.03
CA ALA G 179 54.50 -62.75 -14.77
C ALA G 179 53.80 -61.90 -13.73
N PRO G 180 54.53 -61.03 -13.02
CA PRO G 180 53.87 -60.11 -12.08
C PRO G 180 52.75 -59.31 -12.75
N THR G 181 51.53 -59.43 -12.23
CA THR G 181 50.35 -58.83 -12.84
C THR G 181 49.56 -58.01 -11.84
N ILE G 182 49.11 -56.83 -12.27
CA ILE G 182 48.25 -55.97 -11.46
C ILE G 182 46.84 -55.97 -12.04
N CYS G 183 45.84 -56.00 -11.16
CA CYS G 183 44.43 -55.86 -11.52
C CYS G 183 43.86 -54.64 -10.80
N PHE G 184 43.13 -53.80 -11.53
CA PHE G 184 42.63 -52.57 -10.94
C PHE G 184 41.28 -52.20 -11.55
N VAL G 185 40.47 -51.48 -10.77
CA VAL G 185 39.20 -50.91 -11.22
C VAL G 185 39.40 -49.43 -11.44
N TYR G 186 38.93 -48.91 -12.59
CA TYR G 186 39.09 -47.51 -12.92
C TYR G 186 37.75 -46.93 -13.38
N GLN G 187 37.64 -45.60 -13.34
CA GLN G 187 36.42 -44.90 -13.71
C GLN G 187 36.72 -43.96 -14.87
N ASP G 188 35.90 -44.02 -15.91
CA ASP G 188 35.99 -43.13 -17.07
C ASP G 188 34.57 -42.64 -17.37
N PRO G 189 34.37 -41.77 -18.37
CA PRO G 189 33.00 -41.26 -18.61
C PRO G 189 31.98 -42.34 -18.92
N GLN G 190 32.41 -43.46 -19.48
CA GLN G 190 31.51 -44.52 -19.89
C GLN G 190 31.18 -45.49 -18.74
N GLY G 191 31.66 -45.20 -17.53
CA GLY G 191 31.45 -46.08 -16.39
C GLY G 191 32.73 -46.56 -15.74
N ARG G 192 32.66 -47.63 -14.96
CA ARG G 192 33.83 -48.22 -14.33
C ARG G 192 34.14 -49.57 -14.97
N HIS G 193 35.43 -49.91 -14.99
CA HIS G 193 35.91 -51.09 -15.66
C HIS G 193 37.02 -51.73 -14.83
N VAL G 194 37.25 -53.02 -15.10
CA VAL G 194 38.36 -53.77 -14.51
C VAL G 194 39.30 -54.16 -15.64
N LYS G 195 40.60 -54.01 -15.40
CA LYS G 195 41.61 -54.21 -16.44
C LYS G 195 42.87 -54.77 -15.79
N THR G 196 43.70 -55.41 -16.62
CA THR G 196 44.93 -56.03 -16.14
C THR G 196 46.13 -55.59 -16.98
N TYR G 197 47.29 -55.52 -16.32
CA TYR G 197 48.56 -55.27 -16.99
C TYR G 197 49.60 -56.24 -16.42
N GLU G 198 50.66 -56.46 -17.18
CA GLU G 198 51.84 -57.17 -16.69
C GLU G 198 52.97 -56.17 -16.53
N VAL G 199 53.74 -56.32 -15.45
CA VAL G 199 54.80 -55.39 -15.09
C VAL G 199 56.15 -56.03 -15.41
N SER G 200 56.91 -55.38 -16.28
CA SER G 200 58.24 -55.84 -16.68
C SER G 200 59.29 -54.95 -16.02
N LEU G 201 59.97 -55.49 -15.02
CA LEU G 201 61.07 -54.75 -14.40
C LEU G 201 62.20 -54.50 -15.38
N ARG G 202 62.38 -55.42 -16.34
CA ARG G 202 63.47 -55.29 -17.30
C ARG G 202 63.19 -54.16 -18.29
N GLU G 203 61.98 -54.13 -18.86
CA GLU G 203 61.62 -53.11 -19.83
C GLU G 203 61.14 -51.82 -19.18
N LYS G 204 60.72 -51.86 -17.92
CA LYS G 204 60.19 -50.68 -17.23
C LYS G 204 58.96 -50.13 -17.95
N GLU G 205 58.02 -51.01 -18.26
CA GLU G 205 56.76 -50.59 -18.86
C GLU G 205 55.73 -51.70 -18.69
N PHE G 206 54.49 -51.37 -19.02
CA PHE G 206 53.41 -52.34 -18.98
C PHE G 206 53.34 -53.11 -20.29
N ASN G 207 52.92 -54.36 -20.19
CA ASN G 207 52.57 -55.18 -21.34
C ASN G 207 51.09 -55.56 -21.22
N LYS G 208 50.53 -56.10 -22.29
CA LYS G 208 49.12 -56.46 -22.27
C LYS G 208 48.86 -57.43 -21.13
N GLY G 209 47.72 -57.25 -20.45
CA GLY G 209 47.38 -58.03 -19.29
C GLY G 209 46.87 -59.41 -19.63
N PRO G 210 46.89 -60.31 -18.63
CA PRO G 210 46.47 -61.70 -18.92
C PRO G 210 45.04 -61.83 -19.40
N TRP G 211 44.10 -61.02 -18.90
CA TRP G 211 42.73 -61.13 -19.38
C TRP G 211 42.12 -59.75 -19.66
N LYS G 212 41.04 -59.81 -20.45
CA LYS G 212 40.38 -58.66 -21.03
C LYS G 212 39.60 -57.86 -19.99
N GLN G 213 39.25 -56.62 -20.38
CA GLN G 213 38.44 -55.76 -19.54
C GLN G 213 37.01 -56.25 -19.43
N GLU G 214 36.38 -55.93 -18.30
CA GLU G 214 34.96 -56.17 -18.05
C GLU G 214 34.35 -54.90 -17.46
N ASN G 215 33.13 -54.59 -17.87
CA ASN G 215 32.39 -53.49 -17.25
C ASN G 215 31.90 -53.91 -15.87
N VAL G 216 32.04 -53.01 -14.90
CA VAL G 216 31.78 -53.33 -13.50
C VAL G 216 30.76 -52.34 -12.94
N GLU G 217 30.30 -52.62 -11.73
CA GLU G 217 29.32 -51.78 -11.07
C GLU G 217 29.78 -50.33 -11.04
N ALA G 218 28.81 -49.42 -11.15
CA ALA G 218 29.13 -47.99 -11.19
C ALA G 218 29.90 -47.55 -9.95
N GLU G 219 29.66 -48.19 -8.80
CA GLU G 219 30.32 -47.87 -7.55
C GLU G 219 31.28 -48.97 -7.10
N ALA G 220 31.90 -49.66 -8.05
CA ALA G 220 32.93 -50.65 -7.71
C ALA G 220 33.99 -50.01 -6.82
N SER G 221 34.19 -50.57 -5.63
CA SER G 221 34.99 -49.93 -4.59
C SER G 221 36.32 -50.62 -4.32
N MET G 222 36.37 -51.95 -4.23
CA MET G 222 37.56 -52.63 -3.73
C MET G 222 37.94 -53.82 -4.58
N VAL G 223 39.24 -54.12 -4.60
CA VAL G 223 39.81 -55.23 -5.35
C VAL G 223 40.45 -56.21 -4.39
N ILE G 224 39.96 -57.45 -4.38
CA ILE G 224 40.51 -58.54 -3.59
C ILE G 224 41.23 -59.49 -4.54
N ALA G 225 42.49 -59.77 -4.25
CA ALA G 225 43.28 -60.72 -5.03
C ALA G 225 43.06 -62.10 -4.43
N VAL G 226 42.51 -63.02 -5.21
CA VAL G 226 42.19 -64.35 -4.69
C VAL G 226 43.44 -65.22 -4.78
N PRO G 227 43.69 -66.08 -3.78
CA PRO G 227 44.94 -66.85 -3.77
C PRO G 227 45.02 -67.92 -4.85
N GLU G 228 46.13 -68.66 -4.85
CA GLU G 228 46.43 -69.56 -5.96
C GLU G 228 45.35 -70.60 -6.21
N PRO G 229 44.73 -71.23 -5.20
CA PRO G 229 43.74 -72.28 -5.51
C PRO G 229 42.65 -71.84 -6.47
N PHE G 230 42.13 -70.63 -6.31
CA PHE G 230 41.12 -70.07 -7.22
C PHE G 230 41.75 -69.15 -8.26
N GLY G 231 42.57 -68.20 -7.82
CA GLY G 231 43.13 -67.20 -8.70
C GLY G 231 42.14 -66.09 -8.99
N GLY G 232 42.59 -65.13 -9.79
CA GLY G 232 41.72 -64.04 -10.17
C GLY G 232 41.53 -63.04 -9.05
N ALA G 233 40.41 -62.32 -9.11
CA ALA G 233 40.12 -61.27 -8.15
C ALA G 233 38.61 -61.15 -7.96
N ILE G 234 38.24 -60.61 -6.80
CA ILE G 234 36.85 -60.28 -6.48
C ILE G 234 36.73 -58.77 -6.36
N ILE G 235 35.67 -58.21 -6.92
CA ILE G 235 35.43 -56.77 -6.92
C ILE G 235 34.17 -56.49 -6.12
N ILE G 236 34.30 -55.73 -5.05
CA ILE G 236 33.21 -55.42 -4.14
C ILE G 236 32.62 -54.06 -4.51
N GLY G 237 31.30 -54.00 -4.62
CA GLY G 237 30.62 -52.75 -4.89
C GLY G 237 29.58 -52.41 -3.84
N GLN G 238 28.57 -51.61 -4.22
CA GLN G 238 27.47 -51.28 -3.33
C GLN G 238 26.34 -52.29 -3.41
N GLU G 239 26.03 -52.79 -4.61
CA GLU G 239 24.93 -53.72 -4.78
C GLU G 239 25.36 -55.13 -5.15
N SER G 240 26.57 -55.31 -5.70
CA SER G 240 26.96 -56.60 -6.23
C SER G 240 28.41 -56.92 -5.91
N ILE G 241 28.71 -58.22 -5.85
CA ILE G 241 30.07 -58.74 -5.72
C ILE G 241 30.32 -59.65 -6.92
N THR G 242 31.46 -59.44 -7.59
CA THR G 242 31.77 -60.16 -8.82
C THR G 242 33.17 -60.76 -8.76
N TYR G 243 33.32 -61.90 -9.45
CA TYR G 243 34.59 -62.58 -9.58
C TYR G 243 35.02 -62.59 -11.04
N HIS G 244 36.29 -62.25 -11.30
CA HIS G 244 36.82 -62.17 -12.65
C HIS G 244 38.10 -62.99 -12.73
N ASN G 245 38.19 -63.85 -13.76
CA ASN G 245 39.43 -64.57 -14.02
C ASN G 245 39.35 -65.13 -15.45
N GLY G 246 39.90 -64.37 -16.39
CA GLY G 246 39.91 -64.79 -17.78
C GLY G 246 38.50 -64.98 -18.28
N ASP G 247 38.18 -66.22 -18.67
CA ASP G 247 36.86 -66.53 -19.19
C ASP G 247 35.81 -66.64 -18.09
N LYS G 248 36.22 -66.92 -16.85
CA LYS G 248 35.29 -67.11 -15.75
C LYS G 248 34.76 -65.77 -15.26
N TYR G 249 33.45 -65.71 -15.00
CA TYR G 249 32.80 -64.51 -14.49
C TYR G 249 31.62 -64.93 -13.61
N LEU G 250 31.66 -64.53 -12.34
CA LEU G 250 30.56 -64.77 -11.43
C LEU G 250 30.06 -63.43 -10.89
N ALA G 251 28.76 -63.37 -10.59
CA ALA G 251 28.18 -62.13 -10.05
C ALA G 251 27.02 -62.50 -9.13
N ILE G 252 27.14 -62.11 -7.86
CA ILE G 252 26.07 -62.25 -6.88
C ILE G 252 25.73 -60.85 -6.38
N ALA G 253 24.43 -60.56 -6.28
CA ALA G 253 23.94 -59.23 -5.90
C ALA G 253 22.87 -59.39 -4.83
N PRO G 254 23.23 -59.77 -3.62
CA PRO G 254 22.23 -59.96 -2.56
C PRO G 254 21.70 -58.63 -2.07
N PRO G 255 20.40 -58.55 -1.74
CA PRO G 255 19.84 -57.25 -1.32
C PRO G 255 20.32 -56.81 0.05
N ILE G 256 20.89 -57.72 0.85
CA ILE G 256 21.25 -57.38 2.22
C ILE G 256 22.38 -56.36 2.23
N ILE G 257 23.35 -56.52 1.33
CA ILE G 257 24.52 -55.65 1.32
C ILE G 257 24.17 -54.25 0.82
N LYS G 258 23.07 -54.10 0.08
CA LYS G 258 22.72 -52.79 -0.47
C LYS G 258 22.49 -51.76 0.62
N GLN G 259 22.04 -52.21 1.81
CA GLN G 259 21.64 -51.29 2.86
C GLN G 259 22.79 -50.41 3.33
N SER G 260 23.98 -51.00 3.44
CA SER G 260 25.15 -50.29 3.95
C SER G 260 26.36 -50.55 3.06
N THR G 261 27.18 -49.51 2.90
CA THR G 261 28.35 -49.60 2.03
C THR G 261 29.41 -50.49 2.66
N ILE G 262 29.93 -51.44 1.89
CA ILE G 262 30.99 -52.31 2.39
C ILE G 262 32.32 -51.57 2.23
N VAL G 263 33.09 -51.51 3.32
CA VAL G 263 34.27 -50.66 3.35
C VAL G 263 35.57 -51.43 3.59
N CYS G 264 35.54 -52.61 4.18
CA CYS G 264 36.76 -53.33 4.51
C CYS G 264 36.58 -54.82 4.29
N HIS G 265 37.68 -55.48 3.93
CA HIS G 265 37.67 -56.91 3.67
C HIS G 265 38.93 -57.53 4.29
N ASN G 266 38.85 -58.82 4.59
CA ASN G 266 40.01 -59.58 5.02
C ASN G 266 39.82 -61.03 4.62
N ARG G 267 40.93 -61.74 4.51
CA ARG G 267 40.95 -63.14 4.07
C ARG G 267 41.08 -64.03 5.29
N VAL G 268 40.14 -64.96 5.44
CA VAL G 268 40.14 -65.89 6.56
C VAL G 268 40.93 -67.16 6.24
N ASP G 269 40.63 -67.80 5.11
CA ASP G 269 41.27 -69.05 4.75
C ASP G 269 42.37 -68.80 3.74
N PRO G 270 43.64 -69.11 4.04
CA PRO G 270 44.71 -68.89 3.06
C PRO G 270 44.41 -69.48 1.70
N ASN G 271 43.55 -70.50 1.64
CA ASN G 271 43.18 -71.08 0.36
C ASN G 271 42.17 -70.23 -0.40
N GLY G 272 41.68 -69.15 0.21
CA GLY G 272 40.78 -68.23 -0.45
C GLY G 272 39.32 -68.58 -0.35
N SER G 273 38.96 -69.61 0.41
CA SER G 273 37.56 -70.04 0.46
C SER G 273 36.67 -69.03 1.17
N ARG G 274 37.20 -68.35 2.19
CA ARG G 274 36.37 -67.51 3.05
C ARG G 274 37.01 -66.15 3.27
N TYR G 275 36.20 -65.09 3.07
CA TYR G 275 36.60 -63.71 3.31
C TYR G 275 35.61 -63.05 4.26
N LEU G 276 36.06 -62.03 4.98
CA LEU G 276 35.23 -61.27 5.91
C LEU G 276 34.98 -59.88 5.34
N LEU G 277 33.74 -59.39 5.50
CA LEU G 277 33.33 -58.08 4.99
C LEU G 277 32.67 -57.26 6.08
N GLY G 278 32.93 -55.95 6.07
CA GLY G 278 32.32 -55.05 7.04
C GLY G 278 31.74 -53.81 6.37
N ASP G 279 30.70 -53.26 6.99
CA ASP G 279 29.97 -52.12 6.44
C ASP G 279 29.79 -51.02 7.48
N MET G 280 29.26 -49.88 7.03
CA MET G 280 29.17 -48.68 7.86
C MET G 280 28.23 -48.84 9.04
N GLU G 281 27.25 -49.73 8.97
CA GLU G 281 26.32 -49.96 10.06
C GLU G 281 26.87 -50.96 11.07
N GLY G 282 28.12 -51.37 10.92
CA GLY G 282 28.76 -52.28 11.85
C GLY G 282 28.51 -53.75 11.57
N ARG G 283 27.72 -54.07 10.55
CA ARG G 283 27.41 -55.45 10.24
C ARG G 283 28.64 -56.17 9.71
N LEU G 284 28.80 -57.43 10.11
CA LEU G 284 29.92 -58.26 9.69
C LEU G 284 29.39 -59.41 8.84
N PHE G 285 29.95 -59.57 7.64
CA PHE G 285 29.52 -60.57 6.69
C PHE G 285 30.66 -61.54 6.39
N MET G 286 30.30 -62.75 5.98
CA MET G 286 31.25 -63.76 5.53
C MET G 286 31.04 -64.00 4.04
N LEU G 287 32.09 -63.80 3.26
CA LEU G 287 32.06 -64.08 1.82
C LEU G 287 32.64 -65.47 1.58
N LEU G 288 31.84 -66.35 1.00
CA LEU G 288 32.20 -67.76 0.80
C LEU G 288 32.35 -68.05 -0.68
N LEU G 289 33.45 -68.72 -1.04
CA LEU G 289 33.71 -69.16 -2.41
C LEU G 289 33.37 -70.64 -2.48
N GLU G 290 32.34 -70.98 -3.26
CA GLU G 290 31.83 -72.35 -3.29
C GLU G 290 32.73 -73.24 -4.15
N LYS G 291 33.34 -74.24 -3.51
CA LYS G 291 34.21 -75.17 -4.18
C LYS G 291 33.42 -76.35 -4.73
N GLU G 292 33.91 -76.90 -5.83
CA GLU G 292 33.37 -78.12 -6.42
C GLU G 292 34.55 -79.04 -6.68
N GLU G 293 34.50 -80.25 -6.15
CA GLU G 293 35.62 -81.18 -6.26
C GLU G 293 35.53 -81.94 -7.58
N GLN G 294 36.56 -81.79 -8.40
CA GLN G 294 36.66 -82.53 -9.65
C GLN G 294 37.37 -83.85 -9.38
N MET G 295 37.20 -84.79 -10.30
CA MET G 295 37.90 -86.06 -10.19
C MET G 295 39.41 -85.91 -10.32
N ASP G 296 39.88 -84.85 -10.97
CA ASP G 296 41.31 -84.59 -11.07
C ASP G 296 41.96 -84.41 -9.71
N GLY G 297 41.17 -84.19 -8.66
CA GLY G 297 41.66 -83.79 -7.38
C GLY G 297 41.69 -82.29 -7.20
N THR G 298 41.41 -81.53 -8.27
CA THR G 298 41.37 -80.09 -8.28
C THR G 298 39.97 -79.56 -7.95
N VAL G 299 39.93 -78.29 -7.54
CA VAL G 299 38.72 -77.60 -7.11
C VAL G 299 38.44 -76.46 -8.09
N THR G 300 37.18 -76.36 -8.53
CA THR G 300 36.74 -75.25 -9.37
C THR G 300 35.76 -74.38 -8.58
N LEU G 301 35.55 -73.16 -9.07
CA LEU G 301 34.67 -72.20 -8.40
C LEU G 301 33.28 -72.22 -9.02
N LYS G 302 32.29 -72.60 -8.20
CA LYS G 302 30.91 -72.74 -8.65
C LYS G 302 30.09 -71.46 -8.47
N ASP G 303 30.12 -70.88 -7.28
CA ASP G 303 29.28 -69.72 -6.97
C ASP G 303 29.85 -69.02 -5.74
N LEU G 304 29.29 -67.83 -5.45
CA LEU G 304 29.66 -67.03 -4.31
C LEU G 304 28.47 -66.86 -3.37
N ARG G 305 28.76 -66.74 -2.08
CA ARG G 305 27.71 -66.58 -1.07
C ARG G 305 28.13 -65.56 -0.02
N VAL G 306 27.15 -64.80 0.47
CA VAL G 306 27.35 -63.80 1.53
C VAL G 306 26.43 -64.13 2.69
N GLU G 307 26.98 -64.16 3.90
CA GLU G 307 26.22 -64.51 5.09
C GLU G 307 26.51 -63.52 6.22
N LEU G 308 25.46 -62.94 6.79
CA LEU G 308 25.61 -62.04 7.92
C LEU G 308 26.02 -62.82 9.17
N LEU G 309 27.06 -62.36 9.85
CA LEU G 309 27.53 -62.99 11.08
C LEU G 309 27.06 -62.27 12.34
N GLY G 310 27.13 -60.95 12.35
CA GLY G 310 26.75 -60.19 13.53
C GLY G 310 27.14 -58.73 13.38
N GLU G 311 27.31 -58.05 14.51
CA GLU G 311 27.59 -56.63 14.52
C GLU G 311 28.85 -56.36 15.31
N THR G 312 29.75 -55.54 14.75
CA THR G 312 30.95 -55.08 15.44
C THR G 312 30.96 -53.56 15.44
N SER G 313 32.01 -52.97 16.00
CA SER G 313 32.20 -51.54 15.85
C SER G 313 32.45 -51.23 14.39
N ILE G 314 32.07 -50.03 13.96
CA ILE G 314 32.31 -49.64 12.57
C ILE G 314 33.80 -49.77 12.30
N ALA G 315 34.16 -50.69 11.42
CA ALA G 315 35.54 -51.15 11.29
C ALA G 315 36.22 -50.50 10.09
N GLU G 316 37.37 -49.87 10.34
CA GLU G 316 38.23 -49.42 9.26
C GLU G 316 38.99 -50.60 8.65
N CYS G 317 39.49 -51.52 9.47
CA CYS G 317 40.21 -52.69 8.99
C CYS G 317 39.76 -53.91 9.78
N LEU G 318 39.60 -55.03 9.08
CA LEU G 318 39.40 -56.32 9.70
C LEU G 318 40.67 -57.16 9.49
N THR G 319 41.00 -57.98 10.47
CA THR G 319 42.10 -58.93 10.32
C THR G 319 41.77 -60.15 11.17
N TYR G 320 41.61 -61.30 10.50
CA TYR G 320 41.32 -62.53 11.19
C TYR G 320 42.57 -63.10 11.84
N LEU G 321 42.45 -63.49 13.11
CA LEU G 321 43.51 -64.14 13.86
C LEU G 321 43.19 -65.63 13.97
N ASP G 322 44.15 -66.39 14.48
CA ASP G 322 43.91 -67.82 14.63
C ASP G 322 42.81 -68.09 15.66
N ASN G 323 42.20 -69.27 15.53
CA ASN G 323 41.19 -69.76 16.48
C ASN G 323 39.97 -68.85 16.55
N GLY G 324 39.42 -68.52 15.38
CA GLY G 324 38.17 -67.79 15.31
C GLY G 324 38.15 -66.39 15.87
N VAL G 325 39.31 -65.86 16.26
CA VAL G 325 39.41 -64.53 16.84
C VAL G 325 39.67 -63.52 15.74
N VAL G 326 38.90 -62.42 15.75
CA VAL G 326 39.03 -61.35 14.77
C VAL G 326 39.28 -60.04 15.51
N PHE G 327 40.28 -59.28 15.04
CA PHE G 327 40.53 -57.95 15.55
C PHE G 327 39.80 -56.93 14.69
N VAL G 328 38.99 -56.09 15.32
CA VAL G 328 38.21 -55.07 14.63
C VAL G 328 38.84 -53.71 14.92
N GLY G 329 39.47 -53.13 13.91
CA GLY G 329 40.08 -51.82 14.03
C GLY G 329 39.14 -50.71 13.61
N SER G 330 38.76 -49.84 14.55
CA SER G 330 37.77 -48.82 14.30
C SER G 330 38.37 -47.43 14.44
N ARG G 331 38.03 -46.55 13.50
CA ARG G 331 38.41 -45.15 13.55
C ARG G 331 37.29 -44.28 14.12
N LEU G 332 36.04 -44.71 14.00
CA LEU G 332 34.89 -43.97 14.49
C LEU G 332 34.44 -44.41 15.87
N GLY G 333 34.90 -45.56 16.35
CA GLY G 333 34.49 -46.08 17.64
C GLY G 333 35.53 -46.96 18.29
N ASP G 334 35.18 -47.62 19.39
CA ASP G 334 36.14 -48.46 20.08
C ASP G 334 36.51 -49.67 19.25
N SER G 335 37.80 -49.99 19.21
CA SER G 335 38.27 -51.20 18.55
C SER G 335 38.07 -52.39 19.49
N GLN G 336 38.14 -53.59 18.92
CA GLN G 336 37.78 -54.76 19.70
C GLN G 336 38.42 -56.03 19.14
N LEU G 337 38.52 -57.03 20.00
CA LEU G 337 38.65 -58.43 19.62
C LEU G 337 37.30 -59.10 19.79
N VAL G 338 36.89 -59.87 18.78
CA VAL G 338 35.60 -60.53 18.79
C VAL G 338 35.79 -62.01 18.54
N LYS G 339 34.85 -62.81 19.03
CA LYS G 339 34.85 -64.26 18.86
C LYS G 339 33.83 -64.61 17.79
N LEU G 340 34.29 -65.29 16.74
CA LEU G 340 33.40 -65.79 15.71
C LEU G 340 33.03 -67.23 16.07
N ASN G 341 31.74 -67.48 16.24
CA ASN G 341 31.26 -68.78 16.67
C ASN G 341 30.55 -69.52 15.55
N VAL G 342 30.62 -70.84 15.63
CA VAL G 342 29.82 -71.69 14.75
C VAL G 342 28.37 -71.62 15.18
N ASP G 343 28.12 -71.41 16.47
CA ASP G 343 26.78 -71.34 17.03
C ASP G 343 26.30 -69.90 17.14
N SER G 344 25.05 -69.68 16.76
CA SER G 344 24.41 -68.38 16.93
C SER G 344 24.01 -68.21 18.39
N ASN G 345 23.94 -66.95 18.82
CA ASN G 345 23.53 -66.63 20.18
C ASN G 345 22.00 -66.46 20.23
N GLU G 346 21.50 -65.98 21.37
CA GLU G 346 20.06 -65.90 21.57
C GLU G 346 19.39 -64.89 20.64
N GLN G 347 20.16 -63.96 20.07
CA GLN G 347 19.64 -62.97 19.14
C GLN G 347 19.83 -63.37 17.68
N GLY G 348 20.48 -64.49 17.41
CA GLY G 348 20.79 -64.89 16.05
C GLY G 348 22.16 -64.49 15.57
N SER G 349 23.01 -63.94 16.43
CA SER G 349 24.31 -63.44 16.05
C SER G 349 25.38 -64.49 16.33
N TYR G 350 26.38 -64.56 15.45
CA TYR G 350 27.52 -65.44 15.61
C TYR G 350 28.73 -64.72 16.19
N VAL G 351 28.59 -63.46 16.58
CA VAL G 351 29.71 -62.61 16.99
C VAL G 351 29.55 -62.30 18.47
N VAL G 352 30.63 -62.49 19.22
CA VAL G 352 30.66 -62.22 20.66
C VAL G 352 31.91 -61.43 20.99
N ALA G 353 31.73 -60.30 21.66
CA ALA G 353 32.87 -59.46 22.01
C ALA G 353 33.73 -60.12 23.08
N MET G 354 35.04 -60.08 22.87
CA MET G 354 36.00 -60.54 23.88
C MET G 354 36.57 -59.36 24.66
N GLU G 355 37.23 -58.44 23.96
CA GLU G 355 37.87 -57.30 24.58
C GLU G 355 37.43 -56.03 23.86
N THR G 356 37.51 -54.91 24.58
CA THR G 356 37.17 -53.60 24.04
C THR G 356 38.33 -52.67 24.31
N PHE G 357 38.88 -52.09 23.24
CA PHE G 357 40.01 -51.17 23.35
C PHE G 357 39.47 -49.75 23.21
N THR G 358 39.71 -48.94 24.23
CA THR G 358 39.16 -47.58 24.23
C THR G 358 39.72 -46.81 23.04
N ASN G 359 38.83 -46.24 22.25
CA ASN G 359 39.19 -45.34 21.15
C ASN G 359 38.44 -44.03 21.40
N LEU G 360 39.18 -42.96 21.67
CA LEU G 360 38.55 -41.66 21.84
C LEU G 360 37.89 -41.17 20.56
N GLY G 361 38.04 -41.91 19.46
CA GLY G 361 37.32 -41.65 18.25
C GLY G 361 37.48 -40.23 17.77
N PRO G 362 36.72 -39.85 16.75
CA PRO G 362 36.70 -38.43 16.35
C PRO G 362 36.19 -37.57 17.49
N ILE G 363 37.02 -36.62 17.91
CA ILE G 363 36.66 -35.70 18.99
C ILE G 363 36.07 -34.47 18.33
N VAL G 364 34.74 -34.45 18.23
CA VAL G 364 34.06 -33.35 17.54
C VAL G 364 34.11 -32.08 18.39
N ASP G 365 33.93 -32.22 19.70
CA ASP G 365 33.98 -31.09 20.61
C ASP G 365 34.42 -31.60 21.98
N MET G 366 34.72 -30.67 22.88
CA MET G 366 35.05 -31.02 24.24
C MET G 366 35.02 -29.77 25.10
N CYS G 367 34.83 -29.97 26.40
CA CYS G 367 34.86 -28.89 27.37
C CYS G 367 35.54 -29.40 28.64
N VAL G 368 36.13 -28.47 29.40
CA VAL G 368 36.81 -28.79 30.64
C VAL G 368 35.96 -28.29 31.80
N VAL G 369 35.75 -29.15 32.79
CA VAL G 369 34.95 -28.83 33.97
C VAL G 369 35.56 -29.53 35.17
N ASP G 370 35.75 -28.79 36.25
CA ASP G 370 36.29 -29.33 37.50
C ASP G 370 35.11 -29.78 38.36
N LEU G 371 34.72 -31.05 38.18
CA LEU G 371 33.58 -31.61 38.89
C LEU G 371 33.86 -31.74 40.38
N GLU G 372 35.09 -32.12 40.74
CA GLU G 372 35.44 -32.34 42.14
C GLU G 372 35.79 -31.05 42.87
N ARG G 373 35.76 -29.90 42.19
CA ARG G 373 36.11 -28.62 42.80
C ARG G 373 37.46 -28.70 43.50
N GLN G 374 38.31 -29.61 43.01
CA GLN G 374 39.63 -29.83 43.56
C GLN G 374 40.72 -29.05 42.83
N GLY G 375 40.39 -28.44 41.70
CA GLY G 375 41.40 -27.77 40.91
C GLY G 375 42.15 -28.70 39.98
N GLN G 376 41.61 -29.88 39.70
CA GLN G 376 42.23 -30.86 38.82
C GLN G 376 41.73 -30.72 37.39
N GLY G 377 40.42 -30.60 37.23
CA GLY G 377 39.83 -30.46 35.91
C GLY G 377 39.62 -31.77 35.19
N GLN G 378 38.42 -31.95 34.65
CA GLN G 378 38.05 -33.14 33.90
C GLN G 378 37.66 -32.74 32.48
N LEU G 379 37.99 -33.60 31.51
CA LEU G 379 37.79 -33.33 30.09
C LEU G 379 36.63 -34.19 29.60
N VAL G 380 35.53 -33.53 29.22
CA VAL G 380 34.35 -34.20 28.69
C VAL G 380 34.30 -33.97 27.18
N THR G 381 34.35 -35.05 26.40
CA THR G 381 34.50 -34.96 24.96
C THR G 381 33.30 -35.57 24.24
N CYS G 382 32.94 -34.97 23.10
CA CYS G 382 31.99 -35.56 22.15
C CYS G 382 32.79 -36.44 21.20
N SER G 383 32.66 -37.76 21.35
CA SER G 383 33.51 -38.69 20.61
C SER G 383 32.67 -39.69 19.83
N GLY G 384 33.22 -40.12 18.69
CA GLY G 384 32.59 -41.13 17.87
C GLY G 384 31.56 -40.56 16.91
N ALA G 385 30.98 -41.47 16.12
CA ALA G 385 29.91 -41.12 15.20
C ALA G 385 28.93 -42.29 15.08
N PHE G 386 27.68 -41.95 14.77
CA PHE G 386 26.61 -42.93 14.51
C PHE G 386 26.47 -43.84 15.72
N LYS G 387 26.39 -45.17 15.53
CA LYS G 387 26.17 -46.06 16.67
C LYS G 387 27.27 -45.95 17.72
N GLU G 388 28.50 -45.63 17.30
CA GLU G 388 29.61 -45.55 18.23
C GLU G 388 29.71 -44.20 18.94
N GLY G 389 28.78 -43.28 18.68
CA GLY G 389 28.84 -41.99 19.35
C GLY G 389 28.81 -42.15 20.86
N SER G 390 29.61 -41.33 21.54
CA SER G 390 29.76 -41.47 22.99
C SER G 390 30.26 -40.17 23.59
N LEU G 391 30.08 -40.04 24.91
CA LEU G 391 30.67 -39.00 25.72
C LEU G 391 31.77 -39.63 26.58
N ARG G 392 32.95 -39.02 26.59
CA ARG G 392 34.10 -39.58 27.29
C ARG G 392 34.58 -38.62 28.37
N ILE G 393 34.64 -39.12 29.60
CA ILE G 393 35.11 -38.36 30.75
C ILE G 393 36.54 -38.77 31.03
N ILE G 394 37.48 -37.82 30.94
CA ILE G 394 38.90 -38.11 31.05
C ILE G 394 39.48 -37.31 32.22
N ARG G 395 40.19 -37.99 33.10
CA ARG G 395 40.85 -37.35 34.25
C ARG G 395 42.25 -37.94 34.43
N ASN G 396 43.15 -37.13 34.96
CA ASN G 396 44.49 -37.61 35.30
C ASN G 396 44.45 -38.48 36.55
N GLY G 397 45.24 -39.54 36.54
CA GLY G 397 45.23 -40.48 37.65
C GLY G 397 46.11 -40.00 38.79
N ILE G 398 45.66 -38.94 39.45
CA ILE G 398 46.39 -38.33 40.56
C ILE G 398 46.06 -39.07 41.86
N LYS G 409 48.81 -42.67 34.06
CA LYS G 409 47.84 -42.94 33.00
C LYS G 409 46.54 -42.18 33.24
N LEU G 410 45.70 -42.12 32.21
CA LEU G 410 44.40 -41.46 32.28
C LEU G 410 43.27 -42.44 32.56
N HIS G 411 42.39 -42.07 33.49
CA HIS G 411 41.17 -42.81 33.75
C HIS G 411 40.07 -42.25 32.86
N ILE G 412 39.42 -43.12 32.09
CA ILE G 412 38.46 -42.72 31.07
C ILE G 412 37.14 -43.43 31.36
N ARG G 413 36.06 -42.65 31.50
CA ARG G 413 34.71 -43.17 31.62
C ARG G 413 33.98 -42.97 30.31
N THR G 414 33.22 -43.97 29.88
CA THR G 414 32.55 -43.96 28.60
C THR G 414 31.03 -43.93 28.80
N VAL G 415 30.38 -42.97 28.17
CA VAL G 415 28.93 -42.85 28.18
C VAL G 415 28.42 -43.04 26.75
N PRO G 416 27.87 -44.22 26.45
CA PRO G 416 27.40 -44.46 25.07
C PRO G 416 26.13 -43.69 24.74
N LEU G 417 26.10 -43.13 23.54
CA LEU G 417 24.94 -42.39 23.05
C LEU G 417 24.20 -43.08 21.92
N TYR G 418 24.87 -43.92 21.13
CA TYR G 418 24.29 -44.62 19.99
C TYR G 418 23.81 -43.66 18.92
N GLU G 419 24.23 -42.39 19.00
CA GLU G 419 24.02 -41.41 17.94
C GLU G 419 25.20 -40.45 17.98
N SER G 420 25.32 -39.63 16.94
CA SER G 420 26.50 -38.80 16.77
C SER G 420 26.47 -37.61 17.71
N PRO G 421 27.46 -37.44 18.59
CA PRO G 421 27.54 -36.20 19.37
C PRO G 421 28.28 -35.13 18.58
N ARG G 422 27.80 -33.90 18.69
CA ARG G 422 28.28 -32.80 17.86
C ARG G 422 28.92 -31.67 18.65
N LYS G 423 28.23 -31.15 19.67
CA LYS G 423 28.75 -30.09 20.52
C LYS G 423 28.38 -30.39 21.97
N ILE G 424 29.19 -29.88 22.89
CA ILE G 424 28.95 -30.07 24.32
C ILE G 424 29.20 -28.75 25.05
N CYS G 425 28.36 -28.48 26.05
CA CYS G 425 28.50 -27.29 26.87
C CYS G 425 28.05 -27.62 28.28
N TYR G 426 28.79 -27.13 29.27
CA TYR G 426 28.50 -27.42 30.67
C TYR G 426 27.78 -26.24 31.31
N GLN G 427 26.72 -26.52 32.05
CA GLN G 427 25.91 -25.52 32.73
C GLN G 427 25.85 -25.86 34.21
N GLU G 428 26.67 -25.19 35.01
CA GLU G 428 26.76 -25.52 36.43
C GLU G 428 25.42 -25.29 37.14
N VAL G 429 24.73 -24.20 36.79
CA VAL G 429 23.49 -23.86 37.48
C VAL G 429 22.53 -25.05 37.49
N SER G 430 22.52 -25.83 36.42
CA SER G 430 21.63 -26.97 36.30
C SER G 430 22.30 -28.30 36.59
N GLN G 431 23.57 -28.29 37.00
CA GLN G 431 24.31 -29.52 37.29
C GLN G 431 24.14 -30.54 36.17
N CYS G 432 24.30 -30.08 34.94
CA CYS G 432 24.09 -30.92 33.78
C CYS G 432 24.95 -30.40 32.63
N PHE G 433 25.11 -31.26 31.62
CA PHE G 433 25.77 -30.90 30.38
C PHE G 433 24.71 -30.75 29.27
N GLY G 434 25.00 -29.85 28.33
CA GLY G 434 24.22 -29.74 27.11
C GLY G 434 25.02 -30.32 25.94
N VAL G 435 24.40 -31.25 25.23
CA VAL G 435 25.05 -31.93 24.12
C VAL G 435 24.13 -31.90 22.90
N LEU G 436 24.67 -31.44 21.77
CA LEU G 436 23.97 -31.50 20.48
C LEU G 436 24.26 -32.84 19.81
N SER G 437 23.22 -33.44 19.25
CA SER G 437 23.33 -34.78 18.66
C SER G 437 22.53 -34.86 17.38
N SER G 438 22.94 -35.78 16.52
CA SER G 438 22.22 -36.09 15.29
C SER G 438 22.10 -37.61 15.16
N ARG G 439 20.93 -38.07 14.73
CA ARG G 439 20.70 -39.48 14.48
C ARG G 439 20.21 -39.66 13.05
N ILE G 440 20.52 -40.82 12.46
CA ILE G 440 20.18 -41.11 11.07
C ILE G 440 18.90 -41.93 11.05
N GLU G 441 17.87 -41.39 10.41
CA GLU G 441 16.65 -42.11 10.07
C GLU G 441 16.55 -42.23 8.56
N VAL G 442 15.71 -43.16 8.10
CA VAL G 442 15.58 -43.47 6.69
C VAL G 442 14.13 -43.28 6.27
N GLN G 443 13.93 -42.69 5.09
CA GLN G 443 12.59 -42.51 4.55
C GLN G 443 11.92 -43.87 4.40
N ASP G 444 10.73 -44.02 4.96
CA ASP G 444 10.04 -45.30 4.98
C ASP G 444 8.74 -45.23 4.17
N THR G 445 8.08 -46.37 4.06
CA THR G 445 6.91 -46.51 3.20
C THR G 445 5.71 -45.72 3.70
N SER G 446 5.69 -45.33 4.98
CA SER G 446 4.59 -44.54 5.49
C SER G 446 4.61 -43.09 5.02
N GLY G 447 5.71 -42.65 4.40
CA GLY G 447 5.93 -41.25 4.11
C GLY G 447 6.74 -40.53 5.16
N GLY G 448 6.80 -41.06 6.37
CA GLY G 448 7.66 -40.56 7.41
C GLY G 448 9.04 -41.19 7.35
N THR G 449 9.71 -41.24 8.49
CA THR G 449 11.02 -41.86 8.60
C THR G 449 11.06 -42.78 9.81
N THR G 450 11.99 -43.74 9.75
CA THR G 450 12.16 -44.74 10.79
C THR G 450 13.61 -44.78 11.22
N ALA G 451 13.82 -44.79 12.54
CA ALA G 451 15.16 -44.86 13.09
C ALA G 451 15.69 -46.28 13.04
N LEU G 452 16.96 -46.42 12.64
CA LEU G 452 17.54 -47.75 12.49
C LEU G 452 17.73 -48.43 13.84
N ARG G 453 17.88 -47.65 14.92
CA ARG G 453 18.12 -48.18 16.25
C ARG G 453 17.73 -47.11 17.25
N PRO G 454 17.37 -47.49 18.48
CA PRO G 454 17.12 -46.48 19.51
C PRO G 454 18.42 -45.85 19.98
N SER G 455 18.34 -44.57 20.36
CA SER G 455 19.52 -43.82 20.77
C SER G 455 19.11 -42.77 21.80
N ALA G 456 20.09 -41.95 22.19
CA ALA G 456 19.90 -41.03 23.31
C ALA G 456 18.67 -40.14 23.12
N SER G 457 18.46 -39.65 21.90
CA SER G 457 17.36 -38.71 21.69
C SER G 457 15.99 -39.39 21.81
N THR G 458 15.92 -40.70 21.61
CA THR G 458 14.66 -41.43 21.73
C THR G 458 14.45 -42.05 23.10
N GLN G 459 15.51 -42.17 23.90
CA GLN G 459 15.44 -42.83 25.20
C GLN G 459 15.59 -41.85 26.36
N ALA G 460 15.37 -40.57 26.13
CA ALA G 460 15.41 -39.58 27.20
C ALA G 460 14.23 -39.77 28.14
N LEU G 461 14.41 -39.37 29.40
CA LEU G 461 13.32 -39.49 30.36
C LEU G 461 12.11 -38.70 29.89
N SER G 462 12.27 -37.40 29.67
CA SER G 462 11.27 -36.55 29.05
C SER G 462 11.83 -36.06 27.71
N SER G 463 10.93 -35.76 26.77
CA SER G 463 11.36 -35.32 25.45
C SER G 463 10.40 -34.24 24.95
N SER G 464 10.87 -33.50 23.96
CA SER G 464 10.08 -32.43 23.35
C SER G 464 10.50 -32.28 21.90
N VAL G 465 9.61 -31.65 21.12
CA VAL G 465 9.82 -31.42 19.70
C VAL G 465 9.47 -29.97 19.41
N SER G 466 10.34 -29.27 18.69
CA SER G 466 10.09 -27.87 18.37
C SER G 466 8.78 -27.75 17.59
N SER G 467 8.00 -26.72 17.94
CA SER G 467 6.76 -26.41 17.23
C SER G 467 6.87 -25.09 16.48
N SER G 468 8.09 -24.67 16.16
CA SER G 468 8.28 -23.40 15.49
C SER G 468 7.57 -23.38 14.14
N LYS G 469 6.76 -22.34 13.93
CA LYS G 469 6.14 -22.05 12.66
C LYS G 469 6.83 -20.87 11.99
N LEU G 470 8.02 -20.51 12.50
CA LEU G 470 8.75 -19.35 12.00
C LEU G 470 9.05 -19.48 10.52
N PHE G 471 9.49 -20.67 10.08
CA PHE G 471 9.72 -20.88 8.66
C PHE G 471 8.48 -21.28 7.91
N SER G 472 7.39 -21.60 8.61
CA SER G 472 6.11 -21.90 7.98
C SER G 472 6.29 -22.85 6.81
N SER G 473 5.34 -22.87 5.88
CA SER G 473 5.52 -23.72 4.70
C SER G 473 6.43 -23.08 3.68
N SER G 474 6.55 -21.76 3.72
CA SER G 474 7.49 -21.01 2.89
C SER G 474 7.43 -21.39 1.41
N THR G 475 6.35 -22.03 0.99
CA THR G 475 6.18 -22.49 -0.39
C THR G 475 7.48 -23.09 -0.94
N ALA G 476 7.94 -24.16 -0.28
CA ALA G 476 9.17 -24.84 -0.69
C ALA G 476 9.09 -26.32 -0.35
N PRO G 477 8.25 -27.08 -1.07
CA PRO G 477 8.19 -28.53 -0.87
C PRO G 477 9.35 -29.24 -1.55
N HIS G 478 9.92 -30.23 -0.85
CA HIS G 478 11.07 -30.99 -1.31
C HIS G 478 10.73 -32.47 -1.43
N GLU G 479 11.01 -33.05 -2.60
CA GLU G 479 10.66 -34.45 -2.84
C GLU G 479 11.43 -35.37 -1.91
N THR G 480 10.76 -36.41 -1.43
CA THR G 480 11.36 -37.41 -0.55
C THR G 480 11.22 -38.77 -1.21
N SER G 481 12.33 -39.51 -1.30
CA SER G 481 12.34 -40.82 -1.91
C SER G 481 12.62 -41.90 -0.87
N PHE G 482 11.91 -43.03 -1.00
CA PHE G 482 12.10 -44.15 -0.08
C PHE G 482 13.55 -44.62 -0.11
N GLY G 483 14.12 -44.85 1.08
CA GLY G 483 15.47 -45.32 1.22
C GLY G 483 16.50 -44.25 1.47
N GLU G 484 16.14 -42.98 1.27
CA GLU G 484 17.07 -41.89 1.52
C GLU G 484 17.29 -41.69 3.01
N GLU G 485 18.50 -41.29 3.38
CA GLU G 485 18.84 -40.99 4.76
C GLU G 485 18.57 -39.53 5.06
N VAL G 486 18.23 -39.25 6.32
CA VAL G 486 18.10 -37.89 6.81
C VAL G 486 18.65 -37.84 8.22
N GLU G 487 19.15 -36.68 8.62
CA GLU G 487 19.64 -36.44 9.97
C GLU G 487 18.57 -35.73 10.79
N VAL G 488 18.41 -36.18 12.04
CA VAL G 488 17.51 -35.56 13.00
C VAL G 488 18.35 -35.05 14.15
N HIS G 489 18.31 -33.75 14.38
CA HIS G 489 19.19 -33.09 15.35
C HIS G 489 18.43 -32.78 16.64
N ASN G 490 19.10 -32.99 17.76
CA ASN G 490 18.48 -32.85 19.06
C ASN G 490 19.44 -32.16 20.02
N LEU G 491 18.88 -31.56 21.07
CA LEU G 491 19.64 -31.07 22.20
C LEU G 491 19.38 -31.97 23.40
N LEU G 492 20.44 -32.58 23.93
CA LEU G 492 20.35 -33.52 25.03
C LEU G 492 20.83 -32.85 26.31
N ILE G 493 20.05 -33.00 27.38
CA ILE G 493 20.45 -32.57 28.72
C ILE G 493 20.88 -33.80 29.49
N ILE G 494 22.11 -33.79 29.99
CA ILE G 494 22.74 -34.97 30.59
C ILE G 494 23.17 -34.59 32.00
N ASP G 495 22.78 -35.42 32.98
CA ASP G 495 23.16 -35.14 34.36
C ASP G 495 24.66 -35.30 34.55
N GLN G 496 25.25 -34.44 35.37
CA GLN G 496 26.71 -34.42 35.49
C GLN G 496 27.24 -35.58 36.32
N HIS G 497 26.39 -36.22 37.13
CA HIS G 497 26.79 -37.37 37.92
C HIS G 497 26.32 -38.70 37.32
N THR G 498 25.03 -38.78 36.96
CA THR G 498 24.50 -40.02 36.40
C THR G 498 24.83 -40.16 34.92
N PHE G 499 25.03 -39.04 34.22
CA PHE G 499 25.23 -39.04 32.77
C PHE G 499 24.07 -39.74 32.08
N GLU G 500 22.87 -39.53 32.61
CA GLU G 500 21.62 -40.04 32.05
C GLU G 500 20.93 -38.93 31.26
N VAL G 501 20.32 -39.31 30.14
CA VAL G 501 19.63 -38.34 29.30
C VAL G 501 18.36 -37.91 30.03
N LEU G 502 18.33 -36.67 30.52
CA LEU G 502 17.19 -36.18 31.26
C LEU G 502 16.11 -35.61 30.35
N HIS G 503 16.51 -34.92 29.29
CA HIS G 503 15.56 -34.33 28.36
C HIS G 503 16.21 -34.25 26.98
N ALA G 504 15.41 -34.49 25.94
CA ALA G 504 15.84 -34.38 24.56
C ALA G 504 14.88 -33.50 23.78
N HIS G 505 15.40 -32.47 23.13
CA HIS G 505 14.61 -31.58 22.29
C HIS G 505 14.97 -31.83 20.84
N GLN G 506 13.97 -32.19 20.03
CA GLN G 506 14.17 -32.46 18.61
C GLN G 506 13.89 -31.19 17.81
N PHE G 507 14.82 -30.83 16.95
CA PHE G 507 14.71 -29.60 16.16
C PHE G 507 13.83 -29.83 14.93
N LEU G 508 13.59 -28.74 14.20
CA LEU G 508 12.65 -28.78 13.08
C LEU G 508 13.14 -29.75 12.01
N GLN G 509 12.19 -30.20 11.19
CA GLN G 509 12.53 -31.09 10.08
C GLN G 509 13.54 -30.41 9.16
N ASN G 510 14.63 -31.13 8.88
CA ASN G 510 15.72 -30.66 8.03
C ASN G 510 16.55 -29.55 8.68
N GLU G 511 16.46 -29.40 10.00
CA GLU G 511 17.24 -28.40 10.74
C GLU G 511 18.45 -29.04 11.38
N TYR G 512 19.62 -28.44 11.18
CA TYR G 512 20.86 -28.89 11.78
C TYR G 512 21.26 -27.96 12.93
N ALA G 513 21.63 -28.55 14.06
CA ALA G 513 22.17 -27.81 15.20
C ALA G 513 23.69 -27.72 15.03
N LEU G 514 24.21 -26.50 14.94
CA LEU G 514 25.63 -26.29 14.67
C LEU G 514 26.41 -25.71 15.84
N SER G 515 25.79 -24.88 16.67
CA SER G 515 26.51 -24.18 17.74
C SER G 515 25.71 -24.25 19.03
N LEU G 516 26.42 -24.22 20.15
CA LEU G 516 25.80 -24.34 21.47
C LEU G 516 26.61 -23.55 22.49
N VAL G 517 25.90 -22.79 23.34
CA VAL G 517 26.52 -22.06 24.43
C VAL G 517 25.61 -22.12 25.65
N SER G 518 26.22 -22.00 26.83
CA SER G 518 25.51 -21.88 28.10
C SER G 518 26.00 -20.61 28.77
N CYS G 519 25.09 -19.66 29.02
CA CYS G 519 25.50 -18.37 29.55
C CYS G 519 24.29 -17.58 30.00
N LYS G 520 24.56 -16.52 30.77
CA LYS G 520 23.60 -15.49 31.10
C LYS G 520 23.79 -14.31 30.14
N LEU G 521 22.69 -13.64 29.80
CA LEU G 521 22.73 -12.52 28.88
C LEU G 521 22.08 -11.29 29.51
N GLY G 522 22.60 -10.12 29.15
CA GLY G 522 22.05 -8.87 29.64
C GLY G 522 22.01 -8.84 31.15
N LYS G 523 20.90 -8.32 31.69
CA LYS G 523 20.65 -8.35 33.13
C LYS G 523 19.71 -9.48 33.53
N ASP G 524 19.53 -10.47 32.66
CA ASP G 524 18.65 -11.59 32.96
C ASP G 524 19.41 -12.60 33.80
N PRO G 525 18.98 -12.88 35.04
CA PRO G 525 19.76 -13.80 35.89
C PRO G 525 19.65 -15.26 35.49
N ASN G 526 18.74 -15.62 34.61
CA ASN G 526 18.59 -17.02 34.22
C ASN G 526 19.74 -17.46 33.32
N THR G 527 20.20 -18.69 33.51
CA THR G 527 21.24 -19.28 32.69
C THR G 527 20.58 -20.11 31.60
N TYR G 528 20.93 -19.83 30.35
CA TYR G 528 20.25 -20.38 29.19
C TYR G 528 21.15 -21.33 28.39
N PHE G 529 20.48 -22.22 27.66
CA PHE G 529 21.10 -22.98 26.58
C PHE G 529 20.69 -22.30 25.26
N ILE G 530 21.67 -21.85 24.49
CA ILE G 530 21.41 -21.16 23.23
C ILE G 530 21.99 -22.01 22.10
N VAL G 531 21.17 -22.25 21.07
CA VAL G 531 21.54 -23.11 19.95
C VAL G 531 21.43 -22.33 18.65
N GLY G 532 22.44 -22.47 17.80
CA GLY G 532 22.42 -21.92 16.46
C GLY G 532 22.23 -23.04 15.45
N THR G 533 21.27 -22.85 14.55
CA THR G 533 20.85 -23.91 13.63
C THR G 533 20.94 -23.43 12.19
N ALA G 534 20.74 -24.37 11.26
CA ALA G 534 20.73 -24.09 9.84
C ALA G 534 19.75 -25.02 9.14
N MET G 535 18.93 -24.47 8.24
CA MET G 535 18.01 -25.26 7.43
C MET G 535 18.77 -25.84 6.24
N VAL G 536 18.95 -27.16 6.24
CA VAL G 536 19.82 -27.85 5.30
C VAL G 536 18.98 -28.61 4.28
N TYR G 537 19.04 -28.16 3.02
CA TYR G 537 18.43 -28.85 1.89
C TYR G 537 19.48 -29.16 0.84
N PRO G 538 19.47 -30.37 0.26
CA PRO G 538 20.51 -30.70 -0.72
C PRO G 538 20.60 -29.71 -1.88
N GLU G 539 19.50 -29.03 -2.18
CA GLU G 539 19.48 -28.13 -3.33
C GLU G 539 20.34 -26.89 -3.10
N GLU G 540 20.43 -26.41 -1.86
CA GLU G 540 21.14 -25.19 -1.55
C GLU G 540 22.62 -25.48 -1.33
N ALA G 541 23.48 -24.78 -2.07
CA ALA G 541 24.92 -24.90 -1.83
C ALA G 541 25.28 -24.37 -0.45
N GLU G 542 24.73 -23.22 -0.09
CA GLU G 542 24.94 -22.62 1.22
C GLU G 542 23.58 -22.36 1.85
N PRO G 543 23.36 -22.75 3.12
CA PRO G 543 22.03 -22.53 3.72
C PRO G 543 21.68 -21.05 3.78
N LYS G 544 20.41 -20.74 3.55
CA LYS G 544 19.94 -19.37 3.54
C LYS G 544 18.88 -19.10 4.62
N GLN G 545 18.57 -20.10 5.45
CA GLN G 545 17.63 -19.94 6.56
C GLN G 545 18.24 -20.56 7.81
N GLY G 546 17.98 -19.96 8.96
CA GLY G 546 18.55 -20.46 10.20
C GLY G 546 17.85 -19.89 11.42
N ARG G 547 18.22 -20.39 12.58
CA ARG G 547 17.60 -19.98 13.84
C ARG G 547 18.64 -19.87 14.95
N ILE G 548 18.46 -18.89 15.83
CA ILE G 548 19.12 -18.86 17.13
C ILE G 548 18.02 -19.02 18.17
N VAL G 549 18.08 -20.10 18.94
CA VAL G 549 17.03 -20.45 19.89
C VAL G 549 17.61 -20.39 21.30
N VAL G 550 16.88 -19.76 22.20
CA VAL G 550 17.28 -19.64 23.61
C VAL G 550 16.38 -20.57 24.42
N PHE G 551 17.01 -21.49 25.14
CA PHE G 551 16.32 -22.46 25.98
C PHE G 551 16.69 -22.23 27.43
N GLN G 552 15.76 -22.54 28.34
CA GLN G 552 16.06 -22.63 29.76
C GLN G 552 15.66 -24.00 30.27
N TYR G 553 16.60 -24.70 30.91
CA TYR G 553 16.34 -25.98 31.55
C TYR G 553 15.90 -25.72 32.98
N SER G 554 14.65 -26.06 33.28
CA SER G 554 14.09 -25.83 34.61
C SER G 554 13.14 -26.97 34.98
N ASP G 555 13.36 -27.55 36.16
CA ASP G 555 12.48 -28.59 36.70
C ASP G 555 12.34 -29.76 35.72
N GLY G 556 13.48 -30.24 35.25
CA GLY G 556 13.54 -31.43 34.42
C GLY G 556 13.10 -31.26 32.99
N LYS G 557 12.61 -30.09 32.60
CA LYS G 557 12.22 -29.80 31.23
C LYS G 557 12.81 -28.46 30.82
N LEU G 558 13.20 -28.33 29.56
CA LEU G 558 13.72 -27.08 29.02
C LEU G 558 12.69 -26.47 28.07
N GLN G 559 12.35 -25.21 28.32
CA GLN G 559 11.32 -24.49 27.57
C GLN G 559 11.96 -23.44 26.66
N THR G 560 11.32 -23.22 25.52
CA THR G 560 11.79 -22.24 24.54
C THR G 560 11.44 -20.83 25.00
N VAL G 561 12.48 -20.06 25.31
CA VAL G 561 12.33 -18.70 25.84
C VAL G 561 12.23 -17.67 24.72
N ALA G 562 13.00 -17.83 23.64
CA ALA G 562 13.00 -16.84 22.57
C ALA G 562 13.56 -17.49 21.31
N GLU G 563 13.15 -16.94 20.16
CA GLU G 563 13.56 -17.43 18.86
C GLU G 563 13.93 -16.25 17.97
N LYS G 564 15.04 -16.39 17.23
CA LYS G 564 15.52 -15.35 16.34
C LYS G 564 15.83 -15.95 14.98
N GLU G 565 15.14 -15.47 13.95
CA GLU G 565 15.38 -15.94 12.59
C GLU G 565 16.62 -15.27 12.00
N VAL G 566 17.45 -16.06 11.30
CA VAL G 566 18.60 -15.54 10.58
C VAL G 566 18.58 -16.09 9.17
N LYS G 567 19.30 -15.41 8.27
CA LYS G 567 19.35 -15.77 6.86
C LYS G 567 20.61 -16.57 6.53
N GLY G 568 20.84 -17.67 7.24
CA GLY G 568 22.03 -18.47 7.00
C GLY G 568 22.23 -19.46 8.12
N ALA G 569 23.46 -19.98 8.21
CA ALA G 569 23.81 -20.99 9.19
C ALA G 569 24.58 -20.35 10.34
N VAL G 570 24.13 -20.60 11.56
CA VAL G 570 24.79 -20.06 12.76
C VAL G 570 25.89 -21.05 13.13
N TYR G 571 27.02 -20.91 12.44
CA TYR G 571 28.13 -21.85 12.61
C TYR G 571 28.72 -21.79 14.02
N SER G 572 28.88 -20.58 14.57
CA SER G 572 29.56 -20.42 15.84
C SER G 572 28.90 -19.36 16.69
N MET G 573 28.89 -19.59 18.01
CA MET G 573 28.40 -18.61 18.98
C MET G 573 29.33 -18.61 20.19
N VAL G 574 29.36 -17.48 20.88
CA VAL G 574 30.19 -17.32 22.08
C VAL G 574 29.65 -16.14 22.87
N GLU G 575 29.68 -16.26 24.20
CA GLU G 575 29.22 -15.17 25.05
C GLU G 575 30.22 -14.02 25.00
N PHE G 576 29.70 -12.80 24.83
CA PHE G 576 30.53 -11.61 24.68
C PHE G 576 29.99 -10.50 25.58
N ASN G 577 30.51 -10.43 26.80
CA ASN G 577 30.22 -9.34 27.72
C ASN G 577 28.72 -9.10 27.84
N GLY G 578 27.99 -10.16 28.16
CA GLY G 578 26.56 -10.06 28.31
C GLY G 578 25.78 -10.02 27.02
N LYS G 579 26.46 -9.99 25.88
CA LYS G 579 25.83 -10.01 24.57
C LYS G 579 26.22 -11.30 23.87
N LEU G 580 25.49 -11.62 22.79
CA LEU G 580 25.68 -12.86 22.06
C LEU G 580 26.39 -12.57 20.73
N LEU G 581 27.57 -13.15 20.55
CA LEU G 581 28.32 -13.02 19.30
C LEU G 581 28.05 -14.27 18.47
N ALA G 582 27.52 -14.09 17.27
CA ALA G 582 27.13 -15.19 16.41
C ALA G 582 27.68 -14.98 15.01
N SER G 583 28.04 -16.09 14.37
CA SER G 583 28.50 -16.08 12.97
C SER G 583 27.39 -16.70 12.14
N ILE G 584 26.80 -15.91 11.24
CA ILE G 584 25.77 -16.38 10.33
C ILE G 584 26.37 -16.29 8.93
N ASN G 585 26.83 -17.42 8.39
CA ASN G 585 27.47 -17.49 7.07
C ASN G 585 28.61 -16.49 7.05
N SER G 586 28.65 -15.54 6.11
CA SER G 586 29.72 -14.55 6.06
C SER G 586 29.64 -13.56 7.21
N THR G 587 28.44 -13.27 7.72
CA THR G 587 28.26 -12.20 8.68
C THR G 587 28.64 -12.63 10.10
N VAL G 588 29.29 -11.71 10.82
CA VAL G 588 29.57 -11.85 12.24
C VAL G 588 28.77 -10.77 12.95
N ARG G 589 27.89 -11.18 13.87
CA ARG G 589 26.93 -10.25 14.43
C ARG G 589 26.97 -10.32 15.95
N LEU G 590 26.62 -9.21 16.59
CA LEU G 590 26.51 -9.13 18.05
C LEU G 590 25.05 -8.84 18.37
N TYR G 591 24.42 -9.72 19.15
CA TYR G 591 23.03 -9.58 19.52
C TYR G 591 22.97 -9.13 20.98
N GLU G 592 22.09 -8.17 21.27
CA GLU G 592 21.82 -7.73 22.63
C GLU G 592 20.61 -8.46 23.18
N TRP G 593 20.63 -8.74 24.48
CA TRP G 593 19.54 -9.44 25.15
C TRP G 593 18.68 -8.40 25.86
N THR G 594 17.49 -8.16 25.32
CA THR G 594 16.66 -7.07 25.79
C THR G 594 15.93 -7.44 27.09
N THR G 595 15.35 -6.42 27.71
CA THR G 595 14.49 -6.62 28.86
C THR G 595 13.21 -7.38 28.49
N GLU G 596 12.91 -7.49 27.20
CA GLU G 596 11.78 -8.25 26.71
C GLU G 596 12.13 -9.71 26.42
N LYS G 597 13.30 -10.18 26.85
CA LYS G 597 13.74 -11.55 26.61
C LYS G 597 13.75 -11.87 25.12
N GLU G 598 14.33 -10.97 24.33
CA GLU G 598 14.53 -11.17 22.91
C GLU G 598 15.85 -10.56 22.47
N LEU G 599 16.36 -11.05 21.34
CA LEU G 599 17.65 -10.62 20.81
C LEU G 599 17.51 -9.49 19.80
N ARG G 600 18.40 -8.50 19.90
CA ARG G 600 18.41 -7.33 19.04
C ARG G 600 19.80 -7.12 18.45
N THR G 601 19.86 -6.93 17.13
CA THR G 601 21.13 -6.70 16.43
C THR G 601 21.73 -5.35 16.80
N GLU G 602 23.02 -5.35 17.14
CA GLU G 602 23.75 -4.11 17.40
C GLU G 602 24.72 -3.73 16.29
N CYS G 603 25.62 -4.64 15.91
CA CYS G 603 26.65 -4.34 14.92
C CYS G 603 27.03 -5.60 14.17
N ASN G 604 27.49 -5.42 12.93
CA ASN G 604 27.78 -6.54 12.03
C ASN G 604 29.12 -6.34 11.35
N HIS G 605 29.74 -7.45 10.95
CA HIS G 605 30.93 -7.47 10.11
C HIS G 605 30.74 -8.51 9.01
N TYR G 606 31.05 -8.13 7.76
CA TYR G 606 30.70 -8.95 6.61
C TYR G 606 31.89 -9.44 5.79
N ASN G 607 33.13 -9.05 6.12
CA ASN G 607 34.27 -9.38 5.26
C ASN G 607 34.82 -10.77 5.61
N ASN G 608 33.99 -11.78 5.36
CA ASN G 608 34.37 -13.18 5.54
C ASN G 608 33.74 -14.03 4.45
N ILE G 609 34.54 -14.96 3.91
CA ILE G 609 33.99 -15.93 2.96
C ILE G 609 33.02 -16.87 3.66
N MET G 610 33.41 -17.37 4.84
CA MET G 610 32.55 -18.20 5.69
C MET G 610 33.12 -18.21 7.09
N ALA G 611 32.37 -17.69 8.06
CA ALA G 611 32.84 -17.52 9.44
C ALA G 611 32.53 -18.78 10.25
N LEU G 612 33.48 -19.71 10.29
CA LEU G 612 33.25 -21.01 10.90
C LEU G 612 33.54 -21.06 12.40
N TYR G 613 34.49 -20.27 12.89
CA TYR G 613 34.92 -20.36 14.28
C TYR G 613 35.02 -18.99 14.92
N LEU G 614 34.75 -18.94 16.22
CA LEU G 614 34.78 -17.69 16.97
C LEU G 614 35.39 -17.94 18.35
N LYS G 615 36.22 -17.00 18.78
CA LYS G 615 36.81 -16.99 20.12
C LYS G 615 36.97 -15.53 20.52
N THR G 616 36.79 -15.24 21.80
CA THR G 616 36.85 -13.87 22.30
C THR G 616 37.71 -13.78 23.55
N LYS G 617 38.41 -12.66 23.68
CA LYS G 617 39.15 -12.30 24.89
C LYS G 617 38.96 -10.81 25.13
N GLY G 618 38.20 -10.46 26.17
CA GLY G 618 37.90 -9.07 26.41
C GLY G 618 36.99 -8.56 25.31
N ASP G 619 37.31 -7.40 24.74
CA ASP G 619 36.57 -6.87 23.61
C ASP G 619 37.18 -7.26 22.27
N PHE G 620 38.08 -8.24 22.26
CA PHE G 620 38.71 -8.75 21.05
C PHE G 620 37.98 -10.00 20.57
N ILE G 621 37.92 -10.16 19.24
CA ILE G 621 37.28 -11.31 18.61
C ILE G 621 38.25 -11.90 17.61
N LEU G 622 38.37 -13.22 17.61
CA LEU G 622 39.20 -13.93 16.65
C LEU G 622 38.28 -14.74 15.74
N VAL G 623 38.34 -14.50 14.44
CA VAL G 623 37.44 -15.16 13.48
C VAL G 623 38.25 -16.08 12.58
N GLY G 624 37.76 -17.30 12.39
CA GLY G 624 38.40 -18.26 11.51
C GLY G 624 37.57 -18.55 10.26
N ASP G 625 38.11 -18.24 9.09
CA ASP G 625 37.41 -18.39 7.82
C ASP G 625 37.73 -19.73 7.16
N LEU G 626 36.88 -20.12 6.22
CA LEU G 626 37.13 -21.38 5.50
C LEU G 626 38.45 -21.33 4.74
N MET G 627 38.76 -20.18 4.12
CA MET G 627 39.97 -20.05 3.32
C MET G 627 40.80 -18.82 3.66
N ARG G 628 40.28 -17.86 4.42
CA ARG G 628 40.95 -16.60 4.66
C ARG G 628 41.75 -16.58 5.97
N SER G 629 42.03 -17.75 6.54
CA SER G 629 42.88 -17.83 7.74
C SER G 629 42.13 -17.12 8.87
N VAL G 630 42.77 -16.22 9.61
CA VAL G 630 42.18 -15.64 10.82
C VAL G 630 42.25 -14.12 10.78
N LEU G 631 41.22 -13.49 11.35
CA LEU G 631 41.11 -12.04 11.47
C LEU G 631 40.88 -11.68 12.93
N LEU G 632 41.52 -10.60 13.39
CA LEU G 632 41.33 -10.09 14.75
C LEU G 632 40.38 -8.91 14.68
N LEU G 633 39.12 -9.13 15.06
CA LEU G 633 38.13 -8.06 15.16
C LEU G 633 38.15 -7.43 16.54
N ALA G 634 37.66 -6.20 16.62
CA ALA G 634 37.54 -5.49 17.89
C ALA G 634 36.21 -4.75 17.95
N TYR G 635 35.58 -4.77 19.11
CA TYR G 635 34.36 -4.01 19.37
C TYR G 635 34.73 -2.64 19.91
N LYS G 636 34.27 -1.57 19.24
CA LYS G 636 34.53 -0.22 19.69
C LYS G 636 33.32 0.26 20.49
N PRO G 637 33.39 0.29 21.83
CA PRO G 637 32.17 0.55 22.60
C PRO G 637 31.59 1.93 22.38
N MET G 638 32.45 2.93 22.17
CA MET G 638 31.97 4.31 22.01
C MET G 638 31.14 4.45 20.74
N GLU G 639 31.52 3.74 19.69
CA GLU G 639 30.90 3.85 18.38
C GLU G 639 29.83 2.79 18.16
N GLY G 640 29.88 1.70 18.92
CA GLY G 640 28.90 0.64 18.79
C GLY G 640 29.01 -0.12 17.49
N ASN G 641 30.23 -0.47 17.09
CA ASN G 641 30.46 -1.18 15.85
C ASN G 641 31.76 -1.96 15.95
N PHE G 642 31.98 -2.86 14.98
CA PHE G 642 33.21 -3.65 14.93
C PHE G 642 34.27 -2.87 14.14
N GLU G 643 35.54 -3.17 14.42
CA GLU G 643 36.65 -2.62 13.66
C GLU G 643 37.71 -3.68 13.42
N GLU G 644 38.16 -3.80 12.17
CA GLU G 644 39.20 -4.77 11.81
C GLU G 644 40.55 -4.31 12.31
N ILE G 645 41.23 -5.14 13.10
CA ILE G 645 42.54 -4.80 13.61
C ILE G 645 43.66 -5.33 12.72
N ALA G 646 43.61 -6.60 12.35
CA ALA G 646 44.64 -7.20 11.50
C ALA G 646 44.18 -8.56 11.01
N ARG G 647 44.77 -8.99 9.89
CA ARG G 647 44.39 -10.26 9.26
C ARG G 647 45.64 -10.97 8.74
N ASP G 648 45.59 -12.31 8.74
CA ASP G 648 46.61 -13.14 8.12
C ASP G 648 46.24 -13.32 6.66
N PHE G 649 46.89 -12.58 5.77
CA PHE G 649 46.52 -12.64 4.36
C PHE G 649 46.89 -13.98 3.72
N ASN G 650 47.84 -14.70 4.30
CA ASN G 650 48.18 -16.04 3.81
C ASN G 650 46.93 -16.91 3.87
N PRO G 651 46.62 -17.67 2.82
CA PRO G 651 45.37 -18.45 2.82
C PRO G 651 45.57 -19.81 3.49
N ASN G 652 44.68 -20.13 4.44
CA ASN G 652 44.72 -21.43 5.09
C ASN G 652 43.29 -21.91 5.30
N TRP G 653 43.10 -23.24 5.23
CA TRP G 653 41.78 -23.83 5.46
C TRP G 653 41.67 -24.15 6.95
N MET G 654 40.96 -23.31 7.69
CA MET G 654 40.92 -23.43 9.14
C MET G 654 40.03 -24.60 9.56
N SER G 655 40.43 -25.23 10.66
CA SER G 655 39.65 -26.27 11.32
C SER G 655 39.31 -25.93 12.76
N ALA G 656 40.08 -25.04 13.39
CA ALA G 656 39.84 -24.59 14.75
C ALA G 656 40.82 -23.47 15.07
N VAL G 657 40.41 -22.55 15.93
CA VAL G 657 41.23 -21.41 16.32
C VAL G 657 41.18 -21.27 17.84
N GLU G 658 42.12 -20.48 18.36
CA GLU G 658 42.16 -20.21 19.80
C GLU G 658 43.01 -18.98 20.05
N ILE G 659 42.66 -18.26 21.10
CA ILE G 659 43.41 -17.08 21.54
C ILE G 659 44.35 -17.51 22.65
N LEU G 660 45.65 -17.28 22.46
CA LEU G 660 46.63 -17.58 23.49
C LEU G 660 46.77 -16.44 24.49
N ASP G 661 46.93 -15.22 23.98
CA ASP G 661 46.99 -14.01 24.79
C ASP G 661 46.63 -12.83 23.90
N ASP G 662 46.76 -11.62 24.42
CA ASP G 662 46.29 -10.44 23.70
C ASP G 662 47.00 -10.24 22.37
N ASP G 663 48.16 -10.87 22.17
CA ASP G 663 48.94 -10.68 20.95
C ASP G 663 49.15 -11.93 20.11
N ASN G 664 49.08 -13.12 20.71
CA ASN G 664 49.34 -14.37 20.01
C ASN G 664 48.05 -15.13 19.75
N PHE G 665 47.93 -15.69 18.54
CA PHE G 665 46.74 -16.41 18.11
C PHE G 665 47.13 -17.72 17.45
N LEU G 666 46.46 -18.80 17.84
CA LEU G 666 46.78 -20.16 17.41
C LEU G 666 45.72 -20.66 16.44
N GLY G 667 46.16 -21.37 15.39
CA GLY G 667 45.25 -21.91 14.41
C GLY G 667 45.66 -23.29 13.94
N ALA G 668 44.66 -24.04 13.46
CA ALA G 668 44.88 -25.37 12.90
C ALA G 668 44.24 -25.43 11.51
N GLU G 669 44.96 -25.98 10.55
CA GLU G 669 44.52 -26.05 9.16
C GLU G 669 44.27 -27.50 8.76
N ASN G 670 43.52 -27.66 7.67
CA ASN G 670 43.19 -28.99 7.14
C ASN G 670 44.39 -29.76 6.64
N ALA G 671 45.58 -29.16 6.63
CA ALA G 671 46.79 -29.86 6.22
C ALA G 671 47.54 -30.47 7.39
N PHE G 672 46.90 -30.58 8.55
CA PHE G 672 47.53 -31.12 9.76
C PHE G 672 48.65 -30.22 10.25
N ASN G 673 48.47 -28.90 10.10
CA ASN G 673 49.48 -27.93 10.52
C ASN G 673 48.90 -26.98 11.55
N LEU G 674 49.78 -26.45 12.40
CA LEU G 674 49.43 -25.48 13.42
C LEU G 674 50.27 -24.23 13.20
N PHE G 675 49.65 -23.05 13.32
CA PHE G 675 50.38 -21.80 13.13
C PHE G 675 49.97 -20.80 14.20
N VAL G 676 50.86 -19.85 14.45
CA VAL G 676 50.66 -18.80 15.46
C VAL G 676 50.89 -17.45 14.80
N CYS G 677 49.86 -16.60 14.79
CA CYS G 677 49.96 -15.26 14.24
C CYS G 677 50.14 -14.25 15.37
N GLN G 678 50.91 -13.20 15.09
CA GLN G 678 51.16 -12.13 16.06
C GLN G 678 51.01 -10.78 15.36
N LYS G 679 50.43 -9.83 16.07
CA LYS G 679 50.35 -8.45 15.58
C LYS G 679 51.74 -7.86 15.41
N ASP G 680 51.94 -7.05 14.38
CA ASP G 680 53.24 -6.43 14.17
C ASP G 680 53.44 -5.33 15.22
N SER G 681 53.36 -5.69 16.50
CA SER G 681 53.52 -4.74 17.60
C SER G 681 52.59 -3.55 17.41
N ALA G 682 53.09 -2.33 17.65
CA ALA G 682 52.32 -1.11 17.44
C ALA G 682 53.04 -0.22 16.44
N ALA G 683 53.58 -0.82 15.39
CA ALA G 683 54.29 -0.09 14.34
C ALA G 683 53.51 1.17 13.95
N THR G 684 54.21 2.29 13.84
CA THR G 684 53.59 3.56 13.50
C THR G 684 52.91 3.53 12.13
N THR G 685 53.00 2.42 11.40
CA THR G 685 52.38 2.32 10.09
C THR G 685 51.08 1.55 10.24
N ASP G 686 50.00 2.09 9.66
CA ASP G 686 48.71 1.41 9.73
C ASP G 686 48.73 0.10 8.95
N GLU G 687 49.49 0.04 7.86
CA GLU G 687 49.55 -1.18 7.06
C GLU G 687 50.16 -2.32 7.85
N GLU G 688 51.27 -2.07 8.54
CA GLU G 688 51.88 -3.11 9.37
C GLU G 688 50.97 -3.50 10.53
N ARG G 689 50.26 -2.53 11.11
CA ARG G 689 49.35 -2.85 12.20
C ARG G 689 48.27 -3.81 11.73
N GLN G 690 47.77 -3.63 10.51
CA GLN G 690 46.69 -4.44 9.96
C GLN G 690 47.16 -5.79 9.43
N HIS G 691 48.46 -6.07 9.47
CA HIS G 691 49.02 -7.33 9.01
C HIS G 691 49.39 -8.24 10.17
N LEU G 692 48.75 -9.41 10.23
CA LEU G 692 49.13 -10.48 11.15
C LEU G 692 50.24 -11.32 10.54
N GLN G 693 51.40 -11.35 11.19
CA GLN G 693 52.56 -12.09 10.69
C GLN G 693 52.57 -13.47 11.31
N GLU G 694 52.65 -14.50 10.48
CA GLU G 694 52.78 -15.88 10.98
C GLU G 694 54.16 -16.03 11.61
N VAL G 695 54.19 -16.23 12.92
CA VAL G 695 55.44 -16.37 13.65
C VAL G 695 55.71 -17.79 14.10
N GLY G 696 54.71 -18.66 14.10
CA GLY G 696 54.90 -20.05 14.45
C GLY G 696 54.37 -21.00 13.40
N LEU G 697 55.16 -22.01 13.03
CA LEU G 697 54.74 -23.01 12.06
C LEU G 697 55.18 -24.38 12.56
N PHE G 698 54.26 -25.35 12.52
CA PHE G 698 54.54 -26.67 13.06
C PHE G 698 53.58 -27.67 12.42
N HIS G 699 54.12 -28.79 11.94
CA HIS G 699 53.30 -29.85 11.37
C HIS G 699 52.92 -30.82 12.47
N LEU G 700 51.65 -30.78 12.89
CA LEU G 700 51.18 -31.65 13.96
C LEU G 700 50.98 -33.08 13.49
N GLY G 701 50.38 -33.27 12.32
CA GLY G 701 50.02 -34.58 11.83
C GLY G 701 48.64 -35.04 12.19
N GLU G 702 47.86 -34.22 12.89
CA GLU G 702 46.52 -34.55 13.31
C GLU G 702 45.55 -33.43 12.94
N PHE G 703 44.27 -33.76 12.84
CA PHE G 703 43.22 -32.82 12.49
C PHE G 703 42.59 -32.32 13.79
N VAL G 704 42.81 -31.04 14.09
CA VAL G 704 42.35 -30.46 15.34
C VAL G 704 40.93 -29.92 15.14
N ASN G 705 39.98 -30.49 15.88
CA ASN G 705 38.59 -30.05 15.81
C ASN G 705 38.27 -28.99 16.86
N VAL G 706 38.88 -29.06 18.04
CA VAL G 706 38.51 -28.22 19.17
C VAL G 706 39.75 -27.76 19.90
N PHE G 707 39.83 -26.45 20.17
CA PHE G 707 40.81 -25.87 21.10
C PHE G 707 40.08 -25.50 22.38
N CYS G 708 40.71 -25.72 23.52
CA CYS G 708 40.04 -25.51 24.81
C CYS G 708 41.07 -25.12 25.87
N HIS G 709 40.84 -23.97 26.51
CA HIS G 709 41.68 -23.57 27.63
C HIS G 709 41.42 -24.43 28.85
N GLY G 710 42.49 -24.82 29.53
CA GLY G 710 42.37 -25.63 30.73
C GLY G 710 43.49 -26.64 30.85
N SER G 711 43.63 -27.26 32.02
CA SER G 711 44.63 -28.30 32.21
C SER G 711 44.03 -29.40 33.06
N LEU G 712 44.53 -30.63 32.87
CA LEU G 712 44.06 -31.78 33.63
C LEU G 712 44.90 -32.04 34.88
N VAL G 713 45.99 -31.27 35.08
CA VAL G 713 46.83 -31.41 36.25
C VAL G 713 46.29 -30.54 37.38
N MET G 714 46.68 -30.88 38.61
CA MET G 714 46.22 -30.17 39.81
C MET G 714 46.83 -28.77 39.86
N GLN G 715 45.97 -27.75 39.95
CA GLN G 715 46.42 -26.36 39.97
C GLN G 715 46.68 -25.89 41.40
N ASN G 716 47.77 -25.16 41.59
CA ASN G 716 48.19 -24.64 42.88
C ASN G 716 47.93 -23.14 42.93
N LEU G 717 47.13 -22.70 43.91
CA LEU G 717 46.89 -21.27 44.09
C LEU G 717 48.17 -20.50 44.37
N GLY G 718 49.22 -21.17 44.86
CA GLY G 718 50.48 -20.51 45.12
C GLY G 718 51.25 -20.26 43.84
N GLU G 719 51.75 -19.04 43.68
CA GLU G 719 52.45 -18.66 42.46
C GLU G 719 53.83 -19.30 42.43
N THR G 720 54.08 -20.10 41.41
CA THR G 720 55.40 -20.69 41.16
C THR G 720 55.83 -20.32 39.75
N SER G 721 57.05 -19.79 39.63
CA SER G 721 57.53 -19.43 38.30
C SER G 721 57.85 -20.68 37.50
N THR G 722 56.84 -21.19 36.77
CA THR G 722 57.02 -22.35 35.91
C THR G 722 57.56 -21.92 34.55
N PRO G 723 58.30 -22.79 33.86
CA PRO G 723 58.73 -22.43 32.50
C PRO G 723 57.57 -22.22 31.53
N THR G 724 56.53 -23.03 31.63
CA THR G 724 55.38 -22.93 30.75
C THR G 724 54.36 -21.93 31.26
N GLN G 725 53.80 -21.14 30.35
CA GLN G 725 52.74 -20.19 30.64
C GLN G 725 51.54 -20.49 29.77
N GLY G 726 50.37 -20.67 30.39
CA GLY G 726 49.17 -20.98 29.65
C GLY G 726 48.96 -22.47 29.45
N SER G 727 47.71 -22.84 29.18
CA SER G 727 47.35 -24.25 28.97
C SER G 727 46.18 -24.29 28.00
N VAL G 728 46.41 -24.86 26.81
CA VAL G 728 45.37 -25.09 25.82
C VAL G 728 45.37 -26.56 25.44
N LEU G 729 44.22 -27.20 25.60
CA LEU G 729 44.01 -28.59 25.19
C LEU G 729 43.30 -28.62 23.85
N PHE G 730 43.64 -29.62 23.03
CA PHE G 730 42.95 -29.80 21.76
C PHE G 730 42.70 -31.27 21.49
N GLY G 731 41.54 -31.56 20.90
CA GLY G 731 41.17 -32.90 20.49
C GLY G 731 41.26 -33.04 18.99
N THR G 732 41.53 -34.26 18.52
CA THR G 732 41.81 -34.50 17.11
C THR G 732 40.94 -35.63 16.57
N VAL G 733 41.05 -35.87 15.26
CA VAL G 733 40.20 -36.87 14.61
C VAL G 733 40.61 -38.28 15.00
N ASN G 734 41.90 -38.52 15.20
CA ASN G 734 42.39 -39.86 15.52
C ASN G 734 42.38 -40.13 17.03
N GLY G 735 41.75 -39.26 17.82
CA GLY G 735 41.66 -39.45 19.25
C GLY G 735 42.77 -38.81 20.05
N MET G 736 43.86 -38.41 19.42
CA MET G 736 44.97 -37.78 20.14
C MET G 736 44.51 -36.50 20.80
N ILE G 737 44.92 -36.31 22.06
CA ILE G 737 44.69 -35.08 22.81
C ILE G 737 46.06 -34.48 23.15
N GLY G 738 46.19 -33.16 22.94
CA GLY G 738 47.48 -32.51 23.11
C GLY G 738 47.37 -31.20 23.87
N LEU G 739 48.54 -30.66 24.23
CA LEU G 739 48.66 -29.45 25.03
C LEU G 739 49.56 -28.44 24.32
N VAL G 740 49.10 -27.19 24.24
CA VAL G 740 49.87 -26.09 23.68
C VAL G 740 50.15 -25.09 24.81
N THR G 741 51.41 -24.70 24.94
CA THR G 741 51.80 -23.73 25.97
C THR G 741 52.90 -22.82 25.43
N SER G 742 53.08 -21.68 26.10
CA SER G 742 54.07 -20.70 25.70
C SER G 742 55.32 -20.83 26.57
N LEU G 743 56.44 -20.36 26.02
CA LEU G 743 57.74 -20.40 26.67
C LEU G 743 58.39 -19.03 26.62
N SER G 744 59.35 -18.80 27.52
CA SER G 744 60.18 -17.61 27.43
C SER G 744 61.26 -17.80 26.37
N GLU G 745 61.78 -16.68 25.86
CA GLU G 745 62.78 -16.78 24.80
C GLU G 745 63.96 -17.63 25.22
N SER G 746 64.46 -17.41 26.44
CA SER G 746 65.59 -18.20 26.93
C SER G 746 65.24 -19.69 26.97
N TRP G 747 64.05 -20.02 27.48
CA TRP G 747 63.65 -21.42 27.59
C TRP G 747 63.47 -22.03 26.21
N TYR G 748 62.87 -21.27 25.28
CA TYR G 748 62.73 -21.74 23.91
C TYR G 748 64.10 -22.08 23.32
N ASN G 749 65.02 -21.11 23.35
CA ASN G 749 66.32 -21.33 22.75
C ASN G 749 67.00 -22.55 23.36
N LEU G 750 66.95 -22.68 24.69
CA LEU G 750 67.55 -23.84 25.34
C LEU G 750 66.94 -25.14 24.82
N LEU G 751 65.61 -25.21 24.80
CA LEU G 751 64.95 -26.43 24.35
C LEU G 751 65.18 -26.65 22.86
N LEU G 752 65.19 -25.57 22.08
CA LEU G 752 65.48 -25.69 20.65
C LEU G 752 66.88 -26.26 20.45
N ASP G 753 67.86 -25.72 21.18
CA ASP G 753 69.22 -26.25 21.11
C ASP G 753 69.26 -27.72 21.51
N MET G 754 68.44 -28.11 22.48
CA MET G 754 68.39 -29.51 22.89
C MET G 754 67.78 -30.37 21.79
N GLN G 755 66.75 -29.85 21.10
CA GLN G 755 66.14 -30.61 20.02
C GLN G 755 67.16 -30.94 18.93
N ASN G 756 67.83 -29.92 18.41
CA ASN G 756 68.83 -30.15 17.37
C ASN G 756 69.94 -31.06 17.87
N ARG G 757 70.25 -31.01 19.17
CA ARG G 757 71.19 -31.97 19.74
C ARG G 757 70.56 -33.35 19.85
N LEU G 758 69.29 -33.41 20.30
CA LEU G 758 68.62 -34.68 20.46
C LEU G 758 68.47 -35.41 19.13
N ASN G 759 68.21 -34.66 18.04
CA ASN G 759 67.99 -35.29 16.75
C ASN G 759 69.25 -35.97 16.23
N LYS G 760 70.42 -35.43 16.53
CA LYS G 760 71.66 -36.09 16.13
C LYS G 760 71.89 -37.39 16.89
N VAL G 761 71.28 -37.52 18.06
CA VAL G 761 71.48 -38.69 18.91
C VAL G 761 70.47 -39.77 18.61
N ILE G 762 69.19 -39.41 18.49
CA ILE G 762 68.10 -40.37 18.47
C ILE G 762 67.93 -40.95 17.07
N LYS G 763 67.80 -42.27 16.99
CA LYS G 763 67.53 -42.95 15.73
C LYS G 763 66.03 -43.14 15.56
N SER G 764 65.49 -42.62 14.45
CA SER G 764 64.08 -42.73 14.15
C SER G 764 63.80 -43.92 13.25
N VAL G 765 62.61 -44.50 13.40
CA VAL G 765 62.20 -45.59 12.53
C VAL G 765 62.09 -45.08 11.11
N GLY G 766 62.71 -45.79 10.16
CA GLY G 766 62.76 -45.37 8.78
C GLY G 766 63.80 -44.32 8.47
N LYS G 767 64.60 -43.90 9.45
CA LYS G 767 65.64 -42.89 9.24
C LYS G 767 65.04 -41.61 8.67
N ILE G 768 63.95 -41.16 9.28
CA ILE G 768 63.27 -39.93 8.87
C ILE G 768 63.81 -38.76 9.67
N GLU G 769 64.27 -37.73 8.95
CA GLU G 769 64.75 -36.51 9.61
C GLU G 769 63.60 -35.84 10.37
N HIS G 770 63.84 -35.54 11.65
CA HIS G 770 62.81 -34.89 12.46
C HIS G 770 62.43 -33.54 11.88
N SER G 771 63.42 -32.75 11.45
CA SER G 771 63.13 -31.43 10.90
C SER G 771 62.17 -31.53 9.72
N PHE G 772 62.31 -32.59 8.92
CA PHE G 772 61.41 -32.77 7.77
C PHE G 772 59.99 -33.09 8.21
N TRP G 773 59.85 -34.00 9.18
CA TRP G 773 58.53 -34.42 9.63
C TRP G 773 57.72 -33.24 10.17
N ARG G 774 58.34 -32.42 11.02
CA ARG G 774 57.62 -31.30 11.62
C ARG G 774 57.59 -30.06 10.74
N SER G 775 58.16 -30.12 9.53
CA SER G 775 58.08 -28.99 8.62
C SER G 775 56.65 -28.77 8.15
N PHE G 776 56.21 -27.51 8.19
CA PHE G 776 54.91 -27.11 7.65
C PHE G 776 54.78 -27.62 6.23
N HIS G 777 53.72 -28.40 5.97
CA HIS G 777 53.57 -29.07 4.68
C HIS G 777 52.13 -29.03 4.20
N THR G 778 51.90 -28.38 3.06
CA THR G 778 50.70 -28.50 2.26
C THR G 778 51.10 -29.03 0.89
N GLU G 779 50.12 -29.46 0.10
CA GLU G 779 50.44 -29.94 -1.24
C GLU G 779 51.20 -28.89 -2.04
N ARG G 780 51.01 -27.60 -1.74
CA ARG G 780 51.63 -26.54 -2.52
C ARG G 780 52.90 -25.96 -1.93
N LYS G 781 53.06 -25.92 -0.60
CA LYS G 781 54.24 -25.32 -0.01
C LYS G 781 54.75 -26.19 1.13
N THR G 782 56.04 -26.06 1.42
CA THR G 782 56.67 -26.74 2.56
C THR G 782 57.76 -25.85 3.15
N GLU G 783 57.56 -25.43 4.40
CA GLU G 783 58.51 -24.58 5.10
C GLU G 783 58.97 -25.25 6.40
N PRO G 784 60.19 -24.96 6.85
CA PRO G 784 60.64 -25.52 8.13
C PRO G 784 59.88 -24.91 9.31
N ALA G 785 59.64 -25.74 10.32
CA ALA G 785 58.92 -25.29 11.51
C ALA G 785 59.66 -24.16 12.20
N THR G 786 58.91 -23.31 12.87
CA THR G 786 59.46 -22.17 13.60
C THR G 786 58.52 -21.82 14.74
N GLY G 787 59.10 -21.46 15.88
CA GLY G 787 58.31 -21.03 17.03
C GLY G 787 57.66 -22.15 17.81
N PHE G 788 58.00 -23.41 17.52
CA PHE G 788 57.38 -24.54 18.19
C PHE G 788 58.45 -25.54 18.61
N ILE G 789 58.29 -26.07 19.83
CA ILE G 789 59.17 -27.11 20.36
C ILE G 789 58.37 -28.41 20.47
N ASP G 790 58.85 -29.47 19.84
CA ASP G 790 58.20 -30.78 19.91
C ASP G 790 58.40 -31.34 21.31
N GLY G 791 57.36 -31.23 22.15
CA GLY G 791 57.49 -31.65 23.53
C GLY G 791 57.85 -33.12 23.67
N ASP G 792 57.30 -33.96 22.79
CA ASP G 792 57.61 -35.39 22.86
C ASP G 792 59.10 -35.65 22.65
N LEU G 793 59.72 -34.86 21.76
CA LEU G 793 61.16 -34.98 21.55
C LEU G 793 61.93 -34.57 22.81
N ILE G 794 61.55 -33.44 23.40
CA ILE G 794 62.19 -32.98 24.63
C ILE G 794 62.02 -34.00 25.75
N GLU G 795 60.81 -34.56 25.87
CA GLU G 795 60.53 -35.52 26.93
C GLU G 795 61.26 -36.84 26.72
N SER G 796 61.68 -37.16 25.50
CA SER G 796 62.42 -38.39 25.27
C SER G 796 63.82 -38.34 25.85
N PHE G 797 64.31 -37.15 26.20
CA PHE G 797 65.61 -37.02 26.85
C PHE G 797 65.71 -37.91 28.09
N LEU G 798 64.61 -38.05 28.83
CA LEU G 798 64.63 -38.85 30.04
C LEU G 798 64.74 -40.36 29.75
N ASP G 799 64.58 -40.79 28.50
CA ASP G 799 64.62 -42.19 28.15
C ASP G 799 65.88 -42.62 27.42
N ILE G 800 66.77 -41.68 27.09
CA ILE G 800 67.99 -42.01 26.36
C ILE G 800 69.08 -42.45 27.34
N SER G 801 70.01 -43.25 26.84
CA SER G 801 71.08 -43.78 27.68
C SER G 801 71.98 -42.66 28.17
N ARG G 802 72.67 -42.93 29.28
CA ARG G 802 73.57 -41.93 29.86
C ARG G 802 74.66 -41.47 28.90
N PRO G 803 75.35 -42.34 28.14
CA PRO G 803 76.34 -41.84 27.18
C PRO G 803 75.77 -40.80 26.24
N LYS G 804 74.52 -40.99 25.81
CA LYS G 804 73.89 -40.03 24.91
C LYS G 804 73.54 -38.73 25.62
N MET G 805 73.13 -38.81 26.89
CA MET G 805 72.88 -37.58 27.65
C MET G 805 74.11 -36.70 27.67
N GLN G 806 75.30 -37.30 27.86
CA GLN G 806 76.52 -36.51 27.84
C GLN G 806 76.78 -35.88 26.47
N GLU G 807 76.44 -36.61 25.40
CA GLU G 807 76.57 -36.01 24.07
C GLU G 807 75.68 -34.78 23.94
N VAL G 808 74.50 -34.82 24.55
CA VAL G 808 73.57 -33.70 24.45
C VAL G 808 74.07 -32.52 25.28
N VAL G 809 74.47 -32.77 26.53
CA VAL G 809 74.87 -31.68 27.41
C VAL G 809 76.30 -31.21 27.15
N ALA G 810 77.05 -31.92 26.32
CA ALA G 810 78.41 -31.53 26.01
C ALA G 810 78.44 -30.16 25.31
N ASN G 811 79.27 -29.26 25.82
CA ASN G 811 79.43 -27.94 25.23
C ASN G 811 78.10 -27.19 25.20
N LEU G 812 77.32 -27.33 26.26
CA LEU G 812 76.02 -26.69 26.38
C LEU G 812 76.01 -25.71 27.54
N GLN G 813 75.59 -24.47 27.25
CA GLN G 813 75.46 -23.43 28.26
C GLN G 813 74.01 -22.99 28.33
N TYR G 814 73.48 -22.89 29.54
CA TYR G 814 72.09 -22.51 29.79
C TYR G 814 72.07 -21.52 30.95
N ASP G 815 70.90 -20.92 31.14
CA ASP G 815 70.74 -19.86 32.14
C ASP G 815 71.22 -20.28 33.53
N ASP G 816 70.95 -21.52 33.94
CA ASP G 816 71.38 -22.04 35.24
C ASP G 816 71.12 -20.99 36.34
N GLY G 817 69.86 -20.61 36.47
CA GLY G 817 69.49 -19.51 37.33
C GLY G 817 69.51 -18.21 36.56
N SER G 818 69.61 -17.10 37.29
CA SER G 818 69.69 -15.78 36.68
C SER G 818 71.03 -15.13 37.03
N GLY G 819 71.83 -14.83 36.01
CA GLY G 819 73.08 -14.13 36.17
C GLY G 819 74.31 -15.03 36.21
N MET G 820 74.17 -16.25 36.72
CA MET G 820 75.27 -17.21 36.76
C MET G 820 75.07 -18.20 35.62
N LYS G 821 76.07 -18.35 34.76
CA LYS G 821 75.98 -19.24 33.61
C LYS G 821 77.03 -20.34 33.76
N ARG G 822 76.57 -21.59 33.73
CA ARG G 822 77.39 -22.76 33.96
C ARG G 822 77.06 -23.80 32.90
N GLU G 823 78.09 -24.49 32.40
CA GLU G 823 77.86 -25.54 31.41
C GLU G 823 76.82 -26.51 31.95
N ALA G 824 75.90 -26.91 31.08
CA ALA G 824 74.79 -27.72 31.52
C ALA G 824 75.25 -29.14 31.74
N THR G 825 74.70 -29.78 32.76
CA THR G 825 75.02 -31.14 33.11
C THR G 825 73.80 -32.03 32.88
N ALA G 826 74.07 -33.33 32.72
CA ALA G 826 72.98 -34.28 32.56
C ALA G 826 71.99 -34.19 33.71
N ASP G 827 72.48 -33.82 34.91
CA ASP G 827 71.59 -33.73 36.06
C ASP G 827 70.69 -32.50 35.97
N ASP G 828 71.22 -31.38 35.47
CA ASP G 828 70.41 -30.17 35.35
C ASP G 828 69.26 -30.38 34.37
N LEU G 829 69.55 -30.96 33.20
CA LEU G 829 68.53 -31.13 32.19
C LEU G 829 67.45 -32.13 32.60
N ILE G 830 67.85 -33.22 33.28
CA ILE G 830 66.85 -34.19 33.75
C ILE G 830 65.81 -33.49 34.61
N LYS G 831 66.24 -32.54 35.44
CA LYS G 831 65.30 -31.78 36.26
C LYS G 831 64.41 -30.92 35.37
N VAL G 832 64.99 -30.31 34.34
CA VAL G 832 64.23 -29.42 33.46
C VAL G 832 63.13 -30.20 32.75
N VAL G 833 63.48 -31.35 32.16
CA VAL G 833 62.49 -32.13 31.44
C VAL G 833 61.43 -32.64 32.41
N GLU G 834 61.84 -33.08 33.60
CA GLU G 834 60.88 -33.60 34.56
C GLU G 834 59.87 -32.54 34.99
N GLU G 835 60.32 -31.28 35.13
CA GLU G 835 59.38 -30.21 35.42
C GLU G 835 58.42 -30.03 34.26
N LEU G 836 58.90 -30.22 33.03
CA LEU G 836 58.05 -30.10 31.85
C LEU G 836 57.05 -31.24 31.76
N THR G 837 57.38 -32.43 32.25
CA THR G 837 56.45 -33.55 32.20
C THR G 837 55.27 -33.37 33.15
N ARG G 838 55.27 -32.31 33.96
CA ARG G 838 54.21 -32.07 34.92
C ARG G 838 53.06 -31.26 34.36
N ILE G 839 53.18 -30.77 33.12
CA ILE G 839 52.10 -30.02 32.49
C ILE G 839 51.03 -30.90 31.86
N HIS G 840 51.32 -32.17 31.62
CA HIS G 840 50.40 -33.08 30.96
C HIS G 840 50.16 -34.29 31.85
N THR H 7 30.08 14.66 -14.72
CA THR H 7 29.89 13.71 -15.82
C THR H 7 30.59 12.39 -15.53
N GLU H 8 30.39 11.40 -16.40
CA GLU H 8 30.99 10.09 -16.20
C GLU H 8 32.51 10.12 -16.26
N SER H 9 33.09 11.17 -16.86
CA SER H 9 34.52 11.20 -17.13
C SER H 9 35.33 11.96 -16.08
N ASP H 10 34.69 12.76 -15.23
CA ASP H 10 35.41 13.63 -14.30
C ASP H 10 35.82 12.81 -13.07
N TRP H 11 36.91 12.06 -13.23
CA TRP H 11 37.42 11.24 -12.14
C TRP H 11 38.23 12.10 -11.17
N GLY H 12 38.41 11.58 -9.97
CA GLY H 12 39.23 12.26 -8.97
C GLY H 12 38.52 13.30 -8.14
N LYS H 13 37.25 13.56 -8.40
CA LYS H 13 36.50 14.59 -7.68
C LYS H 13 35.59 14.00 -6.62
N ARG H 14 34.91 12.90 -6.93
CA ARG H 14 34.01 12.24 -5.98
C ARG H 14 34.80 11.70 -4.79
N CYS H 15 34.16 11.73 -3.63
CA CYS H 15 34.78 11.37 -2.36
C CYS H 15 34.52 9.89 -2.03
N VAL H 16 35.43 9.32 -1.22
CA VAL H 16 35.26 7.94 -0.77
C VAL H 16 34.12 7.80 0.23
N ASP H 17 33.55 8.92 0.68
CA ASP H 17 32.39 8.88 1.56
C ASP H 17 31.21 8.15 0.91
N LYS H 18 31.16 8.16 -0.43
CA LYS H 18 30.08 7.52 -1.17
C LYS H 18 30.15 6.00 -1.08
N PHE H 19 31.24 5.45 -0.56
CA PHE H 19 31.44 4.01 -0.45
C PHE H 19 31.53 3.64 1.02
N ASP H 20 30.85 2.55 1.40
CA ASP H 20 30.93 2.02 2.74
C ASP H 20 32.02 0.94 2.77
N ILE H 21 33.06 1.17 3.55
CA ILE H 21 34.20 0.26 3.61
C ILE H 21 33.80 -0.97 4.41
N ILE H 22 33.92 -2.14 3.78
CA ILE H 22 33.58 -3.40 4.43
C ILE H 22 34.77 -4.01 5.16
N GLY H 23 35.95 -3.98 4.55
CA GLY H 23 37.11 -4.62 5.13
C GLY H 23 38.27 -4.60 4.15
N ILE H 24 39.39 -5.13 4.60
CA ILE H 24 40.63 -5.14 3.82
C ILE H 24 40.75 -6.51 3.17
N ILE H 25 40.61 -6.55 1.83
CA ILE H 25 40.74 -7.82 1.11
C ILE H 25 42.20 -8.26 1.05
N GLY H 26 43.12 -7.33 0.81
CA GLY H 26 44.52 -7.69 0.72
C GLY H 26 45.39 -6.47 0.74
N GLU H 27 46.70 -6.72 0.89
CA GLU H 27 47.72 -5.67 0.82
C GLU H 27 48.40 -5.75 -0.54
N GLY H 28 48.48 -4.61 -1.23
CA GLY H 28 48.99 -4.60 -2.59
C GLY H 28 50.41 -4.13 -2.72
N THR H 29 50.60 -2.95 -3.32
CA THR H 29 51.94 -2.46 -3.61
C THR H 29 52.11 -1.00 -3.21
N TYR H 30 51.23 -0.14 -3.69
CA TYR H 30 51.22 1.27 -3.33
C TYR H 30 50.27 1.60 -2.21
N GLY H 31 49.44 0.65 -1.80
CA GLY H 31 48.54 0.86 -0.67
C GLY H 31 47.72 -0.39 -0.44
N GLN H 32 46.92 -0.35 0.62
CA GLN H 32 46.08 -1.49 0.94
C GLN H 32 44.83 -1.49 0.08
N VAL H 33 44.34 -2.68 -0.26
CA VAL H 33 43.13 -2.86 -1.06
C VAL H 33 41.98 -3.24 -0.15
N TYR H 34 40.87 -2.52 -0.25
CA TYR H 34 39.71 -2.72 0.61
C TYR H 34 38.50 -3.11 -0.23
N LYS H 35 37.63 -3.95 0.34
CA LYS H 35 36.32 -4.28 -0.25
C LYS H 35 35.32 -3.25 0.25
N ALA H 36 34.34 -2.93 -0.59
CA ALA H 36 33.44 -1.84 -0.25
C ALA H 36 32.14 -1.96 -1.02
N LYS H 37 31.16 -1.15 -0.60
CA LYS H 37 29.83 -1.10 -1.22
C LYS H 37 29.47 0.35 -1.52
N ASP H 38 28.97 0.59 -2.72
CA ASP H 38 28.49 1.92 -3.09
C ASP H 38 27.14 2.21 -2.44
N LYS H 39 27.02 3.38 -1.81
CA LYS H 39 25.77 3.77 -1.15
C LYS H 39 24.65 4.05 -2.13
N ASP H 40 24.98 4.48 -3.35
CA ASP H 40 23.92 4.87 -4.29
C ASP H 40 23.37 3.67 -5.05
N THR H 41 24.24 2.77 -5.52
CA THR H 41 23.82 1.63 -6.32
C THR H 41 23.84 0.30 -5.58
N GLY H 42 24.69 0.15 -4.57
CA GLY H 42 24.83 -1.12 -3.90
C GLY H 42 25.84 -2.06 -4.49
N GLU H 43 26.49 -1.69 -5.60
CA GLU H 43 27.48 -2.55 -6.21
C GLU H 43 28.67 -2.74 -5.27
N LEU H 44 29.19 -3.95 -5.24
CA LEU H 44 30.42 -4.22 -4.51
C LEU H 44 31.61 -3.80 -5.36
N VAL H 45 32.55 -3.07 -4.76
CA VAL H 45 33.70 -2.54 -5.48
C VAL H 45 34.94 -2.84 -4.64
N ALA H 46 36.10 -2.69 -5.26
CA ALA H 46 37.38 -2.83 -4.60
C ALA H 46 38.14 -1.53 -4.74
N LEU H 47 38.58 -0.97 -3.63
CA LEU H 47 39.27 0.32 -3.61
C LEU H 47 40.73 0.08 -3.33
N LYS H 48 41.60 0.47 -4.26
CA LYS H 48 43.04 0.42 -4.07
C LYS H 48 43.48 1.80 -3.59
N LYS H 49 43.97 1.89 -2.36
CA LYS H 49 44.36 3.16 -1.78
C LYS H 49 45.72 3.57 -2.33
N VAL H 50 45.82 4.81 -2.80
CA VAL H 50 47.07 5.36 -3.29
C VAL H 50 47.49 6.45 -2.32
N ARG H 51 48.60 6.24 -1.63
CA ARG H 51 49.07 7.13 -0.58
C ARG H 51 50.14 8.04 -1.14
N LEU H 52 49.86 9.35 -1.18
CA LEU H 52 50.86 10.34 -1.53
C LEU H 52 51.53 10.89 -0.28
N ASP H 53 51.15 10.42 0.90
CA ASP H 53 51.71 10.93 2.14
C ASP H 53 53.20 10.64 2.24
N ASN H 54 53.67 9.55 1.62
CA ASN H 54 55.11 9.29 1.61
C ASN H 54 55.85 10.43 0.92
N GLU H 55 55.29 10.93 -0.19
CA GLU H 55 55.83 12.10 -0.90
C GLU H 55 57.30 11.92 -1.27
N LYS H 56 57.76 10.66 -1.36
CA LYS H 56 59.13 10.41 -1.79
C LYS H 56 59.32 10.88 -3.23
N GLU H 57 58.45 10.44 -4.13
CA GLU H 57 58.41 10.94 -5.51
C GLU H 57 56.97 11.23 -5.92
N GLY H 58 56.13 11.55 -4.94
CA GLY H 58 54.75 11.90 -5.24
C GLY H 58 53.92 10.69 -5.62
N PHE H 59 53.05 10.88 -6.60
CA PHE H 59 52.15 9.81 -7.02
C PHE H 59 52.96 8.61 -7.52
N PRO H 60 52.72 7.41 -7.00
CA PRO H 60 53.52 6.26 -7.41
C PRO H 60 53.34 5.93 -8.88
N ILE H 61 54.46 5.58 -9.54
CA ILE H 61 54.38 5.20 -10.94
C ILE H 61 53.58 3.91 -11.10
N THR H 62 53.69 2.99 -10.13
CA THR H 62 52.93 1.74 -10.19
C THR H 62 51.45 2.02 -10.39
N ALA H 63 50.91 3.03 -9.70
CA ALA H 63 49.52 3.41 -9.91
C ALA H 63 49.35 4.15 -11.24
N ILE H 64 50.30 5.01 -11.60
CA ILE H 64 50.23 5.71 -12.87
C ILE H 64 50.15 4.72 -14.03
N ARG H 65 50.96 3.66 -13.98
CA ARG H 65 50.92 2.67 -15.05
C ARG H 65 49.55 2.04 -15.16
N GLU H 66 48.95 1.68 -14.02
CA GLU H 66 47.67 1.00 -14.04
C GLU H 66 46.56 1.92 -14.50
N ILE H 67 46.60 3.19 -14.10
CA ILE H 67 45.59 4.15 -14.55
C ILE H 67 45.74 4.42 -16.04
N LYS H 68 46.98 4.63 -16.49
CA LYS H 68 47.25 4.91 -17.89
C LYS H 68 46.81 3.75 -18.76
N ILE H 69 47.14 2.52 -18.34
CA ILE H 69 46.93 1.36 -19.18
C ILE H 69 45.49 0.86 -19.11
N LEU H 70 44.91 0.79 -17.92
CA LEU H 70 43.58 0.19 -17.80
C LEU H 70 42.46 1.08 -18.32
N ARG H 71 42.70 2.39 -18.43
CA ARG H 71 41.72 3.24 -19.12
C ARG H 71 41.77 3.03 -20.63
N GLN H 72 42.86 2.45 -21.14
CA GLN H 72 42.96 2.08 -22.55
C GLN H 72 42.35 0.72 -22.85
N LEU H 73 42.49 -0.24 -21.93
CA LEU H 73 42.08 -1.61 -22.17
C LEU H 73 40.62 -1.83 -21.81
N ILE H 74 39.85 -2.39 -22.75
CA ILE H 74 38.43 -2.69 -22.53
C ILE H 74 38.24 -4.12 -23.05
N HIS H 75 38.28 -5.10 -22.16
CA HIS H 75 38.08 -6.50 -22.53
C HIS H 75 37.44 -7.22 -21.35
N ARG H 76 36.63 -8.25 -21.65
CA ARG H 76 35.95 -8.97 -20.59
C ARG H 76 36.92 -9.65 -19.63
N SER H 77 38.08 -10.09 -20.14
CA SER H 77 39.05 -10.79 -19.33
C SER H 77 40.12 -9.87 -18.77
N VAL H 78 39.91 -8.56 -18.82
CA VAL H 78 40.80 -7.58 -18.22
C VAL H 78 40.00 -6.82 -17.17
N VAL H 79 40.62 -6.55 -16.02
CA VAL H 79 39.92 -5.89 -14.93
C VAL H 79 39.57 -4.46 -15.33
N ASN H 80 38.41 -3.99 -14.91
CA ASN H 80 37.89 -2.69 -15.31
C ASN H 80 38.01 -1.70 -14.15
N MET H 81 38.74 -0.62 -14.39
CA MET H 81 38.83 0.49 -13.44
C MET H 81 37.63 1.40 -13.66
N LYS H 82 36.72 1.44 -12.68
CA LYS H 82 35.46 2.17 -12.83
C LYS H 82 35.65 3.67 -12.68
N GLU H 83 36.33 4.11 -11.61
CA GLU H 83 36.52 5.53 -11.37
C GLU H 83 37.61 5.70 -10.32
N ILE H 84 37.94 6.96 -10.01
CA ILE H 84 38.93 7.30 -9.00
C ILE H 84 38.29 8.31 -8.04
N VAL H 85 38.42 8.04 -6.74
CA VAL H 85 37.85 8.90 -5.70
C VAL H 85 38.97 9.32 -4.76
N THR H 86 38.69 10.35 -3.96
CA THR H 86 39.70 10.98 -3.12
C THR H 86 39.20 11.08 -1.68
N ASP H 87 40.14 11.16 -0.75
CA ASP H 87 39.80 11.46 0.64
C ASP H 87 39.24 12.87 0.74
N LYS H 88 38.38 13.07 1.74
CA LYS H 88 37.75 14.37 1.91
C LYS H 88 38.81 15.46 2.03
N GLN H 89 38.81 16.39 1.08
CA GLN H 89 39.76 17.50 1.07
C GLN H 89 39.34 18.54 2.11
N ASP H 90 39.32 18.09 3.38
CA ASP H 90 38.92 18.95 4.49
C ASP H 90 39.88 20.10 4.71
N ALA H 91 41.11 19.99 4.21
CA ALA H 91 42.10 21.04 4.41
C ALA H 91 41.70 22.28 3.59
N LEU H 92 41.64 23.43 4.26
CA LEU H 92 41.22 24.66 3.61
C LEU H 92 42.06 24.97 2.38
N ASP H 93 43.32 24.55 2.37
CA ASP H 93 44.26 24.83 1.30
C ASP H 93 44.66 23.54 0.62
N PHE H 94 44.82 23.57 -0.71
CA PHE H 94 45.26 22.38 -1.42
C PHE H 94 46.61 21.93 -0.92
N LYS H 95 47.46 22.88 -0.50
CA LYS H 95 48.77 22.55 0.04
C LYS H 95 48.66 21.75 1.34
N LYS H 96 47.72 22.11 2.21
CA LYS H 96 47.59 21.42 3.48
C LYS H 96 47.14 19.98 3.31
N ASP H 97 46.34 19.71 2.29
CA ASP H 97 45.76 18.38 2.10
C ASP H 97 46.85 17.33 1.92
N LYS H 98 46.75 16.25 2.70
CA LYS H 98 47.65 15.11 2.58
C LYS H 98 46.88 13.80 2.36
N GLY H 99 45.59 13.89 2.04
CA GLY H 99 44.77 12.71 1.82
C GLY H 99 45.19 11.88 0.63
N ALA H 100 44.65 10.67 0.57
CA ALA H 100 44.98 9.70 -0.46
C ALA H 100 43.88 9.61 -1.52
N PHE H 101 44.23 8.96 -2.65
CA PHE H 101 43.30 8.66 -3.71
C PHE H 101 42.99 7.16 -3.71
N TYR H 102 41.84 6.80 -4.28
CA TYR H 102 41.40 5.42 -4.34
C TYR H 102 41.02 5.04 -5.76
N LEU H 103 41.53 3.90 -6.24
CA LEU H 103 41.18 3.38 -7.55
C LEU H 103 40.03 2.39 -7.40
N VAL H 104 38.87 2.73 -7.95
CA VAL H 104 37.69 1.89 -7.84
C VAL H 104 37.72 0.82 -8.93
N PHE H 105 37.45 -0.43 -8.53
CA PHE H 105 37.42 -1.55 -9.45
C PHE H 105 36.19 -2.40 -9.15
N GLU H 106 35.77 -3.22 -10.12
CA GLU H 106 34.73 -4.21 -9.86
C GLU H 106 35.25 -5.27 -8.90
N TYR H 107 34.41 -5.66 -7.95
CA TYR H 107 34.80 -6.69 -6.99
C TYR H 107 34.73 -8.07 -7.62
N MET H 108 35.76 -8.88 -7.38
CA MET H 108 35.82 -10.26 -7.83
C MET H 108 35.69 -11.17 -6.63
N ASP H 109 34.98 -12.28 -6.79
CA ASP H 109 34.66 -13.13 -5.65
C ASP H 109 35.90 -13.81 -5.08
N HIS H 110 36.76 -14.38 -5.93
CA HIS H 110 37.90 -15.14 -5.45
C HIS H 110 39.12 -14.92 -6.33
N ASP H 111 40.29 -15.26 -5.79
CA ASP H 111 41.56 -15.25 -6.50
C ASP H 111 42.06 -16.68 -6.67
N LEU H 112 42.78 -16.94 -7.76
CA LEU H 112 43.15 -18.30 -8.10
C LEU H 112 44.03 -18.94 -7.00
N MET H 113 44.95 -18.16 -6.44
CA MET H 113 45.82 -18.71 -5.40
C MET H 113 45.01 -19.13 -4.17
N GLY H 114 44.06 -18.28 -3.76
CA GLY H 114 43.21 -18.65 -2.63
C GLY H 114 42.42 -19.91 -2.90
N LEU H 115 41.79 -19.98 -4.08
CA LEU H 115 40.99 -21.14 -4.44
C LEU H 115 41.82 -22.42 -4.47
N LEU H 116 43.05 -22.33 -4.98
CA LEU H 116 43.89 -23.52 -5.08
C LEU H 116 44.55 -23.86 -3.75
N GLU H 117 45.00 -22.83 -3.01
CA GLU H 117 45.69 -23.08 -1.75
C GLU H 117 44.82 -23.84 -0.76
N SER H 118 43.53 -23.48 -0.67
CA SER H 118 42.64 -24.21 0.23
C SER H 118 42.41 -25.65 -0.20
N GLY H 119 42.58 -25.97 -1.48
CA GLY H 119 42.32 -27.31 -1.96
C GLY H 119 40.85 -27.64 -2.13
N LEU H 120 39.97 -26.67 -1.89
CA LEU H 120 38.53 -26.86 -1.96
C LEU H 120 38.03 -27.00 -3.40
N VAL H 121 38.83 -26.58 -4.37
CA VAL H 121 38.41 -26.52 -5.77
C VAL H 121 38.91 -27.75 -6.51
N HIS H 122 38.10 -28.24 -7.45
CA HIS H 122 38.49 -29.30 -8.37
C HIS H 122 38.25 -28.77 -9.79
N PHE H 123 39.29 -28.80 -10.62
CA PHE H 123 39.22 -28.25 -11.97
C PHE H 123 39.15 -29.40 -12.95
N SER H 124 38.10 -29.42 -13.76
CA SER H 124 37.94 -30.42 -14.81
C SER H 124 38.59 -29.92 -16.09
N GLU H 125 38.79 -30.84 -17.04
CA GLU H 125 39.36 -30.44 -18.32
C GLU H 125 38.54 -29.31 -18.92
N ASP H 126 37.23 -29.49 -18.99
CA ASP H 126 36.37 -28.45 -19.54
C ASP H 126 36.53 -27.14 -18.78
N HIS H 127 36.67 -27.22 -17.46
CA HIS H 127 36.93 -26.01 -16.68
C HIS H 127 38.26 -25.37 -17.04
N ILE H 128 39.30 -26.18 -17.21
CA ILE H 128 40.61 -25.60 -17.54
C ILE H 128 40.56 -24.95 -18.91
N LYS H 129 39.78 -25.52 -19.83
CA LYS H 129 39.64 -24.93 -21.16
C LYS H 129 39.06 -23.52 -21.07
N SER H 130 37.97 -23.36 -20.30
CA SER H 130 37.34 -22.06 -20.17
C SER H 130 38.26 -21.05 -19.51
N PHE H 131 38.93 -21.47 -18.43
CA PHE H 131 39.87 -20.58 -17.75
C PHE H 131 40.94 -20.08 -18.72
N MET H 132 41.60 -21.00 -19.42
CA MET H 132 42.70 -20.62 -20.28
C MET H 132 42.22 -19.78 -21.46
N LYS H 133 41.07 -20.11 -22.04
CA LYS H 133 40.59 -19.35 -23.18
C LYS H 133 40.35 -17.89 -22.80
N GLN H 134 39.73 -17.66 -21.63
CA GLN H 134 39.52 -16.30 -21.19
C GLN H 134 40.85 -15.61 -20.89
N LEU H 135 41.75 -16.30 -20.20
CA LEU H 135 43.04 -15.71 -19.89
C LEU H 135 43.82 -15.38 -21.16
N MET H 136 43.87 -16.33 -22.09
CA MET H 136 44.60 -16.09 -23.34
C MET H 136 43.93 -15.03 -24.19
N GLU H 137 42.59 -15.03 -24.23
CA GLU H 137 41.90 -13.97 -24.95
C GLU H 137 42.22 -12.62 -24.34
N GLY H 138 42.28 -12.55 -23.01
CA GLY H 138 42.68 -11.32 -22.36
C GLY H 138 44.13 -10.97 -22.67
N LEU H 139 45.01 -11.96 -22.63
CA LEU H 139 46.42 -11.70 -22.91
C LEU H 139 46.65 -11.26 -24.34
N GLU H 140 46.02 -11.95 -25.31
CA GLU H 140 46.18 -11.54 -26.70
C GLU H 140 45.71 -10.11 -26.90
N TYR H 141 44.58 -9.74 -26.27
CA TYR H 141 44.12 -8.36 -26.35
C TYR H 141 45.18 -7.39 -25.87
N CYS H 142 45.77 -7.66 -24.70
CA CYS H 142 46.80 -6.77 -24.18
C CYS H 142 48.03 -6.75 -25.08
N HIS H 143 48.46 -7.91 -25.56
CA HIS H 143 49.63 -7.95 -26.43
C HIS H 143 49.33 -7.27 -27.76
N LYS H 144 48.12 -7.47 -28.30
CA LYS H 144 47.76 -6.77 -29.53
C LYS H 144 47.82 -5.27 -29.33
N LYS H 145 47.48 -4.80 -28.13
CA LYS H 145 47.62 -3.39 -27.76
C LYS H 145 49.05 -3.05 -27.33
N ASN H 146 50.00 -3.99 -27.50
CA ASN H 146 51.42 -3.73 -27.27
C ASN H 146 51.74 -3.42 -25.81
N PHE H 147 51.18 -4.22 -24.91
CA PHE H 147 51.43 -4.11 -23.47
C PHE H 147 51.98 -5.41 -22.90
N LEU H 148 52.97 -5.28 -22.01
CA LEU H 148 53.59 -6.40 -21.33
C LEU H 148 53.08 -6.39 -19.89
N HIS H 149 52.58 -7.54 -19.42
CA HIS H 149 52.06 -7.57 -18.05
C HIS H 149 53.19 -7.50 -17.03
N ARG H 150 54.15 -8.42 -17.12
CA ARG H 150 55.37 -8.45 -16.34
C ARG H 150 55.13 -8.91 -14.90
N ASP H 151 53.90 -9.23 -14.50
CA ASP H 151 53.66 -9.74 -13.16
C ASP H 151 52.49 -10.73 -13.14
N ILE H 152 52.56 -11.77 -13.97
CA ILE H 152 51.54 -12.81 -13.98
C ILE H 152 51.79 -13.80 -12.85
N LYS H 153 50.80 -13.96 -11.98
CA LYS H 153 50.86 -14.95 -10.90
C LYS H 153 49.43 -15.37 -10.60
N CYS H 154 49.29 -16.48 -9.85
CA CYS H 154 47.95 -16.96 -9.51
C CYS H 154 47.17 -15.90 -8.75
N SER H 155 47.85 -15.13 -7.91
CA SER H 155 47.19 -14.11 -7.11
C SER H 155 46.55 -13.03 -7.97
N ASN H 156 47.15 -12.72 -9.12
CA ASN H 156 46.66 -11.63 -9.96
C ASN H 156 45.62 -12.06 -10.99
N ILE H 157 45.44 -13.37 -11.21
CA ILE H 157 44.28 -13.85 -11.96
C ILE H 157 43.12 -13.98 -10.99
N LEU H 158 42.03 -13.25 -11.25
CA LEU H 158 40.89 -13.18 -10.35
C LEU H 158 39.65 -13.74 -11.04
N LEU H 159 38.87 -14.52 -10.31
CA LEU H 159 37.70 -15.22 -10.83
C LEU H 159 36.49 -14.93 -9.95
N ASN H 160 35.39 -14.52 -10.56
CA ASN H 160 34.12 -14.39 -9.85
C ASN H 160 33.35 -15.71 -9.93
N ASN H 161 32.30 -15.83 -9.10
CA ASN H 161 31.59 -17.10 -9.01
C ASN H 161 30.95 -17.52 -10.34
N SER H 162 30.63 -16.56 -11.21
CA SER H 162 30.00 -16.90 -12.48
C SER H 162 30.90 -17.72 -13.38
N GLY H 163 32.21 -17.75 -13.11
CA GLY H 163 33.17 -18.44 -13.95
C GLY H 163 33.96 -17.53 -14.85
N GLN H 164 33.74 -16.23 -14.77
CA GLN H 164 34.50 -15.26 -15.55
C GLN H 164 35.88 -15.06 -14.94
N ILE H 165 36.89 -14.92 -15.80
CA ILE H 165 38.28 -14.77 -15.39
C ILE H 165 38.78 -13.41 -15.86
N LYS H 166 39.41 -12.66 -14.97
CA LYS H 166 39.98 -11.36 -15.29
C LYS H 166 41.42 -11.25 -14.77
N LEU H 167 42.26 -10.54 -15.53
CA LEU H 167 43.63 -10.21 -15.15
C LEU H 167 43.60 -8.95 -14.27
N ALA H 168 44.67 -8.72 -13.49
CA ALA H 168 44.52 -7.66 -12.50
C ALA H 168 45.68 -6.70 -12.25
N ASP H 169 46.78 -7.17 -11.67
CA ASP H 169 47.83 -6.24 -11.26
C ASP H 169 48.64 -5.70 -12.44
N PHE H 170 48.16 -4.63 -13.07
CA PHE H 170 48.88 -3.97 -14.16
C PHE H 170 49.87 -2.92 -13.67
N GLY H 171 50.37 -3.03 -12.44
CA GLY H 171 51.29 -2.04 -11.92
C GLY H 171 52.65 -2.06 -12.59
N LEU H 172 53.05 -3.23 -13.10
CA LEU H 172 54.34 -3.37 -13.79
C LEU H 172 54.20 -3.41 -15.31
N ALA H 173 53.04 -3.08 -15.86
CA ALA H 173 52.85 -3.20 -17.29
C ALA H 173 53.60 -2.09 -18.01
N ARG H 174 54.15 -2.42 -19.18
CA ARG H 174 54.88 -1.44 -19.96
C ARG H 174 54.62 -1.69 -21.44
N LEU H 175 54.75 -0.64 -22.23
CA LEU H 175 54.57 -0.76 -23.67
C LEU H 175 55.79 -1.42 -24.29
N TYR H 176 55.54 -2.24 -25.31
CA TYR H 176 56.59 -2.99 -26.00
C TYR H 176 56.66 -2.52 -27.44
N ASN H 177 57.86 -2.16 -27.89
CA ASN H 177 58.12 -1.80 -29.27
C ASN H 177 59.16 -2.76 -29.82
N SER H 178 58.78 -3.53 -30.85
CA SER H 178 59.71 -4.45 -31.49
C SER H 178 60.77 -3.70 -32.30
N GLU H 179 60.34 -2.70 -33.05
CA GLU H 179 61.26 -1.96 -33.91
C GLU H 179 62.27 -1.16 -33.11
N GLU H 180 61.92 -0.69 -31.92
CA GLU H 180 62.78 0.12 -31.06
C GLU H 180 62.94 -0.59 -29.73
N SER H 181 63.89 -1.53 -29.68
CA SER H 181 64.21 -2.20 -28.42
C SER H 181 64.79 -1.20 -27.43
N ARG H 182 64.30 -1.24 -26.20
CA ARG H 182 64.80 -0.39 -25.13
C ARG H 182 65.04 -1.28 -23.92
N PRO H 183 66.07 -1.00 -23.12
CA PRO H 183 66.36 -1.87 -21.98
C PRO H 183 65.26 -1.77 -20.92
N TYR H 184 64.82 -2.93 -20.42
CA TYR H 184 63.84 -2.96 -19.37
C TYR H 184 64.46 -3.59 -18.13
N ASN H 186 65.28 -6.64 -15.64
CA ASN H 186 65.53 -8.07 -15.71
C ASN H 186 64.68 -8.93 -14.78
N LYS H 187 64.44 -8.45 -13.57
CA LYS H 187 63.71 -9.23 -12.57
C LYS H 187 62.35 -8.57 -12.44
N VAL H 188 61.37 -9.04 -13.22
CA VAL H 188 60.03 -8.48 -13.22
C VAL H 188 58.98 -9.48 -12.74
N ILE H 189 59.02 -10.71 -13.22
CA ILE H 189 58.01 -11.70 -12.83
C ILE H 189 58.48 -12.42 -11.58
N THR H 190 57.51 -12.96 -10.82
CA THR H 190 57.88 -13.74 -9.65
C THR H 190 58.64 -15.00 -10.09
N LEU H 191 59.56 -15.44 -9.24
CA LEU H 191 60.50 -16.48 -9.67
C LEU H 191 59.77 -17.73 -10.16
N TRP H 192 58.72 -18.15 -9.44
CA TRP H 192 58.02 -19.38 -9.79
C TRP H 192 57.44 -19.32 -11.19
N TYR H 193 57.10 -18.13 -11.68
CA TYR H 193 56.52 -17.97 -13.01
C TYR H 193 57.41 -17.12 -13.91
N ARG H 194 58.72 -17.05 -13.60
CA ARG H 194 59.61 -16.22 -14.41
C ARG H 194 60.21 -17.06 -15.53
N PRO H 195 60.27 -16.53 -16.75
CA PRO H 195 60.78 -17.32 -17.89
C PRO H 195 62.28 -17.49 -17.83
N PRO H 196 62.82 -18.49 -18.53
CA PRO H 196 64.27 -18.72 -18.47
C PRO H 196 65.10 -17.59 -19.05
N GLU H 197 64.59 -16.87 -20.06
CA GLU H 197 65.37 -15.78 -20.63
C GLU H 197 65.64 -14.71 -19.59
N LEU H 198 64.65 -14.42 -18.75
CA LEU H 198 64.85 -13.45 -17.67
C LEU H 198 65.82 -13.97 -16.63
N LEU H 199 65.80 -15.28 -16.36
CA LEU H 199 66.76 -15.86 -15.43
C LEU H 199 68.19 -15.72 -15.94
N LEU H 200 68.38 -15.78 -17.25
CA LEU H 200 69.68 -15.63 -17.87
C LEU H 200 70.03 -14.17 -18.15
N GLY H 201 69.23 -13.25 -17.62
CA GLY H 201 69.53 -11.83 -17.66
C GLY H 201 69.21 -11.14 -18.96
N GLU H 202 68.15 -11.55 -19.65
CA GLU H 202 67.71 -10.80 -20.82
C GLU H 202 67.04 -9.52 -20.37
N GLU H 203 67.48 -8.41 -20.91
CA GLU H 203 66.94 -7.10 -20.55
C GLU H 203 65.96 -6.56 -21.58
N ARG H 204 66.13 -6.94 -22.85
CA ARG H 204 65.20 -6.55 -23.91
C ARG H 204 64.27 -7.72 -24.26
N TYR H 205 63.31 -7.98 -23.37
CA TYR H 205 62.42 -9.14 -23.52
C TYR H 205 61.15 -8.81 -24.31
N THR H 206 60.51 -9.88 -24.80
CA THR H 206 59.30 -9.81 -25.62
C THR H 206 58.08 -10.22 -24.81
N PRO H 207 56.87 -10.05 -25.36
CA PRO H 207 55.67 -10.53 -24.65
C PRO H 207 55.68 -12.00 -24.33
N ALA H 208 56.61 -12.78 -24.89
CA ALA H 208 56.66 -14.20 -24.59
C ALA H 208 56.91 -14.47 -23.12
N ILE H 209 57.34 -13.45 -22.35
CA ILE H 209 57.51 -13.65 -20.91
C ILE H 209 56.16 -13.94 -20.26
N ASP H 210 55.12 -13.23 -20.70
CA ASP H 210 53.79 -13.47 -20.13
C ASP H 210 53.27 -14.84 -20.52
N VAL H 211 53.57 -15.28 -21.75
CA VAL H 211 53.12 -16.60 -22.18
C VAL H 211 53.73 -17.68 -21.29
N TRP H 212 55.03 -17.57 -21.01
CA TRP H 212 55.66 -18.55 -20.13
C TRP H 212 54.95 -18.61 -18.78
N SER H 213 54.63 -17.45 -18.21
CA SER H 213 53.93 -17.44 -16.93
C SER H 213 52.60 -18.19 -17.03
N CYS H 214 51.79 -17.87 -18.06
CA CYS H 214 50.49 -18.52 -18.20
C CYS H 214 50.65 -20.00 -18.50
N GLY H 215 51.76 -20.40 -19.12
CA GLY H 215 52.02 -21.81 -19.31
C GLY H 215 52.27 -22.51 -17.99
N CYS H 216 53.04 -21.87 -17.10
CA CYS H 216 53.21 -22.40 -15.76
C CYS H 216 51.86 -22.59 -15.07
N ILE H 217 50.94 -21.63 -15.27
CA ILE H 217 49.61 -21.76 -14.68
C ILE H 217 48.85 -22.93 -15.32
N LEU H 218 48.98 -23.10 -16.63
CA LEU H 218 48.29 -24.20 -17.29
C LEU H 218 48.65 -25.53 -16.63
N GLY H 219 49.95 -25.80 -16.48
CA GLY H 219 50.38 -27.03 -15.84
C GLY H 219 49.91 -27.11 -14.40
N GLU H 220 49.95 -25.98 -13.69
CA GLU H 220 49.58 -25.97 -12.28
C GLU H 220 48.12 -26.36 -12.09
N LEU H 221 47.25 -25.98 -13.04
CA LEU H 221 45.84 -26.34 -12.94
C LEU H 221 45.64 -27.85 -13.02
N PHE H 222 46.56 -28.56 -13.67
CA PHE H 222 46.45 -30.01 -13.75
C PHE H 222 47.04 -30.69 -12.53
N THR H 223 48.10 -30.13 -11.95
CA THR H 223 48.70 -30.72 -10.75
C THR H 223 48.22 -30.06 -9.46
N LYS H 224 47.61 -28.87 -9.54
CA LYS H 224 47.20 -28.11 -8.36
C LYS H 224 48.40 -27.68 -7.52
N LYS H 225 49.60 -27.67 -8.12
CA LYS H 225 50.84 -27.32 -7.46
C LYS H 225 51.74 -26.62 -8.47
N PRO H 226 52.35 -25.49 -8.10
CA PRO H 226 53.24 -24.81 -9.06
C PRO H 226 54.32 -25.75 -9.57
N ILE H 227 54.65 -25.60 -10.86
CA ILE H 227 55.56 -26.53 -11.52
C ILE H 227 56.99 -26.32 -11.03
N PHE H 228 57.44 -25.07 -10.99
CA PHE H 228 58.81 -24.73 -10.67
C PHE H 228 58.82 -23.91 -9.38
N GLN H 229 59.12 -24.56 -8.25
CA GLN H 229 59.19 -23.88 -6.97
C GLN H 229 60.61 -23.96 -6.44
N ALA H 230 61.24 -22.79 -6.34
CA ALA H 230 62.58 -22.66 -5.78
C ALA H 230 62.66 -21.28 -5.15
N ASN H 231 63.80 -20.97 -4.54
CA ASN H 231 63.98 -19.70 -3.86
C ASN H 231 65.05 -18.84 -4.47
N LEU H 232 65.94 -19.41 -5.28
CA LEU H 232 67.04 -18.66 -5.88
C LEU H 232 67.02 -18.87 -7.39
N GLU H 233 67.47 -17.84 -8.10
CA GLU H 233 67.34 -17.81 -9.55
C GLU H 233 68.07 -18.98 -10.20
N LEU H 234 69.26 -19.33 -9.71
CA LEU H 234 69.96 -20.49 -10.27
C LEU H 234 69.17 -21.76 -10.02
N ALA H 235 68.70 -21.94 -8.78
CA ALA H 235 67.91 -23.13 -8.46
C ALA H 235 66.68 -23.21 -9.34
N GLN H 236 66.08 -22.06 -9.67
CA GLN H 236 64.93 -22.04 -10.56
C GLN H 236 65.31 -22.53 -11.95
N LEU H 237 66.42 -22.01 -12.49
CA LEU H 237 66.87 -22.44 -13.82
C LEU H 237 67.15 -23.94 -13.84
N GLU H 238 67.64 -24.50 -12.72
CA GLU H 238 67.87 -25.93 -12.66
C GLU H 238 66.56 -26.70 -12.80
N LEU H 239 65.54 -26.28 -12.06
CA LEU H 239 64.24 -26.96 -12.13
C LEU H 239 63.67 -26.87 -13.54
N ILE H 240 63.70 -25.67 -14.13
CA ILE H 240 63.22 -25.50 -15.49
C ILE H 240 63.98 -26.42 -16.44
N SER H 241 65.30 -26.52 -16.26
CA SER H 241 66.13 -27.33 -17.15
C SER H 241 65.79 -28.81 -17.04
N ARG H 242 65.51 -29.28 -15.83
CA ARG H 242 65.21 -30.71 -15.64
C ARG H 242 63.99 -31.13 -16.43
N LEU H 243 62.99 -30.26 -16.54
CA LEU H 243 61.76 -30.60 -17.24
C LEU H 243 61.83 -30.24 -18.71
N CYS H 244 62.23 -29.01 -19.03
CA CYS H 244 62.21 -28.50 -20.40
C CYS H 244 63.49 -28.77 -21.17
N GLY H 245 64.54 -29.23 -20.50
CA GLY H 245 65.84 -29.32 -21.14
C GLY H 245 66.69 -28.11 -20.81
N SER H 246 68.00 -28.31 -20.80
CA SER H 246 68.91 -27.22 -20.46
C SER H 246 68.97 -26.22 -21.60
N PRO H 247 69.00 -24.92 -21.30
CA PRO H 247 69.23 -23.92 -22.36
C PRO H 247 70.57 -24.16 -23.03
N CYS H 248 70.54 -24.32 -24.35
CA CYS H 248 71.76 -24.56 -25.13
C CYS H 248 71.51 -24.09 -26.55
N PRO H 249 72.57 -23.76 -27.29
CA PRO H 249 72.37 -23.25 -28.67
C PRO H 249 71.65 -24.22 -29.58
N ALA H 250 71.71 -25.52 -29.32
CA ALA H 250 71.05 -26.47 -30.21
C ALA H 250 69.56 -26.21 -30.29
N VAL H 251 68.91 -25.96 -29.16
CA VAL H 251 67.48 -25.66 -29.13
C VAL H 251 67.21 -24.16 -29.04
N TRP H 252 68.21 -23.35 -28.72
CA TRP H 252 68.02 -21.92 -28.46
C TRP H 252 69.21 -21.19 -29.07
N PRO H 253 69.21 -21.02 -30.40
CA PRO H 253 70.43 -20.55 -31.08
C PRO H 253 71.03 -19.27 -30.50
N ASP H 254 70.21 -18.32 -30.06
CA ASP H 254 70.70 -17.03 -29.60
C ASP H 254 70.95 -16.96 -28.10
N VAL H 255 70.89 -18.10 -27.40
CA VAL H 255 71.13 -18.08 -25.96
C VAL H 255 72.54 -17.61 -25.66
N ILE H 256 73.48 -17.85 -26.58
CA ILE H 256 74.87 -17.47 -26.36
C ILE H 256 75.04 -15.97 -26.19
N ARG H 257 74.07 -15.18 -26.65
CA ARG H 257 74.12 -13.73 -26.48
C ARG H 257 73.75 -13.30 -25.08
N LEU H 258 73.15 -14.16 -24.27
CA LEU H 258 72.62 -13.73 -22.99
C LEU H 258 73.75 -13.55 -21.97
N PRO H 259 73.65 -12.51 -21.13
CA PRO H 259 74.76 -12.23 -20.19
C PRO H 259 75.19 -13.43 -19.36
N TYR H 260 74.24 -14.17 -18.79
CA TYR H 260 74.53 -15.20 -17.81
C TYR H 260 74.56 -16.60 -18.40
N PHE H 261 74.58 -16.74 -19.72
CA PHE H 261 74.57 -18.08 -20.32
C PHE H 261 75.74 -18.90 -19.80
N ASN H 262 76.95 -18.35 -19.85
CA ASN H 262 78.11 -19.05 -19.30
C ASN H 262 78.05 -19.08 -17.78
N THR H 263 77.58 -18.00 -17.15
CA THR H 263 77.59 -17.89 -15.70
C THR H 263 76.63 -18.89 -15.05
N MET H 264 75.36 -18.85 -15.43
CA MET H 264 74.34 -19.70 -14.81
C MET H 264 74.21 -20.96 -15.64
N LYS H 265 74.93 -22.00 -15.25
CA LYS H 265 74.80 -23.26 -15.96
C LYS H 265 74.07 -24.28 -15.10
N PRO H 266 73.16 -25.07 -15.68
CA PRO H 266 72.52 -26.13 -14.90
C PRO H 266 73.52 -27.24 -14.57
N LYS H 267 73.12 -28.07 -13.59
CA LYS H 267 73.99 -29.15 -13.14
C LYS H 267 74.46 -30.00 -14.32
N LYS H 268 73.56 -30.32 -15.23
CA LYS H 268 73.88 -31.09 -16.43
C LYS H 268 73.27 -30.42 -17.65
N GLN H 269 73.54 -31.01 -18.83
CA GLN H 269 72.82 -30.68 -20.06
C GLN H 269 71.64 -31.65 -20.18
N TYR H 270 70.55 -31.30 -19.50
CA TYR H 270 69.39 -32.17 -19.43
C TYR H 270 68.66 -32.27 -20.75
N ARG H 271 68.04 -33.43 -20.99
CA ARG H 271 67.15 -33.60 -22.12
C ARG H 271 65.75 -33.13 -21.73
N ARG H 272 64.95 -32.82 -22.74
CA ARG H 272 63.57 -32.40 -22.48
C ARG H 272 62.74 -33.60 -22.06
N ARG H 273 61.99 -33.44 -20.96
CA ARG H 273 61.17 -34.51 -20.42
C ARG H 273 59.73 -34.06 -20.19
N LEU H 274 59.34 -32.90 -20.71
CA LEU H 274 58.04 -32.34 -20.40
C LEU H 274 56.91 -33.31 -20.74
N ARG H 275 56.90 -33.81 -21.97
CA ARG H 275 55.82 -34.72 -22.36
C ARG H 275 55.82 -35.98 -21.50
N GLU H 276 57.00 -36.45 -21.11
CA GLU H 276 57.08 -37.63 -20.27
C GLU H 276 56.53 -37.36 -18.88
N GLU H 277 57.00 -36.28 -18.24
CA GLU H 277 56.61 -36.00 -16.87
C GLU H 277 55.15 -35.55 -16.77
N PHE H 278 54.62 -34.91 -17.81
CA PHE H 278 53.21 -34.53 -17.86
C PHE H 278 52.39 -35.50 -18.72
N SER H 279 52.76 -36.77 -18.73
CA SER H 279 52.05 -37.73 -19.57
C SER H 279 50.58 -37.80 -19.21
N PHE H 280 50.21 -37.50 -17.97
CA PHE H 280 48.82 -37.58 -17.55
C PHE H 280 47.94 -36.51 -18.18
N ILE H 281 48.51 -35.40 -18.61
CA ILE H 281 47.69 -34.33 -19.21
C ILE H 281 47.09 -34.81 -20.52
N PRO H 282 45.84 -34.43 -20.84
CA PRO H 282 45.27 -34.76 -22.14
C PRO H 282 46.14 -34.31 -23.30
N SER H 283 46.02 -35.01 -24.43
CA SER H 283 46.90 -34.77 -25.58
C SER H 283 46.78 -33.34 -26.08
N ALA H 284 45.56 -32.85 -26.25
CA ALA H 284 45.38 -31.49 -26.75
C ALA H 284 46.05 -30.48 -25.84
N ALA H 285 45.94 -30.66 -24.52
CA ALA H 285 46.53 -29.72 -23.59
C ALA H 285 48.04 -29.90 -23.48
N LEU H 286 48.52 -31.16 -23.45
CA LEU H 286 49.95 -31.39 -23.37
C LEU H 286 50.68 -30.69 -24.50
N ASP H 287 50.11 -30.72 -25.70
CA ASP H 287 50.71 -30.00 -26.83
C ASP H 287 50.79 -28.51 -26.53
N LEU H 288 49.73 -27.95 -25.96
CA LEU H 288 49.76 -26.54 -25.58
C LEU H 288 50.87 -26.27 -24.58
N LEU H 289 50.97 -27.10 -23.54
CA LEU H 289 52.00 -26.90 -22.53
C LEU H 289 53.39 -26.96 -23.16
N ASP H 290 53.64 -27.93 -24.04
CA ASP H 290 54.97 -28.08 -24.62
C ASP H 290 55.42 -26.78 -25.28
N HIS H 291 54.53 -26.13 -26.03
CA HIS H 291 54.91 -24.93 -26.75
C HIS H 291 55.03 -23.72 -25.83
N MET H 292 54.10 -23.57 -24.89
CA MET H 292 54.16 -22.41 -23.99
C MET H 292 55.41 -22.46 -23.12
N LEU H 293 55.82 -23.65 -22.72
CA LEU H 293 57.05 -23.82 -21.93
C LEU H 293 58.21 -24.20 -22.84
N THR H 294 58.36 -23.46 -23.93
CA THR H 294 59.47 -23.61 -24.86
C THR H 294 60.55 -22.61 -24.49
N LEU H 295 61.79 -23.08 -24.41
CA LEU H 295 62.87 -22.25 -23.87
C LEU H 295 63.09 -21.00 -24.71
N ASP H 296 63.22 -21.16 -26.03
CA ASP H 296 63.55 -20.02 -26.86
C ASP H 296 62.32 -19.13 -27.03
N PRO H 297 62.35 -17.90 -26.51
CA PRO H 297 61.15 -17.04 -26.63
C PRO H 297 60.76 -16.77 -28.07
N SER H 298 61.71 -16.85 -29.01
CA SER H 298 61.37 -16.68 -30.42
C SER H 298 60.67 -17.90 -30.98
N LYS H 299 60.82 -19.05 -30.32
CA LYS H 299 60.12 -20.27 -30.70
C LYS H 299 58.89 -20.53 -29.84
N ARG H 300 58.73 -19.80 -28.74
CA ARG H 300 57.57 -19.96 -27.89
C ARG H 300 56.33 -19.41 -28.57
N CYS H 301 55.23 -20.13 -28.46
CA CYS H 301 54.00 -19.73 -29.11
C CYS H 301 53.51 -18.40 -28.55
N THR H 302 52.68 -17.72 -29.33
CA THR H 302 52.07 -16.46 -28.94
C THR H 302 50.69 -16.69 -28.34
N ALA H 303 50.11 -15.62 -27.80
CA ALA H 303 48.76 -15.73 -27.26
C ALA H 303 47.77 -16.12 -28.34
N GLU H 304 47.85 -15.48 -29.51
CA GLU H 304 46.94 -15.83 -30.60
C GLU H 304 47.06 -17.30 -30.95
N GLN H 305 48.29 -17.83 -31.01
CA GLN H 305 48.47 -19.22 -31.39
C GLN H 305 47.83 -20.17 -30.38
N THR H 306 47.92 -19.82 -29.09
CA THR H 306 47.26 -20.65 -28.08
C THR H 306 45.76 -20.69 -28.31
N LEU H 307 45.18 -19.54 -28.70
CA LEU H 307 43.77 -19.52 -29.04
C LEU H 307 43.46 -20.35 -30.27
N GLN H 308 44.42 -20.43 -31.20
CA GLN H 308 44.28 -21.29 -32.38
C GLN H 308 44.89 -22.66 -32.13
N SER H 309 44.56 -23.26 -31.00
CA SER H 309 45.05 -24.59 -30.64
C SER H 309 43.88 -25.56 -30.53
N ASP H 310 44.16 -26.83 -30.76
CA ASP H 310 43.11 -27.85 -30.62
C ASP H 310 42.46 -27.78 -29.26
N PHE H 311 43.18 -27.30 -28.25
CA PHE H 311 42.65 -27.29 -26.89
C PHE H 311 41.65 -26.16 -26.68
N LEU H 312 41.91 -25.00 -27.26
CA LEU H 312 41.11 -23.80 -26.99
C LEU H 312 40.34 -23.28 -28.18
N LYS H 313 40.67 -23.71 -29.40
CA LYS H 313 40.09 -23.10 -30.60
C LYS H 313 38.59 -23.30 -30.68
N ASP H 314 38.11 -24.50 -30.38
CA ASP H 314 36.70 -24.82 -30.53
C ASP H 314 35.91 -24.64 -29.24
N VAL H 315 36.56 -24.16 -28.17
CA VAL H 315 35.87 -23.90 -26.92
C VAL H 315 34.90 -22.74 -27.08
N GLU H 316 33.66 -22.94 -26.63
CA GLU H 316 32.63 -21.90 -26.67
C GLU H 316 32.50 -21.29 -25.28
N LEU H 317 32.71 -19.98 -25.19
CA LEU H 317 32.65 -19.27 -23.91
C LEU H 317 31.24 -19.02 -23.42
N SER H 318 30.22 -19.29 -24.25
CA SER H 318 28.83 -19.17 -23.82
C SER H 318 28.51 -20.02 -22.61
N LYS H 319 29.14 -21.20 -22.50
CA LYS H 319 28.87 -22.06 -21.36
C LYS H 319 29.39 -21.44 -20.07
N MET H 320 30.58 -20.85 -20.11
CA MET H 320 31.14 -20.14 -18.96
C MET H 320 31.07 -21.01 -17.71
N ALA H 321 31.54 -22.25 -17.84
CA ALA H 321 31.45 -23.26 -16.80
C ALA H 321 31.76 -22.69 -15.42
N PRO H 322 30.84 -22.79 -14.45
CA PRO H 322 31.13 -22.30 -13.09
C PRO H 322 32.20 -23.15 -12.43
N PRO H 323 33.16 -22.54 -11.72
CA PRO H 323 34.20 -23.32 -11.05
C PRO H 323 33.65 -23.95 -9.77
N ASP H 324 34.51 -24.69 -9.07
CA ASP H 324 34.14 -25.36 -7.82
C ASP H 324 34.38 -24.39 -6.66
N LEU H 325 33.41 -23.51 -6.44
CA LEU H 325 33.50 -22.51 -5.38
C LEU H 325 33.20 -23.15 -4.03
N PRO H 326 33.44 -22.43 -2.93
CA PRO H 326 33.25 -23.01 -1.60
C PRO H 326 31.84 -23.57 -1.40
N HIS H 327 31.77 -24.74 -0.76
CA HIS H 327 30.50 -25.42 -0.55
C HIS H 327 30.34 -25.78 0.92
N THR I 24 32.44 7.89 -21.04
CA THR I 24 33.61 7.04 -20.80
C THR I 24 34.85 7.88 -20.51
N LYS I 25 35.46 8.44 -21.56
CA LYS I 25 36.62 9.32 -21.44
C LYS I 25 36.26 10.75 -21.83
N PRO I 26 36.90 11.74 -21.22
CA PRO I 26 36.48 13.13 -21.41
C PRO I 26 36.91 13.73 -22.73
N CYS I 27 36.25 14.84 -23.08
CA CYS I 27 36.54 15.63 -24.27
C CYS I 27 37.46 16.78 -23.89
N TRP I 28 38.63 16.85 -24.55
CA TRP I 28 39.65 17.83 -24.23
C TRP I 28 39.84 18.86 -25.34
N TYR I 29 38.78 19.20 -26.06
CA TYR I 29 38.88 20.11 -27.18
C TYR I 29 37.81 21.20 -27.10
N TRP I 30 38.23 22.45 -27.31
CA TRP I 30 37.38 23.62 -27.24
C TRP I 30 37.38 24.34 -28.58
N ASP I 31 36.43 25.24 -28.75
CA ASP I 31 36.40 26.12 -29.91
C ASP I 31 37.19 27.39 -29.61
N LYS I 32 37.79 27.95 -30.66
CA LYS I 32 38.56 29.18 -30.51
C LYS I 32 37.78 30.24 -29.73
N LYS I 33 36.49 30.39 -30.05
CA LYS I 33 35.67 31.39 -29.37
C LYS I 33 35.65 31.17 -27.86
N ASP I 34 35.82 29.93 -27.41
CA ASP I 34 35.71 29.62 -26.00
C ASP I 34 36.88 30.15 -25.18
N LEU I 35 38.02 30.41 -25.81
CA LEU I 35 39.19 30.87 -25.06
C LEU I 35 39.02 32.28 -24.51
N ALA I 36 37.98 33.00 -24.94
CA ALA I 36 37.65 34.30 -24.36
C ALA I 36 37.06 34.18 -22.96
N HIS I 37 36.84 32.95 -22.48
CA HIS I 37 36.14 32.73 -21.22
C HIS I 37 36.91 31.76 -20.32
N THR I 38 38.24 31.76 -20.41
CA THR I 38 39.03 30.99 -19.48
C THR I 38 39.00 31.65 -18.10
N PRO I 39 39.26 30.89 -17.04
CA PRO I 39 39.34 31.52 -15.71
C PRO I 39 40.24 32.73 -15.69
N SER I 40 41.38 32.68 -16.40
CA SER I 40 42.29 33.82 -16.44
C SER I 40 41.60 35.04 -17.04
N GLN I 41 40.92 34.87 -18.19
CA GLN I 41 40.24 35.99 -18.82
C GLN I 41 39.22 36.62 -17.88
N LEU I 42 38.43 35.78 -17.19
CA LEU I 42 37.36 36.29 -16.34
C LEU I 42 37.87 36.86 -15.03
N GLU I 43 39.13 36.62 -14.67
CA GLU I 43 39.74 37.28 -13.52
C GLU I 43 40.45 38.58 -13.92
N GLY I 44 40.21 39.10 -15.12
CA GLY I 44 40.75 40.37 -15.54
C GLY I 44 41.99 40.31 -16.40
N LEU I 45 42.52 39.11 -16.66
CA LEU I 45 43.67 38.96 -17.54
C LEU I 45 43.22 39.14 -18.99
N ASP I 46 43.96 39.96 -19.75
CA ASP I 46 43.53 40.21 -21.12
C ASP I 46 44.05 39.13 -22.06
N PRO I 47 43.48 39.02 -23.26
CA PRO I 47 43.87 37.91 -24.16
C PRO I 47 45.36 37.87 -24.44
N ALA I 48 45.98 39.01 -24.71
CA ALA I 48 47.40 39.01 -25.04
C ALA I 48 48.22 38.45 -23.89
N THR I 49 47.89 38.83 -22.65
CA THR I 49 48.67 38.39 -21.49
C THR I 49 48.58 36.88 -21.31
N GLU I 50 47.37 36.32 -21.38
CA GLU I 50 47.24 34.88 -21.21
C GLU I 50 48.00 34.14 -22.30
N ALA I 51 48.00 34.66 -23.52
CA ALA I 51 48.79 34.05 -24.58
C ALA I 51 50.27 34.09 -24.24
N ARG I 52 50.75 35.24 -23.75
CA ARG I 52 52.16 35.35 -23.37
C ARG I 52 52.49 34.38 -22.24
N TYR I 53 51.62 34.29 -21.24
CA TYR I 53 51.84 33.36 -20.14
C TYR I 53 51.90 31.92 -20.62
N ARG I 54 51.14 31.58 -21.67
CA ARG I 54 51.16 30.21 -22.18
C ARG I 54 52.46 29.94 -22.94
N ARG I 55 52.92 30.88 -23.75
CA ARG I 55 54.21 30.72 -24.40
C ARG I 55 55.33 30.61 -23.36
N GLU I 56 55.32 31.50 -22.37
CA GLU I 56 56.38 31.48 -21.36
C GLU I 56 56.38 30.16 -20.61
N GLY I 57 55.19 29.66 -20.27
CA GLY I 57 55.12 28.38 -19.58
C GLY I 57 55.48 27.21 -20.48
N ALA I 58 54.99 27.23 -21.72
CA ALA I 58 55.30 26.17 -22.66
C ALA I 58 56.81 26.08 -22.90
N ARG I 59 57.43 27.19 -23.30
CA ARG I 59 58.87 27.17 -23.58
C ARG I 59 59.68 26.86 -22.33
N PHE I 60 59.23 27.34 -21.17
CA PHE I 60 59.88 26.96 -19.92
C PHE I 60 59.95 25.43 -19.79
N ILE I 61 58.81 24.76 -19.97
CA ILE I 61 58.78 23.30 -19.90
C ILE I 61 59.72 22.72 -20.95
N PHE I 62 59.69 23.25 -22.18
CA PHE I 62 60.52 22.72 -23.25
C PHE I 62 62.01 22.85 -22.91
N ASP I 63 62.42 24.03 -22.44
CA ASP I 63 63.84 24.27 -22.17
C ASP I 63 64.33 23.43 -21.01
N VAL I 64 63.55 23.34 -19.93
CA VAL I 64 63.97 22.57 -18.77
C VAL I 64 64.20 21.12 -19.15
N GLY I 65 63.22 20.52 -19.84
CA GLY I 65 63.34 19.13 -20.24
C GLY I 65 64.45 18.89 -21.25
N THR I 66 64.69 19.85 -22.14
CA THR I 66 65.78 19.70 -23.10
C THR I 66 67.12 19.60 -22.38
N ARG I 67 67.32 20.43 -21.34
CA ARG I 67 68.54 20.32 -20.54
C ARG I 67 68.61 18.96 -19.83
N LEU I 68 67.48 18.44 -19.39
CA LEU I 68 67.46 17.15 -18.72
C LEU I 68 67.55 15.98 -19.69
N GLY I 69 67.59 16.25 -21.00
CA GLY I 69 67.74 15.18 -21.97
C GLY I 69 66.50 14.34 -22.16
N LEU I 70 65.33 14.94 -22.06
CA LEU I 70 64.08 14.18 -22.06
C LEU I 70 63.57 14.00 -23.49
N HIS I 71 62.96 12.85 -23.73
CA HIS I 71 62.35 12.55 -25.02
C HIS I 71 61.34 13.63 -25.40
N TYR I 72 61.15 13.83 -26.71
CA TYR I 72 60.29 14.90 -27.18
C TYR I 72 58.83 14.67 -26.78
N ASP I 73 58.40 13.40 -26.71
CA ASP I 73 57.04 13.11 -26.27
C ASP I 73 56.81 13.58 -24.84
N THR I 74 57.81 13.39 -23.97
CA THR I 74 57.66 13.80 -22.58
C THR I 74 57.45 15.31 -22.47
N LEU I 75 58.18 16.08 -23.27
CA LEU I 75 58.00 17.53 -23.25
C LEU I 75 56.58 17.90 -23.67
N ALA I 76 56.10 17.33 -24.78
CA ALA I 76 54.77 17.67 -25.26
C ALA I 76 53.71 17.27 -24.25
N THR I 77 53.83 16.08 -23.67
CA THR I 77 52.85 15.63 -22.69
C THR I 77 52.75 16.63 -21.54
N GLY I 78 53.88 17.03 -20.98
CA GLY I 78 53.84 18.05 -19.93
C GLY I 78 53.19 19.33 -20.39
N ILE I 79 53.48 19.74 -21.62
CA ILE I 79 52.95 21.01 -22.13
C ILE I 79 51.43 20.92 -22.29
N ILE I 80 50.92 19.78 -22.78
CA ILE I 80 49.47 19.65 -22.92
C ILE I 80 48.81 19.65 -21.55
N TYR I 81 49.45 19.01 -20.56
CA TYR I 81 48.96 19.14 -19.19
C TYR I 81 48.89 20.60 -18.79
N PHE I 82 49.96 21.35 -19.08
CA PHE I 82 50.00 22.77 -18.75
C PHE I 82 48.85 23.52 -19.42
N HIS I 83 48.65 23.30 -20.72
CA HIS I 83 47.61 24.04 -21.44
C HIS I 83 46.22 23.68 -20.94
N ARG I 84 45.96 22.39 -20.69
CA ARG I 84 44.68 21.98 -20.15
C ARG I 84 44.48 22.54 -18.75
N PHE I 85 45.53 22.54 -17.93
CA PHE I 85 45.41 23.02 -16.56
C PHE I 85 44.77 24.40 -16.51
N TYR I 86 45.22 25.31 -17.38
CA TYR I 86 44.76 26.69 -17.37
C TYR I 86 43.48 26.90 -18.16
N MET I 87 42.85 25.81 -18.60
CA MET I 87 41.44 25.84 -18.98
C MET I 87 40.53 25.64 -17.78
N PHE I 88 41.09 25.23 -16.64
CA PHE I 88 40.35 25.02 -15.41
C PHE I 88 40.80 25.91 -14.26
N HIS I 89 41.88 26.68 -14.42
CA HIS I 89 42.39 27.53 -13.36
C HIS I 89 42.90 28.84 -13.96
N SER I 90 43.13 29.82 -13.10
CA SER I 90 43.57 31.14 -13.52
C SER I 90 45.06 31.29 -13.29
N PHE I 91 45.72 32.01 -14.21
CA PHE I 91 47.15 32.27 -14.04
C PHE I 91 47.40 33.13 -12.81
N LYS I 92 46.42 33.91 -12.40
CA LYS I 92 46.59 34.76 -11.22
C LYS I 92 46.66 33.94 -9.94
N GLN I 93 46.02 32.77 -9.93
CA GLN I 93 46.00 31.95 -8.73
C GLN I 93 47.11 30.90 -8.72
N PHE I 94 47.59 30.47 -9.87
CA PHE I 94 48.64 29.46 -9.96
C PHE I 94 49.81 29.96 -10.79
N PRO I 95 50.96 30.24 -10.17
CA PRO I 95 52.12 30.66 -10.96
C PRO I 95 52.45 29.67 -12.07
N ARG I 96 52.68 30.20 -13.27
CA ARG I 96 52.84 29.37 -14.45
C ARG I 96 54.07 28.47 -14.36
N TYR I 97 55.20 29.01 -13.87
CA TYR I 97 56.43 28.23 -13.86
C TYR I 97 56.35 27.09 -12.86
N VAL I 98 55.67 27.28 -11.73
CA VAL I 98 55.46 26.17 -10.81
C VAL I 98 54.56 25.12 -11.44
N THR I 99 53.45 25.55 -12.04
CA THR I 99 52.59 24.62 -12.76
C THR I 99 53.36 23.88 -13.84
N GLY I 100 54.16 24.60 -14.62
CA GLY I 100 54.95 23.95 -15.65
C GLY I 100 55.86 22.88 -15.10
N ALA I 101 56.55 23.18 -13.99
CA ALA I 101 57.46 22.20 -13.41
C ALA I 101 56.69 20.97 -12.93
N CYS I 102 55.52 21.17 -12.33
CA CYS I 102 54.71 20.04 -11.88
C CYS I 102 54.25 19.19 -13.07
N CYS I 103 53.83 19.83 -14.16
CA CYS I 103 53.43 19.10 -15.35
C CYS I 103 54.55 18.20 -15.85
N LEU I 104 55.76 18.76 -15.99
CA LEU I 104 56.88 17.96 -16.47
C LEU I 104 57.18 16.82 -15.51
N PHE I 105 57.11 17.08 -14.20
CA PHE I 105 57.36 16.03 -13.23
C PHE I 105 56.40 14.86 -13.45
N LEU I 106 55.09 15.14 -13.52
CA LEU I 106 54.13 14.07 -13.76
C LEU I 106 54.37 13.45 -15.12
N ALA I 107 54.58 14.28 -16.13
CA ALA I 107 54.82 13.78 -17.48
C ALA I 107 55.96 12.76 -17.50
N GLY I 108 57.05 13.06 -16.80
CA GLY I 108 58.16 12.12 -16.76
C GLY I 108 57.74 10.74 -16.29
N LYS I 109 56.94 10.69 -15.22
CA LYS I 109 56.46 9.41 -14.73
C LYS I 109 55.47 8.79 -15.70
N VAL I 110 54.63 9.61 -16.35
CA VAL I 110 53.61 9.08 -17.24
C VAL I 110 54.27 8.41 -18.45
N GLU I 111 55.25 9.08 -19.06
CA GLU I 111 55.87 8.60 -20.28
C GLU I 111 57.06 7.67 -20.03
N GLU I 112 57.27 7.25 -18.79
CA GLU I 112 58.37 6.34 -18.44
C GLU I 112 59.73 6.97 -18.70
N THR I 113 59.83 8.28 -18.53
CA THR I 113 61.11 8.99 -18.54
C THR I 113 61.23 9.81 -17.26
N PRO I 114 61.19 9.16 -16.10
CA PRO I 114 61.03 9.92 -14.85
C PRO I 114 62.27 10.69 -14.48
N LYS I 115 62.06 11.81 -13.81
CA LYS I 115 63.12 12.63 -13.23
C LYS I 115 62.72 13.00 -11.81
N LYS I 116 63.74 13.22 -10.98
CA LYS I 116 63.51 13.59 -9.59
C LYS I 116 63.06 15.03 -9.50
N CYS I 117 62.09 15.30 -8.62
CA CYS I 117 61.62 16.67 -8.47
C CYS I 117 62.78 17.59 -8.12
N LYS I 118 63.75 17.09 -7.35
CA LYS I 118 64.92 17.87 -6.99
C LYS I 118 65.70 18.31 -8.22
N ASP I 119 65.78 17.45 -9.23
CA ASP I 119 66.53 17.79 -10.43
C ASP I 119 65.80 18.85 -11.26
N ILE I 120 64.47 18.76 -11.32
CA ILE I 120 63.71 19.73 -12.11
C ILE I 120 63.84 21.12 -11.49
N ILE I 121 63.78 21.21 -10.15
CA ILE I 121 63.92 22.50 -9.49
C ILE I 121 65.27 23.11 -9.79
N LYS I 122 66.34 22.31 -9.68
CA LYS I 122 67.67 22.82 -9.94
C LYS I 122 67.77 23.41 -11.35
N THR I 123 67.24 22.69 -12.34
CA THR I 123 67.32 23.18 -13.72
C THR I 123 66.54 24.48 -13.87
N ALA I 124 65.38 24.58 -13.22
CA ALA I 124 64.60 25.80 -13.29
C ALA I 124 65.36 27.01 -12.77
N ARG I 125 66.14 26.81 -11.71
CA ARG I 125 66.91 27.92 -11.13
C ARG I 125 67.93 28.44 -12.14
N SER I 126 68.55 27.54 -12.91
CA SER I 126 69.53 27.96 -13.90
C SER I 126 68.89 28.81 -14.99
N LEU I 127 67.67 28.47 -15.40
CA LEU I 127 67.03 29.12 -16.53
C LEU I 127 66.15 30.29 -16.13
N LEU I 128 65.79 30.41 -14.87
CA LEU I 128 64.92 31.49 -14.41
C LEU I 128 65.71 32.56 -13.67
N ASN I 129 65.27 33.80 -13.81
CA ASN I 129 65.83 34.90 -13.04
C ASN I 129 65.30 34.82 -11.61
N ASP I 130 65.79 35.71 -10.74
CA ASP I 130 65.44 35.62 -9.32
C ASP I 130 63.97 35.96 -9.10
N VAL I 131 63.46 36.96 -9.82
CA VAL I 131 62.06 37.32 -9.67
C VAL I 131 61.18 36.15 -10.09
N GLN I 132 61.53 35.50 -11.22
CA GLN I 132 60.74 34.36 -11.70
C GLN I 132 60.79 33.20 -10.73
N PHE I 133 61.99 32.86 -10.24
CA PHE I 133 62.11 31.75 -9.29
C PHE I 133 61.44 32.07 -7.97
N GLY I 134 61.16 33.35 -7.70
CA GLY I 134 60.41 33.71 -6.51
C GLY I 134 59.04 33.08 -6.45
N GLN I 135 58.47 32.71 -7.60
CA GLN I 135 57.20 32.00 -7.60
C GLN I 135 57.30 30.72 -6.79
N PHE I 136 58.43 30.03 -6.89
CA PHE I 136 58.64 28.79 -6.16
C PHE I 136 58.73 28.99 -4.65
N GLY I 137 58.78 30.24 -4.20
CA GLY I 137 58.67 30.50 -2.77
C GLY I 137 59.82 29.93 -1.97
N ASP I 138 59.54 29.66 -0.70
CA ASP I 138 60.58 29.25 0.24
C ASP I 138 61.01 27.81 0.05
N ASP I 139 60.12 26.94 -0.43
CA ASP I 139 60.43 25.52 -0.65
C ASP I 139 59.97 25.13 -2.04
N PRO I 140 60.85 25.27 -3.05
CA PRO I 140 60.41 24.95 -4.42
C PRO I 140 59.88 23.53 -4.58
N LYS I 141 60.57 22.54 -4.04
CA LYS I 141 60.17 21.15 -4.24
C LYS I 141 58.75 20.90 -3.73
N GLU I 142 58.44 21.37 -2.51
CA GLU I 142 57.13 21.11 -1.94
C GLU I 142 56.03 21.75 -2.79
N GLU I 143 56.24 23.02 -3.18
CA GLU I 143 55.23 23.72 -3.98
C GLU I 143 54.85 22.90 -5.20
N VAL I 144 55.82 22.19 -5.78
CA VAL I 144 55.56 21.37 -6.96
C VAL I 144 54.86 20.08 -6.56
N MET I 145 55.40 19.37 -5.57
CA MET I 145 54.81 18.09 -5.18
C MET I 145 53.36 18.27 -4.74
N VAL I 146 53.06 19.38 -4.05
CA VAL I 146 51.69 19.64 -3.63
C VAL I 146 50.79 19.81 -4.84
N LEU I 147 51.27 20.51 -5.87
CA LEU I 147 50.41 20.79 -7.01
C LEU I 147 50.05 19.51 -7.76
N GLU I 148 50.83 18.44 -7.59
CA GLU I 148 50.56 17.20 -8.31
C GLU I 148 49.13 16.71 -8.04
N ARG I 149 48.67 16.83 -6.80
CA ARG I 149 47.30 16.43 -6.48
C ARG I 149 46.30 17.19 -7.35
N ILE I 150 46.42 18.51 -7.39
CA ILE I 150 45.48 19.32 -8.15
C ILE I 150 45.60 19.03 -9.64
N LEU I 151 46.83 18.87 -10.14
CA LEU I 151 47.03 18.59 -11.56
C LEU I 151 46.31 17.30 -11.96
N LEU I 152 46.56 16.23 -11.21
CA LEU I 152 45.92 14.95 -11.49
C LEU I 152 44.40 15.08 -11.50
N GLN I 153 43.84 15.77 -10.51
CA GLN I 153 42.40 15.99 -10.50
C GLN I 153 41.96 16.84 -11.68
N THR I 154 42.76 17.86 -12.03
CA THR I 154 42.38 18.77 -13.10
C THR I 154 42.32 18.05 -14.44
N ILE I 155 43.30 17.20 -14.73
CA ILE I 155 43.36 16.49 -16.00
C ILE I 155 42.47 15.25 -15.95
N LYS I 156 41.64 15.15 -14.91
CA LYS I 156 40.64 14.09 -14.81
C LYS I 156 41.28 12.71 -14.95
N PHE I 157 42.54 12.60 -14.55
CA PHE I 157 43.29 11.35 -14.58
C PHE I 157 43.33 10.72 -15.98
N ASP I 158 43.09 11.51 -17.03
CA ASP I 158 43.27 11.06 -18.39
C ASP I 158 44.74 11.31 -18.73
N LEU I 159 45.59 10.36 -18.34
CA LEU I 159 47.03 10.54 -18.45
C LEU I 159 47.54 10.25 -19.86
N GLN I 160 46.86 9.36 -20.59
CA GLN I 160 47.30 9.00 -21.93
C GLN I 160 47.04 10.16 -22.88
N VAL I 161 48.08 10.58 -23.60
CA VAL I 161 48.00 11.68 -24.55
C VAL I 161 48.77 11.32 -25.81
N GLU I 162 48.21 11.67 -26.97
CA GLU I 162 48.85 11.46 -28.26
C GLU I 162 49.35 12.80 -28.79
N HIS I 163 50.42 12.77 -29.57
CA HIS I 163 51.02 14.00 -30.06
C HIS I 163 51.19 13.99 -31.56
N PRO I 164 51.21 15.16 -32.20
CA PRO I 164 51.33 15.21 -33.66
C PRO I 164 52.57 14.52 -34.21
N TYR I 165 53.64 14.36 -33.42
CA TYR I 165 54.88 13.84 -33.97
C TYR I 165 54.67 12.46 -34.58
N GLN I 166 54.06 11.54 -33.81
CA GLN I 166 53.91 10.17 -34.29
C GLN I 166 53.06 10.10 -35.55
N PHE I 167 52.10 10.99 -35.70
CA PHE I 167 51.28 10.99 -36.91
C PHE I 167 52.04 11.63 -38.08
N LEU I 168 52.83 12.65 -37.79
CA LEU I 168 53.72 13.21 -38.81
C LEU I 168 54.61 12.13 -39.40
N LEU I 169 55.09 11.22 -38.56
CA LEU I 169 55.95 10.15 -39.03
C LEU I 169 55.13 9.06 -39.71
N LYS I 170 54.02 8.66 -39.10
CA LYS I 170 53.16 7.62 -39.69
C LYS I 170 52.72 8.00 -41.09
N TYR I 171 52.33 9.25 -41.31
CA TYR I 171 51.83 9.67 -42.61
C TYR I 171 52.96 9.86 -43.62
N ALA I 172 54.08 10.44 -43.19
CA ALA I 172 55.21 10.60 -44.10
C ALA I 172 55.74 9.25 -44.56
N LYS I 173 55.68 8.24 -43.69
CA LYS I 173 56.21 6.92 -44.02
C LYS I 173 55.49 6.31 -45.22
N GLN I 174 54.24 6.72 -45.46
CA GLN I 174 53.47 6.25 -46.61
C GLN I 174 53.72 7.09 -47.86
N LEU I 175 54.60 8.07 -47.80
CA LEU I 175 54.98 8.87 -48.96
C LEU I 175 56.19 8.25 -49.64
N LYS I 176 56.14 8.20 -50.98
CA LYS I 176 57.22 7.63 -51.77
C LYS I 176 57.59 8.62 -52.87
N GLY I 177 58.89 8.88 -53.02
CA GLY I 177 59.39 9.84 -54.00
C GLY I 177 60.80 10.26 -53.63
N ASP I 178 61.17 11.47 -54.07
CA ASP I 178 62.48 12.00 -53.75
C ASP I 178 62.68 12.01 -52.24
N LYS I 179 63.57 11.15 -51.75
CA LYS I 179 63.77 11.03 -50.31
C LYS I 179 64.16 12.36 -49.69
N ASN I 180 65.01 13.14 -50.36
CA ASN I 180 65.51 14.35 -49.73
C ASN I 180 64.45 15.44 -49.69
N LYS I 181 63.54 15.49 -50.68
CA LYS I 181 62.45 16.44 -50.61
C LYS I 181 61.47 16.05 -49.51
N ILE I 182 61.22 14.75 -49.35
CA ILE I 182 60.30 14.30 -48.31
C ILE I 182 60.89 14.57 -46.93
N GLN I 183 62.21 14.38 -46.77
CA GLN I 183 62.84 14.64 -45.48
C GLN I 183 62.74 16.12 -45.13
N LYS I 184 62.90 17.01 -46.11
CA LYS I 184 62.75 18.43 -45.84
C LYS I 184 61.34 18.74 -45.36
N LEU I 185 60.34 18.09 -45.96
CA LEU I 185 58.96 18.28 -45.51
C LEU I 185 58.81 17.89 -44.05
N VAL I 186 59.34 16.72 -43.67
CA VAL I 186 59.19 16.24 -42.31
C VAL I 186 59.90 17.18 -41.34
N GLN I 187 61.14 17.54 -41.65
CA GLN I 187 61.91 18.37 -40.74
C GLN I 187 61.21 19.70 -40.48
N MET I 188 60.74 20.34 -41.55
CA MET I 188 60.02 21.60 -41.41
C MET I 188 58.73 21.42 -40.64
N ALA I 189 57.97 20.35 -40.94
CA ALA I 189 56.76 20.07 -40.19
C ALA I 189 57.09 19.81 -38.72
N TRP I 190 58.14 19.02 -38.46
CA TRP I 190 58.54 18.78 -37.08
C TRP I 190 58.81 20.09 -36.36
N THR I 191 59.51 21.02 -37.03
CA THR I 191 59.74 22.34 -36.44
C THR I 191 58.42 23.03 -36.15
N PHE I 192 57.46 22.95 -37.09
CA PHE I 192 56.18 23.60 -36.88
C PHE I 192 55.42 23.00 -35.70
N VAL I 193 55.53 21.68 -35.51
CA VAL I 193 54.88 21.05 -34.36
C VAL I 193 55.45 21.63 -33.06
N ASN I 194 56.78 21.71 -32.97
CA ASN I 194 57.41 22.30 -31.81
C ASN I 194 56.90 23.72 -31.56
N ASP I 195 56.67 24.47 -32.64
CA ASP I 195 56.18 25.83 -32.50
C ASP I 195 54.70 25.86 -32.08
N SER I 196 53.92 24.88 -32.53
CA SER I 196 52.51 24.85 -32.18
C SER I 196 52.29 24.56 -30.70
N LEU I 197 53.32 24.05 -30.01
CA LEU I 197 53.18 23.76 -28.59
C LEU I 197 53.03 25.03 -27.76
N CYS I 198 53.51 26.17 -28.27
CA CYS I 198 53.35 27.43 -27.57
C CYS I 198 51.92 27.97 -27.68
N THR I 199 51.13 27.43 -28.59
CA THR I 199 49.78 27.90 -28.87
C THR I 199 48.74 26.97 -28.24
N THR I 200 47.47 27.42 -28.31
CA THR I 200 46.34 26.64 -27.83
C THR I 200 45.82 25.65 -28.87
N LEU I 201 46.54 25.46 -29.97
CA LEU I 201 46.10 24.49 -30.97
C LEU I 201 45.97 23.10 -30.35
N SER I 202 46.82 22.79 -29.37
CA SER I 202 46.71 21.51 -28.66
C SER I 202 45.33 21.34 -28.08
N LEU I 203 44.64 22.43 -27.78
CA LEU I 203 43.31 22.39 -27.19
C LEU I 203 42.19 22.49 -28.22
N GLN I 204 42.49 22.72 -29.49
CA GLN I 204 41.45 22.92 -30.49
C GLN I 204 41.23 21.72 -31.40
N TRP I 205 42.29 21.02 -31.77
CA TRP I 205 42.21 19.99 -32.80
C TRP I 205 42.98 18.75 -32.36
N GLU I 206 42.45 17.58 -32.75
CA GLU I 206 43.14 16.32 -32.45
C GLU I 206 44.55 16.35 -33.05
N PRO I 207 45.46 15.55 -32.49
CA PRO I 207 46.85 15.58 -32.99
C PRO I 207 46.96 15.17 -34.45
N GLU I 208 46.14 14.21 -34.89
CA GLU I 208 46.18 13.80 -36.30
C GLU I 208 45.96 15.00 -37.21
N ILE I 209 45.02 15.87 -36.85
CA ILE I 209 44.73 17.05 -37.68
C ILE I 209 45.93 18.00 -37.68
N ILE I 210 46.56 18.19 -36.52
CA ILE I 210 47.74 19.04 -36.44
C ILE I 210 48.84 18.50 -37.35
N ALA I 211 49.07 17.19 -37.31
CA ALA I 211 50.11 16.59 -38.14
C ALA I 211 49.86 16.86 -39.62
N VAL I 212 48.61 16.72 -40.07
CA VAL I 212 48.29 17.02 -41.47
C VAL I 212 48.50 18.49 -41.76
N ALA I 213 48.07 19.37 -40.84
CA ALA I 213 48.19 20.80 -41.09
C ALA I 213 49.65 21.20 -41.30
N VAL I 214 50.56 20.65 -40.51
CA VAL I 214 51.96 21.03 -40.65
C VAL I 214 52.56 20.44 -41.92
N MET I 215 52.16 19.23 -42.29
CA MET I 215 52.54 18.71 -43.61
C MET I 215 51.96 19.61 -44.70
N TYR I 216 50.71 20.01 -44.55
CA TYR I 216 50.06 20.91 -45.50
C TYR I 216 50.84 22.22 -45.62
N LEU I 217 51.22 22.81 -44.49
CA LEU I 217 51.97 24.08 -44.53
C LEU I 217 53.33 23.88 -45.17
N ALA I 218 54.11 22.90 -44.69
CA ALA I 218 55.44 22.67 -45.23
C ALA I 218 55.38 22.45 -46.73
N GLY I 219 54.36 21.73 -47.20
CA GLY I 219 54.21 21.54 -48.64
C GLY I 219 54.07 22.86 -49.37
N ARG I 220 53.24 23.75 -48.85
CA ARG I 220 53.07 25.06 -49.49
C ARG I 220 54.38 25.81 -49.53
N LEU I 221 55.10 25.86 -48.40
CA LEU I 221 56.33 26.63 -48.35
C LEU I 221 57.40 26.04 -49.26
N CYS I 222 57.51 24.71 -49.28
CA CYS I 222 58.51 24.05 -50.13
C CYS I 222 58.04 23.83 -51.56
N LYS I 223 56.83 24.29 -51.90
CA LYS I 223 56.30 24.16 -53.25
C LYS I 223 56.28 22.70 -53.69
N PHE I 224 55.90 21.81 -52.78
CA PHE I 224 55.76 20.39 -53.07
C PHE I 224 54.30 20.03 -53.28
N GLU I 225 54.07 19.02 -54.10
CA GLU I 225 52.73 18.51 -54.39
C GLU I 225 52.61 17.14 -53.72
N ILE I 226 52.13 17.15 -52.47
CA ILE I 226 52.20 15.94 -51.65
C ILE I 226 51.40 14.81 -52.27
N GLN I 227 50.34 15.14 -53.02
CA GLN I 227 49.53 14.09 -53.61
C GLN I 227 50.36 13.14 -54.45
N GLU I 228 51.40 13.66 -55.12
CA GLU I 228 52.21 12.82 -55.99
C GLU I 228 52.91 11.70 -55.23
N TRP I 229 53.27 11.94 -53.97
CA TRP I 229 53.99 10.94 -53.19
C TRP I 229 53.08 9.88 -52.58
N THR I 230 51.78 10.03 -52.70
CA THR I 230 50.83 9.10 -52.09
C THR I 230 50.48 7.97 -53.06
N SER I 231 49.77 6.97 -52.52
CA SER I 231 49.28 5.86 -53.35
C SER I 231 48.17 6.28 -54.30
N LYS I 232 47.66 7.50 -54.18
CA LYS I 232 46.57 8.01 -55.02
C LYS I 232 47.02 9.33 -55.62
N PRO I 233 47.93 9.28 -56.60
CA PRO I 233 48.60 10.53 -57.04
C PRO I 233 47.68 11.54 -57.71
N MET I 234 46.45 11.19 -58.05
CA MET I 234 45.52 12.12 -58.69
C MET I 234 44.39 12.55 -57.76
N TYR I 235 44.51 12.26 -56.47
CA TYR I 235 43.58 12.70 -55.43
C TYR I 235 44.20 13.93 -54.79
N ARG I 236 43.75 15.11 -55.24
CA ARG I 236 44.41 16.35 -54.86
C ARG I 236 44.27 16.66 -53.37
N ARG I 237 43.17 16.26 -52.74
CA ARG I 237 43.03 16.39 -51.29
C ARG I 237 43.68 15.15 -50.67
N TRP I 238 45.02 15.17 -50.68
CA TRP I 238 45.81 14.01 -50.32
C TRP I 238 45.61 13.55 -48.89
N TRP I 239 45.36 14.50 -47.96
CA TRP I 239 45.31 14.14 -46.55
C TRP I 239 44.11 13.26 -46.21
N GLU I 240 43.05 13.32 -47.01
CA GLU I 240 41.81 12.61 -46.66
C GLU I 240 42.05 11.12 -46.46
N GLN I 241 43.06 10.55 -47.11
CA GLN I 241 43.36 9.14 -46.88
C GLN I 241 43.99 8.93 -45.51
N PHE I 242 44.59 9.96 -44.92
CA PHE I 242 45.18 9.87 -43.59
C PHE I 242 44.19 10.28 -42.50
N VAL I 243 43.50 11.40 -42.69
CA VAL I 243 42.56 11.93 -41.72
C VAL I 243 41.26 12.23 -42.45
N GLN I 244 40.20 11.54 -42.07
CA GLN I 244 38.92 11.69 -42.73
C GLN I 244 38.18 12.92 -42.21
N ASP I 245 37.40 13.55 -43.10
CA ASP I 245 36.46 14.60 -42.72
C ASP I 245 37.16 15.85 -42.21
N VAL I 246 38.25 16.25 -42.84
CA VAL I 246 38.96 17.48 -42.48
C VAL I 246 38.79 18.47 -43.62
N PRO I 247 38.03 19.55 -43.45
CA PRO I 247 37.94 20.56 -44.52
C PRO I 247 39.19 21.43 -44.57
N VAL I 248 39.42 22.00 -45.76
CA VAL I 248 40.59 22.85 -45.96
C VAL I 248 40.55 24.06 -45.03
N ASP I 249 39.36 24.58 -44.73
CA ASP I 249 39.25 25.70 -43.80
C ASP I 249 40.04 25.43 -42.52
N VAL I 250 39.90 24.23 -41.96
CA VAL I 250 40.59 23.90 -40.71
C VAL I 250 42.09 23.95 -40.93
N LEU I 251 42.58 23.29 -41.97
CA LEU I 251 44.01 23.29 -42.23
C LEU I 251 44.53 24.71 -42.44
N GLU I 252 43.71 25.58 -43.03
CA GLU I 252 44.11 26.97 -43.20
C GLU I 252 44.12 27.70 -41.86
N ASP I 253 43.12 27.46 -41.01
CA ASP I 253 43.10 28.07 -39.69
C ASP I 253 44.33 27.68 -38.88
N ILE I 254 44.70 26.39 -38.91
CA ILE I 254 45.86 25.94 -38.15
C ILE I 254 47.14 26.56 -38.71
N CYS I 255 47.29 26.51 -40.04
CA CYS I 255 48.47 27.11 -40.66
C CYS I 255 48.58 28.58 -40.30
N HIS I 256 47.46 29.31 -40.34
CA HIS I 256 47.49 30.74 -40.05
C HIS I 256 48.06 31.02 -38.67
N GLN I 257 47.62 30.25 -37.67
CA GLN I 257 48.10 30.52 -36.31
C GLN I 257 49.60 30.33 -36.20
N ILE I 258 50.15 29.31 -36.88
CA ILE I 258 51.59 29.11 -36.86
C ILE I 258 52.30 30.28 -37.52
N LEU I 259 51.81 30.70 -38.69
CA LEU I 259 52.46 31.79 -39.40
C LEU I 259 52.40 33.09 -38.60
N ASP I 260 51.33 33.27 -37.82
CA ASP I 260 51.22 34.48 -37.01
C ASP I 260 52.34 34.55 -35.97
N LEU I 261 52.69 33.42 -35.35
CA LEU I 261 53.76 33.43 -34.37
C LEU I 261 55.07 33.92 -34.97
N TYR I 262 55.40 33.44 -36.17
CA TYR I 262 56.65 33.84 -36.81
C TYR I 262 56.64 35.32 -37.19
N SER I 263 55.53 35.79 -37.78
CA SER I 263 55.45 37.19 -38.18
C SER I 263 55.42 38.11 -36.97
N GLN I 264 54.74 37.70 -35.91
CA GLN I 264 54.65 38.52 -34.70
C GLN I 264 56.04 38.74 -34.10
N GLY I 265 56.79 37.67 -33.91
CA GLY I 265 58.10 37.74 -33.32
C GLY I 265 59.16 38.15 -34.32
N LYS I 266 60.40 38.08 -33.87
CA LYS I 266 61.54 38.32 -34.74
C LYS I 266 61.95 37.08 -35.53
N GLN I 267 61.55 35.89 -35.08
CA GLN I 267 61.92 34.65 -35.76
C GLN I 267 61.21 34.56 -37.10
N GLN I 268 61.84 33.87 -38.06
CA GLN I 268 61.32 33.77 -39.41
C GLN I 268 61.02 32.32 -39.79
N MET I 269 60.31 32.15 -40.91
CA MET I 269 59.92 30.82 -41.36
C MET I 269 61.16 29.96 -41.63
N PRO I 270 61.13 28.67 -41.25
CA PRO I 270 62.34 27.85 -41.44
C PRO I 270 62.79 27.76 -42.89
N HIS I 271 61.85 27.48 -43.79
CA HIS I 271 62.14 27.28 -45.21
C HIS I 271 63.52 26.69 -45.49
#